data_6A4C
#
_entry.id   6A4C
#
_entity_poly.entity_id   1
_entity_poly.type   'polypeptide(L)'
_entity_poly.pdbx_seq_one_letter_code
;MGSSHHHHHHSSGLVPRGSHMVKYFVFKVMAEEAGYIEKLPNGSPTDWKFHEGISLAKDFPVGGEVSFSKNYPDNRNLYD
FQPNIMSNLLVSGRARKLIESLGVTNAEWLPVAIKDHQGKVVGPDYAFLNLLGAEDAIDMERSEYEMDSLEKDQIGNIDA
LALDTSAIRPDAKMFRCTKERRLILIREDVHAAFEQAGLTGFKVYEAEGWDGLEL
;
_entity_poly.pdbx_strand_id   A
#
# COMPACT_ATOMS: atom_id res chain seq x y z
N MET A 1 32.15 2.01 14.47
CA MET A 1 32.12 3.45 14.31
C MET A 1 33.37 3.88 13.56
N GLY A 2 33.19 4.61 12.48
CA GLY A 2 34.31 5.07 11.71
C GLY A 2 33.92 5.48 10.31
N SER A 3 32.85 6.23 10.21
CA SER A 3 32.36 6.67 8.91
C SER A 3 32.23 8.19 8.87
N SER A 4 32.70 8.85 9.94
CA SER A 4 32.59 10.30 10.12
C SER A 4 31.08 10.66 10.15
N HIS A 5 30.74 11.83 9.71
CA HIS A 5 29.37 12.24 9.61
C HIS A 5 28.98 12.40 8.15
N HIS A 6 28.26 11.41 7.65
CA HIS A 6 27.77 11.44 6.29
C HIS A 6 26.59 12.36 6.28
N HIS A 7 26.58 13.31 5.37
CA HIS A 7 25.54 14.32 5.32
C HIS A 7 24.21 13.73 4.83
N HIS A 8 23.32 13.46 5.77
CA HIS A 8 22.00 12.91 5.48
C HIS A 8 21.12 13.18 6.68
N HIS A 9 19.86 13.08 6.51
CA HIS A 9 18.93 13.26 7.60
C HIS A 9 18.51 11.89 8.08
N HIS A 10 17.57 11.85 8.98
CA HIS A 10 16.96 10.59 9.41
C HIS A 10 15.51 10.68 9.00
N SER A 11 15.30 11.36 7.86
CA SER A 11 14.00 11.80 7.39
C SER A 11 13.51 12.97 8.32
N SER A 12 12.24 13.33 8.34
CA SER A 12 11.79 14.47 9.12
C SER A 12 10.45 14.20 9.82
N GLY A 13 9.42 13.96 9.03
CA GLY A 13 8.08 13.74 9.53
C GLY A 13 7.49 15.01 10.02
N LEU A 14 7.91 16.11 9.43
CA LEU A 14 7.57 17.40 9.92
C LEU A 14 6.53 18.08 9.10
N VAL A 15 5.51 18.51 9.77
CA VAL A 15 4.49 19.37 9.20
C VAL A 15 4.97 20.84 9.25
N PRO A 16 5.41 21.39 10.44
CA PRO A 16 5.89 22.75 10.54
C PRO A 16 7.40 22.84 10.30
N ARG A 17 7.78 23.29 9.11
CA ARG A 17 9.17 23.51 8.78
C ARG A 17 9.24 24.51 7.65
N GLY A 18 8.41 24.32 6.63
CA GLY A 18 8.36 25.24 5.53
C GLY A 18 7.55 24.72 4.37
N SER A 19 7.98 23.63 3.80
CA SER A 19 7.31 23.07 2.66
C SER A 19 6.38 21.92 3.08
N HIS A 20 5.17 21.95 2.52
CA HIS A 20 4.04 21.00 2.76
C HIS A 20 3.39 21.14 4.13
N MET A 21 2.15 20.80 4.18
CA MET A 21 1.45 20.64 5.43
C MET A 21 1.14 19.16 5.55
N VAL A 22 0.78 18.59 4.44
CA VAL A 22 0.46 17.19 4.34
C VAL A 22 1.74 16.45 4.05
N LYS A 23 2.08 15.56 4.93
CA LYS A 23 3.26 14.79 4.78
C LYS A 23 2.91 13.43 4.18
N TYR A 24 3.82 12.87 3.42
CA TYR A 24 3.57 11.60 2.75
C TYR A 24 4.36 10.48 3.35
N PHE A 25 3.71 9.37 3.51
CA PHE A 25 4.29 8.20 4.12
C PHE A 25 4.12 6.98 3.24
N VAL A 26 5.05 6.11 3.39
CA VAL A 26 5.02 4.81 2.79
C VAL A 26 4.15 3.96 3.69
N PHE A 27 3.22 3.26 3.12
CA PHE A 27 2.33 2.48 3.90
C PHE A 27 2.87 1.07 4.05
N LYS A 28 3.04 0.69 5.27
CA LYS A 28 3.46 -0.61 5.64
C LYS A 28 2.63 -0.99 6.85
N VAL A 29 2.43 -2.25 7.02
CA VAL A 29 1.72 -2.73 8.16
C VAL A 29 2.76 -3.27 9.10
N MET A 30 2.74 -2.84 10.35
CA MET A 30 3.71 -3.34 11.30
C MET A 30 3.16 -4.62 11.86
N ALA A 31 3.38 -5.67 11.13
CA ALA A 31 2.91 -6.95 11.49
C ALA A 31 3.81 -7.99 10.88
N GLU A 32 4.51 -8.66 11.72
CA GLU A 32 5.44 -9.66 11.31
C GLU A 32 4.91 -11.04 11.61
N GLU A 33 4.38 -11.21 12.81
CA GLU A 33 3.81 -12.47 13.24
C GLU A 33 2.45 -12.68 12.64
N ALA A 34 1.88 -11.63 12.06
CA ALA A 34 0.63 -11.77 11.33
C ALA A 34 0.89 -12.57 10.07
N GLY A 35 2.10 -12.41 9.57
CA GLY A 35 2.55 -13.14 8.45
C GLY A 35 2.27 -12.46 7.15
N TYR A 36 3.33 -12.20 6.45
CA TYR A 36 3.25 -11.66 5.11
C TYR A 36 2.70 -12.74 4.20
N ILE A 37 2.04 -12.35 3.14
CA ILE A 37 1.69 -13.33 2.15
C ILE A 37 2.96 -13.57 1.34
N GLU A 38 3.61 -14.68 1.66
CA GLU A 38 4.89 -15.06 1.08
C GLU A 38 4.75 -15.52 -0.35
N LYS A 39 3.73 -16.30 -0.59
CA LYS A 39 3.54 -16.93 -1.85
C LYS A 39 2.09 -16.72 -2.29
N LEU A 40 1.91 -16.51 -3.57
CA LEU A 40 0.64 -16.10 -4.16
C LEU A 40 -0.48 -17.13 -4.02
N PRO A 41 -1.67 -16.66 -3.59
CA PRO A 41 -2.86 -17.49 -3.48
C PRO A 41 -3.51 -17.80 -4.85
N ASN A 42 -4.43 -18.75 -4.85
CA ASN A 42 -5.14 -19.22 -6.04
C ASN A 42 -5.82 -18.08 -6.83
N GLY A 43 -5.48 -17.98 -8.11
CA GLY A 43 -6.11 -17.01 -8.99
C GLY A 43 -5.37 -15.70 -9.05
N SER A 44 -4.25 -15.61 -8.39
CA SER A 44 -3.51 -14.39 -8.33
C SER A 44 -2.55 -14.19 -9.54
N PRO A 45 -2.59 -12.98 -10.14
CA PRO A 45 -1.65 -12.58 -11.18
C PRO A 45 -0.28 -12.34 -10.59
N THR A 46 0.75 -12.26 -11.43
CA THR A 46 2.13 -12.12 -10.98
C THR A 46 2.38 -10.97 -9.99
N ASP A 47 3.36 -11.22 -9.13
CA ASP A 47 3.80 -10.40 -7.98
C ASP A 47 3.81 -8.92 -8.27
N TRP A 48 4.44 -8.56 -9.35
CA TRP A 48 4.63 -7.20 -9.75
C TRP A 48 3.43 -6.67 -10.54
N LYS A 49 2.70 -7.57 -11.20
CA LYS A 49 1.66 -7.19 -12.12
C LYS A 49 0.36 -6.82 -11.40
N PHE A 50 0.27 -7.21 -10.11
CA PHE A 50 -0.92 -6.93 -9.26
C PHE A 50 -1.45 -5.50 -9.41
N HIS A 51 -0.60 -4.50 -9.35
CA HIS A 51 -1.09 -3.13 -9.52
C HIS A 51 -0.30 -2.44 -10.59
N GLU A 52 0.17 -3.21 -11.53
CA GLU A 52 0.97 -2.65 -12.58
C GLU A 52 0.05 -2.28 -13.74
N GLY A 53 -0.24 -0.98 -13.82
CA GLY A 53 -1.04 -0.37 -14.87
C GLY A 53 -2.52 -0.81 -14.97
N ILE A 54 -2.92 -1.83 -14.22
CA ILE A 54 -4.26 -2.40 -14.38
C ILE A 54 -4.97 -2.63 -13.05
N SER A 55 -6.24 -2.91 -13.16
CA SER A 55 -7.06 -3.31 -12.06
C SER A 55 -7.14 -4.82 -12.12
N LEU A 56 -7.37 -5.45 -11.00
CA LEU A 56 -7.40 -6.87 -10.96
C LEU A 56 -8.78 -7.41 -10.93
N ALA A 57 -9.78 -6.58 -11.15
CA ALA A 57 -11.16 -7.04 -11.11
C ALA A 57 -11.44 -8.09 -12.19
N LYS A 58 -10.72 -8.02 -13.30
CA LYS A 58 -10.86 -9.03 -14.33
C LYS A 58 -9.92 -10.22 -14.13
N ASP A 59 -8.92 -10.10 -13.26
CA ASP A 59 -7.89 -11.15 -13.17
C ASP A 59 -7.86 -11.88 -11.85
N PHE A 60 -8.38 -11.29 -10.84
CA PHE A 60 -8.41 -11.89 -9.54
C PHE A 60 -9.86 -12.26 -9.23
N PRO A 61 -10.10 -13.49 -8.71
CA PRO A 61 -11.45 -13.99 -8.41
C PRO A 61 -12.23 -13.10 -7.45
N VAL A 62 -13.42 -12.72 -7.84
CA VAL A 62 -14.26 -11.89 -7.02
C VAL A 62 -15.26 -12.78 -6.30
N GLY A 63 -15.18 -12.83 -4.98
CA GLY A 63 -16.07 -13.67 -4.20
C GLY A 63 -15.56 -15.09 -4.10
N GLY A 64 -14.27 -15.26 -4.28
CA GLY A 64 -13.67 -16.57 -4.21
C GLY A 64 -12.96 -16.80 -2.91
N GLU A 65 -12.16 -17.82 -2.81
CA GLU A 65 -11.41 -18.07 -1.61
C GLU A 65 -9.94 -18.06 -1.93
N VAL A 66 -9.17 -17.51 -1.03
CA VAL A 66 -7.73 -17.51 -1.14
C VAL A 66 -7.16 -17.92 0.21
N SER A 67 -5.91 -18.24 0.24
CA SER A 67 -5.31 -18.73 1.45
C SER A 67 -3.82 -18.44 1.49
N PHE A 68 -3.30 -18.34 2.69
CA PHE A 68 -1.89 -18.22 2.91
C PHE A 68 -1.23 -19.56 2.78
N SER A 69 -0.35 -19.66 1.83
CA SER A 69 0.42 -20.82 1.65
C SER A 69 1.50 -20.89 2.73
N LYS A 70 1.74 -22.05 3.26
CA LYS A 70 2.70 -22.20 4.32
C LYS A 70 4.11 -22.31 3.78
N ASN A 71 4.68 -21.16 3.50
CA ASN A 71 6.08 -21.07 3.12
C ASN A 71 6.88 -20.98 4.41
N TYR A 72 6.27 -20.36 5.40
CA TYR A 72 6.82 -20.19 6.69
C TYR A 72 5.90 -20.95 7.66
N PRO A 73 6.44 -21.80 8.56
CA PRO A 73 5.64 -22.67 9.46
C PRO A 73 4.78 -21.92 10.49
N ASP A 74 5.28 -20.78 10.93
CA ASP A 74 4.61 -20.02 11.98
C ASP A 74 3.73 -18.93 11.40
N ASN A 75 3.46 -17.91 12.24
CA ASN A 75 2.62 -16.76 11.93
C ASN A 75 1.13 -17.03 12.18
N ARG A 76 0.46 -16.01 12.66
CA ARG A 76 -0.89 -16.07 13.19
C ARG A 76 -1.94 -15.85 12.08
N ASN A 77 -3.10 -15.37 12.50
CA ASN A 77 -4.20 -15.01 11.63
C ASN A 77 -4.01 -13.58 11.07
N LEU A 78 -5.06 -13.06 10.48
CA LEU A 78 -5.04 -11.75 9.82
C LEU A 78 -5.32 -10.61 10.78
N TYR A 79 -4.76 -9.46 10.47
CA TYR A 79 -4.96 -8.22 11.20
C TYR A 79 -5.87 -7.33 10.35
N ASP A 80 -5.89 -6.01 10.57
CA ASP A 80 -6.73 -5.12 9.73
C ASP A 80 -6.16 -5.00 8.36
N PHE A 81 -4.90 -4.87 8.32
CA PHE A 81 -4.19 -4.80 7.11
C PHE A 81 -3.23 -5.93 7.09
N GLN A 82 -3.15 -6.59 6.01
CA GLN A 82 -2.31 -7.72 5.91
C GLN A 82 -1.21 -7.44 4.89
N PRO A 83 0.06 -7.43 5.35
CA PRO A 83 1.21 -7.17 4.49
C PRO A 83 1.58 -8.39 3.66
N ASN A 84 2.35 -8.16 2.63
CA ASN A 84 2.80 -9.19 1.73
C ASN A 84 3.95 -8.68 0.93
N ILE A 85 4.54 -9.53 0.14
CA ILE A 85 5.73 -9.17 -0.60
C ILE A 85 5.34 -8.67 -2.02
N MET A 86 4.08 -8.78 -2.35
CA MET A 86 3.63 -8.44 -3.69
C MET A 86 3.08 -7.03 -3.74
N SER A 87 2.53 -6.65 -4.88
CA SER A 87 2.02 -5.31 -5.07
C SER A 87 0.50 -5.28 -4.82
N ASN A 88 0.04 -5.92 -3.78
CA ASN A 88 -1.38 -5.93 -3.49
C ASN A 88 -1.58 -5.75 -1.98
N LEU A 89 -2.68 -5.18 -1.54
CA LEU A 89 -2.86 -4.98 -0.10
C LEU A 89 -4.14 -5.65 0.37
N LEU A 90 -4.12 -6.30 1.51
CA LEU A 90 -5.35 -6.89 2.03
C LEU A 90 -5.87 -6.06 3.19
N VAL A 91 -7.12 -5.69 3.14
CA VAL A 91 -7.73 -4.81 4.11
C VAL A 91 -9.00 -5.46 4.69
N SER A 92 -9.21 -5.29 6.00
CA SER A 92 -10.39 -5.77 6.69
C SER A 92 -11.61 -4.94 6.28
N GLY A 93 -12.79 -5.41 6.62
CA GLY A 93 -14.01 -4.71 6.26
C GLY A 93 -14.15 -3.38 6.98
N ARG A 94 -13.72 -3.34 8.23
CA ARG A 94 -13.81 -2.12 9.01
C ARG A 94 -12.77 -1.09 8.53
N ALA A 95 -11.58 -1.56 8.16
CA ALA A 95 -10.53 -0.66 7.70
C ALA A 95 -10.83 -0.17 6.29
N ARG A 96 -11.52 -1.01 5.54
CA ARG A 96 -12.00 -0.69 4.19
C ARG A 96 -12.91 0.52 4.27
N LYS A 97 -13.85 0.46 5.23
CA LYS A 97 -14.82 1.50 5.44
C LYS A 97 -14.11 2.81 5.83
N LEU A 98 -13.02 2.72 6.64
CA LEU A 98 -12.20 3.91 7.00
C LEU A 98 -11.69 4.63 5.76
N ILE A 99 -11.05 3.87 4.88
CA ILE A 99 -10.49 4.40 3.64
C ILE A 99 -11.58 5.02 2.74
N GLU A 100 -12.71 4.35 2.68
CA GLU A 100 -13.85 4.86 1.91
C GLU A 100 -14.44 6.13 2.53
N SER A 101 -14.36 6.26 3.85
CA SER A 101 -14.92 7.43 4.56
C SER A 101 -14.09 8.68 4.31
N LEU A 102 -12.85 8.51 3.92
CA LEU A 102 -12.00 9.64 3.57
C LEU A 102 -12.21 10.04 2.13
N GLY A 103 -12.76 9.13 1.37
CA GLY A 103 -12.99 9.40 -0.03
C GLY A 103 -11.74 9.26 -0.82
N VAL A 104 -11.05 8.17 -0.60
CA VAL A 104 -9.84 7.88 -1.34
C VAL A 104 -10.20 7.35 -2.70
N THR A 105 -9.85 8.12 -3.72
CA THR A 105 -10.09 7.75 -5.08
C THR A 105 -9.02 6.77 -5.52
N ASN A 106 -9.33 5.99 -6.57
CA ASN A 106 -8.39 5.08 -7.25
C ASN A 106 -8.22 3.82 -6.44
N ALA A 107 -9.17 3.58 -5.58
CA ALA A 107 -9.17 2.40 -4.76
C ALA A 107 -10.24 1.43 -5.26
N GLU A 108 -9.89 0.19 -5.37
CA GLU A 108 -10.83 -0.84 -5.74
C GLU A 108 -10.71 -1.97 -4.76
N TRP A 109 -11.81 -2.57 -4.40
CA TRP A 109 -11.85 -3.58 -3.38
C TRP A 109 -12.29 -4.90 -3.97
N LEU A 110 -11.44 -5.89 -3.90
CA LEU A 110 -11.79 -7.23 -4.36
C LEU A 110 -12.00 -8.13 -3.16
N PRO A 111 -13.25 -8.42 -2.80
CA PRO A 111 -13.58 -9.24 -1.66
C PRO A 111 -13.53 -10.73 -1.94
N VAL A 112 -12.83 -11.43 -1.07
CA VAL A 112 -12.70 -12.87 -1.11
C VAL A 112 -12.70 -13.38 0.32
N ALA A 113 -12.73 -14.68 0.47
CA ALA A 113 -12.61 -15.28 1.77
C ALA A 113 -11.17 -15.69 1.95
N ILE A 114 -10.49 -15.09 2.90
CA ILE A 114 -9.09 -15.37 3.09
C ILE A 114 -8.88 -16.33 4.25
N LYS A 115 -8.20 -17.40 3.95
CA LYS A 115 -7.80 -18.38 4.91
C LYS A 115 -6.38 -18.07 5.31
N ASP A 116 -6.11 -18.05 6.58
CA ASP A 116 -4.77 -17.73 7.09
C ASP A 116 -3.81 -18.91 6.93
N HIS A 117 -2.71 -18.87 7.67
CA HIS A 117 -1.65 -19.87 7.60
C HIS A 117 -2.17 -21.24 8.01
N GLN A 118 -3.13 -21.24 8.92
CA GLN A 118 -3.71 -22.46 9.43
C GLN A 118 -4.79 -23.04 8.48
N GLY A 119 -5.07 -22.30 7.40
CA GLY A 119 -6.00 -22.77 6.38
C GLY A 119 -7.46 -22.56 6.74
N LYS A 120 -7.70 -21.75 7.75
CA LYS A 120 -9.04 -21.45 8.20
C LYS A 120 -9.44 -20.06 7.74
N VAL A 121 -10.70 -19.91 7.33
CA VAL A 121 -11.21 -18.63 6.86
C VAL A 121 -11.36 -17.68 8.04
N VAL A 122 -10.50 -16.71 8.11
CA VAL A 122 -10.57 -15.71 9.18
C VAL A 122 -10.69 -14.31 8.60
N GLY A 123 -10.70 -14.24 7.29
CA GLY A 123 -10.91 -12.99 6.62
C GLY A 123 -12.11 -13.09 5.70
N PRO A 124 -13.35 -13.06 6.25
CA PRO A 124 -14.56 -13.24 5.45
C PRO A 124 -15.04 -11.97 4.73
N ASP A 125 -14.72 -10.83 5.29
CA ASP A 125 -15.16 -9.53 4.74
C ASP A 125 -13.94 -8.70 4.36
N TYR A 126 -12.85 -9.38 4.13
CA TYR A 126 -11.63 -8.73 3.76
C TYR A 126 -11.57 -8.57 2.26
N ALA A 127 -11.01 -7.49 1.83
CA ALA A 127 -10.92 -7.18 0.44
C ALA A 127 -9.54 -6.71 0.11
N PHE A 128 -9.05 -7.13 -1.03
CA PHE A 128 -7.77 -6.69 -1.51
C PHE A 128 -7.92 -5.32 -2.17
N LEU A 129 -7.11 -4.38 -1.72
CA LEU A 129 -7.16 -3.01 -2.16
C LEU A 129 -6.23 -2.85 -3.36
N ASN A 130 -6.81 -2.34 -4.43
CA ASN A 130 -6.11 -2.04 -5.67
C ASN A 130 -5.98 -0.56 -5.79
N LEU A 131 -4.82 -0.10 -6.20
CA LEU A 131 -4.59 1.30 -6.45
C LEU A 131 -4.46 1.50 -7.93
N LEU A 132 -5.32 2.31 -8.46
CA LEU A 132 -5.39 2.56 -9.87
C LEU A 132 -4.84 3.92 -10.20
N GLY A 133 -4.72 4.21 -11.48
CA GLY A 133 -4.17 5.46 -11.91
C GLY A 133 -2.67 5.43 -11.82
N ALA A 134 -2.13 4.24 -11.84
CA ALA A 134 -0.72 4.07 -11.77
C ALA A 134 -0.17 4.01 -13.17
N GLU A 135 0.83 4.77 -13.36
CA GLU A 135 1.57 4.90 -14.56
C GLU A 135 2.97 5.19 -14.11
N ASP A 136 3.98 4.81 -14.89
CA ASP A 136 5.38 4.93 -14.44
C ASP A 136 5.71 6.32 -13.96
N ALA A 137 6.00 6.41 -12.70
CA ALA A 137 6.07 7.68 -12.07
C ALA A 137 7.29 7.93 -11.22
N ILE A 138 7.91 6.88 -10.69
CA ILE A 138 8.99 7.06 -9.70
C ILE A 138 10.17 7.80 -10.28
N ASP A 139 10.54 8.88 -9.61
CA ASP A 139 11.75 9.60 -9.95
C ASP A 139 12.91 8.67 -9.64
N MET A 140 13.74 8.44 -10.59
CA MET A 140 14.81 7.49 -10.43
C MET A 140 16.15 8.19 -10.57
N GLU A 141 16.09 9.49 -10.77
CA GLU A 141 17.28 10.28 -11.00
C GLU A 141 17.75 11.00 -9.73
N ARG A 142 16.80 11.37 -8.88
CA ARG A 142 17.09 12.07 -7.62
C ARG A 142 16.86 11.14 -6.45
N SER A 143 16.27 10.01 -6.69
CA SER A 143 15.98 9.08 -5.65
C SER A 143 17.09 8.05 -5.53
N GLU A 144 17.81 8.14 -4.46
CA GLU A 144 18.90 7.24 -4.16
C GLU A 144 18.34 5.94 -3.63
N TYR A 145 18.27 4.94 -4.48
CA TYR A 145 17.82 3.63 -4.07
C TYR A 145 18.50 2.53 -4.86
N GLU A 146 18.73 1.44 -4.20
CA GLU A 146 19.33 0.28 -4.80
C GLU A 146 18.24 -0.71 -5.11
N MET A 147 18.21 -1.17 -6.32
CA MET A 147 17.17 -2.06 -6.74
C MET A 147 17.66 -3.50 -6.76
N ASP A 148 16.72 -4.40 -6.62
CA ASP A 148 16.87 -5.86 -6.65
C ASP A 148 17.14 -6.49 -5.31
N SER A 149 16.08 -6.76 -4.62
CA SER A 149 16.12 -7.52 -3.39
C SER A 149 15.70 -8.96 -3.67
N LEU A 150 14.89 -9.11 -4.71
CA LEU A 150 14.31 -10.39 -5.11
C LEU A 150 14.20 -10.40 -6.62
N GLU A 151 13.67 -9.31 -7.13
CA GLU A 151 13.55 -9.08 -8.53
C GLU A 151 13.86 -7.63 -8.78
N LYS A 152 13.85 -7.23 -10.04
CA LYS A 152 14.19 -5.87 -10.44
C LYS A 152 13.26 -4.85 -9.77
N ASP A 153 11.98 -5.19 -9.65
CA ASP A 153 10.96 -4.29 -9.06
C ASP A 153 10.89 -4.41 -7.55
N GLN A 154 11.97 -4.80 -6.92
CA GLN A 154 12.06 -4.83 -5.49
C GLN A 154 13.22 -3.99 -5.04
N ILE A 155 12.93 -2.91 -4.39
CA ILE A 155 13.90 -1.99 -3.87
C ILE A 155 14.36 -2.43 -2.49
N GLY A 156 15.66 -2.44 -2.27
CA GLY A 156 16.19 -2.81 -0.99
C GLY A 156 16.61 -1.63 -0.17
N ASN A 157 17.71 -1.03 -0.57
CA ASN A 157 18.24 0.13 0.14
C ASN A 157 17.67 1.41 -0.42
N ILE A 158 17.21 2.30 0.45
CA ILE A 158 16.72 3.59 0.03
C ILE A 158 17.41 4.64 0.88
N ASP A 159 18.06 5.59 0.25
CA ASP A 159 18.66 6.72 0.95
C ASP A 159 17.80 7.94 0.76
N ALA A 160 17.19 8.05 -0.40
CA ALA A 160 16.35 9.16 -0.71
C ALA A 160 15.26 8.73 -1.64
N LEU A 161 14.07 9.16 -1.40
CA LEU A 161 12.94 8.82 -2.22
C LEU A 161 12.22 10.12 -2.54
N ALA A 162 12.07 10.39 -3.81
CA ALA A 162 11.36 11.55 -4.26
C ALA A 162 10.00 11.11 -4.73
N LEU A 163 8.99 11.94 -4.47
CA LEU A 163 7.62 11.61 -4.82
C LEU A 163 7.42 11.36 -6.31
N ASP A 164 6.62 10.38 -6.58
CA ASP A 164 6.30 9.94 -7.92
C ASP A 164 5.00 10.60 -8.41
N THR A 165 4.61 11.63 -7.71
CA THR A 165 3.46 12.45 -8.07
C THR A 165 3.73 13.23 -9.38
N SER A 166 4.94 13.12 -9.87
CA SER A 166 5.35 13.67 -11.14
C SER A 166 4.55 13.04 -12.29
N ALA A 167 4.24 11.73 -12.21
CA ALA A 167 3.43 11.11 -13.26
C ALA A 167 2.09 10.69 -12.74
N ILE A 168 2.02 10.33 -11.47
CA ILE A 168 0.74 9.99 -10.88
C ILE A 168 0.09 11.27 -10.40
N ARG A 169 -1.21 11.39 -10.60
CA ARG A 169 -1.96 12.55 -10.15
C ARG A 169 -1.76 12.79 -8.65
N PRO A 170 -1.18 13.97 -8.28
CA PRO A 170 -0.86 14.30 -6.88
C PRO A 170 -2.08 14.41 -5.97
N ASP A 171 -3.28 14.46 -6.56
CA ASP A 171 -4.53 14.57 -5.80
C ASP A 171 -4.92 13.24 -5.16
N ALA A 172 -4.26 12.16 -5.56
CA ALA A 172 -4.52 10.86 -4.99
C ALA A 172 -4.01 10.82 -3.56
N LYS A 173 -4.87 10.38 -2.64
CA LYS A 173 -4.49 10.32 -1.24
C LYS A 173 -3.74 9.03 -0.95
N MET A 174 -3.86 8.07 -1.85
CA MET A 174 -3.24 6.78 -1.72
C MET A 174 -3.04 6.23 -3.12
N PHE A 175 -1.84 5.82 -3.42
CA PHE A 175 -1.48 5.30 -4.73
C PHE A 175 -0.31 4.35 -4.58
N ARG A 176 0.16 3.74 -5.66
CA ARG A 176 1.27 2.81 -5.55
C ARG A 176 2.32 3.21 -6.58
N CYS A 177 3.55 3.08 -6.20
CA CYS A 177 4.65 3.47 -7.03
C CYS A 177 5.02 2.33 -7.97
N THR A 178 5.35 2.66 -9.19
CA THR A 178 5.49 1.68 -10.27
C THR A 178 6.66 0.68 -10.22
N LYS A 179 7.86 1.14 -9.90
CA LYS A 179 9.05 0.25 -9.98
C LYS A 179 9.30 -0.51 -8.66
N GLU A 180 8.26 -0.68 -7.88
CA GLU A 180 8.31 -1.38 -6.61
C GLU A 180 6.92 -1.90 -6.31
N ARG A 181 6.86 -3.12 -5.89
CA ARG A 181 5.60 -3.78 -5.64
C ARG A 181 4.93 -3.22 -4.37
N ARG A 182 5.70 -3.20 -3.28
CA ARG A 182 5.18 -2.95 -1.94
C ARG A 182 5.05 -1.46 -1.64
N LEU A 183 5.54 -0.62 -2.54
CA LEU A 183 5.56 0.81 -2.29
C LEU A 183 4.23 1.44 -2.59
N ILE A 184 3.50 1.67 -1.55
CA ILE A 184 2.22 2.32 -1.58
C ILE A 184 2.37 3.59 -0.77
N LEU A 185 2.07 4.71 -1.36
CA LEU A 185 2.20 5.96 -0.65
C LEU A 185 0.86 6.47 -0.22
N ILE A 186 0.79 6.91 1.00
CA ILE A 186 -0.40 7.46 1.57
C ILE A 186 -0.11 8.86 2.09
N ARG A 187 -1.14 9.63 2.21
CA ARG A 187 -1.03 10.93 2.82
C ARG A 187 -1.19 10.80 4.32
N GLU A 188 -0.75 11.85 5.01
CA GLU A 188 -0.90 12.02 6.44
C GLU A 188 -2.34 11.72 6.92
N ASP A 189 -3.33 12.23 6.18
CA ASP A 189 -4.77 12.09 6.49
C ASP A 189 -5.15 10.64 6.65
N VAL A 190 -4.65 9.82 5.74
CA VAL A 190 -4.99 8.40 5.65
C VAL A 190 -4.61 7.67 6.93
N HIS A 191 -3.36 7.78 7.36
CA HIS A 191 -2.96 7.07 8.57
C HIS A 191 -3.51 7.77 9.80
N ALA A 192 -3.74 9.09 9.71
CA ALA A 192 -4.31 9.87 10.82
C ALA A 192 -5.68 9.33 11.20
N ALA A 193 -6.45 8.94 10.19
CA ALA A 193 -7.75 8.34 10.38
C ALA A 193 -7.61 6.96 11.02
N PHE A 194 -6.54 6.27 10.69
CA PHE A 194 -6.28 4.95 11.26
C PHE A 194 -5.84 5.05 12.71
N GLU A 195 -5.04 6.10 13.03
CA GLU A 195 -4.55 6.35 14.41
C GLU A 195 -5.74 6.45 15.36
N GLN A 196 -6.70 7.29 14.97
CA GLN A 196 -7.88 7.57 15.78
C GLN A 196 -8.87 6.38 15.78
N ALA A 197 -8.84 5.59 14.72
CA ALA A 197 -9.73 4.44 14.60
C ALA A 197 -9.31 3.32 15.56
N GLY A 198 -8.02 3.29 15.86
CA GLY A 198 -7.51 2.29 16.77
C GLY A 198 -7.42 0.94 16.11
N LEU A 199 -6.86 0.90 14.93
CA LEU A 199 -6.72 -0.33 14.20
C LEU A 199 -5.45 -1.06 14.64
N THR A 200 -5.34 -2.33 14.26
CA THR A 200 -4.27 -3.26 14.67
C THR A 200 -2.84 -2.67 14.70
N GLY A 201 -2.23 -2.45 13.55
CA GLY A 201 -0.89 -1.93 13.56
C GLY A 201 -0.45 -1.42 12.23
N PHE A 202 0.34 -0.36 12.26
CA PHE A 202 0.82 0.29 11.04
C PHE A 202 2.27 0.62 11.21
N LYS A 203 2.95 0.69 10.13
CA LYS A 203 4.33 1.05 10.11
C LYS A 203 4.47 2.07 9.03
N VAL A 204 4.93 3.21 9.35
CA VAL A 204 5.07 4.23 8.35
C VAL A 204 6.50 4.59 8.16
N TYR A 205 6.86 4.78 6.94
CA TYR A 205 8.16 5.28 6.61
C TYR A 205 7.92 6.52 5.85
N GLU A 206 8.78 7.45 5.89
CA GLU A 206 8.53 8.68 5.17
C GLU A 206 8.74 8.47 3.71
N ALA A 207 7.82 8.93 2.93
CA ALA A 207 7.92 8.79 1.51
C ALA A 207 8.86 9.85 1.00
N GLU A 208 8.74 11.00 1.58
CA GLU A 208 9.53 12.13 1.25
C GLU A 208 10.86 12.03 1.97
N GLY A 209 11.92 11.68 1.26
CA GLY A 209 13.24 11.62 1.87
C GLY A 209 13.45 10.40 2.75
N TRP A 210 12.86 9.29 2.35
CA TRP A 210 12.97 7.97 3.03
C TRP A 210 14.46 7.55 3.24
N ASP A 211 14.98 7.72 4.45
CA ASP A 211 16.40 7.42 4.72
C ASP A 211 16.63 6.10 5.47
N GLY A 212 17.21 5.13 4.77
CA GLY A 212 17.76 3.90 5.36
C GLY A 212 16.78 2.92 5.96
N LEU A 213 15.51 3.18 5.85
CA LEU A 213 14.51 2.33 6.46
C LEU A 213 14.01 1.32 5.43
N GLU A 214 13.70 0.12 5.87
CA GLU A 214 13.33 -0.94 4.97
C GLU A 214 11.83 -1.24 5.05
N LEU A 215 11.20 -1.19 3.90
CA LEU A 215 9.79 -1.48 3.75
C LEU A 215 9.54 -2.97 3.83
N MET A 1 10.15 40.27 -31.94
CA MET A 1 11.17 40.01 -30.93
C MET A 1 10.51 39.94 -29.57
N GLY A 2 11.29 39.64 -28.55
CA GLY A 2 10.77 39.63 -27.21
C GLY A 2 10.71 38.26 -26.64
N SER A 3 11.01 38.15 -25.37
CA SER A 3 10.97 36.87 -24.69
C SER A 3 9.51 36.51 -24.49
N SER A 4 8.73 37.48 -24.10
CA SER A 4 7.33 37.33 -23.95
C SER A 4 6.66 38.13 -25.06
N HIS A 5 6.15 37.44 -26.06
CA HIS A 5 5.48 38.13 -27.15
C HIS A 5 4.09 38.53 -26.67
N HIS A 6 3.47 37.63 -25.94
CA HIS A 6 2.23 37.89 -25.21
C HIS A 6 2.01 36.76 -24.21
N HIS A 7 2.45 37.00 -22.99
CA HIS A 7 2.36 36.01 -21.93
C HIS A 7 2.67 36.65 -20.59
N HIS A 8 3.66 37.55 -20.58
CA HIS A 8 4.18 38.22 -19.36
C HIS A 8 4.91 37.20 -18.48
N HIS A 9 6.19 37.35 -18.37
CA HIS A 9 6.98 36.46 -17.53
C HIS A 9 6.95 36.95 -16.10
N HIS A 10 7.11 36.01 -15.15
CA HIS A 10 7.17 36.29 -13.69
C HIS A 10 5.75 36.55 -13.13
N SER A 11 4.74 36.00 -13.79
CA SER A 11 3.39 36.07 -13.28
C SER A 11 3.25 35.11 -12.10
N SER A 12 3.66 33.85 -12.33
CA SER A 12 3.67 32.77 -11.33
C SER A 12 2.27 32.43 -10.78
N GLY A 13 2.21 31.38 -9.99
CA GLY A 13 1.00 31.03 -9.34
C GLY A 13 0.94 31.67 -7.99
N LEU A 14 0.48 32.91 -7.95
CA LEU A 14 0.43 33.63 -6.69
C LEU A 14 -0.85 33.30 -5.94
N VAL A 15 -0.89 32.10 -5.43
CA VAL A 15 -1.99 31.57 -4.69
C VAL A 15 -1.46 31.16 -3.33
N PRO A 16 -2.15 31.50 -2.23
CA PRO A 16 -1.75 31.09 -0.87
C PRO A 16 -1.68 29.56 -0.77
N ARG A 17 -0.48 29.05 -0.71
CA ARG A 17 -0.23 27.63 -0.69
C ARG A 17 1.08 27.42 0.05
N GLY A 18 1.06 26.64 1.10
CA GLY A 18 2.29 26.37 1.80
C GLY A 18 2.10 26.16 3.28
N SER A 19 1.04 26.74 3.84
CA SER A 19 0.76 26.62 5.26
C SER A 19 0.55 25.16 5.69
N HIS A 20 -0.19 24.42 4.90
CA HIS A 20 -0.37 23.01 5.12
C HIS A 20 -0.49 22.30 3.79
N MET A 21 0.59 21.70 3.38
CA MET A 21 0.60 20.88 2.20
C MET A 21 0.48 19.45 2.73
N VAL A 22 0.08 18.51 1.92
CA VAL A 22 -0.17 17.16 2.40
C VAL A 22 1.07 16.29 2.19
N LYS A 23 1.62 15.77 3.28
CA LYS A 23 2.83 14.99 3.22
C LYS A 23 2.54 13.51 2.96
N TYR A 24 3.53 12.83 2.41
CA TYR A 24 3.38 11.46 1.95
C TYR A 24 4.19 10.48 2.79
N PHE A 25 3.57 9.35 3.08
CA PHE A 25 4.17 8.32 3.88
C PHE A 25 4.10 6.97 3.19
N VAL A 26 5.05 6.15 3.50
CA VAL A 26 5.10 4.79 3.05
C VAL A 26 4.24 3.97 4.00
N PHE A 27 3.35 3.19 3.45
CA PHE A 27 2.45 2.41 4.27
C PHE A 27 2.99 0.99 4.47
N LYS A 28 3.04 0.56 5.70
CA LYS A 28 3.48 -0.75 6.06
C LYS A 28 2.76 -1.17 7.33
N VAL A 29 2.55 -2.44 7.46
CA VAL A 29 2.03 -3.02 8.68
C VAL A 29 3.23 -3.59 9.42
N MET A 30 3.52 -3.04 10.57
CA MET A 30 4.71 -3.44 11.33
C MET A 30 4.44 -4.64 12.19
N ALA A 31 4.90 -5.78 11.69
CA ALA A 31 4.83 -7.08 12.34
C ALA A 31 5.34 -8.11 11.35
N GLU A 32 5.41 -9.36 11.76
CA GLU A 32 5.81 -10.45 10.88
C GLU A 32 4.82 -11.60 10.97
N GLU A 33 4.32 -11.80 12.17
CA GLU A 33 3.39 -12.84 12.51
C GLU A 33 1.94 -12.36 12.33
N ALA A 34 1.77 -11.10 11.93
CA ALA A 34 0.45 -10.44 11.85
C ALA A 34 -0.43 -10.98 10.75
N GLY A 35 0.13 -11.78 9.90
CA GLY A 35 -0.64 -12.31 8.83
C GLY A 35 -0.17 -11.79 7.51
N TYR A 36 0.85 -12.40 7.00
CA TYR A 36 1.33 -12.04 5.70
C TYR A 36 0.72 -12.96 4.69
N ILE A 37 0.82 -12.60 3.47
CA ILE A 37 0.46 -13.47 2.42
C ILE A 37 1.77 -13.94 1.84
N GLU A 38 2.14 -15.15 2.22
CA GLU A 38 3.44 -15.72 1.90
C GLU A 38 3.64 -15.84 0.40
N LYS A 39 2.71 -16.52 -0.25
CA LYS A 39 2.73 -16.72 -1.68
C LYS A 39 1.34 -16.52 -2.24
N LEU A 40 1.24 -16.60 -3.56
CA LEU A 40 0.02 -16.34 -4.31
C LEU A 40 -1.19 -17.17 -3.86
N PRO A 41 -2.30 -16.48 -3.54
CA PRO A 41 -3.58 -17.13 -3.30
C PRO A 41 -4.20 -17.67 -4.62
N ASN A 42 -5.22 -18.49 -4.48
CA ASN A 42 -5.94 -19.11 -5.61
C ASN A 42 -6.48 -18.10 -6.61
N GLY A 43 -5.99 -18.17 -7.83
CA GLY A 43 -6.48 -17.32 -8.89
C GLY A 43 -5.83 -15.96 -8.91
N SER A 44 -4.82 -15.77 -8.11
CA SER A 44 -4.13 -14.52 -8.05
C SER A 44 -3.04 -14.41 -9.12
N PRO A 45 -2.91 -13.22 -9.74
CA PRO A 45 -1.87 -12.93 -10.72
C PRO A 45 -0.47 -12.87 -10.10
N THR A 46 0.55 -12.88 -10.94
CA THR A 46 1.94 -12.90 -10.55
C THR A 46 2.36 -11.77 -9.57
N ASP A 47 3.39 -12.08 -8.78
CA ASP A 47 3.94 -11.29 -7.65
C ASP A 47 4.07 -9.80 -7.94
N TRP A 48 4.83 -9.48 -8.98
CA TRP A 48 5.11 -8.10 -9.33
C TRP A 48 3.96 -7.49 -10.11
N LYS A 49 3.19 -8.32 -10.79
CA LYS A 49 2.17 -7.85 -11.69
C LYS A 49 0.90 -7.42 -10.95
N PHE A 50 0.78 -7.86 -9.68
CA PHE A 50 -0.36 -7.52 -8.81
C PHE A 50 -0.72 -6.03 -8.84
N HIS A 51 0.26 -5.16 -8.81
CA HIS A 51 -0.03 -3.75 -8.87
C HIS A 51 0.76 -3.07 -9.96
N GLU A 52 1.16 -3.83 -10.95
CA GLU A 52 1.92 -3.24 -12.01
C GLU A 52 0.98 -2.83 -13.13
N GLY A 53 0.71 -1.53 -13.19
CA GLY A 53 0.01 -0.89 -14.29
C GLY A 53 -1.46 -1.27 -14.52
N ILE A 54 -1.97 -2.26 -13.86
CA ILE A 54 -3.31 -2.74 -14.12
C ILE A 54 -4.22 -2.67 -12.91
N SER A 55 -5.48 -2.93 -13.17
CA SER A 55 -6.47 -3.12 -12.18
C SER A 55 -6.63 -4.62 -12.01
N LEU A 56 -6.74 -5.08 -10.79
CA LEU A 56 -6.82 -6.50 -10.54
C LEU A 56 -8.19 -7.08 -10.71
N ALA A 57 -9.16 -6.24 -11.04
CA ALA A 57 -10.53 -6.68 -11.23
C ALA A 57 -10.64 -7.68 -12.39
N LYS A 58 -9.68 -7.62 -13.31
CA LYS A 58 -9.67 -8.50 -14.46
C LYS A 58 -8.95 -9.82 -14.19
N ASP A 59 -7.97 -9.83 -13.29
CA ASP A 59 -7.13 -11.03 -13.10
C ASP A 59 -7.33 -11.71 -11.78
N PHE A 60 -7.94 -11.03 -10.85
CA PHE A 60 -8.19 -11.58 -9.55
C PHE A 60 -9.70 -11.82 -9.44
N PRO A 61 -10.12 -12.99 -8.91
CA PRO A 61 -11.54 -13.33 -8.77
C PRO A 61 -12.29 -12.37 -7.83
N VAL A 62 -13.35 -11.78 -8.34
CA VAL A 62 -14.17 -10.88 -7.57
C VAL A 62 -15.33 -11.70 -7.01
N GLY A 63 -15.31 -11.95 -5.73
CA GLY A 63 -16.36 -12.73 -5.10
C GLY A 63 -16.02 -14.21 -5.08
N GLY A 64 -14.74 -14.53 -5.14
CA GLY A 64 -14.31 -15.92 -5.13
C GLY A 64 -13.77 -16.35 -3.77
N GLU A 65 -12.89 -17.33 -3.76
CA GLU A 65 -12.29 -17.82 -2.54
C GLU A 65 -10.81 -17.93 -2.72
N VAL A 66 -10.07 -17.41 -1.77
CA VAL A 66 -8.63 -17.50 -1.81
C VAL A 66 -8.11 -17.93 -0.45
N SER A 67 -6.87 -18.28 -0.37
CA SER A 67 -6.27 -18.71 0.85
C SER A 67 -4.81 -18.32 0.84
N PHE A 68 -4.22 -18.23 2.00
CA PHE A 68 -2.82 -17.90 2.12
C PHE A 68 -2.02 -19.16 1.97
N SER A 69 -1.38 -19.32 0.85
CA SER A 69 -0.57 -20.48 0.63
C SER A 69 0.66 -20.42 1.53
N LYS A 70 0.80 -21.42 2.35
CA LYS A 70 1.82 -21.46 3.36
C LYS A 70 3.19 -21.76 2.78
N ASN A 71 4.02 -20.74 2.74
CA ASN A 71 5.40 -20.90 2.32
C ASN A 71 6.30 -20.84 3.56
N TYR A 72 5.93 -19.99 4.50
CA TYR A 72 6.69 -19.82 5.71
C TYR A 72 5.86 -20.35 6.89
N PRO A 73 6.45 -21.19 7.76
CA PRO A 73 5.74 -21.78 8.89
C PRO A 73 5.58 -20.84 10.11
N ASP A 74 4.53 -21.11 10.90
CA ASP A 74 4.22 -20.42 12.18
C ASP A 74 3.57 -19.07 12.02
N ASN A 75 3.29 -18.65 10.80
CA ASN A 75 2.64 -17.36 10.58
C ASN A 75 1.16 -17.48 10.99
N ARG A 76 0.66 -16.47 11.67
CA ARG A 76 -0.60 -16.55 12.41
C ARG A 76 -1.85 -16.13 11.58
N ASN A 77 -2.85 -15.62 12.31
CA ASN A 77 -4.16 -15.23 11.78
C ASN A 77 -4.15 -13.82 11.21
N LEU A 78 -5.34 -13.33 10.89
CA LEU A 78 -5.51 -12.04 10.23
C LEU A 78 -5.91 -10.94 11.22
N TYR A 79 -5.50 -9.71 10.90
CA TYR A 79 -5.85 -8.50 11.65
C TYR A 79 -6.49 -7.48 10.70
N ASP A 80 -6.61 -6.21 11.13
CA ASP A 80 -7.25 -5.12 10.33
C ASP A 80 -6.65 -5.02 8.95
N PHE A 81 -5.37 -4.94 8.89
CA PHE A 81 -4.65 -4.92 7.66
C PHE A 81 -3.80 -6.12 7.58
N GLN A 82 -3.69 -6.65 6.42
CA GLN A 82 -2.90 -7.80 6.15
C GLN A 82 -1.85 -7.49 5.12
N PRO A 83 -0.58 -7.46 5.54
CA PRO A 83 0.52 -7.24 4.65
C PRO A 83 0.79 -8.46 3.75
N ASN A 84 1.58 -8.26 2.76
CA ASN A 84 1.79 -9.28 1.77
C ASN A 84 3.25 -9.20 1.40
N ILE A 85 3.82 -10.29 0.88
CA ILE A 85 5.19 -10.25 0.44
C ILE A 85 5.22 -9.85 -1.04
N MET A 86 4.06 -10.03 -1.67
CA MET A 86 3.84 -9.59 -3.01
C MET A 86 3.09 -8.27 -2.92
N SER A 87 2.73 -7.66 -4.02
CA SER A 87 2.13 -6.36 -3.92
C SER A 87 0.61 -6.38 -4.01
N ASN A 88 -0.04 -6.96 -3.05
CA ASN A 88 -1.48 -6.79 -2.98
C ASN A 88 -1.89 -6.61 -1.54
N LEU A 89 -2.53 -5.51 -1.22
CA LEU A 89 -2.84 -5.24 0.17
C LEU A 89 -4.17 -5.84 0.51
N LEU A 90 -4.26 -6.43 1.66
CA LEU A 90 -5.48 -7.00 2.08
C LEU A 90 -6.02 -6.20 3.25
N VAL A 91 -7.25 -5.78 3.13
CA VAL A 91 -7.88 -4.92 4.12
C VAL A 91 -9.18 -5.58 4.61
N SER A 92 -9.45 -5.45 5.89
CA SER A 92 -10.69 -5.96 6.47
C SER A 92 -11.83 -4.98 6.18
N GLY A 93 -13.05 -5.39 6.46
CA GLY A 93 -14.20 -4.52 6.25
C GLY A 93 -14.26 -3.43 7.31
N ARG A 94 -13.50 -3.64 8.38
CA ARG A 94 -13.40 -2.71 9.48
C ARG A 94 -12.62 -1.49 8.95
N ALA A 95 -11.41 -1.78 8.50
CA ALA A 95 -10.50 -0.79 7.99
C ALA A 95 -10.97 -0.23 6.66
N ARG A 96 -11.75 -1.03 5.94
CA ARG A 96 -12.36 -0.63 4.69
C ARG A 96 -13.26 0.57 4.90
N LYS A 97 -14.01 0.55 6.00
CA LYS A 97 -14.95 1.61 6.24
C LYS A 97 -14.22 2.89 6.60
N LEU A 98 -13.04 2.76 7.21
CA LEU A 98 -12.14 3.92 7.41
C LEU A 98 -11.75 4.52 6.05
N ILE A 99 -11.15 3.69 5.21
CA ILE A 99 -10.66 4.10 3.88
C ILE A 99 -11.80 4.70 2.99
N GLU A 100 -12.97 4.08 3.00
CA GLU A 100 -14.09 4.56 2.20
C GLU A 100 -14.71 5.84 2.73
N SER A 101 -14.63 6.08 4.05
CA SER A 101 -15.19 7.31 4.61
C SER A 101 -14.28 8.52 4.35
N LEU A 102 -13.06 8.25 3.93
CA LEU A 102 -12.14 9.29 3.51
C LEU A 102 -12.31 9.58 2.03
N GLY A 103 -12.79 8.58 1.30
CA GLY A 103 -12.97 8.72 -0.12
C GLY A 103 -11.68 8.61 -0.85
N VAL A 104 -10.92 7.59 -0.51
CA VAL A 104 -9.63 7.33 -1.11
C VAL A 104 -9.75 6.99 -2.60
N THR A 105 -9.34 7.93 -3.42
CA THR A 105 -9.33 7.79 -4.85
C THR A 105 -8.29 6.74 -5.26
N ASN A 106 -8.69 5.90 -6.23
CA ASN A 106 -7.89 4.81 -6.85
C ASN A 106 -7.81 3.55 -6.00
N ALA A 107 -8.63 3.47 -4.98
CA ALA A 107 -8.66 2.28 -4.16
C ALA A 107 -9.80 1.39 -4.65
N GLU A 108 -9.44 0.25 -5.16
CA GLU A 108 -10.40 -0.72 -5.62
C GLU A 108 -10.44 -1.88 -4.64
N TRP A 109 -11.61 -2.43 -4.45
CA TRP A 109 -11.84 -3.47 -3.46
C TRP A 109 -12.26 -4.75 -4.15
N LEU A 110 -11.50 -5.78 -3.93
CA LEU A 110 -11.83 -7.08 -4.46
C LEU A 110 -12.14 -8.05 -3.30
N PRO A 111 -13.43 -8.23 -2.97
CA PRO A 111 -13.84 -9.08 -1.85
C PRO A 111 -13.81 -10.56 -2.20
N VAL A 112 -13.35 -11.37 -1.26
CA VAL A 112 -13.25 -12.82 -1.41
C VAL A 112 -13.40 -13.49 -0.07
N ALA A 113 -13.62 -14.79 -0.07
CA ALA A 113 -13.64 -15.55 1.15
C ALA A 113 -12.23 -16.04 1.37
N ILE A 114 -11.62 -15.61 2.42
CA ILE A 114 -10.22 -15.88 2.63
C ILE A 114 -9.97 -16.84 3.77
N LYS A 115 -9.16 -17.80 3.46
CA LYS A 115 -8.67 -18.76 4.42
C LYS A 115 -7.22 -18.37 4.73
N ASP A 116 -6.77 -18.63 5.91
CA ASP A 116 -5.45 -18.20 6.34
C ASP A 116 -4.39 -19.27 6.00
N HIS A 117 -3.24 -19.18 6.69
CA HIS A 117 -2.11 -20.09 6.54
C HIS A 117 -2.50 -21.49 6.98
N GLN A 118 -3.36 -21.57 7.97
CA GLN A 118 -3.81 -22.80 8.54
C GLN A 118 -5.01 -23.36 7.77
N GLY A 119 -5.67 -22.49 7.03
CA GLY A 119 -6.75 -22.91 6.18
C GLY A 119 -8.11 -22.70 6.79
N LYS A 120 -8.20 -21.84 7.78
CA LYS A 120 -9.47 -21.53 8.41
C LYS A 120 -9.99 -20.23 7.84
N VAL A 121 -11.30 -20.09 7.72
CA VAL A 121 -11.88 -18.92 7.08
C VAL A 121 -11.98 -17.77 8.07
N VAL A 122 -10.89 -17.09 8.26
CA VAL A 122 -10.85 -15.96 9.17
C VAL A 122 -10.82 -14.65 8.40
N GLY A 123 -11.00 -14.72 7.09
CA GLY A 123 -11.05 -13.52 6.31
C GLY A 123 -12.28 -13.40 5.39
N PRO A 124 -13.55 -13.59 5.86
CA PRO A 124 -14.73 -13.45 4.99
C PRO A 124 -15.20 -11.98 4.89
N ASP A 125 -14.59 -11.13 5.68
CA ASP A 125 -14.93 -9.71 5.77
C ASP A 125 -13.89 -8.89 5.02
N TYR A 126 -12.92 -9.57 4.45
CA TYR A 126 -11.76 -8.93 3.88
C TYR A 126 -11.86 -8.78 2.37
N ALA A 127 -11.27 -7.73 1.89
CA ALA A 127 -11.23 -7.41 0.51
C ALA A 127 -9.83 -6.96 0.15
N PHE A 128 -9.35 -7.38 -0.98
CA PHE A 128 -8.06 -7.00 -1.44
C PHE A 128 -8.12 -5.63 -2.04
N LEU A 129 -7.31 -4.77 -1.54
CA LEU A 129 -7.25 -3.44 -1.98
C LEU A 129 -6.14 -3.31 -2.98
N ASN A 130 -6.49 -2.80 -4.11
CA ASN A 130 -5.55 -2.56 -5.15
C ASN A 130 -5.57 -1.12 -5.54
N LEU A 131 -4.39 -0.56 -5.67
CA LEU A 131 -4.24 0.82 -6.03
C LEU A 131 -4.08 0.96 -7.49
N LEU A 132 -4.71 1.93 -8.02
CA LEU A 132 -4.72 2.26 -9.43
C LEU A 132 -4.12 3.64 -9.62
N GLY A 133 -3.92 4.04 -10.86
CA GLY A 133 -3.55 5.41 -11.15
C GLY A 133 -2.07 5.68 -11.11
N ALA A 134 -1.25 4.70 -11.40
CA ALA A 134 0.16 4.95 -11.41
C ALA A 134 0.71 4.84 -12.80
N GLU A 135 1.48 5.82 -13.16
CA GLU A 135 2.10 5.91 -14.43
C GLU A 135 3.48 6.53 -14.25
N ASP A 136 4.51 5.72 -14.47
CA ASP A 136 5.96 6.06 -14.27
C ASP A 136 6.33 6.16 -12.79
N ALA A 137 5.57 6.95 -12.08
CA ALA A 137 5.64 7.13 -10.66
C ALA A 137 6.91 7.79 -10.16
N ILE A 138 7.83 6.98 -9.65
CA ILE A 138 9.04 7.47 -8.99
C ILE A 138 9.90 8.22 -9.97
N ASP A 139 10.22 9.45 -9.62
CA ASP A 139 11.17 10.23 -10.41
C ASP A 139 12.53 9.61 -10.19
N MET A 140 12.96 8.82 -11.15
CA MET A 140 14.14 8.01 -11.00
C MET A 140 15.41 8.86 -11.13
N GLU A 141 15.23 10.06 -11.60
CA GLU A 141 16.32 10.99 -11.79
C GLU A 141 16.80 11.50 -10.43
N ARG A 142 15.86 11.75 -9.54
CA ARG A 142 16.17 12.27 -8.22
C ARG A 142 16.14 11.20 -7.15
N SER A 143 15.94 9.97 -7.55
CA SER A 143 15.91 8.91 -6.60
C SER A 143 17.29 8.30 -6.42
N GLU A 144 17.82 8.43 -5.24
CA GLU A 144 19.09 7.88 -4.91
C GLU A 144 18.83 6.52 -4.31
N TYR A 145 19.09 5.48 -5.06
CA TYR A 145 18.92 4.14 -4.55
C TYR A 145 19.69 3.12 -5.34
N GLU A 146 19.84 1.97 -4.75
CA GLU A 146 20.35 0.79 -5.34
C GLU A 146 19.23 -0.20 -5.33
N MET A 147 18.82 -0.62 -6.47
CA MET A 147 17.67 -1.41 -6.58
C MET A 147 18.03 -2.87 -6.75
N ASP A 148 17.78 -3.64 -5.68
CA ASP A 148 17.87 -5.11 -5.64
C ASP A 148 17.75 -5.56 -4.18
N SER A 149 16.55 -5.80 -3.74
CA SER A 149 16.35 -6.35 -2.41
C SER A 149 16.06 -7.83 -2.49
N LEU A 150 15.03 -8.17 -3.23
CA LEU A 150 14.63 -9.53 -3.41
C LEU A 150 14.93 -9.84 -4.83
N GLU A 151 14.30 -9.10 -5.69
CA GLU A 151 14.48 -9.18 -7.08
C GLU A 151 15.02 -7.88 -7.61
N LYS A 152 15.17 -7.82 -8.91
CA LYS A 152 15.71 -6.64 -9.60
C LYS A 152 14.64 -5.54 -9.67
N ASP A 153 13.39 -5.96 -9.65
CA ASP A 153 12.22 -5.07 -9.69
C ASP A 153 11.83 -4.62 -8.26
N GLN A 154 12.72 -4.89 -7.33
CA GLN A 154 12.53 -4.60 -5.92
C GLN A 154 13.72 -3.76 -5.45
N ILE A 155 13.46 -2.64 -4.83
CA ILE A 155 14.51 -1.71 -4.38
C ILE A 155 15.03 -2.16 -3.01
N GLY A 156 16.31 -2.01 -2.76
CA GLY A 156 16.86 -2.43 -1.50
C GLY A 156 17.48 -1.31 -0.74
N ASN A 157 18.59 -0.82 -1.21
CA ASN A 157 19.27 0.25 -0.52
C ASN A 157 18.73 1.57 -1.03
N ILE A 158 18.15 2.35 -0.16
CA ILE A 158 17.57 3.60 -0.55
C ILE A 158 18.29 4.71 0.18
N ASP A 159 18.68 5.72 -0.53
CA ASP A 159 19.34 6.85 0.09
C ASP A 159 18.42 8.03 0.16
N ALA A 160 17.69 8.25 -0.91
CA ALA A 160 16.74 9.33 -0.99
C ALA A 160 15.65 8.99 -1.99
N LEU A 161 14.47 8.75 -1.50
CA LEU A 161 13.34 8.44 -2.35
C LEU A 161 12.65 9.75 -2.76
N ALA A 162 12.50 9.94 -4.07
CA ALA A 162 11.86 11.12 -4.62
C ALA A 162 10.41 10.79 -4.90
N LEU A 163 9.54 11.78 -4.75
CA LEU A 163 8.11 11.57 -4.89
C LEU A 163 7.67 11.13 -6.28
N ASP A 164 6.65 10.33 -6.26
CA ASP A 164 6.04 9.79 -7.44
C ASP A 164 4.84 10.61 -7.86
N THR A 165 4.46 11.55 -6.99
CA THR A 165 3.39 12.51 -7.22
C THR A 165 3.77 13.51 -8.33
N SER A 166 5.02 13.40 -8.76
CA SER A 166 5.52 14.14 -9.87
C SER A 166 4.77 13.67 -11.14
N ALA A 167 4.49 12.36 -11.22
CA ALA A 167 3.80 11.80 -12.37
C ALA A 167 2.37 11.35 -11.99
N ILE A 168 2.19 10.91 -10.76
CA ILE A 168 0.90 10.47 -10.25
C ILE A 168 0.16 11.67 -9.65
N ARG A 169 -1.16 11.64 -9.66
CA ARG A 169 -1.96 12.68 -9.06
C ARG A 169 -1.72 12.78 -7.56
N PRO A 170 -1.38 13.97 -7.05
CA PRO A 170 -1.25 14.19 -5.61
C PRO A 170 -2.63 14.26 -4.93
N ASP A 171 -3.68 14.32 -5.76
CA ASP A 171 -5.05 14.30 -5.31
C ASP A 171 -5.54 12.88 -5.11
N ALA A 172 -4.66 11.90 -5.34
CA ALA A 172 -4.97 10.54 -5.01
C ALA A 172 -4.52 10.34 -3.57
N LYS A 173 -5.35 9.69 -2.77
CA LYS A 173 -5.04 9.56 -1.36
C LYS A 173 -4.13 8.39 -1.05
N MET A 174 -4.18 7.39 -1.88
CA MET A 174 -3.40 6.20 -1.68
C MET A 174 -3.13 5.65 -3.04
N PHE A 175 -1.90 5.39 -3.32
CA PHE A 175 -1.46 4.94 -4.61
C PHE A 175 -0.23 4.07 -4.46
N ARG A 176 0.31 3.59 -5.57
CA ARG A 176 1.46 2.73 -5.49
C ARG A 176 2.45 3.17 -6.56
N CYS A 177 3.68 2.90 -6.36
CA CYS A 177 4.68 3.24 -7.32
C CYS A 177 4.84 2.10 -8.35
N THR A 178 5.07 2.45 -9.59
CA THR A 178 5.32 1.47 -10.62
C THR A 178 6.78 0.96 -10.68
N LYS A 179 7.70 1.58 -9.93
CA LYS A 179 9.13 1.18 -9.99
C LYS A 179 9.55 0.39 -8.73
N GLU A 180 8.58 -0.20 -8.08
CA GLU A 180 8.70 -0.94 -6.83
C GLU A 180 7.31 -1.32 -6.44
N ARG A 181 7.15 -2.53 -6.07
CA ARG A 181 5.85 -3.10 -5.81
C ARG A 181 5.45 -2.87 -4.37
N ARG A 182 6.42 -2.84 -3.50
CA ARG A 182 6.20 -2.70 -2.07
C ARG A 182 5.88 -1.26 -1.71
N LEU A 183 6.24 -0.35 -2.57
CA LEU A 183 6.10 1.04 -2.25
C LEU A 183 4.69 1.51 -2.56
N ILE A 184 3.93 1.58 -1.50
CA ILE A 184 2.58 2.07 -1.51
C ILE A 184 2.56 3.32 -0.66
N LEU A 185 2.20 4.42 -1.25
CA LEU A 185 2.22 5.66 -0.53
C LEU A 185 0.84 6.11 -0.15
N ILE A 186 0.74 6.56 1.06
CA ILE A 186 -0.47 7.10 1.60
C ILE A 186 -0.22 8.52 1.99
N ARG A 187 -1.23 9.28 2.00
CA ARG A 187 -1.15 10.62 2.46
C ARG A 187 -1.33 10.69 3.97
N GLU A 188 -0.91 11.80 4.56
CA GLU A 188 -1.01 12.03 6.00
C GLU A 188 -2.43 11.90 6.52
N ASP A 189 -3.39 12.40 5.76
CA ASP A 189 -4.80 12.39 6.12
C ASP A 189 -5.37 10.98 6.16
N VAL A 190 -4.77 10.09 5.40
CA VAL A 190 -5.17 8.69 5.36
C VAL A 190 -4.78 8.00 6.66
N HIS A 191 -3.51 8.14 7.08
CA HIS A 191 -3.10 7.50 8.32
C HIS A 191 -3.68 8.23 9.53
N ALA A 192 -4.04 9.51 9.35
CA ALA A 192 -4.66 10.30 10.43
C ALA A 192 -5.96 9.66 10.87
N ALA A 193 -6.68 9.08 9.90
CA ALA A 193 -7.89 8.36 10.18
C ALA A 193 -7.58 7.05 10.90
N PHE A 194 -6.47 6.43 10.55
CA PHE A 194 -6.07 5.19 11.20
C PHE A 194 -5.59 5.44 12.65
N GLU A 195 -4.96 6.61 12.88
CA GLU A 195 -4.48 7.02 14.21
C GLU A 195 -5.65 7.09 15.18
N GLN A 196 -6.72 7.74 14.74
CA GLN A 196 -7.90 7.97 15.57
C GLN A 196 -8.77 6.71 15.66
N ALA A 197 -8.49 5.74 14.81
CA ALA A 197 -9.21 4.49 14.83
C ALA A 197 -8.52 3.51 15.77
N GLY A 198 -7.21 3.68 15.93
CA GLY A 198 -6.42 2.82 16.79
C GLY A 198 -6.44 1.37 16.34
N LEU A 199 -6.21 1.16 15.06
CA LEU A 199 -6.21 -0.17 14.50
C LEU A 199 -4.88 -0.87 14.83
N THR A 200 -4.86 -2.20 14.67
CA THR A 200 -3.75 -3.09 15.10
C THR A 200 -2.30 -2.60 14.85
N GLY A 201 -1.80 -2.68 13.63
CA GLY A 201 -0.42 -2.32 13.44
C GLY A 201 -0.16 -1.57 12.17
N PHE A 202 0.62 -0.52 12.27
CA PHE A 202 1.00 0.31 11.14
C PHE A 202 2.39 0.82 11.37
N LYS A 203 2.99 1.25 10.32
CA LYS A 203 4.25 1.89 10.37
C LYS A 203 4.34 2.79 9.19
N VAL A 204 4.54 4.03 9.45
CA VAL A 204 4.65 5.00 8.41
C VAL A 204 6.05 5.55 8.35
N TYR A 205 6.55 5.63 7.17
CA TYR A 205 7.86 6.16 6.92
C TYR A 205 7.69 7.37 6.06
N GLU A 206 8.43 8.41 6.30
CA GLU A 206 8.34 9.59 5.47
C GLU A 206 8.92 9.28 4.10
N ALA A 207 8.08 9.32 3.09
CA ALA A 207 8.45 8.96 1.72
C ALA A 207 9.32 10.02 1.09
N GLU A 208 9.04 11.25 1.44
CA GLU A 208 9.76 12.40 0.93
C GLU A 208 11.19 12.41 1.48
N GLY A 209 12.11 11.83 0.75
CA GLY A 209 13.47 11.78 1.21
C GLY A 209 13.68 10.62 2.16
N TRP A 210 12.98 9.50 1.90
CA TRP A 210 13.07 8.27 2.71
C TRP A 210 14.57 7.83 2.86
N ASP A 211 15.08 7.86 4.09
CA ASP A 211 16.50 7.62 4.39
C ASP A 211 16.80 6.19 4.85
N GLY A 212 17.29 5.36 3.93
CA GLY A 212 17.90 4.05 4.27
C GLY A 212 16.98 2.97 4.82
N LEU A 213 15.74 3.25 4.98
CA LEU A 213 14.84 2.29 5.57
C LEU A 213 14.11 1.47 4.53
N GLU A 214 13.91 0.21 4.84
CA GLU A 214 13.05 -0.65 4.09
C GLU A 214 11.81 -0.85 4.90
N LEU A 215 10.66 -0.70 4.26
CA LEU A 215 9.38 -0.79 4.93
C LEU A 215 9.17 -2.15 5.59
N MET A 1 29.56 7.69 11.80
CA MET A 1 28.77 6.59 11.26
C MET A 1 27.36 7.08 11.03
N GLY A 2 26.94 7.04 9.79
CA GLY A 2 25.62 7.48 9.43
C GLY A 2 25.60 7.93 8.00
N SER A 3 24.43 7.84 7.36
CA SER A 3 24.21 8.24 5.97
C SER A 3 25.00 7.34 4.98
N SER A 4 24.31 6.36 4.41
CA SER A 4 24.87 5.38 3.49
C SER A 4 25.48 6.05 2.26
N HIS A 5 24.78 7.04 1.71
CA HIS A 5 25.26 7.74 0.54
C HIS A 5 26.43 8.63 0.98
N HIS A 6 27.55 8.58 0.26
CA HIS A 6 28.80 9.27 0.68
C HIS A 6 28.64 10.77 0.87
N HIS A 7 28.02 11.43 -0.07
CA HIS A 7 27.86 12.88 0.02
C HIS A 7 26.63 13.33 -0.71
N HIS A 8 26.11 14.47 -0.35
CA HIS A 8 24.98 15.06 -1.01
C HIS A 8 25.39 15.70 -2.31
N HIS A 9 25.04 15.07 -3.40
CA HIS A 9 25.30 15.63 -4.72
C HIS A 9 23.98 15.68 -5.52
N HIS A 10 22.89 15.40 -4.83
CA HIS A 10 21.57 15.48 -5.41
C HIS A 10 20.79 16.61 -4.71
N SER A 11 21.50 17.43 -3.99
CA SER A 11 20.89 18.52 -3.28
C SER A 11 20.66 19.72 -4.19
N SER A 12 19.53 19.71 -4.83
CA SER A 12 19.10 20.79 -5.64
C SER A 12 18.07 21.60 -4.87
N GLY A 13 18.01 22.87 -5.15
CA GLY A 13 17.00 23.70 -4.56
C GLY A 13 15.79 23.71 -5.45
N LEU A 14 14.77 22.99 -5.06
CA LEU A 14 13.55 22.91 -5.86
C LEU A 14 12.76 24.20 -5.73
N VAL A 15 11.93 24.48 -6.71
CA VAL A 15 11.16 25.72 -6.75
C VAL A 15 10.15 25.75 -5.57
N PRO A 16 10.25 26.78 -4.71
CA PRO A 16 9.43 26.88 -3.49
C PRO A 16 7.92 27.03 -3.72
N ARG A 17 7.22 25.91 -3.70
CA ARG A 17 5.75 25.82 -3.78
C ARG A 17 5.28 24.82 -2.74
N GLY A 18 5.07 25.29 -1.55
CA GLY A 18 4.68 24.41 -0.51
C GLY A 18 3.79 25.06 0.50
N SER A 19 4.41 25.76 1.46
CA SER A 19 3.74 26.38 2.63
C SER A 19 3.30 25.29 3.62
N HIS A 20 2.51 24.37 3.12
CA HIS A 20 2.09 23.18 3.80
C HIS A 20 2.04 22.08 2.77
N MET A 21 3.12 21.36 2.62
CA MET A 21 3.16 20.28 1.66
C MET A 21 2.63 19.07 2.39
N VAL A 22 1.49 18.57 1.95
CA VAL A 22 0.81 17.45 2.60
C VAL A 22 1.73 16.22 2.50
N LYS A 23 2.18 15.75 3.63
CA LYS A 23 3.23 14.78 3.69
C LYS A 23 2.75 13.37 3.44
N TYR A 24 3.64 12.56 2.93
CA TYR A 24 3.32 11.21 2.53
C TYR A 24 4.11 10.23 3.37
N PHE A 25 3.48 9.17 3.72
CA PHE A 25 4.10 8.18 4.53
C PHE A 25 4.11 6.83 3.89
N VAL A 26 5.21 6.16 4.08
CA VAL A 26 5.39 4.79 3.67
C VAL A 26 4.56 3.94 4.60
N PHE A 27 3.64 3.20 4.04
CA PHE A 27 2.73 2.37 4.79
C PHE A 27 3.21 0.93 4.80
N LYS A 28 3.55 0.46 5.98
CA LYS A 28 3.97 -0.90 6.14
C LYS A 28 3.36 -1.39 7.44
N VAL A 29 2.56 -2.40 7.35
CA VAL A 29 1.86 -2.94 8.52
C VAL A 29 2.85 -3.68 9.41
N MET A 30 2.85 -3.37 10.70
CA MET A 30 3.75 -4.04 11.61
C MET A 30 3.08 -5.10 12.42
N ALA A 31 2.68 -6.09 11.72
CA ALA A 31 2.20 -7.27 12.30
C ALA A 31 2.97 -8.34 11.60
N GLU A 32 3.84 -8.96 12.32
CA GLU A 32 4.78 -9.87 11.71
C GLU A 32 4.37 -11.29 12.06
N GLU A 33 3.54 -11.35 13.07
CA GLU A 33 3.01 -12.57 13.60
C GLU A 33 1.77 -12.91 12.82
N ALA A 34 1.15 -11.87 12.25
CA ALA A 34 -0.01 -12.02 11.41
C ALA A 34 0.42 -12.77 10.18
N GLY A 35 1.65 -12.47 9.78
CA GLY A 35 2.30 -13.12 8.72
C GLY A 35 1.93 -12.57 7.39
N TYR A 36 2.92 -12.43 6.56
CA TYR A 36 2.69 -12.02 5.19
C TYR A 36 1.92 -13.12 4.47
N ILE A 37 1.23 -12.77 3.41
CA ILE A 37 0.76 -13.80 2.52
C ILE A 37 2.04 -14.28 1.84
N GLU A 38 2.52 -15.43 2.31
CA GLU A 38 3.82 -15.99 1.97
C GLU A 38 4.06 -16.05 0.46
N LYS A 39 3.13 -16.64 -0.24
CA LYS A 39 3.16 -16.73 -1.67
C LYS A 39 1.78 -16.52 -2.25
N LEU A 40 1.73 -16.42 -3.55
CA LEU A 40 0.53 -16.08 -4.32
C LEU A 40 -0.68 -16.99 -4.06
N PRO A 41 -1.82 -16.39 -3.67
CA PRO A 41 -3.08 -17.11 -3.54
C PRO A 41 -3.71 -17.44 -4.92
N ASN A 42 -4.69 -18.30 -4.89
CA ASN A 42 -5.44 -18.78 -6.07
C ASN A 42 -6.00 -17.62 -6.91
N GLY A 43 -5.60 -17.59 -8.17
CA GLY A 43 -6.11 -16.60 -9.10
C GLY A 43 -5.25 -15.36 -9.21
N SER A 44 -4.19 -15.32 -8.46
CA SER A 44 -3.31 -14.17 -8.47
C SER A 44 -2.24 -14.22 -9.60
N PRO A 45 -2.00 -13.07 -10.27
CA PRO A 45 -0.89 -12.92 -11.23
C PRO A 45 0.43 -12.70 -10.48
N THR A 46 1.58 -12.82 -11.16
CA THR A 46 2.93 -12.73 -10.55
C THR A 46 3.17 -11.53 -9.58
N ASP A 47 4.09 -11.74 -8.61
CA ASP A 47 4.44 -10.81 -7.47
C ASP A 47 4.42 -9.34 -7.82
N TRP A 48 5.20 -8.98 -8.80
CA TRP A 48 5.37 -7.61 -9.21
C TRP A 48 4.22 -7.14 -10.10
N LYS A 49 3.66 -8.08 -10.85
CA LYS A 49 2.69 -7.76 -11.85
C LYS A 49 1.30 -7.52 -11.25
N PHE A 50 1.14 -7.88 -9.95
CA PHE A 50 -0.10 -7.59 -9.21
C PHE A 50 -0.57 -6.16 -9.45
N HIS A 51 0.34 -5.21 -9.37
CA HIS A 51 -0.07 -3.85 -9.59
C HIS A 51 0.79 -3.12 -10.58
N GLU A 52 1.55 -3.83 -11.37
CA GLU A 52 2.38 -3.13 -12.30
C GLU A 52 1.57 -2.88 -13.57
N GLY A 53 1.10 -1.65 -13.69
CA GLY A 53 0.41 -1.17 -14.87
C GLY A 53 -1.08 -1.54 -15.01
N ILE A 54 -1.63 -2.42 -14.15
CA ILE A 54 -3.07 -2.80 -14.29
C ILE A 54 -3.77 -2.95 -12.94
N SER A 55 -5.07 -3.16 -13.01
CA SER A 55 -5.93 -3.48 -11.90
C SER A 55 -6.14 -4.99 -11.90
N LEU A 56 -6.47 -5.55 -10.77
CA LEU A 56 -6.63 -6.99 -10.67
C LEU A 56 -8.06 -7.43 -10.79
N ALA A 57 -8.95 -6.49 -11.08
CA ALA A 57 -10.38 -6.80 -11.21
C ALA A 57 -10.65 -7.82 -12.32
N LYS A 58 -9.78 -7.84 -13.32
CA LYS A 58 -9.91 -8.76 -14.43
C LYS A 58 -9.20 -10.11 -14.16
N ASP A 59 -8.10 -10.11 -13.42
CA ASP A 59 -7.29 -11.34 -13.27
C ASP A 59 -7.54 -12.05 -11.99
N PHE A 60 -8.02 -11.37 -11.01
CA PHE A 60 -8.23 -11.96 -9.73
C PHE A 60 -9.72 -12.27 -9.59
N PRO A 61 -10.07 -13.45 -9.05
CA PRO A 61 -11.45 -13.87 -8.86
C PRO A 61 -12.23 -12.92 -7.93
N VAL A 62 -13.33 -12.40 -8.41
CA VAL A 62 -14.15 -11.48 -7.63
C VAL A 62 -15.31 -12.27 -7.05
N GLY A 63 -15.35 -12.37 -5.74
CA GLY A 63 -16.37 -13.17 -5.11
C GLY A 63 -15.93 -14.61 -5.01
N GLY A 64 -14.63 -14.81 -5.04
CA GLY A 64 -14.07 -16.14 -4.97
C GLY A 64 -13.50 -16.46 -3.59
N GLU A 65 -12.63 -17.42 -3.54
CA GLU A 65 -12.00 -17.82 -2.31
C GLU A 65 -10.51 -17.97 -2.52
N VAL A 66 -9.75 -17.46 -1.59
CA VAL A 66 -8.32 -17.61 -1.61
C VAL A 66 -7.85 -18.02 -0.23
N SER A 67 -6.60 -18.35 -0.11
CA SER A 67 -6.06 -18.82 1.12
C SER A 67 -4.57 -18.54 1.16
N PHE A 68 -4.02 -18.42 2.35
CA PHE A 68 -2.60 -18.29 2.56
C PHE A 68 -1.93 -19.61 2.27
N SER A 69 -1.06 -19.61 1.32
CA SER A 69 -0.30 -20.77 0.97
C SER A 69 0.74 -21.05 2.07
N LYS A 70 0.91 -22.30 2.43
CA LYS A 70 1.80 -22.65 3.51
C LYS A 70 3.22 -22.81 3.04
N ASN A 71 3.85 -21.70 2.75
CA ASN A 71 5.27 -21.70 2.44
C ASN A 71 5.99 -21.47 3.77
N TYR A 72 5.23 -20.90 4.67
CA TYR A 72 5.55 -20.74 6.05
C TYR A 72 4.22 -20.83 6.81
N PRO A 73 3.90 -22.02 7.37
CA PRO A 73 2.61 -22.26 8.01
C PRO A 73 2.45 -21.66 9.39
N ASP A 74 3.54 -21.50 10.11
CA ASP A 74 3.46 -21.12 11.51
C ASP A 74 3.39 -19.61 11.73
N ASN A 75 2.19 -19.10 11.69
CA ASN A 75 1.87 -17.70 11.96
C ASN A 75 0.44 -17.63 12.43
N ARG A 76 -0.03 -16.44 12.65
CA ARG A 76 -1.38 -16.21 13.13
C ARG A 76 -2.34 -15.86 11.97
N ASN A 77 -3.44 -15.25 12.34
CA ASN A 77 -4.54 -14.88 11.46
C ASN A 77 -4.37 -13.47 10.87
N LEU A 78 -5.45 -12.96 10.27
CA LEU A 78 -5.45 -11.68 9.57
C LEU A 78 -5.75 -10.51 10.50
N TYR A 79 -5.16 -9.38 10.21
CA TYR A 79 -5.34 -8.15 10.96
C TYR A 79 -6.10 -7.13 10.11
N ASP A 80 -6.21 -5.87 10.57
CA ASP A 80 -6.97 -4.79 9.87
C ASP A 80 -6.51 -4.65 8.45
N PHE A 81 -5.23 -4.63 8.31
CA PHE A 81 -4.56 -4.62 7.06
C PHE A 81 -3.64 -5.79 7.06
N GLN A 82 -3.68 -6.55 6.03
CA GLN A 82 -2.91 -7.73 5.97
C GLN A 82 -1.81 -7.59 4.92
N PRO A 83 -0.55 -7.63 5.37
CA PRO A 83 0.60 -7.49 4.50
C PRO A 83 0.94 -8.79 3.76
N ASN A 84 1.76 -8.66 2.76
CA ASN A 84 2.21 -9.77 1.96
C ASN A 84 3.48 -9.39 1.29
N ILE A 85 4.12 -10.33 0.62
CA ILE A 85 5.40 -10.05 0.00
C ILE A 85 5.20 -9.54 -1.46
N MET A 86 3.95 -9.39 -1.86
CA MET A 86 3.62 -8.99 -3.21
C MET A 86 3.18 -7.52 -3.24
N SER A 87 2.76 -7.02 -4.40
CA SER A 87 2.42 -5.61 -4.58
C SER A 87 0.90 -5.33 -4.33
N ASN A 88 0.21 -6.24 -3.70
CA ASN A 88 -1.23 -6.11 -3.53
C ASN A 88 -1.57 -5.97 -2.06
N LEU A 89 -2.65 -5.29 -1.70
CA LEU A 89 -2.93 -5.12 -0.28
C LEU A 89 -4.23 -5.80 0.10
N LEU A 90 -4.26 -6.43 1.24
CA LEU A 90 -5.46 -7.05 1.74
C LEU A 90 -5.98 -6.24 2.92
N VAL A 91 -7.22 -5.83 2.85
CA VAL A 91 -7.80 -4.96 3.84
C VAL A 91 -9.10 -5.58 4.39
N SER A 92 -9.33 -5.46 5.68
CA SER A 92 -10.56 -5.93 6.29
C SER A 92 -11.73 -5.02 5.91
N GLY A 93 -12.95 -5.50 6.08
CA GLY A 93 -14.12 -4.72 5.75
C GLY A 93 -14.25 -3.49 6.61
N ARG A 94 -13.80 -3.60 7.85
CA ARG A 94 -13.88 -2.49 8.79
C ARG A 94 -12.85 -1.41 8.43
N ALA A 95 -11.68 -1.83 7.94
CA ALA A 95 -10.67 -0.88 7.52
C ALA A 95 -11.05 -0.28 6.18
N ARG A 96 -11.81 -1.07 5.39
CA ARG A 96 -12.39 -0.62 4.13
C ARG A 96 -13.32 0.57 4.39
N LYS A 97 -14.05 0.48 5.51
CA LYS A 97 -14.96 1.54 5.93
C LYS A 97 -14.22 2.83 6.16
N LEU A 98 -13.07 2.77 6.84
CA LEU A 98 -12.21 3.94 7.07
C LEU A 98 -11.79 4.58 5.75
N ILE A 99 -11.25 3.77 4.86
CA ILE A 99 -10.75 4.24 3.57
C ILE A 99 -11.88 4.85 2.69
N GLU A 100 -13.03 4.18 2.64
CA GLU A 100 -14.16 4.69 1.86
C GLU A 100 -14.84 5.89 2.55
N SER A 101 -14.64 6.04 3.85
CA SER A 101 -15.18 7.16 4.62
C SER A 101 -14.44 8.44 4.26
N LEU A 102 -13.16 8.30 3.94
CA LEU A 102 -12.33 9.43 3.54
C LEU A 102 -12.45 9.70 2.05
N GLY A 103 -13.23 8.88 1.38
CA GLY A 103 -13.47 9.04 -0.03
C GLY A 103 -12.22 8.89 -0.85
N VAL A 104 -11.47 7.84 -0.59
CA VAL A 104 -10.26 7.59 -1.35
C VAL A 104 -10.64 7.05 -2.73
N THR A 105 -10.42 7.87 -3.72
CA THR A 105 -10.70 7.55 -5.09
C THR A 105 -9.62 6.59 -5.61
N ASN A 106 -10.01 5.76 -6.60
CA ASN A 106 -9.13 4.79 -7.30
C ASN A 106 -8.92 3.55 -6.49
N ALA A 107 -9.69 3.38 -5.47
CA ALA A 107 -9.61 2.21 -4.67
C ALA A 107 -10.58 1.18 -5.22
N GLU A 108 -10.04 0.11 -5.73
CA GLU A 108 -10.83 -0.98 -6.22
C GLU A 108 -10.72 -2.11 -5.24
N TRP A 109 -11.83 -2.64 -4.84
CA TRP A 109 -11.86 -3.64 -3.81
C TRP A 109 -12.31 -4.94 -4.41
N LEU A 110 -11.54 -5.96 -4.19
CA LEU A 110 -11.90 -7.28 -4.66
C LEU A 110 -12.21 -8.17 -3.47
N PRO A 111 -13.51 -8.35 -3.17
CA PRO A 111 -13.94 -9.13 -2.04
C PRO A 111 -13.89 -10.63 -2.29
N VAL A 112 -13.19 -11.32 -1.42
CA VAL A 112 -13.06 -12.76 -1.45
C VAL A 112 -13.06 -13.26 -0.02
N ALA A 113 -13.14 -14.55 0.13
CA ALA A 113 -13.03 -15.13 1.45
C ALA A 113 -11.67 -15.75 1.56
N ILE A 114 -10.87 -15.24 2.48
CA ILE A 114 -9.50 -15.67 2.64
C ILE A 114 -9.36 -16.57 3.88
N LYS A 115 -8.66 -17.69 3.71
CA LYS A 115 -8.29 -18.54 4.82
C LYS A 115 -6.88 -18.17 5.22
N ASP A 116 -6.60 -18.22 6.49
CA ASP A 116 -5.31 -17.79 7.02
C ASP A 116 -4.27 -18.93 6.95
N HIS A 117 -3.16 -18.76 7.71
CA HIS A 117 -2.06 -19.75 7.77
C HIS A 117 -2.54 -21.03 8.44
N GLN A 118 -3.50 -20.88 9.34
CA GLN A 118 -4.05 -21.98 10.09
C GLN A 118 -5.21 -22.65 9.34
N GLY A 119 -5.59 -22.07 8.22
CA GLY A 119 -6.59 -22.67 7.34
C GLY A 119 -8.02 -22.42 7.74
N LYS A 120 -8.25 -21.42 8.56
CA LYS A 120 -9.59 -21.10 8.99
C LYS A 120 -10.08 -19.86 8.27
N VAL A 121 -11.38 -19.76 8.10
CA VAL A 121 -11.94 -18.62 7.41
C VAL A 121 -12.12 -17.46 8.37
N VAL A 122 -11.07 -16.71 8.53
CA VAL A 122 -11.11 -15.53 9.38
C VAL A 122 -11.02 -14.26 8.55
N GLY A 123 -11.07 -14.43 7.24
CA GLY A 123 -11.08 -13.31 6.35
C GLY A 123 -12.27 -13.33 5.38
N PRO A 124 -13.55 -13.34 5.87
CA PRO A 124 -14.72 -13.41 5.00
C PRO A 124 -15.17 -12.03 4.49
N ASP A 125 -14.75 -11.00 5.18
CA ASP A 125 -15.16 -9.62 4.88
C ASP A 125 -13.98 -8.83 4.33
N TYR A 126 -12.89 -9.50 4.09
CA TYR A 126 -11.70 -8.84 3.65
C TYR A 126 -11.69 -8.73 2.13
N ALA A 127 -11.13 -7.66 1.66
CA ALA A 127 -11.07 -7.39 0.25
C ALA A 127 -9.69 -6.92 -0.10
N PHE A 128 -9.23 -7.30 -1.26
CA PHE A 128 -7.96 -6.86 -1.74
C PHE A 128 -8.09 -5.49 -2.38
N LEU A 129 -7.26 -4.57 -1.94
CA LEU A 129 -7.31 -3.21 -2.35
C LEU A 129 -6.29 -2.99 -3.48
N ASN A 130 -6.79 -2.45 -4.57
CA ASN A 130 -6.01 -2.08 -5.71
C ASN A 130 -5.99 -0.59 -5.80
N LEU A 131 -4.84 0.00 -5.88
CA LEU A 131 -4.74 1.43 -6.10
C LEU A 131 -4.58 1.68 -7.57
N LEU A 132 -5.47 2.45 -8.11
CA LEU A 132 -5.48 2.78 -9.52
C LEU A 132 -5.02 4.21 -9.70
N GLY A 133 -4.88 4.61 -10.93
CA GLY A 133 -4.38 5.93 -11.22
C GLY A 133 -2.90 5.88 -11.28
N ALA A 134 -2.41 4.71 -11.62
CA ALA A 134 -1.03 4.43 -11.63
C ALA A 134 -0.51 4.20 -13.01
N GLU A 135 0.66 4.64 -13.16
CA GLU A 135 1.50 4.53 -14.30
C GLU A 135 2.86 4.45 -13.70
N ASP A 136 3.92 4.14 -14.47
CA ASP A 136 5.26 3.93 -13.87
C ASP A 136 5.68 5.08 -12.97
N ALA A 137 5.65 4.77 -11.70
CA ALA A 137 5.67 5.72 -10.64
C ALA A 137 7.04 6.29 -10.28
N ILE A 138 7.88 5.46 -9.69
CA ILE A 138 9.14 5.91 -9.10
C ILE A 138 10.06 6.49 -10.15
N ASP A 139 10.49 7.70 -9.93
CA ASP A 139 11.41 8.40 -10.82
C ASP A 139 12.84 7.95 -10.49
N MET A 140 13.59 7.52 -11.48
CA MET A 140 14.95 7.02 -11.23
C MET A 140 16.02 8.13 -11.15
N GLU A 141 15.76 9.28 -11.74
CA GLU A 141 16.79 10.33 -11.79
C GLU A 141 16.63 11.32 -10.65
N ARG A 142 15.41 11.46 -10.18
CA ARG A 142 15.10 12.31 -9.05
C ARG A 142 15.28 11.54 -7.74
N SER A 143 15.54 10.27 -7.85
CA SER A 143 15.78 9.45 -6.71
C SER A 143 17.15 8.84 -6.82
N GLU A 144 17.62 8.24 -5.75
CA GLU A 144 18.88 7.57 -5.71
C GLU A 144 18.67 6.28 -4.95
N TYR A 145 18.66 5.18 -5.65
CA TYR A 145 18.40 3.88 -5.03
C TYR A 145 18.92 2.76 -5.89
N GLU A 146 19.03 1.59 -5.29
CA GLU A 146 19.49 0.40 -5.96
C GLU A 146 18.43 -0.69 -5.80
N MET A 147 18.07 -1.31 -6.91
CA MET A 147 17.07 -2.36 -6.89
C MET A 147 17.75 -3.69 -6.74
N ASP A 148 17.64 -4.31 -5.56
CA ASP A 148 18.20 -5.66 -5.21
C ASP A 148 18.18 -5.89 -3.71
N SER A 149 17.02 -6.07 -3.13
CA SER A 149 16.97 -6.49 -1.74
C SER A 149 16.70 -7.98 -1.68
N LEU A 150 15.61 -8.35 -2.30
CA LEU A 150 15.23 -9.74 -2.43
C LEU A 150 15.39 -10.15 -3.89
N GLU A 151 15.16 -9.18 -4.77
CA GLU A 151 15.26 -9.33 -6.21
C GLU A 151 15.17 -7.93 -6.80
N LYS A 152 15.14 -7.80 -8.13
CA LYS A 152 15.15 -6.46 -8.78
C LYS A 152 13.91 -5.62 -8.43
N ASP A 153 12.74 -6.22 -8.44
CA ASP A 153 11.47 -5.48 -8.13
C ASP A 153 11.24 -5.33 -6.62
N GLN A 154 12.33 -5.36 -5.90
CA GLN A 154 12.39 -5.16 -4.50
C GLN A 154 13.61 -4.30 -4.22
N ILE A 155 13.37 -3.12 -3.74
CA ILE A 155 14.44 -2.15 -3.53
C ILE A 155 15.13 -2.36 -2.18
N GLY A 156 16.44 -2.14 -2.14
CA GLY A 156 17.18 -2.28 -0.91
C GLY A 156 17.73 -0.97 -0.45
N ASN A 157 18.80 -0.54 -1.07
CA ASN A 157 19.45 0.73 -0.73
C ASN A 157 18.68 1.87 -1.33
N ILE A 158 18.16 2.72 -0.50
CA ILE A 158 17.45 3.90 -0.94
C ILE A 158 18.11 5.08 -0.28
N ASP A 159 18.68 5.95 -1.04
CA ASP A 159 19.34 7.12 -0.49
C ASP A 159 18.45 8.31 -0.63
N ALA A 160 17.79 8.38 -1.74
CA ALA A 160 16.87 9.45 -2.01
C ALA A 160 15.67 8.87 -2.67
N LEU A 161 14.53 9.19 -2.15
CA LEU A 161 13.28 8.72 -2.69
C LEU A 161 12.49 9.95 -3.06
N ALA A 162 12.32 10.14 -4.34
CA ALA A 162 11.54 11.26 -4.82
C ALA A 162 10.12 10.83 -4.92
N LEU A 163 9.24 11.75 -4.68
CA LEU A 163 7.83 11.48 -4.73
C LEU A 163 7.42 11.11 -6.13
N ASP A 164 6.71 10.01 -6.22
CA ASP A 164 6.24 9.44 -7.47
C ASP A 164 4.92 10.08 -7.89
N THR A 165 4.60 11.17 -7.19
CA THR A 165 3.46 12.02 -7.46
C THR A 165 3.71 12.84 -8.75
N SER A 166 4.90 12.70 -9.30
CA SER A 166 5.24 13.26 -10.57
C SER A 166 4.56 12.45 -11.68
N ALA A 167 4.43 11.14 -11.49
CA ALA A 167 3.79 10.32 -12.51
C ALA A 167 2.38 9.95 -12.10
N ILE A 168 2.16 9.77 -10.83
CA ILE A 168 0.83 9.50 -10.31
C ILE A 168 0.20 10.84 -9.96
N ARG A 169 -1.11 10.92 -9.98
CA ARG A 169 -1.79 12.15 -9.59
C ARG A 169 -1.44 12.55 -8.14
N PRO A 170 -0.93 13.78 -7.94
CA PRO A 170 -0.45 14.27 -6.62
C PRO A 170 -1.56 14.48 -5.60
N ASP A 171 -2.78 14.33 -6.02
CA ASP A 171 -3.92 14.49 -5.15
C ASP A 171 -4.38 13.14 -4.61
N ALA A 172 -3.70 12.08 -5.01
CA ALA A 172 -4.03 10.75 -4.54
C ALA A 172 -3.74 10.61 -3.07
N LYS A 173 -4.77 10.28 -2.32
CA LYS A 173 -4.67 10.14 -0.86
C LYS A 173 -3.94 8.84 -0.50
N MET A 174 -4.06 7.87 -1.35
CA MET A 174 -3.44 6.60 -1.14
C MET A 174 -3.06 6.02 -2.47
N PHE A 175 -1.82 5.68 -2.61
CA PHE A 175 -1.29 5.16 -3.84
C PHE A 175 -0.11 4.27 -3.52
N ARG A 176 0.44 3.64 -4.51
CA ARG A 176 1.58 2.79 -4.35
C ARG A 176 2.38 2.76 -5.62
N CYS A 177 3.59 2.34 -5.54
CA CYS A 177 4.47 2.36 -6.68
C CYS A 177 4.32 1.12 -7.59
N THR A 178 4.78 1.27 -8.82
CA THR A 178 4.79 0.21 -9.82
C THR A 178 5.99 -0.75 -9.67
N LYS A 179 7.18 -0.17 -9.55
CA LYS A 179 8.44 -0.92 -9.51
C LYS A 179 8.80 -1.44 -8.12
N GLU A 180 7.93 -1.24 -7.16
CA GLU A 180 8.17 -1.68 -5.82
C GLU A 180 6.92 -2.39 -5.37
N ARG A 181 7.08 -3.49 -4.71
CA ARG A 181 5.94 -4.28 -4.30
C ARG A 181 5.42 -3.87 -2.93
N ARG A 182 6.32 -3.40 -2.09
CA ARG A 182 6.02 -3.13 -0.69
C ARG A 182 5.73 -1.65 -0.49
N LEU A 183 6.31 -0.81 -1.32
CA LEU A 183 6.18 0.63 -1.19
C LEU A 183 4.77 1.14 -1.53
N ILE A 184 4.04 1.38 -0.48
CA ILE A 184 2.70 1.94 -0.53
C ILE A 184 2.77 3.28 0.18
N LEU A 185 2.23 4.31 -0.42
CA LEU A 185 2.28 5.63 0.15
C LEU A 185 0.91 6.14 0.50
N ILE A 186 0.73 6.46 1.73
CA ILE A 186 -0.50 7.02 2.21
C ILE A 186 -0.27 8.45 2.60
N ARG A 187 -1.26 9.25 2.51
CA ARG A 187 -1.13 10.63 2.85
C ARG A 187 -1.32 10.81 4.37
N GLU A 188 -0.83 11.93 4.91
CA GLU A 188 -0.87 12.21 6.35
C GLU A 188 -2.28 12.12 6.95
N ASP A 189 -3.25 12.61 6.24
CA ASP A 189 -4.63 12.65 6.69
C ASP A 189 -5.27 11.27 6.69
N VAL A 190 -4.79 10.40 5.83
CA VAL A 190 -5.28 9.04 5.73
C VAL A 190 -4.88 8.23 6.96
N HIS A 191 -3.60 8.31 7.36
CA HIS A 191 -3.18 7.57 8.55
C HIS A 191 -3.76 8.19 9.80
N ALA A 192 -4.05 9.50 9.74
CA ALA A 192 -4.66 10.23 10.87
C ALA A 192 -6.01 9.63 11.25
N ALA A 193 -6.71 9.11 10.24
CA ALA A 193 -7.97 8.43 10.45
C ALA A 193 -7.72 7.09 11.13
N PHE A 194 -6.66 6.41 10.72
CA PHE A 194 -6.32 5.09 11.28
C PHE A 194 -5.83 5.24 12.75
N GLU A 195 -5.17 6.37 13.04
CA GLU A 195 -4.64 6.69 14.39
C GLU A 195 -5.79 6.70 15.38
N GLN A 196 -6.81 7.48 15.06
CA GLN A 196 -7.95 7.69 15.92
C GLN A 196 -8.86 6.48 15.96
N ALA A 197 -8.82 5.67 14.91
CA ALA A 197 -9.60 4.45 14.86
C ALA A 197 -9.01 3.40 15.77
N GLY A 198 -7.70 3.47 15.99
CA GLY A 198 -7.05 2.54 16.87
C GLY A 198 -6.86 1.20 16.23
N LEU A 199 -6.36 1.20 15.01
CA LEU A 199 -6.11 -0.03 14.30
C LEU A 199 -4.79 -0.63 14.80
N THR A 200 -4.61 -1.91 14.53
CA THR A 200 -3.50 -2.75 15.05
C THR A 200 -2.11 -2.08 15.15
N GLY A 201 -1.39 -1.98 14.05
CA GLY A 201 -0.09 -1.38 14.11
C GLY A 201 0.54 -1.20 12.76
N PHE A 202 1.00 -0.01 12.47
CA PHE A 202 1.60 0.29 11.18
C PHE A 202 2.84 1.11 11.41
N LYS A 203 3.78 0.98 10.53
CA LYS A 203 4.97 1.79 10.56
C LYS A 203 4.87 2.76 9.44
N VAL A 204 5.06 4.00 9.76
CA VAL A 204 5.02 5.03 8.77
C VAL A 204 6.36 5.74 8.70
N TYR A 205 6.88 5.85 7.51
CA TYR A 205 8.15 6.50 7.30
C TYR A 205 7.93 7.70 6.39
N GLU A 206 8.80 8.69 6.50
CA GLU A 206 8.72 9.88 5.66
C GLU A 206 9.14 9.52 4.26
N ALA A 207 8.21 9.63 3.32
CA ALA A 207 8.46 9.25 1.94
C ALA A 207 9.38 10.21 1.24
N GLU A 208 9.24 11.48 1.54
CA GLU A 208 10.04 12.51 0.92
C GLU A 208 11.51 12.39 1.35
N GLY A 209 12.33 11.83 0.47
CA GLY A 209 13.76 11.72 0.72
C GLY A 209 14.09 10.60 1.69
N TRP A 210 13.23 9.59 1.71
CA TRP A 210 13.34 8.40 2.59
C TRP A 210 14.70 7.67 2.39
N ASP A 211 15.64 7.89 3.30
CA ASP A 211 16.96 7.25 3.20
C ASP A 211 17.16 6.09 4.18
N GLY A 212 17.68 5.01 3.64
CA GLY A 212 18.22 3.84 4.36
C GLY A 212 17.26 2.94 5.11
N LEU A 213 16.15 3.45 5.56
CA LEU A 213 15.22 2.69 6.40
C LEU A 213 14.49 1.62 5.62
N GLU A 214 14.43 0.44 6.19
CA GLU A 214 13.74 -0.68 5.61
C GLU A 214 12.30 -0.61 6.03
N LEU A 215 11.41 -0.74 5.10
CA LEU A 215 10.00 -0.75 5.37
C LEU A 215 9.56 -2.10 5.92
N MET A 1 -8.33 -3.77 26.63
CA MET A 1 -8.94 -4.20 27.89
C MET A 1 -9.38 -3.01 28.69
N GLY A 2 -8.43 -2.21 29.14
CA GLY A 2 -8.76 -1.09 29.96
C GLY A 2 -7.57 -0.22 30.19
N SER A 3 -7.80 0.89 30.84
CA SER A 3 -6.78 1.87 31.11
C SER A 3 -5.96 1.58 32.38
N SER A 4 -5.84 0.29 32.72
CA SER A 4 -5.02 -0.16 33.83
C SER A 4 -3.57 0.20 33.50
N HIS A 5 -3.20 -0.02 32.24
CA HIS A 5 -1.95 0.48 31.71
C HIS A 5 -2.23 1.88 31.24
N HIS A 6 -1.90 2.82 32.10
CA HIS A 6 -2.26 4.22 31.95
C HIS A 6 -1.56 4.89 30.78
N HIS A 7 -0.33 4.52 30.56
CA HIS A 7 0.48 5.15 29.55
C HIS A 7 1.41 4.11 28.93
N HIS A 8 1.04 3.61 27.77
CA HIS A 8 1.87 2.61 27.08
C HIS A 8 1.67 2.75 25.57
N HIS A 9 0.49 2.37 25.09
CA HIS A 9 0.17 2.54 23.68
C HIS A 9 -1.29 2.93 23.59
N HIS A 10 -1.53 4.12 24.11
CA HIS A 10 -2.81 4.81 24.18
C HIS A 10 -2.56 5.94 25.15
N SER A 11 -2.84 7.17 24.71
CA SER A 11 -2.59 8.39 25.49
C SER A 11 -1.06 8.51 25.67
N SER A 12 -0.35 8.11 24.63
CA SER A 12 1.08 8.10 24.58
C SER A 12 1.65 9.52 24.55
N GLY A 13 0.82 10.47 24.15
CA GLY A 13 1.22 11.85 24.14
C GLY A 13 1.21 12.41 22.76
N LEU A 14 2.42 12.52 22.17
CA LEU A 14 2.62 13.04 20.82
C LEU A 14 2.12 14.48 20.73
N VAL A 15 2.30 15.21 21.83
CA VAL A 15 1.82 16.61 21.96
C VAL A 15 2.28 17.53 20.79
N PRO A 16 3.57 17.52 20.34
CA PRO A 16 3.96 18.28 19.14
C PRO A 16 3.26 17.73 17.89
N ARG A 17 2.18 18.37 17.52
CA ARG A 17 1.39 17.99 16.36
C ARG A 17 1.77 18.89 15.19
N GLY A 18 2.35 20.03 15.53
CA GLY A 18 2.74 21.04 14.56
C GLY A 18 1.55 21.54 13.80
N SER A 19 1.73 21.70 12.54
CA SER A 19 0.64 22.01 11.67
C SER A 19 0.32 20.72 10.96
N HIS A 20 -0.88 20.23 11.12
CA HIS A 20 -1.25 18.97 10.53
C HIS A 20 -1.60 19.18 9.07
N MET A 21 -0.60 19.10 8.26
CA MET A 21 -0.71 19.26 6.85
C MET A 21 -0.46 17.93 6.18
N VAL A 22 -0.82 17.83 4.94
CA VAL A 22 -0.72 16.59 4.23
C VAL A 22 0.69 16.30 3.74
N LYS A 23 1.26 15.32 4.37
CA LYS A 23 2.58 14.80 4.13
C LYS A 23 2.44 13.35 3.69
N TYR A 24 3.42 12.82 3.00
CA TYR A 24 3.30 11.46 2.46
C TYR A 24 4.16 10.46 3.19
N PHE A 25 3.57 9.31 3.43
CA PHE A 25 4.21 8.23 4.14
C PHE A 25 4.16 6.95 3.36
N VAL A 26 5.15 6.14 3.59
CA VAL A 26 5.25 4.80 3.07
C VAL A 26 4.45 3.91 3.99
N PHE A 27 3.52 3.16 3.45
CA PHE A 27 2.66 2.33 4.24
C PHE A 27 3.12 0.88 4.28
N LYS A 28 3.22 0.36 5.49
CA LYS A 28 3.51 -1.02 5.76
C LYS A 28 2.81 -1.36 7.08
N VAL A 29 2.66 -2.61 7.38
CA VAL A 29 2.10 -3.06 8.64
C VAL A 29 3.28 -3.55 9.50
N MET A 30 3.36 -3.11 10.75
CA MET A 30 4.50 -3.48 11.61
C MET A 30 4.23 -4.75 12.40
N ALA A 31 4.74 -5.87 11.87
CA ALA A 31 4.69 -7.20 12.50
C ALA A 31 5.08 -8.25 11.49
N GLU A 32 5.91 -9.17 11.89
CA GLU A 32 6.27 -10.30 11.06
C GLU A 32 5.22 -11.40 11.31
N GLU A 33 4.53 -11.24 12.43
CA GLU A 33 3.44 -12.11 12.89
C GLU A 33 2.08 -11.66 12.34
N ALA A 34 2.04 -10.59 11.54
CA ALA A 34 0.73 -10.08 11.04
C ALA A 34 0.09 -11.00 10.04
N GLY A 35 0.82 -11.96 9.55
CA GLY A 35 0.29 -12.84 8.61
C GLY A 35 0.49 -12.33 7.22
N TYR A 36 1.57 -12.75 6.62
CA TYR A 36 1.84 -12.35 5.28
C TYR A 36 1.21 -13.32 4.36
N ILE A 37 0.74 -12.86 3.24
CA ILE A 37 0.34 -13.79 2.23
C ILE A 37 1.66 -14.21 1.61
N GLU A 38 2.11 -15.39 2.01
CA GLU A 38 3.45 -15.86 1.70
C GLU A 38 3.69 -15.99 0.20
N LYS A 39 2.71 -16.48 -0.51
CA LYS A 39 2.81 -16.62 -1.93
C LYS A 39 1.44 -16.27 -2.52
N LEU A 40 1.38 -16.16 -3.84
CA LEU A 40 0.17 -15.81 -4.59
C LEU A 40 -1.03 -16.70 -4.27
N PRO A 41 -2.16 -16.09 -3.85
CA PRO A 41 -3.41 -16.80 -3.65
C PRO A 41 -4.06 -17.22 -4.99
N ASN A 42 -5.03 -18.11 -4.91
CA ASN A 42 -5.77 -18.63 -6.09
C ASN A 42 -6.32 -17.51 -7.01
N GLY A 43 -5.81 -17.47 -8.23
CA GLY A 43 -6.32 -16.55 -9.23
C GLY A 43 -5.51 -15.26 -9.35
N SER A 44 -4.42 -15.20 -8.65
CA SER A 44 -3.60 -14.01 -8.62
C SER A 44 -2.59 -13.92 -9.78
N PRO A 45 -2.38 -12.70 -10.34
CA PRO A 45 -1.31 -12.43 -11.32
C PRO A 45 0.05 -12.32 -10.60
N THR A 46 1.15 -12.36 -11.37
CA THR A 46 2.52 -12.33 -10.82
C THR A 46 2.79 -11.20 -9.78
N ASP A 47 3.75 -11.49 -8.87
CA ASP A 47 4.13 -10.68 -7.67
C ASP A 47 4.17 -9.17 -7.92
N TRP A 48 4.90 -8.79 -8.92
CA TRP A 48 5.09 -7.39 -9.23
C TRP A 48 3.94 -6.84 -10.07
N LYS A 49 3.34 -7.71 -10.85
CA LYS A 49 2.38 -7.32 -11.83
C LYS A 49 1.01 -7.08 -11.23
N PHE A 50 0.80 -7.50 -9.96
CA PHE A 50 -0.51 -7.38 -9.27
C PHE A 50 -1.18 -6.03 -9.49
N HIS A 51 -0.46 -4.97 -9.29
CA HIS A 51 -1.04 -3.67 -9.54
C HIS A 51 -0.18 -2.85 -10.41
N GLU A 52 0.60 -3.48 -11.24
CA GLU A 52 1.47 -2.76 -12.09
C GLU A 52 0.75 -2.52 -13.41
N GLY A 53 0.26 -1.32 -13.57
CA GLY A 53 -0.40 -0.87 -14.78
C GLY A 53 -1.85 -1.34 -14.96
N ILE A 54 -2.35 -2.26 -14.13
CA ILE A 54 -3.73 -2.77 -14.30
C ILE A 54 -4.43 -2.99 -12.95
N SER A 55 -5.74 -3.07 -13.02
CA SER A 55 -6.56 -3.42 -11.90
C SER A 55 -6.91 -4.91 -12.02
N LEU A 56 -7.30 -5.52 -10.91
CA LEU A 56 -7.49 -6.96 -10.86
C LEU A 56 -8.93 -7.38 -10.78
N ALA A 57 -9.87 -6.47 -11.01
CA ALA A 57 -11.31 -6.85 -10.92
C ALA A 57 -11.67 -7.92 -11.95
N LYS A 58 -11.03 -7.86 -13.07
CA LYS A 58 -11.20 -8.84 -14.12
C LYS A 58 -10.21 -10.02 -13.97
N ASP A 59 -9.04 -9.76 -13.37
CA ASP A 59 -7.95 -10.76 -13.33
C ASP A 59 -7.97 -11.63 -12.08
N PHE A 60 -8.60 -11.15 -11.05
CA PHE A 60 -8.66 -11.85 -9.77
C PHE A 60 -10.11 -12.25 -9.52
N PRO A 61 -10.36 -13.42 -8.88
CA PRO A 61 -11.72 -13.88 -8.57
C PRO A 61 -12.48 -12.93 -7.61
N VAL A 62 -13.62 -12.47 -8.06
CA VAL A 62 -14.44 -11.58 -7.26
C VAL A 62 -15.51 -12.41 -6.59
N GLY A 63 -15.47 -12.44 -5.28
CA GLY A 63 -16.42 -13.23 -4.53
C GLY A 63 -16.02 -14.68 -4.47
N GLY A 64 -14.74 -14.93 -4.65
CA GLY A 64 -14.24 -16.29 -4.61
C GLY A 64 -13.65 -16.65 -3.25
N GLU A 65 -12.83 -17.67 -3.22
CA GLU A 65 -12.17 -18.09 -2.01
C GLU A 65 -10.68 -18.18 -2.23
N VAL A 66 -9.91 -17.58 -1.34
CA VAL A 66 -8.46 -17.64 -1.41
C VAL A 66 -7.93 -17.97 -0.03
N SER A 67 -6.68 -18.32 0.07
CA SER A 67 -6.12 -18.68 1.33
C SER A 67 -4.69 -18.18 1.39
N PHE A 68 -4.25 -17.87 2.59
CA PHE A 68 -2.86 -17.57 2.84
C PHE A 68 -2.12 -18.87 2.72
N SER A 69 -1.26 -18.96 1.74
CA SER A 69 -0.50 -20.14 1.52
C SER A 69 0.46 -20.36 2.69
N LYS A 70 0.51 -21.58 3.20
CA LYS A 70 1.34 -21.88 4.34
C LYS A 70 2.79 -22.24 3.93
N ASN A 71 3.43 -21.31 3.25
CA ASN A 71 4.83 -21.47 2.83
C ASN A 71 5.73 -21.25 4.03
N TYR A 72 5.24 -20.44 4.91
CA TYR A 72 5.83 -20.23 6.18
C TYR A 72 4.82 -20.77 7.18
N PRO A 73 5.13 -21.96 7.78
CA PRO A 73 4.18 -22.71 8.63
C PRO A 73 3.48 -21.88 9.72
N ASP A 74 4.20 -21.44 10.73
CA ASP A 74 3.56 -20.68 11.77
C ASP A 74 3.66 -19.20 11.54
N ASN A 75 2.59 -18.64 11.09
CA ASN A 75 2.41 -17.23 10.97
C ASN A 75 0.98 -17.03 11.43
N ARG A 76 0.63 -15.86 11.91
CA ARG A 76 -0.69 -15.65 12.52
C ARG A 76 -1.82 -15.46 11.48
N ASN A 77 -2.94 -14.98 11.98
CA ASN A 77 -4.18 -14.78 11.26
C ASN A 77 -4.26 -13.35 10.72
N LEU A 78 -5.44 -12.92 10.35
CA LEU A 78 -5.62 -11.61 9.73
C LEU A 78 -5.93 -10.53 10.79
N TYR A 79 -5.28 -9.38 10.64
CA TYR A 79 -5.43 -8.28 11.59
C TYR A 79 -6.42 -7.24 11.04
N ASP A 80 -5.91 -6.10 10.57
CA ASP A 80 -6.75 -5.06 9.98
C ASP A 80 -6.35 -4.88 8.54
N PHE A 81 -5.08 -4.78 8.35
CA PHE A 81 -4.44 -4.70 7.07
C PHE A 81 -3.48 -5.85 6.96
N GLN A 82 -3.57 -6.58 5.89
CA GLN A 82 -2.73 -7.72 5.71
C GLN A 82 -1.64 -7.48 4.71
N PRO A 83 -0.39 -7.53 5.16
CA PRO A 83 0.77 -7.35 4.32
C PRO A 83 1.13 -8.66 3.60
N ASN A 84 2.00 -8.55 2.64
CA ASN A 84 2.47 -9.68 1.86
C ASN A 84 3.73 -9.29 1.13
N ILE A 85 4.26 -10.20 0.36
CA ILE A 85 5.53 -9.97 -0.34
C ILE A 85 5.28 -9.36 -1.74
N MET A 86 4.04 -9.41 -2.17
CA MET A 86 3.68 -9.00 -3.50
C MET A 86 3.15 -7.55 -3.52
N SER A 87 2.82 -7.06 -4.69
CA SER A 87 2.38 -5.67 -4.87
C SER A 87 0.85 -5.56 -4.73
N ASN A 88 0.31 -6.16 -3.71
CA ASN A 88 -1.14 -6.26 -3.51
C ASN A 88 -1.46 -5.99 -2.06
N LEU A 89 -2.58 -5.35 -1.74
CA LEU A 89 -2.86 -5.13 -0.34
C LEU A 89 -4.19 -5.73 0.03
N LEU A 90 -4.27 -6.31 1.20
CA LEU A 90 -5.49 -6.89 1.67
C LEU A 90 -5.97 -6.09 2.87
N VAL A 91 -7.20 -5.64 2.82
CA VAL A 91 -7.75 -4.79 3.85
C VAL A 91 -9.06 -5.37 4.37
N SER A 92 -9.29 -5.26 5.66
CA SER A 92 -10.54 -5.71 6.26
C SER A 92 -11.66 -4.76 5.89
N GLY A 93 -12.90 -5.19 6.08
CA GLY A 93 -14.04 -4.35 5.79
C GLY A 93 -14.16 -3.25 6.81
N ARG A 94 -13.51 -3.43 7.94
CA ARG A 94 -13.46 -2.46 9.03
C ARG A 94 -12.73 -1.24 8.50
N ALA A 95 -11.50 -1.50 8.09
CA ALA A 95 -10.59 -0.50 7.64
C ALA A 95 -10.99 0.02 6.27
N ARG A 96 -11.72 -0.80 5.53
CA ARG A 96 -12.28 -0.41 4.25
C ARG A 96 -13.15 0.81 4.42
N LYS A 97 -14.05 0.78 5.43
CA LYS A 97 -14.97 1.87 5.67
C LYS A 97 -14.19 3.13 6.00
N LEU A 98 -13.10 2.98 6.76
CA LEU A 98 -12.19 4.12 7.08
C LEU A 98 -11.67 4.77 5.78
N ILE A 99 -11.11 3.95 4.91
CA ILE A 99 -10.54 4.39 3.63
C ILE A 99 -11.62 5.05 2.73
N GLU A 100 -12.80 4.45 2.71
CA GLU A 100 -13.95 5.00 1.95
C GLU A 100 -14.35 6.37 2.48
N SER A 101 -14.35 6.50 3.81
CA SER A 101 -14.76 7.74 4.47
C SER A 101 -13.83 8.91 4.13
N LEU A 102 -12.58 8.59 3.88
CA LEU A 102 -11.59 9.59 3.54
C LEU A 102 -11.60 9.91 2.06
N GLY A 103 -12.34 9.13 1.30
CA GLY A 103 -12.46 9.38 -0.12
C GLY A 103 -11.20 9.06 -0.87
N VAL A 104 -10.61 7.93 -0.58
CA VAL A 104 -9.42 7.52 -1.27
C VAL A 104 -9.79 6.98 -2.64
N THR A 105 -9.62 7.80 -3.61
CA THR A 105 -9.89 7.47 -4.97
C THR A 105 -8.76 6.58 -5.50
N ASN A 106 -9.07 5.78 -6.54
CA ASN A 106 -8.15 4.83 -7.21
C ASN A 106 -8.05 3.54 -6.43
N ALA A 107 -8.95 3.36 -5.50
CA ALA A 107 -8.99 2.16 -4.71
C ALA A 107 -10.19 1.30 -5.14
N GLU A 108 -9.93 0.08 -5.53
CA GLU A 108 -10.98 -0.88 -5.85
C GLU A 108 -10.91 -2.03 -4.86
N TRP A 109 -12.06 -2.56 -4.49
CA TRP A 109 -12.17 -3.56 -3.45
C TRP A 109 -12.66 -4.88 -4.03
N LEU A 110 -11.89 -5.92 -3.86
CA LEU A 110 -12.30 -7.25 -4.30
C LEU A 110 -12.48 -8.17 -3.10
N PRO A 111 -13.73 -8.37 -2.64
CA PRO A 111 -14.02 -9.21 -1.50
C PRO A 111 -14.05 -10.69 -1.85
N VAL A 112 -13.48 -11.47 -0.97
CA VAL A 112 -13.39 -12.91 -1.09
C VAL A 112 -13.49 -13.53 0.31
N ALA A 113 -13.55 -14.83 0.39
CA ALA A 113 -13.52 -15.51 1.66
C ALA A 113 -12.12 -16.06 1.83
N ILE A 114 -11.43 -15.59 2.81
CA ILE A 114 -10.04 -15.90 2.96
C ILE A 114 -9.77 -16.80 4.17
N LYS A 115 -8.96 -17.81 3.93
CA LYS A 115 -8.49 -18.69 4.96
C LYS A 115 -7.08 -18.20 5.34
N ASP A 116 -6.70 -18.36 6.57
CA ASP A 116 -5.39 -17.91 7.06
C ASP A 116 -4.36 -19.05 6.94
N HIS A 117 -3.25 -18.93 7.69
CA HIS A 117 -2.16 -19.94 7.70
C HIS A 117 -2.60 -21.23 8.40
N GLN A 118 -3.63 -21.13 9.21
CA GLN A 118 -4.15 -22.28 9.92
C GLN A 118 -5.21 -22.96 9.06
N GLY A 119 -5.73 -22.20 8.11
CA GLY A 119 -6.69 -22.72 7.15
C GLY A 119 -8.10 -22.42 7.57
N LYS A 120 -8.26 -21.55 8.53
CA LYS A 120 -9.56 -21.20 9.04
C LYS A 120 -10.00 -19.91 8.38
N VAL A 121 -11.26 -19.84 8.01
CA VAL A 121 -11.79 -18.67 7.35
C VAL A 121 -12.00 -17.56 8.35
N VAL A 122 -10.99 -16.75 8.51
CA VAL A 122 -11.06 -15.62 9.40
C VAL A 122 -10.93 -14.32 8.63
N GLY A 123 -11.05 -14.42 7.32
CA GLY A 123 -11.09 -13.24 6.48
C GLY A 123 -12.35 -13.21 5.61
N PRO A 124 -13.56 -13.09 6.22
CA PRO A 124 -14.81 -13.10 5.46
C PRO A 124 -15.19 -11.71 4.92
N ASP A 125 -14.69 -10.68 5.55
CA ASP A 125 -15.05 -9.30 5.23
C ASP A 125 -13.90 -8.56 4.57
N TYR A 126 -12.83 -9.28 4.32
CA TYR A 126 -11.64 -8.68 3.78
C TYR A 126 -11.70 -8.59 2.27
N ALA A 127 -11.22 -7.50 1.77
CA ALA A 127 -11.22 -7.22 0.39
C ALA A 127 -9.83 -6.81 -0.04
N PHE A 128 -9.44 -7.24 -1.19
CA PHE A 128 -8.16 -6.87 -1.72
C PHE A 128 -8.25 -5.49 -2.32
N LEU A 129 -7.35 -4.64 -1.89
CA LEU A 129 -7.32 -3.28 -2.29
C LEU A 129 -6.39 -3.16 -3.48
N ASN A 130 -6.96 -2.61 -4.52
CA ASN A 130 -6.31 -2.36 -5.78
C ASN A 130 -6.02 -0.90 -5.88
N LEU A 131 -4.79 -0.56 -6.19
CA LEU A 131 -4.44 0.82 -6.47
C LEU A 131 -4.37 1.00 -7.97
N LEU A 132 -5.28 1.80 -8.45
CA LEU A 132 -5.45 2.07 -9.86
C LEU A 132 -4.71 3.33 -10.24
N GLY A 133 -4.62 3.57 -11.54
CA GLY A 133 -3.97 4.76 -12.04
C GLY A 133 -2.47 4.69 -11.87
N ALA A 134 -1.96 3.50 -11.75
CA ALA A 134 -0.56 3.32 -11.55
C ALA A 134 0.15 3.26 -12.88
N GLU A 135 1.19 4.02 -12.98
CA GLU A 135 2.00 4.06 -14.17
C GLU A 135 3.43 4.26 -13.74
N ASP A 136 4.38 4.11 -14.68
CA ASP A 136 5.83 4.26 -14.38
C ASP A 136 6.07 5.64 -13.81
N ALA A 137 6.29 5.70 -12.53
CA ALA A 137 6.28 6.96 -11.85
C ALA A 137 7.50 7.25 -11.02
N ILE A 138 8.12 6.23 -10.41
CA ILE A 138 9.22 6.47 -9.47
C ILE A 138 10.38 7.20 -10.12
N ASP A 139 10.67 8.37 -9.58
CA ASP A 139 11.74 9.24 -10.04
C ASP A 139 13.06 8.54 -9.77
N MET A 140 13.90 8.43 -10.76
CA MET A 140 15.14 7.67 -10.61
C MET A 140 16.34 8.58 -10.59
N GLU A 141 16.18 9.73 -11.21
CA GLU A 141 17.25 10.66 -11.37
C GLU A 141 17.37 11.65 -10.23
N ARG A 142 16.27 11.95 -9.59
CA ARG A 142 16.27 12.84 -8.44
C ARG A 142 16.31 12.04 -7.15
N SER A 143 16.10 10.77 -7.25
CA SER A 143 16.13 9.91 -6.10
C SER A 143 17.42 9.11 -6.07
N GLU A 144 17.87 8.79 -4.90
CA GLU A 144 19.07 8.05 -4.69
C GLU A 144 18.71 6.72 -4.06
N TYR A 145 18.76 5.69 -4.85
CA TYR A 145 18.44 4.36 -4.38
C TYR A 145 19.14 3.29 -5.20
N GLU A 146 19.39 2.19 -4.55
CA GLU A 146 19.99 1.05 -5.16
C GLU A 146 18.97 -0.04 -5.28
N MET A 147 19.00 -0.68 -6.39
CA MET A 147 18.08 -1.71 -6.74
C MET A 147 18.69 -3.07 -6.50
N ASP A 148 17.82 -4.03 -6.28
CA ASP A 148 18.14 -5.46 -6.12
C ASP A 148 18.50 -5.84 -4.71
N SER A 149 17.50 -5.99 -3.89
CA SER A 149 17.70 -6.63 -2.61
C SER A 149 17.16 -8.05 -2.67
N LEU A 150 15.87 -8.18 -3.02
CA LEU A 150 15.23 -9.48 -3.16
C LEU A 150 15.29 -9.91 -4.62
N GLU A 151 14.99 -8.99 -5.49
CA GLU A 151 15.06 -9.17 -6.90
C GLU A 151 15.44 -7.86 -7.54
N LYS A 152 15.73 -7.89 -8.83
CA LYS A 152 16.27 -6.73 -9.59
C LYS A 152 15.42 -5.48 -9.48
N ASP A 153 14.14 -5.65 -9.60
CA ASP A 153 13.21 -4.53 -9.66
C ASP A 153 12.68 -4.19 -8.24
N GLN A 154 13.35 -4.71 -7.24
CA GLN A 154 13.08 -4.45 -5.83
C GLN A 154 14.09 -3.47 -5.29
N ILE A 155 13.62 -2.35 -4.82
CA ILE A 155 14.47 -1.32 -4.29
C ILE A 155 14.76 -1.61 -2.82
N GLY A 156 16.02 -1.58 -2.45
CA GLY A 156 16.38 -1.83 -1.08
C GLY A 156 17.00 -0.65 -0.39
N ASN A 157 18.16 -0.25 -0.85
CA ASN A 157 18.89 0.84 -0.22
C ASN A 157 18.39 2.13 -0.78
N ILE A 158 17.86 2.98 0.06
CA ILE A 158 17.35 4.26 -0.38
C ILE A 158 17.97 5.33 0.51
N ASP A 159 18.56 6.31 -0.11
CA ASP A 159 19.17 7.41 0.63
C ASP A 159 18.37 8.67 0.45
N ALA A 160 17.72 8.78 -0.69
CA ALA A 160 16.90 9.92 -1.01
C ALA A 160 15.75 9.47 -1.85
N LEU A 161 14.57 9.84 -1.50
CA LEU A 161 13.40 9.42 -2.21
C LEU A 161 12.57 10.63 -2.57
N ALA A 162 12.40 10.85 -3.84
CA ALA A 162 11.55 11.89 -4.33
C ALA A 162 10.26 11.24 -4.78
N LEU A 163 9.14 11.89 -4.50
CA LEU A 163 7.80 11.36 -4.78
C LEU A 163 7.58 11.02 -6.25
N ASP A 164 6.81 9.99 -6.47
CA ASP A 164 6.49 9.50 -7.80
C ASP A 164 5.16 10.07 -8.26
N THR A 165 4.73 11.11 -7.57
CA THR A 165 3.56 11.88 -7.91
C THR A 165 3.79 12.69 -9.21
N SER A 166 5.02 12.61 -9.70
CA SER A 166 5.39 13.16 -10.98
C SER A 166 4.58 12.48 -12.11
N ALA A 167 4.29 11.18 -11.99
CA ALA A 167 3.47 10.53 -13.03
C ALA A 167 2.10 10.11 -12.50
N ILE A 168 2.03 9.75 -11.23
CA ILE A 168 0.76 9.36 -10.62
C ILE A 168 0.11 10.61 -10.03
N ARG A 169 -1.22 10.59 -9.90
CA ARG A 169 -1.99 11.68 -9.33
C ARG A 169 -1.45 12.15 -7.99
N PRO A 170 -1.11 13.44 -7.85
CA PRO A 170 -0.70 14.02 -6.56
C PRO A 170 -1.92 14.22 -5.65
N ASP A 171 -3.09 13.98 -6.22
CA ASP A 171 -4.38 14.05 -5.54
C ASP A 171 -4.86 12.66 -5.13
N ALA A 172 -4.02 11.66 -5.33
CA ALA A 172 -4.35 10.33 -4.91
C ALA A 172 -3.95 10.19 -3.45
N LYS A 173 -4.84 9.67 -2.64
CA LYS A 173 -4.56 9.57 -1.22
C LYS A 173 -3.78 8.32 -0.89
N MET A 174 -3.77 7.39 -1.80
CA MET A 174 -3.11 6.13 -1.62
C MET A 174 -2.89 5.56 -2.99
N PHE A 175 -1.68 5.20 -3.27
CA PHE A 175 -1.33 4.64 -4.55
C PHE A 175 -0.13 3.75 -4.39
N ARG A 176 0.14 2.93 -5.37
CA ARG A 176 1.28 2.05 -5.33
C ARG A 176 2.33 2.61 -6.25
N CYS A 177 3.55 2.51 -5.87
CA CYS A 177 4.61 2.99 -6.70
C CYS A 177 5.09 1.83 -7.55
N THR A 178 5.01 1.98 -8.86
CA THR A 178 5.23 0.92 -9.85
C THR A 178 6.55 0.14 -9.75
N LYS A 179 7.65 0.85 -9.60
CA LYS A 179 9.00 0.24 -9.53
C LYS A 179 9.31 -0.36 -8.17
N GLU A 180 8.28 -0.70 -7.43
CA GLU A 180 8.42 -1.32 -6.16
C GLU A 180 7.23 -2.25 -5.94
N ARG A 181 7.41 -3.20 -5.07
CA ARG A 181 6.34 -4.10 -4.67
C ARG A 181 5.62 -3.56 -3.46
N ARG A 182 6.39 -3.22 -2.44
CA ARG A 182 5.85 -2.94 -1.13
C ARG A 182 5.57 -1.45 -0.97
N LEU A 183 6.09 -0.65 -1.87
CA LEU A 183 5.96 0.78 -1.76
C LEU A 183 4.57 1.26 -2.18
N ILE A 184 3.78 1.52 -1.18
CA ILE A 184 2.48 2.09 -1.31
C ILE A 184 2.51 3.38 -0.52
N LEU A 185 2.23 4.48 -1.16
CA LEU A 185 2.26 5.75 -0.49
C LEU A 185 0.87 6.15 -0.08
N ILE A 186 0.76 6.59 1.14
CA ILE A 186 -0.47 7.08 1.68
C ILE A 186 -0.29 8.51 2.12
N ARG A 187 -1.38 9.20 2.22
CA ARG A 187 -1.37 10.53 2.75
C ARG A 187 -1.43 10.50 4.27
N GLU A 188 -1.09 11.62 4.84
CA GLU A 188 -1.10 11.86 6.26
C GLU A 188 -2.47 11.60 6.88
N ASP A 189 -3.52 12.13 6.25
CA ASP A 189 -4.88 11.97 6.77
C ASP A 189 -5.31 10.52 6.79
N VAL A 190 -4.73 9.73 5.90
CA VAL A 190 -5.02 8.31 5.80
C VAL A 190 -4.57 7.57 7.09
N HIS A 191 -3.30 7.72 7.47
CA HIS A 191 -2.82 7.00 8.67
C HIS A 191 -3.34 7.67 9.94
N ALA A 192 -3.63 8.97 9.87
CA ALA A 192 -4.14 9.71 11.02
C ALA A 192 -5.53 9.20 11.39
N ALA A 193 -6.30 8.79 10.38
CA ALA A 193 -7.61 8.23 10.60
C ALA A 193 -7.50 6.87 11.26
N PHE A 194 -6.50 6.10 10.87
CA PHE A 194 -6.29 4.78 11.43
C PHE A 194 -5.86 4.86 12.90
N GLU A 195 -5.02 5.85 13.22
CA GLU A 195 -4.54 6.07 14.59
C GLU A 195 -5.68 6.46 15.51
N GLN A 196 -6.58 7.30 15.04
CA GLN A 196 -7.68 7.76 15.87
C GLN A 196 -8.77 6.69 15.99
N ALA A 197 -8.86 5.80 15.00
CA ALA A 197 -9.81 4.70 15.05
C ALA A 197 -9.28 3.59 15.96
N GLY A 198 -7.96 3.53 16.05
CA GLY A 198 -7.32 2.59 16.93
C GLY A 198 -7.12 1.24 16.30
N LEU A 199 -6.60 1.23 15.10
CA LEU A 199 -6.30 -0.03 14.41
C LEU A 199 -4.94 -0.54 14.90
N THR A 200 -4.63 -1.83 14.62
CA THR A 200 -3.44 -2.52 15.19
C THR A 200 -2.08 -1.77 15.16
N GLY A 201 -1.33 -1.90 14.10
CA GLY A 201 -0.04 -1.27 14.07
C GLY A 201 0.49 -1.11 12.69
N PHE A 202 0.84 0.09 12.33
CA PHE A 202 1.31 0.37 11.01
C PHE A 202 2.68 0.93 11.07
N LYS A 203 3.46 0.60 10.11
CA LYS A 203 4.80 1.04 10.02
C LYS A 203 4.80 2.09 8.96
N VAL A 204 5.21 3.27 9.29
CA VAL A 204 5.19 4.36 8.33
C VAL A 204 6.54 5.02 8.24
N TYR A 205 7.00 5.17 7.03
CA TYR A 205 8.25 5.85 6.80
C TYR A 205 7.98 7.16 6.10
N GLU A 206 8.72 8.20 6.48
CA GLU A 206 8.59 9.52 5.86
C GLU A 206 9.01 9.38 4.40
N ALA A 207 8.04 9.41 3.49
CA ALA A 207 8.28 9.15 2.07
C ALA A 207 9.07 10.26 1.43
N GLU A 208 8.77 11.46 1.86
CA GLU A 208 9.43 12.62 1.33
C GLU A 208 10.82 12.75 1.95
N GLY A 209 11.78 12.12 1.30
CA GLY A 209 13.14 12.10 1.79
C GLY A 209 13.41 10.87 2.60
N TRP A 210 12.81 9.76 2.20
CA TRP A 210 12.96 8.47 2.87
C TRP A 210 14.41 7.96 2.81
N ASP A 211 15.12 8.17 3.89
CA ASP A 211 16.51 7.77 4.03
C ASP A 211 16.68 6.52 4.92
N GLY A 212 17.43 5.55 4.41
CA GLY A 212 17.99 4.40 5.17
C GLY A 212 17.05 3.32 5.73
N LEU A 213 15.81 3.65 6.00
CA LEU A 213 14.90 2.71 6.62
C LEU A 213 14.40 1.67 5.63
N GLU A 214 14.27 0.45 6.08
CA GLU A 214 13.88 -0.65 5.23
C GLU A 214 12.38 -0.85 5.29
N LEU A 215 11.77 -0.94 4.14
CA LEU A 215 10.37 -1.21 4.01
C LEU A 215 10.14 -2.71 4.13
N MET A 1 -18.18 3.48 15.43
CA MET A 1 -17.61 4.74 14.97
C MET A 1 -18.66 5.85 15.07
N GLY A 2 -19.76 5.70 14.33
CA GLY A 2 -20.82 6.69 14.39
C GLY A 2 -21.55 6.78 13.07
N SER A 3 -22.05 7.94 12.75
CA SER A 3 -22.79 8.17 11.52
C SER A 3 -21.84 8.63 10.38
N SER A 4 -20.56 8.42 10.60
CA SER A 4 -19.51 8.83 9.72
C SER A 4 -19.55 8.09 8.35
N HIS A 5 -20.15 6.90 8.35
CA HIS A 5 -20.21 6.05 7.13
C HIS A 5 -21.24 6.51 6.07
N HIS A 6 -21.34 7.80 5.89
CA HIS A 6 -22.13 8.37 4.81
C HIS A 6 -21.13 8.80 3.76
N HIS A 7 -21.22 8.23 2.59
CA HIS A 7 -20.17 8.46 1.61
C HIS A 7 -20.48 9.53 0.62
N HIS A 8 -20.42 10.72 1.15
CA HIS A 8 -20.60 12.00 0.49
C HIS A 8 -20.06 13.02 1.42
N HIS A 9 -19.49 14.06 0.91
CA HIS A 9 -18.94 15.10 1.74
C HIS A 9 -19.27 16.41 1.14
N HIS A 10 -19.73 17.33 1.95
CA HIS A 10 -20.07 18.64 1.45
C HIS A 10 -18.81 19.48 1.33
N SER A 11 -18.10 19.27 0.23
CA SER A 11 -16.86 19.93 -0.15
C SER A 11 -15.65 19.41 0.67
N SER A 12 -15.75 19.51 2.01
CA SER A 12 -14.69 19.23 2.98
C SER A 12 -13.45 20.10 2.75
N GLY A 13 -13.37 21.18 3.52
CA GLY A 13 -12.32 22.16 3.38
C GLY A 13 -10.93 21.58 3.59
N LEU A 14 -10.09 21.79 2.62
CA LEU A 14 -8.72 21.32 2.67
C LEU A 14 -7.82 22.51 2.96
N VAL A 15 -6.70 22.25 3.58
CA VAL A 15 -5.73 23.29 3.90
C VAL A 15 -4.36 22.91 3.36
N PRO A 16 -4.01 23.36 2.13
CA PRO A 16 -2.66 23.18 1.57
C PRO A 16 -1.73 24.35 1.97
N ARG A 17 -2.35 25.46 2.33
CA ARG A 17 -1.65 26.66 2.70
C ARG A 17 -1.98 27.00 4.15
N GLY A 18 -0.96 27.04 4.97
CA GLY A 18 -1.14 27.38 6.36
C GLY A 18 -0.10 26.69 7.18
N SER A 19 -0.51 25.71 7.93
CA SER A 19 0.40 24.94 8.73
C SER A 19 0.21 23.46 8.42
N HIS A 20 -0.36 23.18 7.28
CA HIS A 20 -0.63 21.83 6.87
C HIS A 20 -0.13 21.63 5.47
N MET A 21 0.76 20.71 5.32
CA MET A 21 1.25 20.31 4.02
C MET A 21 0.80 18.89 3.79
N VAL A 22 0.80 18.46 2.56
CA VAL A 22 0.39 17.11 2.25
C VAL A 22 1.63 16.23 2.29
N LYS A 23 1.65 15.31 3.21
CA LYS A 23 2.80 14.48 3.40
C LYS A 23 2.46 13.03 3.15
N TYR A 24 3.39 12.32 2.62
CA TYR A 24 3.17 10.96 2.18
C TYR A 24 3.97 9.99 3.01
N PHE A 25 3.32 8.97 3.46
CA PHE A 25 4.00 7.94 4.22
C PHE A 25 3.94 6.65 3.50
N VAL A 26 5.03 5.91 3.58
CA VAL A 26 5.09 4.59 3.02
C VAL A 26 4.38 3.68 4.00
N PHE A 27 3.37 3.02 3.52
CA PHE A 27 2.50 2.24 4.36
C PHE A 27 2.88 0.75 4.40
N LYS A 28 2.98 0.25 5.61
CA LYS A 28 3.12 -1.14 5.92
C LYS A 28 2.47 -1.36 7.28
N VAL A 29 2.03 -2.54 7.54
CA VAL A 29 1.41 -2.90 8.79
C VAL A 29 2.53 -3.33 9.75
N MET A 30 2.36 -3.04 11.01
CA MET A 30 3.40 -3.34 11.99
C MET A 30 3.29 -4.77 12.47
N ALA A 31 4.48 -5.40 12.66
CA ALA A 31 4.69 -6.78 13.12
C ALA A 31 4.71 -7.78 11.97
N GLU A 32 5.75 -8.58 11.95
CA GLU A 32 5.96 -9.60 10.95
C GLU A 32 4.98 -10.75 11.20
N GLU A 33 4.59 -10.89 12.45
CA GLU A 33 3.65 -11.88 12.90
C GLU A 33 2.20 -11.45 12.65
N ALA A 34 1.98 -10.26 12.10
CA ALA A 34 0.63 -9.71 11.91
C ALA A 34 -0.14 -10.32 10.74
N GLY A 35 0.36 -11.39 10.19
CA GLY A 35 -0.35 -12.05 9.14
C GLY A 35 0.10 -11.64 7.76
N TYR A 36 1.33 -11.98 7.44
CA TYR A 36 1.86 -11.76 6.10
C TYR A 36 1.37 -12.83 5.17
N ILE A 37 1.10 -12.44 3.97
CA ILE A 37 0.82 -13.40 2.93
C ILE A 37 2.18 -13.69 2.32
N GLU A 38 2.70 -14.84 2.66
CA GLU A 38 4.04 -15.24 2.29
C GLU A 38 4.24 -15.33 0.77
N LYS A 39 3.42 -16.13 0.15
CA LYS A 39 3.51 -16.44 -1.25
C LYS A 39 2.23 -15.94 -1.90
N LEU A 40 2.12 -16.07 -3.21
CA LEU A 40 0.98 -15.56 -3.95
C LEU A 40 -0.29 -16.35 -3.68
N PRO A 41 -1.42 -15.67 -3.39
CA PRO A 41 -2.70 -16.33 -3.24
C PRO A 41 -3.30 -16.78 -4.60
N ASN A 42 -4.31 -17.62 -4.53
CA ASN A 42 -5.04 -18.16 -5.69
C ASN A 42 -5.53 -17.06 -6.65
N GLY A 43 -5.15 -17.17 -7.91
CA GLY A 43 -5.63 -16.27 -8.95
C GLY A 43 -4.91 -14.94 -9.00
N SER A 44 -3.81 -14.84 -8.31
CA SER A 44 -3.04 -13.62 -8.28
C SER A 44 -2.07 -13.52 -9.48
N PRO A 45 -1.94 -12.30 -10.08
CA PRO A 45 -0.93 -12.01 -11.11
C PRO A 45 0.50 -12.06 -10.50
N THR A 46 1.51 -12.10 -11.38
CA THR A 46 2.91 -12.17 -10.96
C THR A 46 3.31 -11.02 -10.00
N ASP A 47 4.28 -11.33 -9.15
CA ASP A 47 4.77 -10.49 -8.03
C ASP A 47 4.91 -9.01 -8.36
N TRP A 48 5.71 -8.71 -9.35
CA TRP A 48 5.98 -7.32 -9.70
C TRP A 48 4.85 -6.71 -10.52
N LYS A 49 4.18 -7.56 -11.29
CA LYS A 49 3.16 -7.11 -12.22
C LYS A 49 1.84 -6.81 -11.51
N PHE A 50 1.73 -7.23 -10.22
CA PHE A 50 0.53 -6.99 -9.39
C PHE A 50 0.01 -5.57 -9.52
N HIS A 51 0.89 -4.60 -9.48
CA HIS A 51 0.45 -3.23 -9.60
C HIS A 51 1.20 -2.48 -10.63
N GLU A 52 1.80 -3.19 -11.54
CA GLU A 52 2.60 -2.54 -12.51
C GLU A 52 1.68 -2.26 -13.71
N GLY A 53 1.24 -1.01 -13.80
CA GLY A 53 0.44 -0.50 -14.90
C GLY A 53 -1.01 -1.02 -15.03
N ILE A 54 -1.43 -1.99 -14.21
CA ILE A 54 -2.75 -2.61 -14.42
C ILE A 54 -3.72 -2.56 -13.24
N SER A 55 -4.98 -2.82 -13.56
CA SER A 55 -6.02 -3.04 -12.61
C SER A 55 -6.18 -4.54 -12.49
N LEU A 56 -6.44 -5.01 -11.31
CA LEU A 56 -6.47 -6.44 -11.06
C LEU A 56 -7.87 -6.97 -11.05
N ALA A 57 -8.84 -6.09 -11.17
CA ALA A 57 -10.25 -6.49 -11.11
C ALA A 57 -10.63 -7.40 -12.28
N LYS A 58 -9.86 -7.33 -13.34
CA LYS A 58 -10.08 -8.15 -14.52
C LYS A 58 -9.39 -9.53 -14.44
N ASP A 59 -8.36 -9.67 -13.60
CA ASP A 59 -7.60 -10.94 -13.57
C ASP A 59 -7.68 -11.68 -12.25
N PHE A 60 -7.98 -10.96 -11.21
CA PHE A 60 -8.03 -11.51 -9.88
C PHE A 60 -9.47 -11.91 -9.59
N PRO A 61 -9.71 -13.07 -8.96
CA PRO A 61 -11.06 -13.55 -8.66
C PRO A 61 -11.83 -12.62 -7.72
N VAL A 62 -12.97 -12.17 -8.16
CA VAL A 62 -13.80 -11.33 -7.34
C VAL A 62 -14.89 -12.21 -6.76
N GLY A 63 -14.79 -12.48 -5.49
CA GLY A 63 -15.71 -13.40 -4.87
C GLY A 63 -15.20 -14.82 -4.92
N GLY A 64 -13.90 -14.95 -5.04
CA GLY A 64 -13.29 -16.26 -5.06
C GLY A 64 -12.77 -16.67 -3.70
N GLU A 65 -11.83 -17.58 -3.67
CA GLU A 65 -11.23 -18.02 -2.43
C GLU A 65 -9.73 -17.97 -2.56
N VAL A 66 -9.07 -17.41 -1.58
CA VAL A 66 -7.62 -17.39 -1.55
C VAL A 66 -7.17 -17.83 -0.17
N SER A 67 -5.90 -18.07 0.03
CA SER A 67 -5.40 -18.51 1.30
C SER A 67 -4.03 -17.94 1.59
N PHE A 68 -3.73 -17.79 2.86
CA PHE A 68 -2.41 -17.43 3.32
C PHE A 68 -1.54 -18.65 3.23
N SER A 69 -0.65 -18.65 2.27
CA SER A 69 0.30 -19.70 2.07
C SER A 69 1.18 -19.87 3.31
N LYS A 70 1.32 -21.07 3.80
CA LYS A 70 2.13 -21.30 4.96
C LYS A 70 3.63 -21.51 4.65
N ASN A 71 4.32 -20.45 4.23
CA ASN A 71 5.78 -20.56 4.08
C ASN A 71 6.37 -20.42 5.47
N TYR A 72 5.75 -19.53 6.23
CA TYR A 72 6.03 -19.35 7.62
C TYR A 72 4.70 -19.65 8.34
N PRO A 73 4.49 -20.93 8.74
CA PRO A 73 3.24 -21.39 9.36
C PRO A 73 2.95 -20.76 10.73
N ASP A 74 3.99 -20.23 11.38
CA ASP A 74 3.83 -19.61 12.70
C ASP A 74 3.46 -18.16 12.61
N ASN A 75 3.14 -17.70 11.42
CA ASN A 75 2.67 -16.34 11.26
C ASN A 75 1.24 -16.34 11.79
N ARG A 76 0.86 -15.32 12.51
CA ARG A 76 -0.40 -15.34 13.25
C ARG A 76 -1.62 -15.10 12.35
N ASN A 77 -2.73 -14.81 13.00
CA ASN A 77 -4.00 -14.63 12.34
C ASN A 77 -4.16 -13.22 11.81
N LEU A 78 -5.37 -12.85 11.47
CA LEU A 78 -5.63 -11.59 10.83
C LEU A 78 -5.93 -10.47 11.83
N TYR A 79 -5.59 -9.27 11.41
CA TYR A 79 -5.71 -8.03 12.15
C TYR A 79 -6.59 -7.09 11.28
N ASP A 80 -6.38 -5.78 11.35
CA ASP A 80 -7.21 -4.85 10.55
C ASP A 80 -6.70 -4.77 9.11
N PHE A 81 -5.41 -4.92 8.95
CA PHE A 81 -4.75 -4.89 7.65
C PHE A 81 -3.77 -6.03 7.60
N GLN A 82 -3.56 -6.59 6.43
CA GLN A 82 -2.60 -7.67 6.26
C GLN A 82 -1.56 -7.28 5.26
N PRO A 83 -0.30 -7.26 5.67
CA PRO A 83 0.80 -6.99 4.77
C PRO A 83 1.27 -8.28 4.09
N ASN A 84 2.13 -8.15 3.11
CA ASN A 84 2.67 -9.32 2.45
C ASN A 84 3.98 -9.01 1.83
N ILE A 85 4.55 -10.00 1.21
CA ILE A 85 5.84 -9.86 0.59
C ILE A 85 5.65 -9.34 -0.83
N MET A 86 4.46 -9.55 -1.38
CA MET A 86 4.21 -9.22 -2.75
C MET A 86 3.78 -7.78 -2.95
N SER A 87 2.47 -7.49 -2.94
CA SER A 87 2.02 -6.17 -3.30
C SER A 87 0.52 -5.93 -2.98
N ASN A 88 -0.33 -6.92 -3.22
CA ASN A 88 -1.78 -6.78 -3.00
C ASN A 88 -2.13 -6.64 -1.55
N LEU A 89 -2.69 -5.51 -1.18
CA LEU A 89 -2.92 -5.19 0.21
C LEU A 89 -4.24 -5.75 0.64
N LEU A 90 -4.27 -6.38 1.75
CA LEU A 90 -5.49 -6.95 2.21
C LEU A 90 -6.05 -6.11 3.35
N VAL A 91 -7.25 -5.63 3.15
CA VAL A 91 -7.90 -4.72 4.08
C VAL A 91 -9.22 -5.32 4.57
N SER A 92 -9.48 -5.21 5.85
CA SER A 92 -10.71 -5.73 6.44
C SER A 92 -11.90 -4.81 6.13
N GLY A 93 -13.10 -5.24 6.49
CA GLY A 93 -14.28 -4.43 6.32
C GLY A 93 -14.31 -3.30 7.32
N ARG A 94 -13.55 -3.45 8.40
CA ARG A 94 -13.39 -2.44 9.42
C ARG A 94 -12.68 -1.25 8.78
N ALA A 95 -11.50 -1.55 8.28
CA ALA A 95 -10.60 -0.59 7.74
C ALA A 95 -11.11 -0.03 6.42
N ARG A 96 -11.87 -0.86 5.68
CA ARG A 96 -12.49 -0.43 4.44
C ARG A 96 -13.40 0.77 4.70
N LYS A 97 -14.17 0.70 5.78
CA LYS A 97 -15.08 1.78 6.14
C LYS A 97 -14.36 3.04 6.55
N LEU A 98 -13.16 2.90 7.09
CA LEU A 98 -12.33 4.09 7.37
C LEU A 98 -11.90 4.74 6.06
N ILE A 99 -11.29 3.94 5.20
CA ILE A 99 -10.75 4.39 3.90
C ILE A 99 -11.83 5.00 3.00
N GLU A 100 -12.98 4.32 2.89
CA GLU A 100 -14.10 4.84 2.12
C GLU A 100 -14.62 6.16 2.67
N SER A 101 -14.52 6.35 3.98
CA SER A 101 -15.00 7.56 4.62
C SER A 101 -14.03 8.74 4.45
N LEU A 102 -12.81 8.49 3.97
CA LEU A 102 -11.94 9.60 3.58
C LEU A 102 -12.26 10.02 2.16
N GLY A 103 -13.00 9.17 1.46
CA GLY A 103 -13.35 9.46 0.09
C GLY A 103 -12.23 9.07 -0.85
N VAL A 104 -11.51 8.01 -0.49
CA VAL A 104 -10.42 7.55 -1.31
C VAL A 104 -10.95 6.89 -2.57
N THR A 105 -10.90 7.64 -3.62
CA THR A 105 -11.31 7.19 -4.89
C THR A 105 -10.11 6.50 -5.52
N ASN A 106 -10.36 5.48 -6.39
CA ASN A 106 -9.32 4.63 -7.02
C ASN A 106 -8.87 3.54 -6.08
N ALA A 107 -9.56 3.38 -4.99
CA ALA A 107 -9.31 2.30 -4.08
C ALA A 107 -10.18 1.15 -4.52
N GLU A 108 -9.56 0.11 -4.97
CA GLU A 108 -10.27 -1.03 -5.44
C GLU A 108 -10.40 -2.03 -4.33
N TRP A 109 -11.50 -2.72 -4.30
CA TRP A 109 -11.77 -3.68 -3.28
C TRP A 109 -12.11 -4.99 -3.94
N LEU A 110 -11.23 -5.95 -3.85
CA LEU A 110 -11.50 -7.26 -4.39
C LEU A 110 -11.70 -8.25 -3.26
N PRO A 111 -12.97 -8.51 -2.88
CA PRO A 111 -13.29 -9.38 -1.75
C PRO A 111 -13.27 -10.86 -2.11
N VAL A 112 -12.77 -11.65 -1.20
CA VAL A 112 -12.65 -13.08 -1.37
C VAL A 112 -12.81 -13.78 -0.01
N ALA A 113 -12.97 -15.09 -0.05
CA ALA A 113 -13.01 -15.88 1.16
C ALA A 113 -11.60 -16.32 1.43
N ILE A 114 -11.05 -15.90 2.52
CA ILE A 114 -9.66 -16.11 2.76
C ILE A 114 -9.42 -17.05 3.93
N LYS A 115 -8.61 -18.05 3.67
CA LYS A 115 -8.16 -18.96 4.69
C LYS A 115 -6.82 -18.46 5.17
N ASP A 116 -6.53 -18.64 6.42
CA ASP A 116 -5.28 -18.16 7.03
C ASP A 116 -4.14 -19.19 6.79
N HIS A 117 -3.07 -19.11 7.60
CA HIS A 117 -1.92 -19.99 7.48
C HIS A 117 -2.26 -21.41 8.00
N GLN A 118 -3.31 -21.50 8.82
CA GLN A 118 -3.74 -22.77 9.41
C GLN A 118 -4.81 -23.43 8.53
N GLY A 119 -5.44 -22.64 7.70
CA GLY A 119 -6.41 -23.14 6.77
C GLY A 119 -7.84 -22.93 7.24
N LYS A 120 -8.05 -21.97 8.12
CA LYS A 120 -9.39 -21.66 8.59
C LYS A 120 -9.85 -20.36 7.93
N VAL A 121 -11.14 -20.23 7.67
CA VAL A 121 -11.65 -19.03 7.00
C VAL A 121 -11.87 -17.92 8.01
N VAL A 122 -10.86 -17.14 8.21
CA VAL A 122 -10.92 -16.02 9.13
C VAL A 122 -10.80 -14.69 8.41
N GLY A 123 -10.86 -14.71 7.08
CA GLY A 123 -10.78 -13.47 6.34
C GLY A 123 -11.81 -13.28 5.20
N PRO A 124 -13.13 -13.64 5.35
CA PRO A 124 -14.11 -13.45 4.24
C PRO A 124 -14.69 -12.01 4.21
N ASP A 125 -14.24 -11.23 5.17
CA ASP A 125 -14.63 -9.82 5.36
C ASP A 125 -13.59 -8.92 4.71
N TYR A 126 -12.53 -9.53 4.26
CA TYR A 126 -11.37 -8.83 3.78
C TYR A 126 -11.37 -8.75 2.25
N ALA A 127 -10.91 -7.64 1.75
CA ALA A 127 -10.82 -7.36 0.35
C ALA A 127 -9.45 -6.85 0.03
N PHE A 128 -8.95 -7.23 -1.12
CA PHE A 128 -7.67 -6.77 -1.57
C PHE A 128 -7.78 -5.40 -2.21
N LEU A 129 -7.06 -4.47 -1.62
CA LEU A 129 -7.08 -3.10 -2.03
C LEU A 129 -5.97 -2.88 -3.06
N ASN A 130 -6.40 -2.36 -4.18
CA ASN A 130 -5.53 -2.01 -5.29
C ASN A 130 -5.75 -0.56 -5.59
N LEU A 131 -4.72 0.15 -5.93
CA LEU A 131 -4.87 1.56 -6.23
C LEU A 131 -4.82 1.79 -7.71
N LEU A 132 -5.77 2.55 -8.18
CA LEU A 132 -5.79 2.94 -9.55
C LEU A 132 -5.24 4.35 -9.63
N GLY A 133 -5.01 4.82 -10.83
CA GLY A 133 -4.40 6.10 -10.98
C GLY A 133 -2.90 5.96 -10.87
N ALA A 134 -2.44 4.74 -11.01
CA ALA A 134 -1.06 4.44 -10.90
C ALA A 134 -0.46 4.38 -12.27
N GLU A 135 0.63 5.03 -12.41
CA GLU A 135 1.36 5.12 -13.63
C GLU A 135 2.80 5.14 -13.26
N ASP A 136 3.69 5.00 -14.21
CA ASP A 136 5.10 4.89 -13.86
C ASP A 136 5.59 6.23 -13.44
N ALA A 137 5.84 6.34 -12.17
CA ALA A 137 6.07 7.62 -11.62
C ALA A 137 7.27 7.76 -10.73
N ILE A 138 7.87 6.64 -10.32
CA ILE A 138 9.02 6.73 -9.43
C ILE A 138 10.13 7.40 -10.18
N ASP A 139 10.59 8.52 -9.66
CA ASP A 139 11.69 9.22 -10.28
C ASP A 139 12.92 8.35 -10.11
N MET A 140 13.45 7.87 -11.20
CA MET A 140 14.52 6.90 -11.15
C MET A 140 15.88 7.60 -11.26
N GLU A 141 15.82 8.88 -11.53
CA GLU A 141 16.99 9.70 -11.76
C GLU A 141 17.48 10.33 -10.45
N ARG A 142 16.58 10.94 -9.72
CA ARG A 142 16.90 11.66 -8.50
C ARG A 142 16.89 10.76 -7.29
N SER A 143 16.30 9.60 -7.42
CA SER A 143 16.22 8.71 -6.32
C SER A 143 17.34 7.70 -6.36
N GLU A 144 18.32 7.90 -5.51
CA GLU A 144 19.43 6.98 -5.37
C GLU A 144 18.96 5.71 -4.71
N TYR A 145 18.81 4.69 -5.49
CA TYR A 145 18.41 3.41 -4.99
C TYR A 145 18.93 2.32 -5.86
N GLU A 146 18.95 1.15 -5.33
CA GLU A 146 19.42 0.02 -6.01
C GLU A 146 18.34 -1.04 -6.03
N MET A 147 18.07 -1.55 -7.18
CA MET A 147 17.13 -2.61 -7.37
C MET A 147 17.92 -3.89 -7.31
N ASP A 148 17.75 -4.63 -6.23
CA ASP A 148 18.68 -5.74 -5.96
C ASP A 148 18.10 -6.90 -5.17
N SER A 149 17.07 -6.66 -4.37
CA SER A 149 16.66 -7.65 -3.39
C SER A 149 15.99 -8.92 -3.92
N LEU A 150 14.93 -8.80 -4.67
CA LEU A 150 14.24 -10.01 -5.12
C LEU A 150 14.31 -10.17 -6.61
N GLU A 151 14.25 -9.07 -7.30
CA GLU A 151 14.24 -9.04 -8.73
C GLU A 151 14.57 -7.64 -9.14
N LYS A 152 14.50 -7.34 -10.42
CA LYS A 152 14.82 -6.03 -10.93
C LYS A 152 13.83 -5.00 -10.42
N ASP A 153 12.59 -5.38 -10.24
CA ASP A 153 11.57 -4.44 -9.77
C ASP A 153 11.42 -4.46 -8.26
N GLN A 154 12.46 -4.88 -7.57
CA GLN A 154 12.47 -4.83 -6.13
C GLN A 154 13.67 -4.09 -5.61
N ILE A 155 13.39 -2.97 -5.00
CA ILE A 155 14.39 -2.07 -4.50
C ILE A 155 14.83 -2.51 -3.12
N GLY A 156 16.13 -2.53 -2.90
CA GLY A 156 16.64 -2.88 -1.60
C GLY A 156 17.25 -1.68 -0.93
N ASN A 157 18.37 -1.24 -1.43
CA ASN A 157 19.07 -0.10 -0.86
C ASN A 157 18.50 1.18 -1.40
N ILE A 158 18.13 2.06 -0.53
CA ILE A 158 17.60 3.35 -0.90
C ILE A 158 18.38 4.40 -0.13
N ASP A 159 18.92 5.37 -0.81
CA ASP A 159 19.64 6.47 -0.17
C ASP A 159 18.90 7.76 -0.32
N ALA A 160 18.09 7.84 -1.34
CA ALA A 160 17.27 9.00 -1.59
C ALA A 160 16.03 8.56 -2.31
N LEU A 161 14.90 9.08 -1.92
CA LEU A 161 13.65 8.71 -2.54
C LEU A 161 12.90 9.98 -2.86
N ALA A 162 12.83 10.29 -4.12
CA ALA A 162 12.09 11.43 -4.59
C ALA A 162 10.70 10.97 -4.93
N LEU A 163 9.73 11.76 -4.56
CA LEU A 163 8.31 11.46 -4.71
C LEU A 163 7.91 11.11 -6.13
N ASP A 164 7.05 10.13 -6.24
CA ASP A 164 6.51 9.64 -7.49
C ASP A 164 5.26 10.44 -7.86
N THR A 165 5.00 11.46 -7.08
CA THR A 165 3.95 12.43 -7.34
C THR A 165 4.30 13.26 -8.60
N SER A 166 5.51 13.04 -9.09
CA SER A 166 5.99 13.60 -10.30
C SER A 166 5.11 13.15 -11.50
N ALA A 167 4.70 11.88 -11.52
CA ALA A 167 3.81 11.45 -12.61
C ALA A 167 2.42 11.10 -12.08
N ILE A 168 2.34 10.60 -10.85
CA ILE A 168 1.05 10.29 -10.25
C ILE A 168 0.47 11.56 -9.65
N ARG A 169 -0.84 11.68 -9.67
CA ARG A 169 -1.54 12.78 -9.05
C ARG A 169 -1.16 12.95 -7.58
N PRO A 170 -0.57 14.11 -7.19
CA PRO A 170 -0.19 14.38 -5.80
C PRO A 170 -1.43 14.61 -4.91
N ASP A 171 -2.56 14.77 -5.54
CA ASP A 171 -3.81 14.95 -4.84
C ASP A 171 -4.49 13.61 -4.55
N ALA A 172 -3.85 12.52 -4.94
CA ALA A 172 -4.36 11.21 -4.64
C ALA A 172 -4.11 10.92 -3.17
N LYS A 173 -5.15 10.53 -2.47
CA LYS A 173 -5.07 10.31 -1.04
C LYS A 173 -4.38 9.01 -0.68
N MET A 174 -4.36 8.09 -1.60
CA MET A 174 -3.71 6.84 -1.43
C MET A 174 -3.37 6.29 -2.79
N PHE A 175 -2.11 6.05 -3.01
CA PHE A 175 -1.63 5.52 -4.28
C PHE A 175 -0.43 4.66 -4.00
N ARG A 176 0.17 4.10 -5.01
CA ARG A 176 1.34 3.28 -4.83
C ARG A 176 2.20 3.35 -6.07
N CYS A 177 3.41 2.92 -5.93
CA CYS A 177 4.38 2.95 -6.99
C CYS A 177 4.28 1.71 -7.90
N THR A 178 4.67 1.89 -9.16
CA THR A 178 4.70 0.82 -10.14
C THR A 178 5.96 -0.05 -10.07
N LYS A 179 7.14 0.59 -10.06
CA LYS A 179 8.43 -0.14 -10.10
C LYS A 179 8.91 -0.58 -8.71
N GLU A 180 8.09 -0.31 -7.72
CA GLU A 180 8.27 -0.85 -6.43
C GLU A 180 6.87 -1.20 -6.01
N ARG A 181 6.62 -2.45 -6.07
CA ARG A 181 5.31 -3.01 -5.91
C ARG A 181 4.75 -2.87 -4.47
N ARG A 182 5.63 -2.78 -3.48
CA ARG A 182 5.18 -2.78 -2.09
C ARG A 182 4.89 -1.37 -1.62
N LEU A 183 5.68 -0.43 -2.13
CA LEU A 183 5.65 0.96 -1.73
C LEU A 183 4.29 1.61 -2.02
N ILE A 184 3.55 1.81 -0.95
CA ILE A 184 2.26 2.47 -0.99
C ILE A 184 2.41 3.81 -0.30
N LEU A 185 1.95 4.86 -0.92
CA LEU A 185 1.98 6.14 -0.31
C LEU A 185 0.61 6.57 0.10
N ILE A 186 0.47 6.84 1.36
CA ILE A 186 -0.77 7.31 1.90
C ILE A 186 -0.60 8.75 2.35
N ARG A 187 -1.63 9.52 2.16
CA ARG A 187 -1.66 10.88 2.59
C ARG A 187 -1.90 10.93 4.12
N GLU A 188 -1.44 12.01 4.78
CA GLU A 188 -1.58 12.19 6.22
C GLU A 188 -3.02 12.06 6.70
N ASP A 189 -3.91 12.61 5.90
CA ASP A 189 -5.38 12.64 6.13
C ASP A 189 -5.93 11.22 6.38
N VAL A 190 -5.48 10.27 5.56
CA VAL A 190 -5.91 8.88 5.61
C VAL A 190 -5.44 8.19 6.90
N HIS A 191 -4.15 8.33 7.25
CA HIS A 191 -3.69 7.67 8.47
C HIS A 191 -4.23 8.35 9.71
N ALA A 192 -4.56 9.64 9.59
CA ALA A 192 -5.15 10.42 10.69
C ALA A 192 -6.48 9.80 11.13
N ALA A 193 -7.21 9.25 10.16
CA ALA A 193 -8.45 8.54 10.46
C ALA A 193 -8.16 7.21 11.16
N PHE A 194 -7.07 6.56 10.77
CA PHE A 194 -6.67 5.28 11.38
C PHE A 194 -6.22 5.51 12.83
N GLU A 195 -5.56 6.66 13.08
CA GLU A 195 -5.05 7.03 14.40
C GLU A 195 -6.20 7.10 15.40
N GLN A 196 -7.23 7.84 15.02
CA GLN A 196 -8.38 8.09 15.88
C GLN A 196 -9.32 6.88 15.94
N ALA A 197 -9.16 5.96 15.01
CA ALA A 197 -9.94 4.74 15.02
C ALA A 197 -9.34 3.75 16.00
N GLY A 198 -8.04 3.87 16.21
CA GLY A 198 -7.34 3.02 17.12
C GLY A 198 -7.15 1.64 16.54
N LEU A 199 -6.70 1.58 15.30
CA LEU A 199 -6.48 0.32 14.64
C LEU A 199 -5.18 -0.35 15.13
N THR A 200 -5.04 -1.63 14.82
CA THR A 200 -3.96 -2.50 15.30
C THR A 200 -2.52 -1.91 15.29
N GLY A 201 -1.88 -1.83 14.15
CA GLY A 201 -0.53 -1.28 14.13
C GLY A 201 -0.02 -1.06 12.75
N PHE A 202 0.66 0.06 12.55
CA PHE A 202 1.17 0.41 11.23
C PHE A 202 2.56 0.93 11.35
N LYS A 203 3.33 0.79 10.32
CA LYS A 203 4.62 1.39 10.26
C LYS A 203 4.56 2.44 9.19
N VAL A 204 4.86 3.64 9.55
CA VAL A 204 4.86 4.71 8.59
C VAL A 204 6.27 5.22 8.39
N TYR A 205 6.66 5.29 7.16
CA TYR A 205 7.99 5.75 6.83
C TYR A 205 7.88 7.07 6.09
N GLU A 206 8.74 8.00 6.43
CA GLU A 206 8.79 9.29 5.76
C GLU A 206 9.31 9.07 4.34
N ALA A 207 8.43 9.22 3.37
CA ALA A 207 8.74 8.94 1.97
C ALA A 207 9.57 10.02 1.34
N GLU A 208 9.34 11.22 1.77
CA GLU A 208 10.00 12.39 1.23
C GLU A 208 11.47 12.41 1.67
N GLY A 209 12.33 11.85 0.83
CA GLY A 209 13.74 11.75 1.17
C GLY A 209 14.02 10.54 2.02
N TRP A 210 13.29 9.46 1.75
CA TRP A 210 13.39 8.21 2.49
C TRP A 210 14.75 7.50 2.24
N ASP A 211 15.67 7.63 3.19
CA ASP A 211 16.97 6.95 3.12
C ASP A 211 17.05 5.74 4.04
N GLY A 212 17.87 4.77 3.66
CA GLY A 212 18.31 3.65 4.50
C GLY A 212 17.29 2.59 4.89
N LEU A 213 16.04 2.93 4.91
CA LEU A 213 15.05 2.00 5.36
C LEU A 213 14.39 1.26 4.21
N GLU A 214 14.06 0.04 4.48
CA GLU A 214 13.26 -0.77 3.60
C GLU A 214 11.91 -0.89 4.26
N LEU A 215 10.86 -0.67 3.51
CA LEU A 215 9.53 -0.82 4.05
C LEU A 215 9.31 -2.25 4.43
N MET A 1 -12.27 42.25 5.75
CA MET A 1 -11.38 43.35 5.40
C MET A 1 -11.20 44.22 6.63
N GLY A 2 -9.99 44.56 6.95
CA GLY A 2 -9.73 45.38 8.11
C GLY A 2 -8.38 46.01 8.01
N SER A 3 -8.15 46.68 6.89
CA SER A 3 -6.87 47.29 6.53
C SER A 3 -6.36 48.27 7.62
N SER A 4 -7.25 49.07 8.18
CA SER A 4 -6.85 50.01 9.21
C SER A 4 -7.10 49.39 10.60
N HIS A 5 -7.95 48.38 10.65
CA HIS A 5 -8.31 47.72 11.90
C HIS A 5 -7.09 47.01 12.50
N HIS A 6 -6.35 46.28 11.68
CA HIS A 6 -5.17 45.61 12.20
C HIS A 6 -3.93 46.49 11.96
N HIS A 7 -3.50 47.14 13.00
CA HIS A 7 -2.32 47.98 12.96
C HIS A 7 -1.57 47.88 14.25
N HIS A 8 -0.42 47.27 14.19
CA HIS A 8 0.47 47.31 15.35
C HIS A 8 1.29 48.58 15.24
N HIS A 9 1.47 48.99 13.99
CA HIS A 9 2.08 50.27 13.65
C HIS A 9 1.84 50.50 12.16
N HIS A 10 2.62 49.85 11.32
CA HIS A 10 2.47 50.00 9.88
C HIS A 10 2.26 48.63 9.24
N SER A 11 3.35 47.90 9.05
CA SER A 11 3.32 46.61 8.42
C SER A 11 2.84 45.55 9.41
N SER A 12 3.11 45.83 10.68
CA SER A 12 2.68 45.04 11.84
C SER A 12 3.45 43.71 12.01
N GLY A 13 3.62 42.96 10.93
CA GLY A 13 4.31 41.70 11.00
C GLY A 13 3.35 40.59 11.32
N LEU A 14 2.70 40.08 10.30
CA LEU A 14 1.72 39.03 10.47
C LEU A 14 2.30 37.71 10.10
N VAL A 15 2.17 36.76 10.98
CA VAL A 15 2.62 35.42 10.73
C VAL A 15 1.45 34.67 10.08
N PRO A 16 1.61 34.22 8.82
CA PRO A 16 0.54 33.55 8.08
C PRO A 16 0.48 32.04 8.39
N ARG A 17 0.92 31.68 9.61
CA ARG A 17 1.01 30.30 10.13
C ARG A 17 2.09 29.52 9.40
N GLY A 18 1.84 29.22 8.15
CA GLY A 18 2.75 28.49 7.33
C GLY A 18 2.07 28.03 6.09
N SER A 19 2.59 27.00 5.50
CA SER A 19 2.02 26.39 4.35
C SER A 19 1.96 24.89 4.61
N HIS A 20 0.83 24.28 4.38
CA HIS A 20 0.68 22.87 4.69
C HIS A 20 0.28 22.09 3.47
N MET A 21 1.26 21.52 2.81
CA MET A 21 0.98 20.59 1.75
C MET A 21 0.75 19.22 2.37
N VAL A 22 0.07 18.36 1.67
CA VAL A 22 -0.26 17.06 2.18
C VAL A 22 0.93 16.13 2.01
N LYS A 23 1.55 15.76 3.10
CA LYS A 23 2.75 14.97 3.06
C LYS A 23 2.45 13.50 2.83
N TYR A 24 3.42 12.80 2.30
CA TYR A 24 3.25 11.41 1.91
C TYR A 24 4.03 10.50 2.85
N PHE A 25 3.43 9.38 3.15
CA PHE A 25 4.01 8.40 4.02
C PHE A 25 4.11 7.05 3.36
N VAL A 26 5.16 6.35 3.72
CA VAL A 26 5.43 5.00 3.32
C VAL A 26 4.55 4.12 4.16
N PHE A 27 3.69 3.41 3.51
CA PHE A 27 2.75 2.57 4.17
C PHE A 27 3.15 1.13 4.04
N LYS A 28 3.30 0.49 5.15
CA LYS A 28 3.53 -0.90 5.19
C LYS A 28 2.73 -1.45 6.32
N VAL A 29 2.16 -2.56 6.10
CA VAL A 29 1.45 -3.23 7.12
C VAL A 29 2.44 -4.09 7.87
N MET A 30 2.72 -3.73 9.07
CA MET A 30 3.61 -4.51 9.84
C MET A 30 2.83 -5.38 10.76
N ALA A 31 2.68 -6.59 10.34
CA ALA A 31 2.14 -7.61 11.15
C ALA A 31 2.90 -8.86 10.78
N GLU A 32 3.71 -9.32 11.67
CA GLU A 32 4.56 -10.44 11.40
C GLU A 32 3.97 -11.69 12.04
N GLU A 33 3.36 -11.53 13.20
CA GLU A 33 2.70 -12.64 13.90
C GLU A 33 1.39 -12.99 13.22
N ALA A 34 0.83 -12.02 12.51
CA ALA A 34 -0.36 -12.24 11.72
C ALA A 34 0.06 -12.89 10.45
N GLY A 35 1.31 -12.59 10.09
CA GLY A 35 1.96 -13.18 8.99
C GLY A 35 1.65 -12.55 7.68
N TYR A 36 2.56 -12.73 6.80
CA TYR A 36 2.43 -12.26 5.46
C TYR A 36 1.71 -13.32 4.66
N ILE A 37 1.10 -12.92 3.58
CA ILE A 37 0.64 -13.88 2.62
C ILE A 37 1.89 -14.22 1.84
N GLU A 38 2.45 -15.36 2.16
CA GLU A 38 3.72 -15.81 1.63
C GLU A 38 3.76 -15.91 0.11
N LYS A 39 2.75 -16.48 -0.47
CA LYS A 39 2.70 -16.61 -1.89
C LYS A 39 1.39 -16.17 -2.47
N LEU A 40 1.30 -16.19 -3.78
CA LEU A 40 0.16 -15.69 -4.52
C LEU A 40 -1.04 -16.59 -4.35
N PRO A 41 -2.16 -16.07 -3.79
CA PRO A 41 -3.38 -16.83 -3.63
C PRO A 41 -4.03 -17.17 -4.99
N ASN A 42 -4.98 -18.08 -4.94
CA ASN A 42 -5.72 -18.54 -6.12
C ASN A 42 -6.29 -17.39 -6.98
N GLY A 43 -5.82 -17.34 -8.22
CA GLY A 43 -6.32 -16.37 -9.18
C GLY A 43 -5.61 -15.04 -9.13
N SER A 44 -4.51 -14.97 -8.46
CA SER A 44 -3.77 -13.74 -8.36
C SER A 44 -2.79 -13.50 -9.54
N PRO A 45 -2.73 -12.24 -10.05
CA PRO A 45 -1.69 -11.79 -11.01
C PRO A 45 -0.33 -11.67 -10.33
N THR A 46 0.74 -11.53 -11.11
CA THR A 46 2.11 -11.48 -10.61
C THR A 46 2.38 -10.41 -9.49
N ASP A 47 3.35 -10.75 -8.65
CA ASP A 47 3.79 -10.03 -7.41
C ASP A 47 3.81 -8.51 -7.53
N TRP A 48 4.55 -8.05 -8.49
CA TRP A 48 4.76 -6.63 -8.68
C TRP A 48 3.65 -6.01 -9.52
N LYS A 49 2.95 -6.83 -10.28
CA LYS A 49 1.96 -6.37 -11.22
C LYS A 49 0.64 -6.01 -10.54
N PHE A 50 0.41 -6.54 -9.31
CA PHE A 50 -0.83 -6.29 -8.53
C PHE A 50 -1.31 -4.81 -8.49
N HIS A 51 -0.41 -3.85 -8.50
CA HIS A 51 -0.84 -2.44 -8.52
C HIS A 51 -0.14 -1.71 -9.63
N GLU A 52 0.44 -2.45 -10.55
CA GLU A 52 1.24 -1.81 -11.55
C GLU A 52 0.38 -1.54 -12.79
N GLY A 53 -0.04 -0.30 -12.92
CA GLY A 53 -0.75 0.19 -14.08
C GLY A 53 -2.18 -0.34 -14.35
N ILE A 54 -2.66 -1.36 -13.63
CA ILE A 54 -4.00 -1.92 -13.93
C ILE A 54 -4.81 -2.18 -12.67
N SER A 55 -6.06 -2.56 -12.87
CA SER A 55 -6.94 -2.97 -11.83
C SER A 55 -6.94 -4.50 -11.79
N LEU A 56 -7.15 -5.06 -10.61
CA LEU A 56 -7.14 -6.48 -10.44
C LEU A 56 -8.47 -7.10 -10.73
N ALA A 57 -9.46 -6.27 -11.04
CA ALA A 57 -10.82 -6.73 -11.33
C ALA A 57 -10.86 -7.68 -12.53
N LYS A 58 -9.90 -7.55 -13.43
CA LYS A 58 -9.84 -8.39 -14.61
C LYS A 58 -9.06 -9.70 -14.35
N ASP A 59 -8.21 -9.71 -13.32
CA ASP A 59 -7.33 -10.86 -13.11
C ASP A 59 -7.60 -11.64 -11.86
N PHE A 60 -8.21 -11.02 -10.89
CA PHE A 60 -8.42 -11.65 -9.61
C PHE A 60 -9.91 -12.00 -9.45
N PRO A 61 -10.22 -13.21 -8.94
CA PRO A 61 -11.61 -13.65 -8.76
C PRO A 61 -12.37 -12.78 -7.75
N VAL A 62 -13.46 -12.21 -8.18
CA VAL A 62 -14.24 -11.33 -7.35
C VAL A 62 -15.32 -12.13 -6.65
N GLY A 63 -15.25 -12.17 -5.34
CA GLY A 63 -16.23 -12.91 -4.56
C GLY A 63 -15.90 -14.37 -4.46
N GLY A 64 -14.64 -14.71 -4.67
CA GLY A 64 -14.23 -16.10 -4.65
C GLY A 64 -13.60 -16.49 -3.34
N GLU A 65 -12.89 -17.60 -3.33
CA GLU A 65 -12.18 -18.03 -2.14
C GLU A 65 -10.69 -18.04 -2.42
N VAL A 66 -9.92 -17.58 -1.48
CA VAL A 66 -8.48 -17.63 -1.56
C VAL A 66 -7.93 -18.06 -0.20
N SER A 67 -6.67 -18.30 -0.12
CA SER A 67 -6.09 -18.77 1.10
C SER A 67 -4.67 -18.25 1.19
N PHE A 68 -4.15 -18.15 2.41
CA PHE A 68 -2.77 -17.81 2.60
C PHE A 68 -1.94 -19.02 2.27
N SER A 69 -1.30 -19.01 1.14
CA SER A 69 -0.46 -20.08 0.75
C SER A 69 0.90 -19.92 1.43
N LYS A 70 1.23 -20.88 2.25
CA LYS A 70 2.42 -20.83 3.02
C LYS A 70 3.60 -21.34 2.25
N ASN A 71 4.58 -20.49 2.05
CA ASN A 71 5.80 -20.86 1.35
C ASN A 71 6.62 -21.78 2.24
N TYR A 72 6.59 -21.47 3.53
CA TYR A 72 7.26 -22.22 4.57
C TYR A 72 6.94 -21.62 5.98
N PRO A 73 7.05 -20.25 6.20
CA PRO A 73 6.70 -19.64 7.50
C PRO A 73 5.20 -19.71 7.79
N ASP A 74 4.88 -20.07 9.01
CA ASP A 74 3.50 -20.23 9.43
C ASP A 74 3.23 -19.22 10.55
N ASN A 75 1.99 -18.73 10.65
CA ASN A 75 1.62 -17.66 11.61
C ASN A 75 0.15 -17.73 11.98
N ARG A 76 -0.33 -16.70 12.68
CA ARG A 76 -1.70 -16.62 13.17
C ARG A 76 -2.67 -16.13 12.09
N ASN A 77 -3.83 -15.67 12.52
CA ASN A 77 -4.91 -15.19 11.67
C ASN A 77 -4.69 -13.75 11.21
N LEU A 78 -5.75 -13.18 10.63
CA LEU A 78 -5.72 -11.87 10.05
C LEU A 78 -6.04 -10.79 11.07
N TYR A 79 -5.35 -9.65 10.95
CA TYR A 79 -5.67 -8.46 11.69
C TYR A 79 -6.28 -7.48 10.69
N ASP A 80 -6.43 -6.21 11.05
CA ASP A 80 -7.14 -5.22 10.17
C ASP A 80 -6.52 -5.09 8.81
N PHE A 81 -5.24 -5.02 8.79
CA PHE A 81 -4.52 -5.03 7.59
C PHE A 81 -3.59 -6.21 7.58
N GLN A 82 -3.51 -6.86 6.45
CA GLN A 82 -2.62 -7.99 6.29
C GLN A 82 -1.59 -7.71 5.21
N PRO A 83 -0.30 -7.97 5.51
CA PRO A 83 0.77 -7.77 4.55
C PRO A 83 1.05 -9.04 3.75
N ASN A 84 1.99 -8.94 2.83
CA ASN A 84 2.38 -10.05 2.00
C ASN A 84 3.70 -9.79 1.35
N ILE A 85 4.18 -10.75 0.58
CA ILE A 85 5.47 -10.64 -0.09
C ILE A 85 5.25 -10.03 -1.50
N MET A 86 4.01 -9.69 -1.79
CA MET A 86 3.65 -9.19 -3.08
C MET A 86 3.30 -7.70 -3.02
N SER A 87 2.01 -7.36 -3.04
CA SER A 87 1.59 -5.95 -2.99
C SER A 87 0.08 -5.75 -2.87
N ASN A 88 -0.71 -6.78 -3.11
CA ASN A 88 -2.17 -6.70 -2.95
C ASN A 88 -2.50 -6.57 -1.49
N LEU A 89 -3.08 -5.47 -1.14
CA LEU A 89 -3.30 -5.14 0.24
C LEU A 89 -4.56 -5.77 0.73
N LEU A 90 -4.49 -6.41 1.86
CA LEU A 90 -5.64 -7.04 2.39
C LEU A 90 -6.19 -6.21 3.54
N VAL A 91 -7.42 -5.77 3.38
CA VAL A 91 -8.07 -4.84 4.30
C VAL A 91 -9.34 -5.48 4.90
N SER A 92 -9.54 -5.30 6.21
CA SER A 92 -10.72 -5.80 6.92
C SER A 92 -11.98 -5.02 6.55
N GLY A 93 -13.12 -5.49 7.01
CA GLY A 93 -14.37 -4.79 6.79
C GLY A 93 -14.39 -3.50 7.57
N ARG A 94 -13.76 -3.54 8.74
CA ARG A 94 -13.60 -2.37 9.61
C ARG A 94 -12.75 -1.31 8.92
N ALA A 95 -11.55 -1.72 8.52
CA ALA A 95 -10.59 -0.84 7.90
C ALA A 95 -11.08 -0.34 6.55
N ARG A 96 -11.92 -1.15 5.90
CA ARG A 96 -12.55 -0.79 4.65
C ARG A 96 -13.37 0.47 4.83
N LYS A 97 -14.18 0.49 5.87
CA LYS A 97 -15.09 1.58 6.14
C LYS A 97 -14.35 2.90 6.37
N LEU A 98 -13.15 2.81 6.95
CA LEU A 98 -12.29 4.00 7.11
C LEU A 98 -11.94 4.60 5.76
N ILE A 99 -11.42 3.75 4.89
CA ILE A 99 -11.00 4.13 3.55
C ILE A 99 -12.19 4.63 2.70
N GLU A 100 -13.35 4.01 2.90
CA GLU A 100 -14.57 4.42 2.21
C GLU A 100 -15.06 5.79 2.71
N SER A 101 -14.94 6.05 4.00
CA SER A 101 -15.39 7.31 4.58
C SER A 101 -14.50 8.47 4.16
N LEU A 102 -13.24 8.18 3.89
CA LEU A 102 -12.31 9.19 3.40
C LEU A 102 -12.48 9.43 1.90
N GLY A 103 -13.17 8.52 1.22
CA GLY A 103 -13.38 8.66 -0.20
C GLY A 103 -12.07 8.54 -0.94
N VAL A 104 -11.31 7.51 -0.60
CA VAL A 104 -10.01 7.29 -1.21
C VAL A 104 -10.14 6.91 -2.69
N THR A 105 -9.74 7.85 -3.51
CA THR A 105 -9.75 7.74 -4.94
C THR A 105 -8.79 6.63 -5.40
N ASN A 106 -9.25 5.83 -6.36
CA ASN A 106 -8.48 4.76 -7.04
C ASN A 106 -8.28 3.51 -6.20
N ALA A 107 -8.94 3.45 -5.07
CA ALA A 107 -8.87 2.26 -4.25
C ALA A 107 -10.01 1.35 -4.65
N GLU A 108 -9.67 0.22 -5.20
CA GLU A 108 -10.66 -0.75 -5.61
C GLU A 108 -10.71 -1.89 -4.60
N TRP A 109 -11.90 -2.43 -4.41
CA TRP A 109 -12.14 -3.47 -3.42
C TRP A 109 -12.50 -4.77 -4.09
N LEU A 110 -11.72 -5.82 -3.84
CA LEU A 110 -12.08 -7.14 -4.32
C LEU A 110 -12.27 -8.08 -3.12
N PRO A 111 -13.52 -8.28 -2.68
CA PRO A 111 -13.84 -9.12 -1.52
C PRO A 111 -13.82 -10.61 -1.85
N VAL A 112 -13.29 -11.40 -0.94
CA VAL A 112 -13.18 -12.84 -1.09
C VAL A 112 -13.30 -13.51 0.28
N ALA A 113 -13.47 -14.81 0.27
CA ALA A 113 -13.47 -15.59 1.48
C ALA A 113 -12.09 -16.16 1.63
N ILE A 114 -11.42 -15.78 2.68
CA ILE A 114 -10.03 -16.10 2.84
C ILE A 114 -9.79 -17.06 3.99
N LYS A 115 -9.02 -18.08 3.72
CA LYS A 115 -8.56 -19.00 4.73
C LYS A 115 -7.19 -18.47 5.18
N ASP A 116 -6.96 -18.43 6.48
CA ASP A 116 -5.71 -17.88 7.03
C ASP A 116 -4.57 -18.94 6.93
N HIS A 117 -3.51 -18.77 7.71
CA HIS A 117 -2.37 -19.72 7.69
C HIS A 117 -2.79 -21.07 8.29
N GLN A 118 -3.78 -21.05 9.16
CA GLN A 118 -4.28 -22.24 9.85
C GLN A 118 -5.41 -22.88 9.05
N GLY A 119 -6.00 -22.13 8.16
CA GLY A 119 -7.02 -22.68 7.29
C GLY A 119 -8.42 -22.31 7.69
N LYS A 120 -8.57 -21.35 8.57
CA LYS A 120 -9.89 -20.93 8.99
C LYS A 120 -10.28 -19.64 8.29
N VAL A 121 -11.52 -19.56 7.89
CA VAL A 121 -12.01 -18.40 7.18
C VAL A 121 -12.38 -17.31 8.14
N VAL A 122 -11.38 -16.57 8.52
CA VAL A 122 -11.53 -15.44 9.40
C VAL A 122 -11.26 -14.17 8.62
N GLY A 123 -11.30 -14.30 7.31
CA GLY A 123 -11.19 -13.17 6.44
C GLY A 123 -12.29 -13.11 5.35
N PRO A 124 -13.61 -13.34 5.64
CA PRO A 124 -14.67 -13.27 4.61
C PRO A 124 -15.17 -11.83 4.39
N ASP A 125 -14.68 -10.92 5.21
CA ASP A 125 -15.05 -9.50 5.15
C ASP A 125 -13.89 -8.73 4.61
N TYR A 126 -12.85 -9.44 4.33
CA TYR A 126 -11.62 -8.85 3.93
C TYR A 126 -11.56 -8.75 2.43
N ALA A 127 -11.15 -7.62 1.97
CA ALA A 127 -11.10 -7.32 0.58
C ALA A 127 -9.71 -6.91 0.20
N PHE A 128 -9.32 -7.32 -0.96
CA PHE A 128 -8.05 -6.95 -1.50
C PHE A 128 -8.16 -5.62 -2.17
N LEU A 129 -7.51 -4.67 -1.59
CA LEU A 129 -7.52 -3.35 -2.08
C LEU A 129 -6.41 -3.19 -3.08
N ASN A 130 -6.77 -2.65 -4.20
CA ASN A 130 -5.85 -2.39 -5.26
C ASN A 130 -5.89 -0.95 -5.64
N LEU A 131 -4.74 -0.39 -5.92
CA LEU A 131 -4.63 1.01 -6.26
C LEU A 131 -4.43 1.18 -7.72
N LEU A 132 -5.20 2.05 -8.27
CA LEU A 132 -5.13 2.41 -9.66
C LEU A 132 -4.52 3.79 -9.76
N GLY A 133 -4.26 4.21 -10.98
CA GLY A 133 -3.76 5.55 -11.21
C GLY A 133 -2.26 5.64 -11.12
N ALA A 134 -1.61 4.50 -11.13
CA ALA A 134 -0.18 4.49 -11.06
C ALA A 134 0.39 4.32 -12.45
N GLU A 135 1.32 5.18 -12.79
CA GLU A 135 1.94 5.17 -14.10
C GLU A 135 3.39 5.67 -14.03
N ASP A 136 4.34 4.72 -14.21
CA ASP A 136 5.83 4.95 -14.17
C ASP A 136 6.35 5.27 -12.76
N ALA A 137 5.66 6.17 -12.10
CA ALA A 137 5.81 6.53 -10.71
C ALA A 137 7.13 7.18 -10.33
N ILE A 138 8.09 6.35 -9.94
CA ILE A 138 9.35 6.80 -9.34
C ILE A 138 10.07 7.78 -10.24
N ASP A 139 10.39 8.96 -9.71
CA ASP A 139 11.25 9.88 -10.43
C ASP A 139 12.63 9.33 -10.30
N MET A 140 13.04 8.58 -11.29
CA MET A 140 14.27 7.80 -11.24
C MET A 140 15.51 8.69 -11.46
N GLU A 141 15.28 9.95 -11.73
CA GLU A 141 16.32 10.90 -11.97
C GLU A 141 16.87 11.37 -10.64
N ARG A 142 15.97 11.79 -9.78
CA ARG A 142 16.32 12.43 -8.54
C ARG A 142 16.27 11.48 -7.35
N SER A 143 15.96 10.25 -7.61
CA SER A 143 15.92 9.26 -6.58
C SER A 143 17.25 8.52 -6.54
N GLU A 144 17.91 8.61 -5.42
CA GLU A 144 19.18 7.95 -5.22
C GLU A 144 18.93 6.61 -4.55
N TYR A 145 18.95 5.53 -5.32
CA TYR A 145 18.74 4.20 -4.74
C TYR A 145 19.37 3.10 -5.57
N GLU A 146 19.54 1.97 -4.93
CA GLU A 146 20.07 0.76 -5.52
C GLU A 146 19.02 -0.33 -5.45
N MET A 147 18.97 -1.18 -6.45
CA MET A 147 17.98 -2.26 -6.53
C MET A 147 18.54 -3.61 -6.12
N ASP A 148 17.62 -4.48 -5.69
CA ASP A 148 17.83 -5.90 -5.33
C ASP A 148 18.11 -6.18 -3.87
N SER A 149 17.05 -6.33 -3.13
CA SER A 149 17.13 -6.85 -1.76
C SER A 149 16.71 -8.32 -1.75
N LEU A 150 15.72 -8.62 -2.57
CA LEU A 150 15.12 -9.94 -2.65
C LEU A 150 14.95 -10.30 -4.11
N GLU A 151 14.45 -9.33 -4.85
CA GLU A 151 14.21 -9.44 -6.26
C GLU A 151 14.61 -8.13 -6.92
N LYS A 152 14.50 -8.09 -8.23
CA LYS A 152 14.92 -6.91 -9.02
C LYS A 152 14.07 -5.65 -8.76
N ASP A 153 12.80 -5.82 -8.46
CA ASP A 153 11.88 -4.67 -8.24
C ASP A 153 11.76 -4.37 -6.75
N GLN A 154 12.77 -4.77 -6.03
CA GLN A 154 12.86 -4.54 -4.62
C GLN A 154 14.02 -3.62 -4.40
N ILE A 155 13.76 -2.45 -3.93
CA ILE A 155 14.79 -1.48 -3.69
C ILE A 155 15.53 -1.81 -2.39
N GLY A 156 16.83 -1.63 -2.40
CA GLY A 156 17.61 -1.93 -1.26
C GLY A 156 18.09 -0.71 -0.57
N ASN A 157 19.19 -0.19 -1.04
CA ASN A 157 19.81 0.99 -0.47
C ASN A 157 19.13 2.21 -1.00
N ILE A 158 18.59 3.00 -0.12
CA ILE A 158 17.90 4.20 -0.51
C ILE A 158 18.58 5.37 0.17
N ASP A 159 19.26 6.18 -0.60
CA ASP A 159 19.92 7.35 -0.05
C ASP A 159 18.94 8.49 0.00
N ALA A 160 18.19 8.66 -1.08
CA ALA A 160 17.21 9.72 -1.17
C ALA A 160 16.06 9.30 -2.07
N LEU A 161 14.91 9.09 -1.49
CA LEU A 161 13.73 8.72 -2.25
C LEU A 161 13.06 9.99 -2.76
N ALA A 162 12.93 10.09 -4.07
CA ALA A 162 12.24 11.20 -4.67
C ALA A 162 10.81 10.80 -4.89
N LEU A 163 9.89 11.67 -4.48
CA LEU A 163 8.46 11.42 -4.59
C LEU A 163 8.04 11.09 -6.00
N ASP A 164 7.22 10.09 -6.12
CA ASP A 164 6.76 9.56 -7.39
C ASP A 164 5.53 10.29 -7.88
N THR A 165 5.13 11.30 -7.11
CA THR A 165 4.06 12.22 -7.43
C THR A 165 4.44 13.13 -8.62
N SER A 166 5.67 12.98 -9.06
CA SER A 166 6.17 13.59 -10.26
C SER A 166 5.46 12.97 -11.48
N ALA A 167 5.16 11.67 -11.39
CA ALA A 167 4.48 10.99 -12.48
C ALA A 167 3.06 10.58 -12.08
N ILE A 168 2.85 10.27 -10.82
CA ILE A 168 1.52 9.95 -10.33
C ILE A 168 0.86 11.21 -9.82
N ARG A 169 -0.44 11.34 -10.06
CA ARG A 169 -1.24 12.47 -9.59
C ARG A 169 -1.10 12.67 -8.08
N PRO A 170 -0.64 13.86 -7.62
CA PRO A 170 -0.49 14.16 -6.17
C PRO A 170 -1.84 14.27 -5.43
N ASP A 171 -2.92 14.21 -6.21
CA ASP A 171 -4.27 14.24 -5.66
C ASP A 171 -4.70 12.83 -5.28
N ALA A 172 -3.92 11.84 -5.69
CA ALA A 172 -4.22 10.47 -5.35
C ALA A 172 -3.96 10.28 -3.88
N LYS A 173 -5.00 9.90 -3.17
CA LYS A 173 -4.95 9.77 -1.73
C LYS A 173 -4.13 8.57 -1.29
N MET A 174 -4.14 7.55 -2.11
CA MET A 174 -3.43 6.33 -1.83
C MET A 174 -3.09 5.68 -3.15
N PHE A 175 -1.85 5.32 -3.31
CA PHE A 175 -1.35 4.74 -4.54
C PHE A 175 -0.16 3.85 -4.24
N ARG A 176 0.44 3.26 -5.25
CA ARG A 176 1.61 2.43 -5.06
C ARG A 176 2.57 2.75 -6.18
N CYS A 177 3.82 2.79 -5.88
CA CYS A 177 4.84 3.00 -6.87
C CYS A 177 4.93 1.77 -7.78
N THR A 178 5.18 1.96 -9.04
CA THR A 178 5.22 0.85 -9.97
C THR A 178 6.54 0.07 -9.94
N LYS A 179 7.66 0.77 -9.75
CA LYS A 179 9.00 0.14 -9.80
C LYS A 179 9.37 -0.56 -8.47
N GLU A 180 8.54 -0.38 -7.46
CA GLU A 180 8.73 -0.99 -6.16
C GLU A 180 7.38 -1.47 -5.69
N ARG A 181 7.26 -2.75 -5.51
CA ARG A 181 5.99 -3.37 -5.20
C ARG A 181 5.57 -3.15 -3.74
N ARG A 182 6.53 -2.92 -2.87
CA ARG A 182 6.24 -2.79 -1.44
C ARG A 182 5.95 -1.37 -1.05
N LEU A 183 6.28 -0.43 -1.91
CA LEU A 183 6.14 0.94 -1.54
C LEU A 183 4.76 1.44 -1.89
N ILE A 184 3.93 1.48 -0.89
CA ILE A 184 2.60 1.99 -0.99
C ILE A 184 2.65 3.38 -0.39
N LEU A 185 2.26 4.36 -1.13
CA LEU A 185 2.29 5.69 -0.62
C LEU A 185 0.92 6.20 -0.34
N ILE A 186 0.75 6.61 0.87
CA ILE A 186 -0.48 7.17 1.34
C ILE A 186 -0.23 8.60 1.71
N ARG A 187 -1.24 9.39 1.68
CA ARG A 187 -1.10 10.74 2.14
C ARG A 187 -1.33 10.76 3.65
N GLU A 188 -0.83 11.80 4.32
CA GLU A 188 -0.91 11.96 5.79
C GLU A 188 -2.33 11.73 6.34
N ASP A 189 -3.30 12.25 5.62
CA ASP A 189 -4.72 12.18 5.92
C ASP A 189 -5.20 10.73 6.10
N VAL A 190 -4.70 9.84 5.25
CA VAL A 190 -5.12 8.45 5.23
C VAL A 190 -4.66 7.72 6.51
N HIS A 191 -3.40 7.90 6.90
CA HIS A 191 -2.90 7.20 8.10
C HIS A 191 -3.50 7.77 9.36
N ALA A 192 -3.79 9.08 9.35
CA ALA A 192 -4.35 9.76 10.52
C ALA A 192 -5.74 9.21 10.86
N ALA A 193 -6.43 8.74 9.84
CA ALA A 193 -7.73 8.13 10.02
C ALA A 193 -7.59 6.75 10.62
N PHE A 194 -6.54 6.06 10.24
CA PHE A 194 -6.28 4.71 10.75
C PHE A 194 -5.82 4.77 12.21
N GLU A 195 -5.05 5.81 12.54
CA GLU A 195 -4.52 6.02 13.88
C GLU A 195 -5.66 6.17 14.88
N GLN A 196 -6.56 7.10 14.59
CA GLN A 196 -7.71 7.39 15.45
C GLN A 196 -8.68 6.20 15.53
N ALA A 197 -8.65 5.35 14.51
CA ALA A 197 -9.50 4.19 14.48
C ALA A 197 -8.93 3.06 15.33
N GLY A 198 -7.62 3.04 15.49
CA GLY A 198 -6.98 2.01 16.28
C GLY A 198 -6.93 0.69 15.54
N LEU A 199 -6.72 0.76 14.25
CA LEU A 199 -6.66 -0.44 13.42
C LEU A 199 -5.31 -1.13 13.61
N THR A 200 -5.27 -2.40 13.33
CA THR A 200 -4.08 -3.21 13.58
C THR A 200 -3.23 -3.49 12.33
N GLY A 201 -1.90 -3.38 12.51
CA GLY A 201 -0.94 -3.72 11.46
C GLY A 201 -0.38 -2.52 10.74
N PHE A 202 0.47 -1.73 11.39
CA PHE A 202 1.00 -0.51 10.76
C PHE A 202 2.43 -0.25 11.07
N LYS A 203 3.10 0.37 10.13
CA LYS A 203 4.45 0.89 10.27
C LYS A 203 4.61 1.88 9.13
N VAL A 204 4.90 3.12 9.46
CA VAL A 204 4.98 4.17 8.45
C VAL A 204 6.29 4.93 8.50
N TYR A 205 6.66 5.53 7.38
CA TYR A 205 7.85 6.38 7.28
C TYR A 205 7.56 7.56 6.41
N GLU A 206 8.37 8.58 6.50
CA GLU A 206 8.20 9.75 5.69
C GLU A 206 8.75 9.49 4.29
N ALA A 207 7.87 9.55 3.29
CA ALA A 207 8.24 9.26 1.90
C ALA A 207 9.09 10.38 1.31
N GLU A 208 8.91 11.57 1.84
CA GLU A 208 9.65 12.75 1.40
C GLU A 208 11.11 12.59 1.78
N GLY A 209 11.93 12.15 0.84
CA GLY A 209 13.33 11.96 1.12
C GLY A 209 13.56 10.78 2.04
N TRP A 210 12.73 9.73 1.87
CA TRP A 210 12.82 8.47 2.66
C TRP A 210 14.25 7.90 2.60
N ASP A 211 14.99 8.10 3.68
CA ASP A 211 16.39 7.73 3.74
C ASP A 211 16.67 6.46 4.56
N GLY A 212 17.10 5.42 3.88
CA GLY A 212 17.73 4.25 4.51
C GLY A 212 16.88 3.30 5.38
N LEU A 213 15.81 3.77 5.96
CA LEU A 213 15.04 2.96 6.89
C LEU A 213 14.10 2.04 6.14
N GLU A 214 14.34 0.76 6.25
CA GLU A 214 13.53 -0.21 5.53
C GLU A 214 12.16 -0.33 6.18
N LEU A 215 11.14 -0.29 5.35
CA LEU A 215 9.78 -0.51 5.75
C LEU A 215 9.59 -1.83 6.52
N MET A 1 35.64 48.51 7.33
CA MET A 1 34.27 48.58 6.89
C MET A 1 34.23 48.70 5.37
N GLY A 2 33.85 47.62 4.73
CA GLY A 2 33.78 47.60 3.29
C GLY A 2 32.36 47.72 2.82
N SER A 3 31.85 48.93 2.80
CA SER A 3 30.48 49.20 2.40
C SER A 3 30.30 49.12 0.88
N SER A 4 31.41 49.05 0.16
CA SER A 4 31.41 48.93 -1.27
C SER A 4 30.78 47.58 -1.66
N HIS A 5 29.58 47.64 -2.24
CA HIS A 5 28.77 46.43 -2.61
C HIS A 5 28.25 45.67 -1.39
N HIS A 6 28.37 46.27 -0.24
CA HIS A 6 27.83 45.73 0.98
C HIS A 6 26.89 46.74 1.57
N HIS A 7 25.71 46.77 1.03
CA HIS A 7 24.69 47.66 1.53
C HIS A 7 23.61 46.82 2.10
N HIS A 8 22.77 47.40 2.93
CA HIS A 8 21.67 46.69 3.53
C HIS A 8 20.54 46.58 2.51
N HIS A 9 20.71 45.67 1.59
CA HIS A 9 19.80 45.42 0.51
C HIS A 9 19.83 43.95 0.18
N HIS A 10 18.89 43.22 0.72
CA HIS A 10 18.71 41.81 0.46
C HIS A 10 17.25 41.54 0.39
N SER A 11 16.88 40.50 -0.29
CA SER A 11 15.51 40.10 -0.36
C SER A 11 15.20 39.11 0.77
N SER A 12 16.26 38.47 1.29
CA SER A 12 16.23 37.54 2.45
C SER A 12 15.55 36.19 2.16
N GLY A 13 14.37 36.22 1.60
CA GLY A 13 13.64 35.02 1.37
C GLY A 13 12.58 34.86 2.41
N LEU A 14 11.37 35.18 2.05
CA LEU A 14 10.24 35.08 2.94
C LEU A 14 9.09 34.47 2.20
N VAL A 15 8.76 33.25 2.53
CA VAL A 15 7.57 32.62 2.02
C VAL A 15 6.41 33.23 2.81
N PRO A 16 5.44 33.91 2.14
CA PRO A 16 4.35 34.59 2.84
C PRO A 16 3.42 33.64 3.59
N ARG A 17 3.33 32.41 3.10
CA ARG A 17 2.47 31.44 3.70
C ARG A 17 3.20 30.13 3.92
N GLY A 18 3.91 30.05 5.02
CA GLY A 18 4.55 28.81 5.40
C GLY A 18 3.54 28.03 6.17
N SER A 19 2.77 27.23 5.50
CA SER A 19 1.66 26.58 6.12
C SER A 19 1.51 25.13 5.66
N HIS A 20 2.09 24.23 6.44
CA HIS A 20 1.94 22.78 6.29
C HIS A 20 2.51 22.19 5.00
N MET A 21 3.53 21.41 5.15
CA MET A 21 4.06 20.60 4.08
C MET A 21 3.40 19.23 4.20
N VAL A 22 2.94 18.69 3.10
CA VAL A 22 2.20 17.43 3.11
C VAL A 22 3.16 16.26 3.19
N LYS A 23 3.03 15.48 4.22
CA LYS A 23 3.89 14.35 4.42
C LYS A 23 3.23 13.07 3.95
N TYR A 24 3.95 12.35 3.11
CA TYR A 24 3.46 11.12 2.51
C TYR A 24 4.25 9.98 3.08
N PHE A 25 3.60 8.88 3.32
CA PHE A 25 4.26 7.78 3.94
C PHE A 25 4.16 6.53 3.15
N VAL A 26 5.23 5.77 3.19
CA VAL A 26 5.27 4.45 2.62
C VAL A 26 4.53 3.58 3.62
N PHE A 27 3.39 3.10 3.22
CA PHE A 27 2.55 2.33 4.09
C PHE A 27 2.84 0.86 3.94
N LYS A 28 2.98 0.23 5.06
CA LYS A 28 3.20 -1.16 5.17
C LYS A 28 2.54 -1.53 6.50
N VAL A 29 2.16 -2.72 6.68
CA VAL A 29 1.52 -3.16 7.90
C VAL A 29 2.60 -3.74 8.82
N MET A 30 2.62 -3.32 10.09
CA MET A 30 3.63 -3.85 11.03
C MET A 30 3.39 -5.31 11.37
N ALA A 31 4.35 -5.87 12.10
CA ALA A 31 4.37 -7.24 12.61
C ALA A 31 4.73 -8.25 11.53
N GLU A 32 5.89 -8.85 11.70
CA GLU A 32 6.37 -9.86 10.76
C GLU A 32 5.85 -11.23 11.16
N GLU A 33 5.38 -11.36 12.39
CA GLU A 33 4.80 -12.61 12.86
C GLU A 33 3.32 -12.66 12.53
N ALA A 34 2.76 -11.50 12.15
CA ALA A 34 1.40 -11.45 11.66
C ALA A 34 1.39 -12.15 10.32
N GLY A 35 2.48 -11.95 9.61
CA GLY A 35 2.73 -12.65 8.43
C GLY A 35 2.22 -11.98 7.21
N TYR A 36 2.96 -12.16 6.19
CA TYR A 36 2.69 -11.64 4.91
C TYR A 36 1.99 -12.71 4.11
N ILE A 37 1.41 -12.34 3.02
CA ILE A 37 1.05 -13.34 2.05
C ILE A 37 2.39 -13.62 1.39
N GLU A 38 3.00 -14.71 1.79
CA GLU A 38 4.37 -15.05 1.46
C GLU A 38 4.57 -15.24 -0.03
N LYS A 39 3.75 -16.04 -0.59
CA LYS A 39 3.73 -16.27 -2.00
C LYS A 39 2.31 -16.18 -2.49
N LEU A 40 2.14 -16.30 -3.77
CA LEU A 40 0.85 -16.12 -4.44
C LEU A 40 -0.23 -17.11 -3.99
N PRO A 41 -1.39 -16.56 -3.59
CA PRO A 41 -2.56 -17.35 -3.26
C PRO A 41 -3.24 -17.92 -4.50
N ASN A 42 -4.14 -18.84 -4.28
CA ASN A 42 -4.94 -19.48 -5.32
C ASN A 42 -5.66 -18.47 -6.25
N GLY A 43 -5.25 -18.42 -7.52
CA GLY A 43 -5.94 -17.63 -8.52
C GLY A 43 -5.41 -16.21 -8.72
N SER A 44 -4.35 -15.85 -8.03
CA SER A 44 -3.86 -14.49 -8.13
C SER A 44 -2.89 -14.27 -9.31
N PRO A 45 -2.91 -13.05 -9.93
CA PRO A 45 -1.93 -12.62 -10.94
C PRO A 45 -0.50 -12.56 -10.38
N THR A 46 0.49 -12.47 -11.26
CA THR A 46 1.90 -12.47 -10.89
C THR A 46 2.30 -11.36 -9.89
N ASP A 47 3.38 -11.64 -9.15
CA ASP A 47 3.95 -10.84 -8.02
C ASP A 47 3.92 -9.35 -8.26
N TRP A 48 4.51 -8.96 -9.36
CA TRP A 48 4.71 -7.58 -9.70
C TRP A 48 3.51 -7.00 -10.42
N LYS A 49 2.68 -7.84 -10.98
CA LYS A 49 1.61 -7.39 -11.82
C LYS A 49 0.38 -6.98 -11.02
N PHE A 50 0.31 -7.43 -9.74
CA PHE A 50 -0.85 -7.17 -8.85
C PHE A 50 -1.37 -5.71 -8.88
N HIS A 51 -0.49 -4.75 -8.91
CA HIS A 51 -0.93 -3.36 -8.96
C HIS A 51 -0.26 -2.61 -10.08
N GLU A 52 0.24 -3.33 -11.07
CA GLU A 52 0.96 -2.69 -12.13
C GLU A 52 -0.03 -2.40 -13.26
N GLY A 53 -0.43 -1.14 -13.34
CA GLY A 53 -1.31 -0.62 -14.40
C GLY A 53 -2.72 -1.21 -14.47
N ILE A 54 -3.03 -2.18 -13.63
CA ILE A 54 -4.27 -2.88 -13.73
C ILE A 54 -5.08 -2.84 -12.47
N SER A 55 -6.34 -3.10 -12.62
CA SER A 55 -7.20 -3.31 -11.55
C SER A 55 -7.29 -4.83 -11.42
N LEU A 56 -7.20 -5.32 -10.21
CA LEU A 56 -7.21 -6.75 -9.96
C LEU A 56 -8.55 -7.40 -10.24
N ALA A 57 -9.57 -6.60 -10.47
CA ALA A 57 -10.94 -7.08 -10.69
C ALA A 57 -11.02 -8.08 -11.87
N LYS A 58 -10.17 -7.90 -12.86
CA LYS A 58 -10.17 -8.79 -14.01
C LYS A 58 -9.27 -10.03 -13.83
N ASP A 59 -8.35 -9.98 -12.89
CA ASP A 59 -7.34 -11.05 -12.77
C ASP A 59 -7.40 -11.85 -11.48
N PHE A 60 -7.97 -11.29 -10.48
CA PHE A 60 -8.06 -11.90 -9.18
C PHE A 60 -9.49 -12.39 -9.00
N PRO A 61 -9.69 -13.60 -8.42
CA PRO A 61 -11.04 -14.17 -8.26
C PRO A 61 -11.91 -13.36 -7.29
N VAL A 62 -13.03 -12.92 -7.77
CA VAL A 62 -13.94 -12.15 -6.97
C VAL A 62 -14.94 -13.09 -6.33
N GLY A 63 -15.01 -13.06 -5.02
CA GLY A 63 -15.91 -13.92 -4.28
C GLY A 63 -15.33 -15.31 -4.08
N GLY A 64 -14.04 -15.44 -4.30
CA GLY A 64 -13.40 -16.74 -4.24
C GLY A 64 -12.70 -16.96 -2.93
N GLU A 65 -11.87 -17.96 -2.87
CA GLU A 65 -11.11 -18.25 -1.69
C GLU A 65 -9.64 -18.14 -1.98
N VAL A 66 -8.95 -17.42 -1.15
CA VAL A 66 -7.52 -17.29 -1.26
C VAL A 66 -6.91 -17.65 0.08
N SER A 67 -5.66 -17.96 0.09
CA SER A 67 -5.04 -18.38 1.29
C SER A 67 -3.63 -17.85 1.41
N PHE A 68 -3.22 -17.65 2.63
CA PHE A 68 -1.88 -17.30 2.95
C PHE A 68 -1.04 -18.52 2.82
N SER A 69 -0.26 -18.53 1.78
CA SER A 69 0.65 -19.59 1.47
C SER A 69 1.52 -20.01 2.66
N LYS A 70 1.57 -21.31 2.90
CA LYS A 70 2.23 -21.90 4.04
C LYS A 70 3.73 -22.04 3.81
N ASN A 71 4.32 -20.93 3.40
CA ASN A 71 5.77 -20.79 3.25
C ASN A 71 6.34 -20.62 4.67
N TYR A 72 5.48 -20.13 5.53
CA TYR A 72 5.70 -20.07 6.95
C TYR A 72 4.43 -20.57 7.63
N PRO A 73 4.36 -21.89 7.91
CA PRO A 73 3.19 -22.49 8.58
C PRO A 73 3.16 -22.13 10.06
N ASP A 74 1.95 -21.97 10.59
CA ASP A 74 1.70 -21.59 12.02
C ASP A 74 2.12 -20.13 12.28
N ASN A 75 2.30 -19.39 11.21
CA ASN A 75 2.57 -17.97 11.34
C ASN A 75 1.23 -17.30 11.68
N ARG A 76 1.23 -16.19 12.37
CA ARG A 76 0.00 -15.70 13.00
C ARG A 76 -1.13 -15.16 12.08
N ASN A 77 -2.15 -14.63 12.74
CA ASN A 77 -3.41 -14.19 12.17
C ASN A 77 -3.36 -12.79 11.55
N LEU A 78 -4.54 -12.31 11.16
CA LEU A 78 -4.72 -11.06 10.45
C LEU A 78 -5.19 -9.94 11.37
N TYR A 79 -4.82 -8.73 11.00
CA TYR A 79 -5.19 -7.52 11.70
C TYR A 79 -6.08 -6.66 10.80
N ASP A 80 -6.20 -5.36 11.08
CA ASP A 80 -7.06 -4.47 10.25
C ASP A 80 -6.58 -4.41 8.83
N PHE A 81 -5.29 -4.41 8.68
CA PHE A 81 -4.63 -4.44 7.41
C PHE A 81 -3.68 -5.60 7.46
N GLN A 82 -3.29 -6.12 6.31
CA GLN A 82 -2.37 -7.23 6.28
C GLN A 82 -1.40 -7.05 5.10
N PRO A 83 -0.07 -7.28 5.30
CA PRO A 83 0.92 -7.12 4.26
C PRO A 83 1.15 -8.40 3.42
N ASN A 84 2.02 -8.28 2.44
CA ASN A 84 2.37 -9.36 1.54
C ASN A 84 3.68 -9.01 0.88
N ILE A 85 4.22 -9.93 0.12
CA ILE A 85 5.52 -9.72 -0.51
C ILE A 85 5.34 -9.09 -1.91
N MET A 86 4.11 -9.13 -2.38
CA MET A 86 3.79 -8.72 -3.72
C MET A 86 3.33 -7.25 -3.77
N SER A 87 2.48 -6.91 -4.74
CA SER A 87 2.12 -5.51 -4.93
C SER A 87 0.71 -5.18 -4.37
N ASN A 88 0.03 -6.13 -3.79
CA ASN A 88 -1.37 -5.92 -3.37
C ASN A 88 -1.48 -5.45 -1.92
N LEU A 89 -2.65 -4.97 -1.53
CA LEU A 89 -2.90 -4.62 -0.13
C LEU A 89 -4.12 -5.39 0.35
N LEU A 90 -4.10 -5.85 1.58
CA LEU A 90 -5.25 -6.54 2.12
C LEU A 90 -5.86 -5.70 3.23
N VAL A 91 -7.15 -5.44 3.11
CA VAL A 91 -7.87 -4.57 4.04
C VAL A 91 -9.14 -5.30 4.55
N SER A 92 -9.46 -5.12 5.81
CA SER A 92 -10.67 -5.69 6.40
C SER A 92 -11.90 -4.83 6.04
N GLY A 93 -13.09 -5.31 6.38
CA GLY A 93 -14.32 -4.60 6.09
C GLY A 93 -14.42 -3.31 6.90
N ARG A 94 -13.98 -3.38 8.13
CA ARG A 94 -13.95 -2.22 9.02
C ARG A 94 -13.00 -1.14 8.53
N ALA A 95 -11.78 -1.56 8.15
CA ALA A 95 -10.78 -0.64 7.65
C ALA A 95 -11.17 -0.07 6.28
N ARG A 96 -11.94 -0.87 5.51
CA ARG A 96 -12.49 -0.44 4.22
C ARG A 96 -13.33 0.82 4.39
N LYS A 97 -14.21 0.79 5.39
CA LYS A 97 -15.11 1.89 5.63
C LYS A 97 -14.37 3.14 6.07
N LEU A 98 -13.21 2.98 6.73
CA LEU A 98 -12.35 4.14 7.06
C LEU A 98 -11.89 4.82 5.79
N ILE A 99 -11.30 4.03 4.91
CA ILE A 99 -10.76 4.50 3.64
C ILE A 99 -11.85 5.16 2.77
N GLU A 100 -13.02 4.53 2.71
CA GLU A 100 -14.13 5.09 1.96
C GLU A 100 -14.65 6.41 2.55
N SER A 101 -14.63 6.53 3.88
CA SER A 101 -15.10 7.75 4.55
C SER A 101 -14.16 8.94 4.29
N LEU A 102 -12.93 8.63 3.92
CA LEU A 102 -11.96 9.67 3.58
C LEU A 102 -12.06 10.09 2.14
N GLY A 103 -12.94 9.44 1.40
CA GLY A 103 -13.17 9.78 0.02
C GLY A 103 -11.99 9.42 -0.85
N VAL A 104 -11.35 8.32 -0.54
CA VAL A 104 -10.22 7.86 -1.29
C VAL A 104 -10.68 7.31 -2.62
N THR A 105 -10.24 7.96 -3.65
CA THR A 105 -10.55 7.58 -4.98
C THR A 105 -9.52 6.57 -5.45
N ASN A 106 -9.87 5.76 -6.48
CA ASN A 106 -8.94 4.84 -7.17
C ASN A 106 -8.67 3.58 -6.36
N ALA A 107 -9.50 3.32 -5.38
CA ALA A 107 -9.35 2.13 -4.58
C ALA A 107 -10.44 1.12 -4.93
N GLU A 108 -10.05 0.00 -5.47
CA GLU A 108 -10.99 -1.04 -5.78
C GLU A 108 -10.85 -2.18 -4.77
N TRP A 109 -11.98 -2.73 -4.38
CA TRP A 109 -12.07 -3.71 -3.31
C TRP A 109 -12.57 -5.03 -3.87
N LEU A 110 -11.80 -6.08 -3.71
CA LEU A 110 -12.23 -7.40 -4.15
C LEU A 110 -12.44 -8.31 -2.97
N PRO A 111 -13.70 -8.66 -2.66
CA PRO A 111 -14.03 -9.54 -1.53
C PRO A 111 -13.78 -11.02 -1.82
N VAL A 112 -13.19 -11.70 -0.86
CA VAL A 112 -12.88 -13.12 -0.92
C VAL A 112 -12.98 -13.72 0.47
N ALA A 113 -12.87 -15.03 0.53
CA ALA A 113 -12.79 -15.75 1.76
C ALA A 113 -11.34 -16.13 1.90
N ILE A 114 -10.71 -15.63 2.92
CA ILE A 114 -9.30 -15.84 3.09
C ILE A 114 -9.01 -16.81 4.20
N LYS A 115 -8.02 -17.62 4.00
CA LYS A 115 -7.53 -18.58 4.95
C LYS A 115 -6.08 -18.22 5.29
N ASP A 116 -5.72 -18.24 6.57
CA ASP A 116 -4.39 -17.78 7.02
C ASP A 116 -3.30 -18.87 6.96
N HIS A 117 -2.19 -18.64 7.69
CA HIS A 117 -0.99 -19.48 7.68
C HIS A 117 -1.21 -20.79 8.45
N GLN A 118 -2.30 -20.86 9.19
CA GLN A 118 -2.70 -22.08 9.86
C GLN A 118 -3.55 -22.91 8.90
N GLY A 119 -4.07 -22.25 7.88
CA GLY A 119 -4.91 -22.89 6.89
C GLY A 119 -6.39 -22.76 7.22
N LYS A 120 -6.69 -22.07 8.30
CA LYS A 120 -8.07 -21.89 8.73
C LYS A 120 -8.67 -20.65 8.10
N VAL A 121 -9.98 -20.64 7.97
CA VAL A 121 -10.69 -19.49 7.43
C VAL A 121 -10.55 -18.35 8.42
N VAL A 122 -10.08 -17.25 7.94
CA VAL A 122 -9.77 -16.15 8.79
C VAL A 122 -10.41 -14.85 8.28
N GLY A 123 -10.52 -14.71 6.98
CA GLY A 123 -10.93 -13.45 6.47
C GLY A 123 -12.01 -13.50 5.44
N PRO A 124 -13.28 -13.78 5.82
CA PRO A 124 -14.41 -13.67 4.87
C PRO A 124 -14.91 -12.21 4.83
N ASP A 125 -14.25 -11.38 5.63
CA ASP A 125 -14.55 -9.97 5.79
C ASP A 125 -13.54 -9.10 5.03
N TYR A 126 -12.47 -9.70 4.57
CA TYR A 126 -11.39 -8.94 3.97
C TYR A 126 -11.53 -8.82 2.47
N ALA A 127 -11.05 -7.72 1.97
CA ALA A 127 -11.07 -7.41 0.58
C ALA A 127 -9.69 -6.94 0.14
N PHE A 128 -9.31 -7.31 -1.06
CA PHE A 128 -8.05 -6.89 -1.62
C PHE A 128 -8.18 -5.57 -2.29
N LEU A 129 -7.42 -4.62 -1.82
CA LEU A 129 -7.46 -3.28 -2.34
C LEU A 129 -6.42 -3.15 -3.45
N ASN A 130 -6.85 -2.59 -4.55
CA ASN A 130 -5.99 -2.27 -5.66
C ASN A 130 -6.10 -0.80 -6.01
N LEU A 131 -4.98 -0.17 -6.35
CA LEU A 131 -4.95 1.25 -6.69
C LEU A 131 -4.95 1.44 -8.17
N LEU A 132 -5.68 2.42 -8.60
CA LEU A 132 -5.78 2.80 -9.99
C LEU A 132 -5.18 4.17 -10.15
N GLY A 133 -5.08 4.61 -11.39
CA GLY A 133 -4.53 5.94 -11.66
C GLY A 133 -3.03 5.92 -11.61
N ALA A 134 -2.48 4.74 -11.71
CA ALA A 134 -1.08 4.56 -11.66
C ALA A 134 -0.50 4.69 -13.04
N GLU A 135 0.53 5.45 -13.12
CA GLU A 135 1.32 5.62 -14.29
C GLU A 135 2.72 5.58 -13.77
N ASP A 136 3.74 5.50 -14.62
CA ASP A 136 5.13 5.33 -14.14
C ASP A 136 5.53 6.47 -13.23
N ALA A 137 5.52 6.15 -11.98
CA ALA A 137 5.51 7.10 -10.92
C ALA A 137 6.88 7.54 -10.45
N ILE A 138 7.71 6.55 -10.07
CA ILE A 138 8.99 6.79 -9.38
C ILE A 138 9.87 7.81 -10.08
N ASP A 139 10.05 8.93 -9.42
CA ASP A 139 10.93 10.00 -9.83
C ASP A 139 12.35 9.51 -9.68
N MET A 140 13.02 9.21 -10.77
CA MET A 140 14.40 8.75 -10.70
C MET A 140 15.40 9.86 -10.78
N GLU A 141 14.94 11.08 -10.72
CA GLU A 141 15.83 12.21 -10.75
C GLU A 141 16.32 12.49 -9.35
N ARG A 142 15.39 12.58 -8.44
CA ARG A 142 15.69 12.94 -7.08
C ARG A 142 15.91 11.72 -6.18
N SER A 143 15.72 10.54 -6.72
CA SER A 143 15.87 9.36 -5.92
C SER A 143 17.28 8.79 -6.00
N GLU A 144 17.66 8.16 -4.93
CA GLU A 144 18.93 7.50 -4.78
C GLU A 144 18.65 6.16 -4.09
N TYR A 145 18.57 5.10 -4.86
CA TYR A 145 18.32 3.79 -4.29
C TYR A 145 19.00 2.69 -5.10
N GLU A 146 19.12 1.53 -4.48
CA GLU A 146 19.69 0.37 -5.11
C GLU A 146 18.66 -0.72 -5.22
N MET A 147 18.68 -1.41 -6.31
CA MET A 147 17.76 -2.49 -6.59
C MET A 147 18.24 -3.82 -6.02
N ASP A 148 17.27 -4.69 -5.79
CA ASP A 148 17.39 -6.08 -5.34
C ASP A 148 17.26 -6.31 -3.85
N SER A 149 16.05 -6.67 -3.46
CA SER A 149 15.81 -7.19 -2.13
C SER A 149 15.70 -8.69 -2.28
N LEU A 150 14.78 -9.08 -3.15
CA LEU A 150 14.51 -10.46 -3.46
C LEU A 150 14.55 -10.61 -4.97
N GLU A 151 13.99 -9.62 -5.65
CA GLU A 151 13.96 -9.55 -7.09
C GLU A 151 14.53 -8.22 -7.49
N LYS A 152 14.57 -7.99 -8.77
CA LYS A 152 15.16 -6.77 -9.35
C LYS A 152 14.28 -5.55 -9.08
N ASP A 153 12.97 -5.72 -9.26
CA ASP A 153 12.00 -4.61 -9.04
C ASP A 153 11.59 -4.47 -7.57
N GLN A 154 12.49 -4.89 -6.73
CA GLN A 154 12.42 -4.73 -5.31
C GLN A 154 13.53 -3.78 -4.93
N ILE A 155 13.21 -2.69 -4.31
CA ILE A 155 14.21 -1.75 -3.89
C ILE A 155 14.86 -2.27 -2.61
N GLY A 156 16.15 -2.55 -2.69
CA GLY A 156 16.86 -3.14 -1.59
C GLY A 156 17.32 -2.11 -0.62
N ASN A 157 18.15 -1.23 -1.08
CA ASN A 157 18.67 -0.16 -0.26
C ASN A 157 18.10 1.13 -0.72
N ILE A 158 17.62 1.92 0.20
CA ILE A 158 17.08 3.20 -0.15
C ILE A 158 17.89 4.25 0.58
N ASP A 159 18.61 5.07 -0.14
CA ASP A 159 19.32 6.16 0.51
C ASP A 159 18.44 7.38 0.59
N ALA A 160 17.70 7.61 -0.48
CA ALA A 160 16.76 8.70 -0.54
C ALA A 160 15.68 8.41 -1.57
N LEU A 161 14.46 8.30 -1.12
CA LEU A 161 13.33 8.12 -2.02
C LEU A 161 12.72 9.49 -2.24
N ALA A 162 12.21 9.73 -3.42
CA ALA A 162 11.62 10.98 -3.76
C ALA A 162 10.19 10.75 -4.16
N LEU A 163 9.33 11.71 -3.85
CA LEU A 163 7.90 11.65 -4.17
C LEU A 163 7.64 11.39 -5.65
N ASP A 164 6.71 10.51 -5.90
CA ASP A 164 6.35 10.08 -7.23
C ASP A 164 5.14 10.86 -7.76
N THR A 165 4.79 11.91 -7.01
CA THR A 165 3.75 12.85 -7.36
C THR A 165 4.15 13.70 -8.59
N SER A 166 5.39 13.49 -9.03
CA SER A 166 5.89 14.05 -10.24
C SER A 166 5.05 13.53 -11.43
N ALA A 167 4.70 12.24 -11.40
CA ALA A 167 3.92 11.71 -12.51
C ALA A 167 2.49 11.36 -12.10
N ILE A 168 2.29 10.91 -10.88
CA ILE A 168 0.95 10.66 -10.38
C ILE A 168 0.32 11.97 -9.93
N ARG A 169 -1.00 12.06 -10.03
CA ARG A 169 -1.80 13.18 -9.51
C ARG A 169 -1.33 13.56 -8.09
N PRO A 170 -0.83 14.80 -7.91
CA PRO A 170 -0.34 15.28 -6.61
C PRO A 170 -1.47 15.46 -5.60
N ASP A 171 -2.68 15.50 -6.12
CA ASP A 171 -3.87 15.65 -5.32
C ASP A 171 -4.48 14.29 -5.00
N ALA A 172 -3.74 13.23 -5.28
CA ALA A 172 -4.19 11.90 -4.92
C ALA A 172 -3.97 11.70 -3.42
N LYS A 173 -4.88 11.02 -2.80
CA LYS A 173 -4.83 10.82 -1.39
C LYS A 173 -4.18 9.48 -1.06
N MET A 174 -4.32 8.54 -1.97
CA MET A 174 -3.71 7.24 -1.83
C MET A 174 -3.28 6.81 -3.20
N PHE A 175 -2.02 6.50 -3.33
CA PHE A 175 -1.42 6.15 -4.59
C PHE A 175 -0.23 5.26 -4.31
N ARG A 176 0.44 4.79 -5.33
CA ARG A 176 1.57 3.91 -5.12
C ARG A 176 2.57 3.99 -6.25
N CYS A 177 3.76 3.50 -6.00
CA CYS A 177 4.81 3.47 -6.97
C CYS A 177 4.67 2.25 -7.89
N THR A 178 5.12 2.41 -9.12
CA THR A 178 5.04 1.37 -10.13
C THR A 178 6.17 0.33 -10.03
N LYS A 179 7.40 0.79 -9.99
CA LYS A 179 8.59 -0.08 -10.08
C LYS A 179 9.07 -0.62 -8.73
N GLU A 180 8.19 -0.60 -7.78
CA GLU A 180 8.37 -1.21 -6.48
C GLU A 180 7.01 -1.68 -6.11
N ARG A 181 6.95 -2.87 -5.62
CA ARG A 181 5.71 -3.56 -5.45
C ARG A 181 5.10 -3.32 -4.07
N ARG A 182 5.93 -3.15 -3.10
CA ARG A 182 5.50 -3.01 -1.72
C ARG A 182 5.28 -1.54 -1.33
N LEU A 183 5.73 -0.63 -2.16
CA LEU A 183 5.70 0.78 -1.82
C LEU A 183 4.34 1.40 -2.21
N ILE A 184 3.56 1.70 -1.20
CA ILE A 184 2.30 2.39 -1.35
C ILE A 184 2.41 3.70 -0.59
N LEU A 185 2.08 4.81 -1.21
CA LEU A 185 2.17 6.09 -0.57
C LEU A 185 0.82 6.60 -0.17
N ILE A 186 0.66 6.85 1.10
CA ILE A 186 -0.56 7.38 1.61
C ILE A 186 -0.32 8.80 2.08
N ARG A 187 -1.33 9.61 1.96
CA ARG A 187 -1.26 10.95 2.47
C ARG A 187 -1.41 10.88 3.99
N GLU A 188 -0.79 11.81 4.71
CA GLU A 188 -0.84 11.88 6.18
C GLU A 188 -2.28 11.75 6.77
N ASP A 189 -3.25 12.39 6.09
CA ASP A 189 -4.67 12.38 6.52
C ASP A 189 -5.25 10.96 6.57
N VAL A 190 -4.73 10.10 5.70
CA VAL A 190 -5.17 8.71 5.60
C VAL A 190 -4.81 7.95 6.88
N HIS A 191 -3.55 8.07 7.32
CA HIS A 191 -3.14 7.37 8.53
C HIS A 191 -3.75 7.99 9.76
N ALA A 192 -4.02 9.31 9.70
CA ALA A 192 -4.60 10.05 10.83
C ALA A 192 -5.95 9.48 11.23
N ALA A 193 -6.69 9.02 10.24
CA ALA A 193 -7.99 8.45 10.46
C ALA A 193 -7.86 7.06 11.05
N PHE A 194 -6.84 6.36 10.61
CA PHE A 194 -6.57 5.02 11.11
C PHE A 194 -6.10 5.07 12.58
N GLU A 195 -5.35 6.12 12.92
CA GLU A 195 -4.82 6.34 14.27
C GLU A 195 -5.94 6.57 15.27
N GLN A 196 -6.86 7.47 14.93
CA GLN A 196 -7.97 7.81 15.81
C GLN A 196 -8.97 6.66 15.93
N ALA A 197 -9.08 5.87 14.87
CA ALA A 197 -9.94 4.69 14.89
C ALA A 197 -9.29 3.59 15.72
N GLY A 198 -7.98 3.61 15.77
CA GLY A 198 -7.24 2.64 16.54
C GLY A 198 -7.14 1.33 15.82
N LEU A 199 -6.82 1.38 14.55
CA LEU A 199 -6.69 0.16 13.77
C LEU A 199 -5.31 -0.46 14.01
N THR A 200 -5.20 -1.73 13.84
CA THR A 200 -3.99 -2.45 14.15
C THR A 200 -3.14 -2.79 12.91
N GLY A 201 -1.85 -2.46 12.98
CA GLY A 201 -0.91 -2.87 11.96
C GLY A 201 -0.43 -1.74 11.06
N PHE A 202 0.40 -0.84 11.58
CA PHE A 202 0.91 0.24 10.74
C PHE A 202 2.40 0.32 10.71
N LYS A 203 2.90 0.69 9.60
CA LYS A 203 4.27 1.04 9.37
C LYS A 203 4.26 2.16 8.40
N VAL A 204 4.82 3.25 8.78
CA VAL A 204 4.88 4.39 7.93
C VAL A 204 6.32 4.86 7.85
N TYR A 205 6.79 5.04 6.66
CA TYR A 205 8.14 5.51 6.45
C TYR A 205 8.08 6.80 5.69
N GLU A 206 8.90 7.76 6.09
CA GLU A 206 8.93 9.08 5.48
C GLU A 206 9.42 8.95 4.04
N ALA A 207 8.53 9.18 3.09
CA ALA A 207 8.83 8.98 1.68
C ALA A 207 9.92 9.92 1.19
N GLU A 208 9.81 11.18 1.55
CA GLU A 208 10.82 12.18 1.21
C GLU A 208 12.11 11.94 1.95
N GLY A 209 13.03 11.34 1.25
CA GLY A 209 14.33 11.07 1.80
C GLY A 209 14.32 9.85 2.68
N TRP A 210 13.49 8.86 2.32
CA TRP A 210 13.42 7.54 3.00
C TRP A 210 14.83 6.94 3.14
N ASP A 211 15.35 7.00 4.35
CA ASP A 211 16.72 6.60 4.63
C ASP A 211 16.87 5.23 5.29
N GLY A 212 17.28 4.27 4.49
CA GLY A 212 17.79 2.97 4.96
C GLY A 212 16.82 1.99 5.60
N LEU A 213 15.61 2.40 5.86
CA LEU A 213 14.67 1.53 6.54
C LEU A 213 14.00 0.61 5.56
N GLU A 214 14.20 -0.67 5.72
CA GLU A 214 13.50 -1.63 4.90
C GLU A 214 12.08 -1.71 5.40
N LEU A 215 11.14 -1.50 4.51
CA LEU A 215 9.72 -1.47 4.84
C LEU A 215 9.23 -2.81 5.41
N MET A 1 23.81 50.40 -19.01
CA MET A 1 24.79 50.35 -17.93
C MET A 1 24.05 50.39 -16.58
N GLY A 2 23.68 49.23 -16.07
CA GLY A 2 22.96 49.14 -14.82
C GLY A 2 21.49 49.47 -14.97
N SER A 3 20.68 48.45 -14.99
CA SER A 3 19.26 48.63 -15.11
C SER A 3 18.57 48.24 -13.81
N SER A 4 17.27 48.38 -13.76
CA SER A 4 16.49 48.07 -12.58
C SER A 4 15.62 46.83 -12.83
N HIS A 5 16.12 45.93 -13.67
CA HIS A 5 15.38 44.74 -14.10
C HIS A 5 15.24 43.69 -13.01
N HIS A 6 16.07 43.78 -11.96
CA HIS A 6 15.97 42.84 -10.84
C HIS A 6 14.69 43.10 -10.04
N HIS A 7 14.25 44.36 -10.04
CA HIS A 7 12.99 44.81 -9.44
C HIS A 7 12.92 44.52 -7.95
N HIS A 8 14.01 44.75 -7.22
CA HIS A 8 14.01 44.52 -5.77
C HIS A 8 13.39 45.73 -5.05
N HIS A 9 12.10 45.90 -5.31
CA HIS A 9 11.30 46.95 -4.71
C HIS A 9 9.99 46.36 -4.23
N HIS A 10 9.83 45.05 -4.43
CA HIS A 10 8.62 44.35 -4.03
C HIS A 10 9.02 43.00 -3.47
N SER A 11 8.55 42.71 -2.29
CA SER A 11 8.79 41.46 -1.61
C SER A 11 8.01 41.47 -0.31
N SER A 12 6.97 40.70 -0.25
CA SER A 12 6.15 40.66 0.92
C SER A 12 6.29 39.29 1.61
N GLY A 13 6.17 38.23 0.84
CA GLY A 13 6.25 36.90 1.40
C GLY A 13 4.88 36.36 1.69
N LEU A 14 4.27 36.85 2.78
CA LEU A 14 2.91 36.52 3.22
C LEU A 14 2.73 35.07 3.68
N VAL A 15 2.80 34.16 2.75
CA VAL A 15 2.55 32.76 3.02
C VAL A 15 3.87 32.04 3.32
N PRO A 16 4.05 31.51 4.55
CA PRO A 16 5.28 30.78 4.92
C PRO A 16 5.38 29.45 4.17
N ARG A 17 4.37 28.62 4.31
CA ARG A 17 4.27 27.37 3.58
C ARG A 17 2.89 27.28 2.96
N GLY A 18 1.88 27.39 3.78
CA GLY A 18 0.53 27.35 3.32
C GLY A 18 -0.29 26.35 4.08
N SER A 19 -1.44 26.05 3.56
CA SER A 19 -2.36 25.10 4.17
C SER A 19 -2.39 23.82 3.33
N HIS A 20 -1.41 23.72 2.43
CA HIS A 20 -1.33 22.60 1.48
C HIS A 20 -0.69 21.36 2.10
N MET A 21 -0.32 21.47 3.38
CA MET A 21 0.51 20.48 4.11
C MET A 21 0.04 19.04 3.94
N VAL A 22 0.59 18.40 2.95
CA VAL A 22 0.37 17.03 2.73
C VAL A 22 1.70 16.34 2.71
N LYS A 23 1.89 15.45 3.62
CA LYS A 23 3.09 14.71 3.62
C LYS A 23 2.77 13.26 3.28
N TYR A 24 3.72 12.55 2.76
CA TYR A 24 3.48 11.22 2.26
C TYR A 24 4.22 10.20 3.09
N PHE A 25 3.59 9.08 3.28
CA PHE A 25 4.13 8.02 4.08
C PHE A 25 4.19 6.73 3.34
N VAL A 26 5.19 5.97 3.66
CA VAL A 26 5.37 4.63 3.19
C VAL A 26 4.48 3.75 4.02
N PHE A 27 3.60 3.02 3.41
CA PHE A 27 2.70 2.20 4.15
C PHE A 27 3.27 0.80 4.31
N LYS A 28 3.18 0.33 5.52
CA LYS A 28 3.62 -0.95 5.92
C LYS A 28 2.72 -1.40 7.08
N VAL A 29 2.55 -2.67 7.21
CA VAL A 29 1.80 -3.23 8.30
C VAL A 29 2.82 -3.60 9.39
N MET A 30 2.67 -3.04 10.59
CA MET A 30 3.64 -3.31 11.66
C MET A 30 3.38 -4.64 12.31
N ALA A 31 3.86 -5.68 11.66
CA ALA A 31 3.83 -7.03 12.13
C ALA A 31 4.44 -7.92 11.09
N GLU A 32 5.59 -8.46 11.39
CA GLU A 32 6.24 -9.41 10.52
C GLU A 32 5.70 -10.78 10.82
N GLU A 33 5.20 -10.91 12.03
CA GLU A 33 4.58 -12.13 12.47
C GLU A 33 3.14 -12.19 12.02
N ALA A 34 2.63 -11.13 11.38
CA ALA A 34 1.24 -11.17 10.86
C ALA A 34 1.14 -12.24 9.81
N GLY A 35 2.23 -12.39 9.09
CA GLY A 35 2.32 -13.41 8.15
C GLY A 35 1.99 -12.93 6.79
N TYR A 36 3.01 -12.53 6.10
CA TYR A 36 2.93 -12.08 4.75
C TYR A 36 2.39 -13.21 3.90
N ILE A 37 1.54 -12.91 2.95
CA ILE A 37 1.19 -13.91 1.97
C ILE A 37 2.46 -14.04 1.14
N GLU A 38 3.21 -15.09 1.39
CA GLU A 38 4.53 -15.23 0.81
C GLU A 38 4.47 -15.67 -0.62
N LYS A 39 3.50 -16.47 -0.92
CA LYS A 39 3.35 -17.01 -2.23
C LYS A 39 1.98 -16.63 -2.77
N LEU A 40 1.81 -16.70 -4.06
CA LEU A 40 0.58 -16.30 -4.71
C LEU A 40 -0.57 -17.28 -4.41
N PRO A 41 -1.70 -16.77 -3.89
CA PRO A 41 -2.90 -17.55 -3.70
C PRO A 41 -3.66 -17.75 -5.03
N ASN A 42 -4.64 -18.63 -5.00
CA ASN A 42 -5.56 -18.93 -6.13
C ASN A 42 -5.98 -17.68 -6.93
N GLY A 43 -5.62 -17.67 -8.21
CA GLY A 43 -6.07 -16.63 -9.14
C GLY A 43 -5.32 -15.32 -9.04
N SER A 44 -4.21 -15.31 -8.37
CA SER A 44 -3.45 -14.08 -8.23
C SER A 44 -2.48 -13.80 -9.40
N PRO A 45 -2.41 -12.52 -9.84
CA PRO A 45 -1.44 -12.03 -10.87
C PRO A 45 0.00 -12.07 -10.32
N THR A 46 0.99 -11.93 -11.19
CA THR A 46 2.39 -11.96 -10.77
C THR A 46 2.73 -10.86 -9.75
N ASP A 47 3.65 -11.20 -8.83
CA ASP A 47 4.08 -10.38 -7.65
C ASP A 47 4.18 -8.91 -7.92
N TRP A 48 4.93 -8.57 -8.94
CA TRP A 48 5.24 -7.20 -9.25
C TRP A 48 4.18 -6.54 -10.11
N LYS A 49 3.42 -7.34 -10.82
CA LYS A 49 2.50 -6.84 -11.81
C LYS A 49 1.15 -6.48 -11.20
N PHE A 50 0.92 -6.89 -9.91
CA PHE A 50 -0.39 -6.70 -9.23
C PHE A 50 -0.97 -5.31 -9.46
N HIS A 51 -0.21 -4.28 -9.23
CA HIS A 51 -0.72 -2.96 -9.52
C HIS A 51 0.18 -2.15 -10.36
N GLU A 52 0.88 -2.82 -11.21
CA GLU A 52 1.75 -2.13 -12.07
C GLU A 52 0.94 -1.85 -13.34
N GLY A 53 0.49 -0.62 -13.44
CA GLY A 53 -0.28 -0.12 -14.57
C GLY A 53 -1.76 -0.57 -14.67
N ILE A 54 -2.22 -1.55 -13.87
CA ILE A 54 -3.62 -2.01 -14.01
C ILE A 54 -4.32 -2.31 -12.67
N SER A 55 -5.63 -2.51 -12.78
CA SER A 55 -6.50 -2.93 -11.72
C SER A 55 -6.69 -4.45 -11.87
N LEU A 56 -7.11 -5.11 -10.81
CA LEU A 56 -7.14 -6.57 -10.80
C LEU A 56 -8.52 -7.18 -10.76
N ALA A 57 -9.54 -6.41 -11.01
CA ALA A 57 -10.91 -6.96 -10.97
C ALA A 57 -11.12 -7.95 -12.13
N LYS A 58 -10.31 -7.78 -13.15
CA LYS A 58 -10.30 -8.64 -14.31
C LYS A 58 -9.35 -9.85 -14.16
N ASP A 59 -8.37 -9.74 -13.25
CA ASP A 59 -7.33 -10.81 -13.14
C ASP A 59 -7.47 -11.64 -11.89
N PHE A 60 -8.12 -11.10 -10.90
CA PHE A 60 -8.25 -11.77 -9.62
C PHE A 60 -9.72 -12.16 -9.44
N PRO A 61 -10.00 -13.35 -8.87
CA PRO A 61 -11.37 -13.80 -8.67
C PRO A 61 -12.12 -12.93 -7.65
N VAL A 62 -13.21 -12.37 -8.08
CA VAL A 62 -14.03 -11.55 -7.22
C VAL A 62 -15.15 -12.42 -6.69
N GLY A 63 -15.26 -12.50 -5.38
CA GLY A 63 -16.26 -13.36 -4.80
C GLY A 63 -15.76 -14.79 -4.73
N GLY A 64 -14.45 -14.93 -4.70
CA GLY A 64 -13.85 -16.24 -4.65
C GLY A 64 -13.28 -16.55 -3.30
N GLU A 65 -12.52 -17.61 -3.22
CA GLU A 65 -11.89 -18.03 -1.99
C GLU A 65 -10.39 -18.13 -2.20
N VAL A 66 -9.63 -17.49 -1.34
CA VAL A 66 -8.17 -17.53 -1.40
C VAL A 66 -7.62 -17.85 -0.02
N SER A 67 -6.34 -18.02 0.08
CA SER A 67 -5.74 -18.38 1.33
C SER A 67 -4.37 -17.78 1.48
N PHE A 68 -3.98 -17.55 2.71
CA PHE A 68 -2.64 -17.17 3.04
C PHE A 68 -1.75 -18.35 2.83
N SER A 69 -0.88 -18.24 1.89
CA SER A 69 0.01 -19.28 1.58
C SER A 69 0.99 -19.53 2.73
N LYS A 70 0.93 -20.73 3.23
CA LYS A 70 1.77 -21.18 4.29
C LYS A 70 3.05 -21.69 3.62
N ASN A 71 3.89 -20.77 3.17
CA ASN A 71 5.08 -21.16 2.43
C ASN A 71 6.16 -21.74 3.34
N TYR A 72 6.34 -21.17 4.51
CA TYR A 72 7.22 -21.76 5.52
C TYR A 72 6.90 -21.24 6.94
N PRO A 73 7.06 -19.91 7.27
CA PRO A 73 6.68 -19.40 8.58
C PRO A 73 5.16 -19.32 8.67
N ASP A 74 4.59 -20.01 9.63
CA ASP A 74 3.15 -20.02 9.79
C ASP A 74 2.67 -18.70 10.32
N ASN A 75 3.40 -18.15 11.29
CA ASN A 75 3.14 -16.82 11.82
C ASN A 75 1.77 -16.71 12.55
N ARG A 76 1.27 -15.52 12.75
CA ARG A 76 0.03 -15.30 13.52
C ARG A 76 -1.21 -15.33 12.63
N ASN A 77 -2.28 -14.82 13.21
CA ASN A 77 -3.60 -14.69 12.58
C ASN A 77 -3.70 -13.35 11.83
N LEU A 78 -4.90 -13.01 11.39
CA LEU A 78 -5.13 -11.80 10.63
C LEU A 78 -5.42 -10.62 11.54
N TYR A 79 -5.04 -9.45 11.08
CA TYR A 79 -5.28 -8.20 11.75
C TYR A 79 -6.08 -7.34 10.79
N ASP A 80 -6.18 -6.03 11.03
CA ASP A 80 -6.95 -5.16 10.10
C ASP A 80 -6.27 -5.09 8.77
N PHE A 81 -5.00 -4.93 8.78
CA PHE A 81 -4.24 -4.93 7.57
C PHE A 81 -3.33 -6.13 7.53
N GLN A 82 -3.19 -6.69 6.36
CA GLN A 82 -2.36 -7.86 6.15
C GLN A 82 -1.40 -7.62 5.01
N PRO A 83 -0.09 -7.88 5.24
CA PRO A 83 0.93 -7.69 4.24
C PRO A 83 1.21 -8.95 3.40
N ASN A 84 2.08 -8.80 2.42
CA ASN A 84 2.47 -9.86 1.52
C ASN A 84 3.73 -9.44 0.83
N ILE A 85 4.34 -10.34 0.08
CA ILE A 85 5.60 -10.04 -0.61
C ILE A 85 5.30 -9.40 -1.98
N MET A 86 4.08 -9.58 -2.40
CA MET A 86 3.61 -9.10 -3.66
C MET A 86 3.15 -7.63 -3.52
N SER A 87 2.39 -7.12 -4.47
CA SER A 87 2.06 -5.71 -4.42
C SER A 87 0.55 -5.41 -4.40
N ASN A 88 -0.15 -6.00 -3.47
CA ASN A 88 -1.56 -5.72 -3.28
C ASN A 88 -1.78 -5.61 -1.79
N LEU A 89 -2.77 -4.88 -1.33
CA LEU A 89 -2.96 -4.77 0.10
C LEU A 89 -4.22 -5.51 0.52
N LEU A 90 -4.18 -6.16 1.65
CA LEU A 90 -5.35 -6.82 2.16
C LEU A 90 -5.89 -6.06 3.36
N VAL A 91 -7.17 -5.71 3.28
CA VAL A 91 -7.80 -4.84 4.26
C VAL A 91 -9.07 -5.50 4.82
N SER A 92 -9.28 -5.38 6.15
CA SER A 92 -10.47 -5.89 6.82
C SER A 92 -11.67 -4.99 6.53
N GLY A 93 -12.85 -5.43 6.96
CA GLY A 93 -14.06 -4.65 6.78
C GLY A 93 -14.05 -3.34 7.53
N ARG A 94 -13.47 -3.36 8.75
CA ARG A 94 -13.39 -2.17 9.62
C ARG A 94 -12.58 -1.11 8.92
N ALA A 95 -11.41 -1.51 8.51
CA ALA A 95 -10.44 -0.66 7.90
C ALA A 95 -10.92 -0.17 6.53
N ARG A 96 -11.68 -1.03 5.84
CA ARG A 96 -12.30 -0.70 4.56
C ARG A 96 -13.22 0.51 4.70
N LYS A 97 -13.95 0.55 5.82
CA LYS A 97 -14.90 1.62 6.09
C LYS A 97 -14.19 2.96 6.26
N LEU A 98 -13.03 2.94 6.90
CA LEU A 98 -12.21 4.14 7.05
C LEU A 98 -11.80 4.67 5.67
N ILE A 99 -11.23 3.80 4.87
CA ILE A 99 -10.72 4.14 3.53
C ILE A 99 -11.85 4.65 2.59
N GLU A 100 -13.00 3.97 2.61
CA GLU A 100 -14.13 4.38 1.78
C GLU A 100 -14.72 5.72 2.23
N SER A 101 -14.85 5.93 3.54
CA SER A 101 -15.44 7.15 4.05
C SER A 101 -14.57 8.40 3.85
N LEU A 102 -13.26 8.22 3.74
CA LEU A 102 -12.37 9.35 3.40
C LEU A 102 -12.49 9.72 1.94
N GLY A 103 -12.98 8.79 1.14
CA GLY A 103 -13.12 9.03 -0.26
C GLY A 103 -11.82 8.83 -0.97
N VAL A 104 -11.18 7.71 -0.68
CA VAL A 104 -9.94 7.37 -1.33
C VAL A 104 -10.22 6.92 -2.75
N THR A 105 -9.98 7.83 -3.65
CA THR A 105 -10.14 7.61 -5.05
C THR A 105 -9.05 6.66 -5.52
N ASN A 106 -9.37 5.83 -6.52
CA ASN A 106 -8.43 4.85 -7.12
C ASN A 106 -8.29 3.60 -6.27
N ALA A 107 -9.12 3.48 -5.26
CA ALA A 107 -9.12 2.31 -4.41
C ALA A 107 -10.29 1.43 -4.80
N GLU A 108 -9.99 0.26 -5.29
CA GLU A 108 -11.02 -0.71 -5.66
C GLU A 108 -10.94 -1.89 -4.69
N TRP A 109 -12.06 -2.49 -4.39
CA TRP A 109 -12.12 -3.54 -3.39
C TRP A 109 -12.55 -4.85 -4.01
N LEU A 110 -11.72 -5.86 -3.89
CA LEU A 110 -12.09 -7.19 -4.34
C LEU A 110 -12.39 -8.08 -3.13
N PRO A 111 -13.68 -8.30 -2.82
CA PRO A 111 -14.08 -9.13 -1.68
C PRO A 111 -13.95 -10.63 -1.96
N VAL A 112 -13.35 -11.34 -1.03
CA VAL A 112 -13.16 -12.79 -1.13
C VAL A 112 -13.28 -13.40 0.25
N ALA A 113 -13.32 -14.71 0.30
CA ALA A 113 -13.30 -15.43 1.56
C ALA A 113 -11.91 -15.98 1.72
N ILE A 114 -11.23 -15.53 2.73
CA ILE A 114 -9.84 -15.85 2.89
C ILE A 114 -9.59 -16.80 4.05
N LYS A 115 -8.81 -17.80 3.76
CA LYS A 115 -8.35 -18.74 4.73
C LYS A 115 -6.99 -18.25 5.19
N ASP A 116 -6.67 -18.42 6.43
CA ASP A 116 -5.40 -17.93 6.97
C ASP A 116 -4.28 -18.97 6.69
N HIS A 117 -3.19 -18.89 7.44
CA HIS A 117 -2.03 -19.77 7.28
C HIS A 117 -2.38 -21.19 7.77
N GLN A 118 -3.28 -21.26 8.75
CA GLN A 118 -3.74 -22.55 9.31
C GLN A 118 -4.82 -23.13 8.39
N GLY A 119 -5.41 -22.27 7.59
CA GLY A 119 -6.36 -22.68 6.60
C GLY A 119 -7.79 -22.48 7.03
N LYS A 120 -8.00 -21.70 8.07
CA LYS A 120 -9.34 -21.44 8.55
C LYS A 120 -9.83 -20.14 7.94
N VAL A 121 -11.10 -20.09 7.57
CA VAL A 121 -11.67 -18.91 6.95
C VAL A 121 -11.97 -17.86 8.01
N VAL A 122 -10.99 -17.04 8.27
CA VAL A 122 -11.10 -15.95 9.21
C VAL A 122 -10.96 -14.61 8.51
N GLY A 123 -10.99 -14.65 7.19
CA GLY A 123 -10.96 -13.44 6.44
C GLY A 123 -12.11 -13.30 5.44
N PRO A 124 -13.42 -13.40 5.86
CA PRO A 124 -14.54 -13.25 4.93
C PRO A 124 -14.92 -11.77 4.73
N ASP A 125 -14.48 -10.91 5.62
CA ASP A 125 -14.78 -9.48 5.57
C ASP A 125 -13.62 -8.72 4.98
N TYR A 126 -12.65 -9.44 4.49
CA TYR A 126 -11.47 -8.83 3.96
C TYR A 126 -11.59 -8.67 2.45
N ALA A 127 -11.04 -7.62 1.98
CA ALA A 127 -11.05 -7.30 0.59
C ALA A 127 -9.67 -6.87 0.17
N PHE A 128 -9.29 -7.27 -1.00
CA PHE A 128 -8.03 -6.87 -1.56
C PHE A 128 -8.16 -5.50 -2.15
N LEU A 129 -7.39 -4.58 -1.63
CA LEU A 129 -7.44 -3.21 -2.04
C LEU A 129 -6.54 -3.02 -3.25
N ASN A 130 -7.16 -2.58 -4.29
CA ASN A 130 -6.54 -2.31 -5.56
C ASN A 130 -6.23 -0.86 -5.70
N LEU A 131 -4.99 -0.55 -5.98
CA LEU A 131 -4.60 0.83 -6.25
C LEU A 131 -4.48 1.04 -7.74
N LEU A 132 -5.24 1.98 -8.22
CA LEU A 132 -5.27 2.35 -9.63
C LEU A 132 -4.55 3.67 -9.82
N GLY A 133 -4.38 4.05 -11.07
CA GLY A 133 -3.79 5.33 -11.40
C GLY A 133 -2.30 5.35 -11.31
N ALA A 134 -1.70 4.19 -11.38
CA ALA A 134 -0.28 4.09 -11.29
C ALA A 134 0.31 4.07 -12.68
N GLU A 135 1.30 4.91 -12.86
CA GLU A 135 2.02 5.02 -14.11
C GLU A 135 3.47 5.21 -13.76
N ASP A 136 4.36 5.14 -14.74
CA ASP A 136 5.84 5.31 -14.54
C ASP A 136 6.07 6.64 -13.83
N ALA A 137 6.38 6.58 -12.53
CA ALA A 137 6.30 7.79 -11.73
C ALA A 137 7.47 8.15 -10.85
N ILE A 138 8.27 7.18 -10.38
CA ILE A 138 9.38 7.52 -9.47
C ILE A 138 10.39 8.43 -10.16
N ASP A 139 10.60 9.58 -9.56
CA ASP A 139 11.53 10.60 -10.07
C ASP A 139 12.96 10.18 -9.81
N MET A 140 13.69 9.79 -10.85
CA MET A 140 15.09 9.35 -10.71
C MET A 140 16.04 10.51 -10.55
N GLU A 141 15.55 11.71 -10.74
CA GLU A 141 16.37 12.90 -10.71
C GLU A 141 16.83 13.17 -9.28
N ARG A 142 15.90 13.17 -8.38
CA ARG A 142 16.13 13.48 -6.99
C ARG A 142 16.27 12.26 -6.11
N SER A 143 16.11 11.08 -6.66
CA SER A 143 16.17 9.89 -5.85
C SER A 143 17.52 9.19 -5.95
N GLU A 144 17.93 8.69 -4.83
CA GLU A 144 19.16 7.98 -4.66
C GLU A 144 18.82 6.60 -4.11
N TYR A 145 18.93 5.57 -4.92
CA TYR A 145 18.61 4.22 -4.49
C TYR A 145 19.23 3.17 -5.41
N GLU A 146 19.32 1.96 -4.92
CA GLU A 146 19.76 0.82 -5.69
C GLU A 146 18.71 -0.25 -5.58
N MET A 147 18.47 -0.95 -6.65
CA MET A 147 17.51 -2.04 -6.67
C MET A 147 18.26 -3.34 -6.56
N ASP A 148 18.16 -3.98 -5.42
CA ASP A 148 18.94 -5.18 -5.13
C ASP A 148 18.33 -6.05 -4.03
N SER A 149 17.12 -5.73 -3.58
CA SER A 149 16.55 -6.47 -2.46
C SER A 149 16.11 -7.88 -2.86
N LEU A 150 15.26 -7.96 -3.85
CA LEU A 150 14.76 -9.24 -4.32
C LEU A 150 15.17 -9.46 -5.76
N GLU A 151 15.11 -8.41 -6.55
CA GLU A 151 15.40 -8.46 -7.97
C GLU A 151 15.76 -7.06 -8.44
N LYS A 152 15.99 -6.90 -9.74
CA LYS A 152 16.37 -5.62 -10.34
C LYS A 152 15.25 -4.57 -10.30
N ASP A 153 14.04 -5.00 -10.02
CA ASP A 153 12.89 -4.09 -9.98
C ASP A 153 12.31 -3.97 -8.59
N GLN A 154 13.13 -4.25 -7.61
CA GLN A 154 12.76 -4.09 -6.21
C GLN A 154 13.86 -3.29 -5.54
N ILE A 155 13.50 -2.16 -4.99
CA ILE A 155 14.48 -1.26 -4.38
C ILE A 155 14.99 -1.82 -3.04
N GLY A 156 16.30 -1.78 -2.86
CA GLY A 156 16.90 -2.28 -1.66
C GLY A 156 17.57 -1.19 -0.88
N ASN A 157 18.67 -0.69 -1.39
CA ASN A 157 19.39 0.43 -0.75
C ASN A 157 18.68 1.71 -1.09
N ILE A 158 18.25 2.44 -0.09
CA ILE A 158 17.48 3.65 -0.29
C ILE A 158 18.14 4.79 0.45
N ASP A 159 18.77 5.67 -0.26
CA ASP A 159 19.45 6.80 0.37
C ASP A 159 18.48 7.94 0.47
N ALA A 160 17.78 8.17 -0.60
CA ALA A 160 16.86 9.25 -0.71
C ALA A 160 15.74 8.90 -1.66
N LEU A 161 14.57 8.73 -1.15
CA LEU A 161 13.43 8.40 -1.96
C LEU A 161 12.69 9.72 -2.30
N ALA A 162 12.48 9.95 -3.59
CA ALA A 162 11.79 11.13 -4.08
C ALA A 162 10.39 10.73 -4.46
N LEU A 163 9.46 11.63 -4.27
CA LEU A 163 8.05 11.34 -4.49
C LEU A 163 7.72 11.08 -5.96
N ASP A 164 6.87 10.12 -6.17
CA ASP A 164 6.43 9.70 -7.49
C ASP A 164 5.14 10.41 -7.86
N THR A 165 4.74 11.35 -7.01
CA THR A 165 3.61 12.24 -7.22
C THR A 165 3.94 13.23 -8.36
N SER A 166 5.17 13.14 -8.81
CA SER A 166 5.66 13.84 -9.95
C SER A 166 4.87 13.39 -11.21
N ALA A 167 4.56 12.07 -11.33
CA ALA A 167 3.77 11.60 -12.47
C ALA A 167 2.38 11.12 -12.05
N ILE A 168 2.27 10.58 -10.85
CA ILE A 168 0.97 10.17 -10.32
C ILE A 168 0.30 11.41 -9.72
N ARG A 169 -1.02 11.47 -9.72
CA ARG A 169 -1.72 12.60 -9.14
C ARG A 169 -1.40 12.70 -7.66
N PRO A 170 -0.83 13.84 -7.20
CA PRO A 170 -0.49 14.04 -5.79
C PRO A 170 -1.73 14.15 -4.91
N ASP A 171 -2.88 14.39 -5.54
CA ASP A 171 -4.15 14.51 -4.84
C ASP A 171 -4.75 13.14 -4.55
N ALA A 172 -4.11 12.08 -5.06
CA ALA A 172 -4.55 10.73 -4.78
C ALA A 172 -4.18 10.39 -3.36
N LYS A 173 -5.16 9.95 -2.60
CA LYS A 173 -4.97 9.68 -1.19
C LYS A 173 -4.08 8.47 -0.93
N MET A 174 -4.16 7.48 -1.79
CA MET A 174 -3.44 6.25 -1.61
C MET A 174 -3.14 5.66 -2.97
N PHE A 175 -1.90 5.31 -3.19
CA PHE A 175 -1.46 4.74 -4.46
C PHE A 175 -0.23 3.87 -4.22
N ARG A 176 0.32 3.31 -5.27
CA ARG A 176 1.54 2.53 -5.17
C ARG A 176 2.42 2.92 -6.32
N CYS A 177 3.70 2.92 -6.10
CA CYS A 177 4.66 3.30 -7.10
C CYS A 177 4.79 2.21 -8.17
N THR A 178 5.14 2.57 -9.36
CA THR A 178 5.36 1.61 -10.42
C THR A 178 6.71 0.95 -10.37
N LYS A 179 7.75 1.76 -10.17
CA LYS A 179 9.13 1.30 -10.24
C LYS A 179 9.51 0.47 -9.01
N GLU A 180 8.75 0.62 -7.96
CA GLU A 180 8.93 -0.18 -6.76
C GLU A 180 7.59 -0.78 -6.54
N ARG A 181 7.55 -2.04 -6.24
CA ARG A 181 6.29 -2.75 -6.19
C ARG A 181 5.66 -2.70 -4.81
N ARG A 182 6.50 -2.77 -3.80
CA ARG A 182 6.06 -2.88 -2.41
C ARG A 182 5.77 -1.52 -1.85
N LEU A 183 6.33 -0.51 -2.48
CA LEU A 183 6.20 0.84 -2.04
C LEU A 183 4.78 1.36 -2.33
N ILE A 184 3.99 1.37 -1.28
CA ILE A 184 2.65 1.89 -1.29
C ILE A 184 2.68 3.19 -0.54
N LEU A 185 2.24 4.25 -1.15
CA LEU A 185 2.28 5.54 -0.50
C LEU A 185 0.89 6.04 -0.18
N ILE A 186 0.76 6.52 1.02
CA ILE A 186 -0.47 7.10 1.50
C ILE A 186 -0.19 8.52 1.93
N ARG A 187 -1.20 9.32 2.00
CA ARG A 187 -1.04 10.66 2.49
C ARG A 187 -1.16 10.67 4.01
N GLU A 188 -0.66 11.74 4.60
CA GLU A 188 -0.78 12.07 6.02
C GLU A 188 -2.25 11.93 6.48
N ASP A 189 -3.11 12.51 5.67
CA ASP A 189 -4.58 12.49 5.77
C ASP A 189 -5.15 11.07 6.01
N VAL A 190 -4.66 10.11 5.25
CA VAL A 190 -5.18 8.76 5.28
C VAL A 190 -4.85 8.05 6.59
N HIS A 191 -3.61 8.15 7.04
CA HIS A 191 -3.27 7.45 8.28
C HIS A 191 -3.79 8.21 9.48
N ALA A 192 -4.04 9.52 9.34
CA ALA A 192 -4.60 10.32 10.43
C ALA A 192 -5.94 9.74 10.89
N ALA A 193 -6.73 9.30 9.91
CA ALA A 193 -7.98 8.61 10.17
C ALA A 193 -7.72 7.27 10.86
N PHE A 194 -6.69 6.58 10.42
CA PHE A 194 -6.33 5.27 10.99
C PHE A 194 -5.85 5.39 12.45
N GLU A 195 -5.11 6.47 12.74
CA GLU A 195 -4.57 6.76 14.10
C GLU A 195 -5.71 6.77 15.10
N GLN A 196 -6.73 7.54 14.79
CA GLN A 196 -7.87 7.75 15.67
C GLN A 196 -8.86 6.58 15.65
N ALA A 197 -8.69 5.67 14.70
CA ALA A 197 -9.52 4.49 14.63
C ALA A 197 -8.91 3.36 15.47
N GLY A 198 -7.58 3.40 15.61
CA GLY A 198 -6.87 2.40 16.39
C GLY A 198 -6.94 1.04 15.76
N LEU A 199 -6.66 0.98 14.47
CA LEU A 199 -6.70 -0.26 13.74
C LEU A 199 -5.37 -1.00 13.90
N THR A 200 -5.39 -2.27 13.64
CA THR A 200 -4.24 -3.11 13.90
C THR A 200 -3.33 -3.33 12.70
N GLY A 201 -2.07 -2.95 12.87
CA GLY A 201 -1.05 -3.21 11.89
C GLY A 201 -0.62 -2.01 11.08
N PHE A 202 -0.03 -1.00 11.72
CA PHE A 202 0.46 0.15 10.98
C PHE A 202 1.88 0.47 11.27
N LYS A 203 2.59 0.72 10.23
CA LYS A 203 3.94 1.16 10.28
C LYS A 203 4.08 2.14 9.15
N VAL A 204 4.46 3.33 9.44
CA VAL A 204 4.58 4.32 8.40
C VAL A 204 5.95 4.94 8.43
N TYR A 205 6.58 4.98 7.29
CA TYR A 205 7.88 5.62 7.19
C TYR A 205 7.74 6.87 6.38
N GLU A 206 8.74 7.72 6.44
CA GLU A 206 8.77 8.92 5.63
C GLU A 206 8.95 8.53 4.20
N ALA A 207 8.05 8.93 3.34
CA ALA A 207 8.26 8.67 1.93
C ALA A 207 9.20 9.72 1.38
N GLU A 208 9.05 10.90 1.93
CA GLU A 208 9.85 12.05 1.58
C GLU A 208 11.23 11.92 2.20
N GLY A 209 12.20 11.46 1.42
CA GLY A 209 13.56 11.34 1.92
C GLY A 209 13.75 10.13 2.80
N TRP A 210 13.06 9.04 2.47
CA TRP A 210 13.16 7.75 3.18
C TRP A 210 14.63 7.28 3.23
N ASP A 211 15.25 7.38 4.40
CA ASP A 211 16.67 7.05 4.55
C ASP A 211 16.94 5.70 5.20
N GLY A 212 17.22 4.71 4.37
CA GLY A 212 17.77 3.42 4.81
C GLY A 212 16.86 2.52 5.61
N LEU A 213 15.59 2.78 5.61
CA LEU A 213 14.67 1.97 6.38
C LEU A 213 14.08 0.87 5.51
N GLU A 214 13.64 -0.18 6.17
CA GLU A 214 13.10 -1.35 5.50
C GLU A 214 11.57 -1.36 5.56
N LEU A 215 10.95 -1.59 4.44
CA LEU A 215 9.52 -1.79 4.39
C LEU A 215 9.31 -3.28 4.61
N MET A 1 36.75 8.85 -10.41
CA MET A 1 36.58 9.95 -11.36
C MET A 1 35.88 9.47 -12.62
N GLY A 2 36.55 8.70 -13.46
CA GLY A 2 35.95 8.31 -14.72
C GLY A 2 35.59 6.85 -14.83
N SER A 3 36.17 6.00 -14.00
CA SER A 3 35.90 4.58 -14.07
C SER A 3 34.63 4.17 -13.29
N SER A 4 34.08 5.11 -12.56
CA SER A 4 32.87 4.91 -11.82
C SER A 4 31.84 5.92 -12.30
N HIS A 5 30.60 5.77 -11.90
CA HIS A 5 29.58 6.71 -12.28
C HIS A 5 29.54 7.81 -11.26
N HIS A 6 29.68 9.04 -11.73
CA HIS A 6 29.61 10.18 -10.85
C HIS A 6 28.16 10.39 -10.43
N HIS A 7 27.88 10.17 -9.14
CA HIS A 7 26.50 10.23 -8.64
C HIS A 7 25.93 11.62 -8.78
N HIS A 8 24.66 11.67 -8.97
CA HIS A 8 23.98 12.92 -9.15
C HIS A 8 23.30 13.27 -7.87
N HIS A 9 23.47 14.49 -7.42
CA HIS A 9 22.84 14.98 -6.21
C HIS A 9 21.35 15.09 -6.42
N HIS A 10 20.57 14.57 -5.46
CA HIS A 10 19.12 14.71 -5.47
C HIS A 10 18.75 16.19 -5.68
N SER A 11 18.31 16.46 -6.85
CA SER A 11 18.11 17.79 -7.31
C SER A 11 16.80 18.35 -6.82
N SER A 12 16.83 19.59 -6.37
CA SER A 12 15.64 20.26 -5.97
C SER A 12 14.99 20.84 -7.21
N GLY A 13 14.15 20.05 -7.82
CA GLY A 13 13.45 20.47 -8.98
C GLY A 13 12.00 20.58 -8.66
N LEU A 14 11.61 21.76 -8.19
CA LEU A 14 10.24 22.02 -7.75
C LEU A 14 9.29 22.19 -8.93
N VAL A 15 9.11 21.12 -9.61
CA VAL A 15 8.18 21.02 -10.70
C VAL A 15 6.84 20.50 -10.17
N PRO A 16 6.80 19.37 -9.33
CA PRO A 16 5.56 18.96 -8.68
C PRO A 16 5.22 19.99 -7.61
N ARG A 17 4.16 20.74 -7.86
CA ARG A 17 3.80 21.83 -7.00
C ARG A 17 3.09 21.38 -5.73
N GLY A 18 3.72 21.69 -4.63
CA GLY A 18 3.19 21.40 -3.35
C GLY A 18 2.85 22.67 -2.63
N SER A 19 1.80 23.34 -3.10
CA SER A 19 1.29 24.55 -2.48
C SER A 19 0.75 24.18 -1.09
N HIS A 20 0.11 23.02 -1.04
CA HIS A 20 -0.29 22.42 0.19
C HIS A 20 0.65 21.26 0.45
N MET A 21 1.56 21.46 1.40
CA MET A 21 2.59 20.47 1.67
C MET A 21 2.06 19.33 2.51
N VAL A 22 1.92 18.20 1.87
CA VAL A 22 1.39 16.99 2.47
C VAL A 22 2.51 15.98 2.56
N LYS A 23 2.52 15.18 3.60
CA LYS A 23 3.55 14.20 3.75
C LYS A 23 3.01 12.79 3.47
N TYR A 24 3.84 11.95 2.89
CA TYR A 24 3.44 10.63 2.42
C TYR A 24 4.18 9.54 3.18
N PHE A 25 3.48 8.49 3.51
CA PHE A 25 4.09 7.45 4.30
C PHE A 25 4.13 6.11 3.60
N VAL A 26 5.27 5.48 3.74
CA VAL A 26 5.51 4.13 3.30
C VAL A 26 4.77 3.24 4.29
N PHE A 27 3.69 2.66 3.85
CA PHE A 27 2.79 1.92 4.71
C PHE A 27 3.02 0.42 4.64
N LYS A 28 3.06 -0.19 5.79
CA LYS A 28 3.18 -1.60 5.95
C LYS A 28 2.49 -1.91 7.27
N VAL A 29 2.19 -3.13 7.52
CA VAL A 29 1.56 -3.49 8.79
C VAL A 29 2.67 -3.92 9.76
N MET A 30 2.54 -3.56 11.03
CA MET A 30 3.63 -3.77 11.96
C MET A 30 3.49 -5.04 12.78
N ALA A 31 3.93 -6.13 12.14
CA ALA A 31 4.10 -7.48 12.69
C ALA A 31 4.18 -8.44 11.54
N GLU A 32 5.07 -9.35 11.62
CA GLU A 32 5.24 -10.37 10.61
C GLU A 32 4.21 -11.46 10.82
N GLU A 33 3.83 -11.63 12.09
CA GLU A 33 2.83 -12.58 12.46
C GLU A 33 1.41 -12.01 12.28
N ALA A 34 1.30 -10.76 11.80
CA ALA A 34 -0.01 -10.12 11.52
C ALA A 34 -0.70 -10.82 10.38
N GLY A 35 0.07 -11.52 9.59
CA GLY A 35 -0.50 -12.27 8.57
C GLY A 35 -0.02 -11.85 7.23
N TYR A 36 1.23 -12.07 6.98
CA TYR A 36 1.76 -11.86 5.66
C TYR A 36 1.24 -12.91 4.73
N ILE A 37 0.79 -12.49 3.58
CA ILE A 37 0.45 -13.44 2.57
C ILE A 37 1.78 -13.91 2.00
N GLU A 38 2.16 -15.09 2.43
CA GLU A 38 3.45 -15.71 2.20
C GLU A 38 3.76 -15.89 0.72
N LYS A 39 2.77 -16.31 -0.03
CA LYS A 39 2.91 -16.56 -1.42
C LYS A 39 1.56 -16.24 -2.07
N LEU A 40 1.50 -16.28 -3.38
CA LEU A 40 0.33 -15.90 -4.16
C LEU A 40 -0.93 -16.73 -3.85
N PRO A 41 -2.04 -16.06 -3.48
CA PRO A 41 -3.32 -16.72 -3.28
C PRO A 41 -3.95 -17.16 -4.61
N ASN A 42 -4.98 -17.97 -4.49
CA ASN A 42 -5.79 -18.50 -5.58
C ASN A 42 -6.20 -17.42 -6.59
N GLY A 43 -5.68 -17.54 -7.81
CA GLY A 43 -6.08 -16.68 -8.90
C GLY A 43 -5.37 -15.34 -8.94
N SER A 44 -4.38 -15.17 -8.10
CA SER A 44 -3.65 -13.93 -8.04
C SER A 44 -2.52 -13.88 -9.08
N PRO A 45 -2.41 -12.76 -9.85
CA PRO A 45 -1.30 -12.52 -10.80
C PRO A 45 0.07 -12.46 -10.09
N THR A 46 1.15 -12.55 -10.87
CA THR A 46 2.52 -12.59 -10.36
C THR A 46 2.90 -11.45 -9.39
N ASP A 47 3.82 -11.78 -8.47
CA ASP A 47 4.32 -10.96 -7.32
C ASP A 47 4.50 -9.48 -7.66
N TRP A 48 5.27 -9.24 -8.69
CA TRP A 48 5.61 -7.90 -9.09
C TRP A 48 4.55 -7.26 -9.95
N LYS A 49 3.76 -8.08 -10.60
CA LYS A 49 2.82 -7.61 -11.57
C LYS A 49 1.50 -7.20 -10.90
N PHE A 50 1.31 -7.57 -9.61
CA PHE A 50 0.08 -7.21 -8.84
C PHE A 50 -0.32 -5.74 -9.03
N HIS A 51 0.63 -4.84 -8.97
CA HIS A 51 0.31 -3.44 -9.22
C HIS A 51 1.18 -2.79 -10.23
N GLU A 52 1.74 -3.56 -11.12
CA GLU A 52 2.57 -2.94 -12.10
C GLU A 52 1.69 -2.66 -13.34
N GLY A 53 1.28 -1.40 -13.44
CA GLY A 53 0.52 -0.88 -14.58
C GLY A 53 -0.96 -1.33 -14.73
N ILE A 54 -1.46 -2.30 -13.96
CA ILE A 54 -2.86 -2.78 -14.20
C ILE A 54 -3.68 -2.93 -12.92
N SER A 55 -4.96 -3.20 -13.12
CA SER A 55 -5.91 -3.51 -12.09
C SER A 55 -6.07 -5.03 -12.04
N LEU A 56 -6.37 -5.55 -10.86
CA LEU A 56 -6.51 -6.99 -10.67
C LEU A 56 -7.97 -7.36 -10.72
N ALA A 57 -8.84 -6.36 -10.83
CA ALA A 57 -10.31 -6.53 -10.78
C ALA A 57 -10.84 -7.60 -11.75
N LYS A 58 -10.23 -7.68 -12.91
CA LYS A 58 -10.64 -8.64 -13.92
C LYS A 58 -9.92 -10.00 -13.79
N ASP A 59 -8.77 -10.00 -13.16
CA ASP A 59 -7.91 -11.20 -13.16
C ASP A 59 -8.01 -11.99 -11.87
N PHE A 60 -8.43 -11.33 -10.83
CA PHE A 60 -8.55 -11.93 -9.53
C PHE A 60 -10.00 -12.37 -9.35
N PRO A 61 -10.26 -13.55 -8.73
CA PRO A 61 -11.63 -14.01 -8.48
C PRO A 61 -12.34 -13.10 -7.47
N VAL A 62 -13.46 -12.55 -7.88
CA VAL A 62 -14.18 -11.63 -7.04
C VAL A 62 -15.34 -12.35 -6.40
N GLY A 63 -15.34 -12.41 -5.09
CA GLY A 63 -16.38 -13.12 -4.38
C GLY A 63 -16.06 -14.60 -4.30
N GLY A 64 -14.81 -14.92 -4.54
CA GLY A 64 -14.37 -16.30 -4.51
C GLY A 64 -13.77 -16.66 -3.18
N GLU A 65 -12.85 -17.59 -3.17
CA GLU A 65 -12.19 -18.02 -1.96
C GLU A 65 -10.70 -18.03 -2.18
N VAL A 66 -9.95 -17.48 -1.27
CA VAL A 66 -8.51 -17.53 -1.33
C VAL A 66 -7.98 -17.93 0.04
N SER A 67 -6.75 -18.27 0.11
CA SER A 67 -6.15 -18.69 1.35
C SER A 67 -4.72 -18.24 1.44
N PHE A 68 -4.25 -18.07 2.65
CA PHE A 68 -2.85 -17.84 2.89
C PHE A 68 -2.17 -19.18 2.71
N SER A 69 -1.33 -19.25 1.73
CA SER A 69 -0.61 -20.45 1.36
C SER A 69 0.18 -21.06 2.53
N LYS A 70 0.36 -22.37 2.48
CA LYS A 70 1.13 -23.13 3.45
C LYS A 70 2.63 -23.04 3.14
N ASN A 71 3.00 -22.02 2.35
CA ASN A 71 4.40 -21.73 1.98
C ASN A 71 5.19 -21.47 3.26
N TYR A 72 4.54 -20.79 4.19
CA TYR A 72 5.05 -20.61 5.52
C TYR A 72 3.91 -20.89 6.49
N PRO A 73 3.93 -22.06 7.14
CA PRO A 73 2.95 -22.39 8.15
C PRO A 73 3.32 -21.76 9.51
N ASP A 74 2.39 -21.86 10.44
CA ASP A 74 2.46 -21.28 11.80
C ASP A 74 2.71 -19.77 11.76
N ASN A 75 1.64 -19.07 11.55
CA ASN A 75 1.58 -17.63 11.49
C ASN A 75 0.12 -17.35 11.80
N ARG A 76 -0.21 -16.15 12.22
CA ARG A 76 -1.55 -15.91 12.77
C ARG A 76 -2.60 -15.64 11.69
N ASN A 77 -3.71 -15.12 12.15
CA ASN A 77 -4.90 -14.85 11.38
C ASN A 77 -4.87 -13.45 10.80
N LEU A 78 -6.02 -12.94 10.43
CA LEU A 78 -6.13 -11.65 9.82
C LEU A 78 -6.41 -10.55 10.86
N TYR A 79 -5.74 -9.42 10.68
CA TYR A 79 -5.79 -8.26 11.53
C TYR A 79 -6.56 -7.14 10.79
N ASP A 80 -6.33 -5.86 11.13
CA ASP A 80 -6.99 -4.73 10.45
C ASP A 80 -6.58 -4.66 9.00
N PHE A 81 -5.31 -4.72 8.78
CA PHE A 81 -4.73 -4.71 7.46
C PHE A 81 -3.82 -5.89 7.33
N GLN A 82 -3.87 -6.53 6.19
CA GLN A 82 -3.04 -7.68 5.95
C GLN A 82 -1.92 -7.35 5.00
N PRO A 83 -0.69 -7.51 5.47
CA PRO A 83 0.48 -7.29 4.66
C PRO A 83 0.84 -8.53 3.84
N ASN A 84 1.72 -8.36 2.91
CA ASN A 84 2.19 -9.45 2.08
C ASN A 84 3.50 -9.09 1.49
N ILE A 85 4.14 -10.05 0.88
CA ILE A 85 5.47 -9.87 0.31
C ILE A 85 5.37 -9.29 -1.13
N MET A 86 4.14 -9.21 -1.62
CA MET A 86 3.89 -8.74 -2.96
C MET A 86 3.47 -7.26 -2.93
N SER A 87 2.98 -6.75 -4.05
CA SER A 87 2.68 -5.34 -4.19
C SER A 87 1.17 -4.99 -4.06
N ASN A 88 0.39 -5.85 -3.42
CA ASN A 88 -1.07 -5.64 -3.31
C ASN A 88 -1.45 -5.46 -1.84
N LEU A 89 -2.63 -4.92 -1.53
CA LEU A 89 -2.98 -4.76 -0.12
C LEU A 89 -4.30 -5.47 0.21
N LEU A 90 -4.38 -6.09 1.36
CA LEU A 90 -5.60 -6.73 1.82
C LEU A 90 -6.12 -5.98 3.04
N VAL A 91 -7.36 -5.58 3.00
CA VAL A 91 -7.94 -4.72 4.02
C VAL A 91 -9.23 -5.33 4.59
N SER A 92 -9.46 -5.14 5.88
CA SER A 92 -10.68 -5.59 6.54
C SER A 92 -11.84 -4.65 6.20
N GLY A 93 -13.05 -5.06 6.53
CA GLY A 93 -14.22 -4.24 6.30
C GLY A 93 -14.22 -2.99 7.17
N ARG A 94 -13.71 -3.12 8.41
CA ARG A 94 -13.65 -1.98 9.32
C ARG A 94 -12.69 -0.92 8.78
N ALA A 95 -11.52 -1.36 8.32
CA ALA A 95 -10.52 -0.46 7.80
C ALA A 95 -10.95 0.08 6.44
N ARG A 96 -11.71 -0.74 5.70
CA ARG A 96 -12.29 -0.35 4.43
C ARG A 96 -13.19 0.86 4.61
N LYS A 97 -14.01 0.81 5.66
CA LYS A 97 -14.94 1.88 5.98
C LYS A 97 -14.20 3.20 6.16
N LEU A 98 -13.06 3.16 6.85
CA LEU A 98 -12.21 4.35 7.04
C LEU A 98 -11.78 4.93 5.68
N ILE A 99 -11.20 4.10 4.86
CA ILE A 99 -10.69 4.48 3.54
C ILE A 99 -11.81 5.04 2.62
N GLU A 100 -12.98 4.42 2.66
CA GLU A 100 -14.12 4.87 1.86
C GLU A 100 -14.67 6.20 2.39
N SER A 101 -14.62 6.41 3.71
CA SER A 101 -15.10 7.65 4.31
C SER A 101 -14.20 8.84 3.93
N LEU A 102 -12.93 8.54 3.65
CA LEU A 102 -11.98 9.55 3.20
C LEU A 102 -12.12 9.84 1.71
N GLY A 103 -12.94 9.04 1.04
CA GLY A 103 -13.19 9.22 -0.36
C GLY A 103 -11.95 9.01 -1.20
N VAL A 104 -11.20 7.97 -0.86
CA VAL A 104 -10.00 7.64 -1.61
C VAL A 104 -10.41 7.07 -2.95
N THR A 105 -10.11 7.80 -4.00
CA THR A 105 -10.48 7.39 -5.33
C THR A 105 -9.48 6.35 -5.85
N ASN A 106 -9.94 5.51 -6.80
CA ASN A 106 -9.15 4.42 -7.43
C ASN A 106 -9.02 3.25 -6.50
N ALA A 107 -9.84 3.23 -5.49
CA ALA A 107 -9.82 2.16 -4.54
C ALA A 107 -10.79 1.10 -4.99
N GLU A 108 -10.26 -0.03 -5.33
CA GLU A 108 -11.09 -1.14 -5.74
C GLU A 108 -11.04 -2.18 -4.66
N TRP A 109 -12.16 -2.77 -4.38
CA TRP A 109 -12.28 -3.72 -3.31
C TRP A 109 -12.72 -5.03 -3.88
N LEU A 110 -11.87 -6.01 -3.80
CA LEU A 110 -12.21 -7.34 -4.27
C LEU A 110 -12.35 -8.27 -3.07
N PRO A 111 -13.58 -8.49 -2.57
CA PRO A 111 -13.81 -9.34 -1.41
C PRO A 111 -13.85 -10.80 -1.78
N VAL A 112 -13.37 -11.61 -0.88
CA VAL A 112 -13.31 -13.04 -1.03
C VAL A 112 -13.44 -13.69 0.33
N ALA A 113 -13.62 -14.99 0.36
CA ALA A 113 -13.60 -15.70 1.60
C ALA A 113 -12.19 -16.11 1.83
N ILE A 114 -11.58 -15.59 2.86
CA ILE A 114 -10.20 -15.81 3.08
C ILE A 114 -9.95 -16.72 4.23
N LYS A 115 -9.19 -17.74 3.96
CA LYS A 115 -8.72 -18.68 4.92
C LYS A 115 -7.30 -18.27 5.25
N ASP A 116 -6.94 -18.27 6.49
CA ASP A 116 -5.62 -17.82 6.91
C ASP A 116 -4.57 -18.94 6.71
N HIS A 117 -3.43 -18.83 7.40
CA HIS A 117 -2.34 -19.80 7.36
C HIS A 117 -2.82 -21.14 7.90
N GLN A 118 -3.68 -21.07 8.92
CA GLN A 118 -4.24 -22.25 9.57
C GLN A 118 -5.38 -22.80 8.73
N GLY A 119 -5.91 -21.97 7.86
CA GLY A 119 -6.93 -22.38 6.94
C GLY A 119 -8.32 -22.08 7.43
N LYS A 120 -8.44 -21.21 8.42
CA LYS A 120 -9.72 -20.88 8.97
C LYS A 120 -10.27 -19.63 8.27
N VAL A 121 -11.53 -19.68 7.88
CA VAL A 121 -12.14 -18.55 7.18
C VAL A 121 -12.49 -17.46 8.18
N VAL A 122 -11.59 -16.56 8.35
CA VAL A 122 -11.79 -15.43 9.25
C VAL A 122 -11.71 -14.12 8.50
N GLY A 123 -11.71 -14.21 7.17
CA GLY A 123 -11.66 -13.01 6.39
C GLY A 123 -12.62 -12.96 5.21
N PRO A 124 -13.96 -13.20 5.37
CA PRO A 124 -14.90 -13.12 4.24
C PRO A 124 -15.39 -11.69 3.99
N ASP A 125 -14.93 -10.79 4.82
CA ASP A 125 -15.27 -9.38 4.74
C ASP A 125 -14.02 -8.58 4.39
N TYR A 126 -12.97 -9.29 4.09
CA TYR A 126 -11.74 -8.67 3.71
C TYR A 126 -11.68 -8.57 2.22
N ALA A 127 -11.24 -7.46 1.77
CA ALA A 127 -11.19 -7.18 0.39
C ALA A 127 -9.80 -6.78 0.01
N PHE A 128 -9.37 -7.23 -1.12
CA PHE A 128 -8.10 -6.86 -1.64
C PHE A 128 -8.23 -5.51 -2.28
N LEU A 129 -7.54 -4.57 -1.70
CA LEU A 129 -7.61 -3.22 -2.12
C LEU A 129 -6.60 -3.03 -3.22
N ASN A 130 -7.11 -2.66 -4.36
CA ASN A 130 -6.31 -2.37 -5.49
C ASN A 130 -6.23 -0.87 -5.57
N LEU A 131 -5.06 -0.34 -5.54
CA LEU A 131 -4.90 1.07 -5.79
C LEU A 131 -4.55 1.26 -7.22
N LEU A 132 -5.44 1.87 -7.95
CA LEU A 132 -5.29 2.08 -9.36
C LEU A 132 -4.79 3.48 -9.60
N GLY A 133 -4.48 3.76 -10.83
CA GLY A 133 -4.06 5.07 -11.20
C GLY A 133 -2.58 5.25 -11.06
N ALA A 134 -1.89 4.16 -10.90
CA ALA A 134 -0.46 4.20 -10.79
C ALA A 134 0.10 4.13 -12.20
N GLU A 135 1.00 5.02 -12.51
CA GLU A 135 1.56 5.11 -13.84
C GLU A 135 3.01 5.59 -13.79
N ASP A 136 3.93 4.64 -13.93
CA ASP A 136 5.41 4.83 -13.91
C ASP A 136 5.93 5.15 -12.50
N ALA A 137 5.27 6.09 -11.84
CA ALA A 137 5.44 6.41 -10.44
C ALA A 137 6.79 7.03 -10.03
N ILE A 138 7.72 6.19 -9.56
CA ILE A 138 8.92 6.67 -8.87
C ILE A 138 9.84 7.45 -9.77
N ASP A 139 10.10 8.67 -9.35
CA ASP A 139 10.98 9.60 -10.02
C ASP A 139 12.40 9.14 -9.82
N MET A 140 13.16 9.03 -10.88
CA MET A 140 14.54 8.57 -10.79
C MET A 140 15.54 9.74 -11.02
N GLU A 141 15.00 10.92 -11.23
CA GLU A 141 15.81 12.09 -11.54
C GLU A 141 16.25 12.81 -10.25
N ARG A 142 15.31 13.04 -9.39
CA ARG A 142 15.51 13.81 -8.18
C ARG A 142 15.70 12.92 -6.97
N SER A 143 15.88 11.66 -7.21
CA SER A 143 16.10 10.72 -6.15
C SER A 143 17.50 10.12 -6.25
N GLU A 144 17.96 9.53 -5.17
CA GLU A 144 19.23 8.84 -5.13
C GLU A 144 19.01 7.48 -4.54
N TYR A 145 19.15 6.45 -5.37
CA TYR A 145 18.99 5.08 -4.95
C TYR A 145 19.66 4.13 -5.94
N GLU A 146 19.93 2.94 -5.46
CA GLU A 146 20.50 1.88 -6.26
C GLU A 146 19.60 0.66 -6.21
N MET A 147 19.33 0.09 -7.36
CA MET A 147 18.47 -1.08 -7.48
C MET A 147 19.30 -2.35 -7.42
N ASP A 148 18.93 -3.27 -6.50
CA ASP A 148 19.83 -4.40 -6.20
C ASP A 148 19.19 -5.60 -5.43
N SER A 149 18.12 -5.36 -4.65
CA SER A 149 17.56 -6.40 -3.75
C SER A 149 17.14 -7.72 -4.43
N LEU A 150 16.27 -7.67 -5.41
CA LEU A 150 15.78 -8.89 -6.04
C LEU A 150 15.78 -8.73 -7.55
N GLU A 151 14.76 -8.09 -8.05
CA GLU A 151 14.65 -7.81 -9.46
C GLU A 151 15.23 -6.43 -9.73
N LYS A 152 15.26 -6.02 -10.99
CA LYS A 152 15.74 -4.71 -11.38
C LYS A 152 14.91 -3.62 -10.71
N ASP A 153 13.64 -3.89 -10.54
CA ASP A 153 12.69 -2.94 -9.94
C ASP A 153 12.62 -3.12 -8.43
N GLN A 154 13.68 -3.62 -7.86
CA GLN A 154 13.82 -3.69 -6.44
C GLN A 154 14.96 -2.87 -5.98
N ILE A 155 14.65 -1.84 -5.22
CA ILE A 155 15.64 -0.91 -4.77
C ILE A 155 16.37 -1.47 -3.55
N GLY A 156 17.69 -1.60 -3.66
CA GLY A 156 18.48 -2.19 -2.61
C GLY A 156 18.92 -1.18 -1.59
N ASN A 157 19.40 -0.07 -2.09
CA ASN A 157 19.84 1.01 -1.25
C ASN A 157 19.10 2.25 -1.61
N ILE A 158 18.47 2.87 -0.65
CA ILE A 158 17.75 4.09 -0.89
C ILE A 158 18.42 5.19 -0.07
N ASP A 159 18.88 6.24 -0.72
CA ASP A 159 19.50 7.37 0.00
C ASP A 159 18.48 8.48 0.17
N ALA A 160 17.88 8.85 -0.93
CA ALA A 160 16.87 9.88 -0.91
C ALA A 160 15.79 9.51 -1.89
N LEU A 161 14.63 9.18 -1.37
CA LEU A 161 13.50 8.83 -2.20
C LEU A 161 12.73 10.10 -2.54
N ALA A 162 12.55 10.32 -3.83
CA ALA A 162 11.77 11.43 -4.31
C ALA A 162 10.39 10.91 -4.57
N LEU A 163 9.41 11.74 -4.35
CA LEU A 163 8.02 11.33 -4.42
C LEU A 163 7.60 10.89 -5.82
N ASP A 164 6.79 9.86 -5.85
CA ASP A 164 6.33 9.24 -7.07
C ASP A 164 5.10 9.96 -7.60
N THR A 165 4.69 10.97 -6.84
CA THR A 165 3.62 11.89 -7.20
C THR A 165 4.08 12.78 -8.37
N SER A 166 5.34 12.66 -8.74
CA SER A 166 5.88 13.27 -9.92
C SER A 166 5.20 12.64 -11.15
N ALA A 167 4.89 11.33 -11.08
CA ALA A 167 4.24 10.65 -12.17
C ALA A 167 2.79 10.25 -11.83
N ILE A 168 2.53 9.98 -10.58
CA ILE A 168 1.17 9.69 -10.14
C ILE A 168 0.50 11.01 -9.73
N ARG A 169 -0.78 11.11 -9.99
CA ARG A 169 -1.57 12.29 -9.64
C ARG A 169 -1.52 12.55 -8.12
N PRO A 170 -1.04 13.74 -7.70
CA PRO A 170 -0.81 14.06 -6.27
C PRO A 170 -2.08 14.23 -5.45
N ASP A 171 -3.20 14.19 -6.10
CA ASP A 171 -4.49 14.35 -5.42
C ASP A 171 -5.03 13.01 -4.98
N ALA A 172 -4.32 11.93 -5.33
CA ALA A 172 -4.68 10.60 -4.91
C ALA A 172 -4.24 10.43 -3.46
N LYS A 173 -5.07 9.82 -2.65
CA LYS A 173 -4.77 9.69 -1.23
C LYS A 173 -4.02 8.40 -0.91
N MET A 174 -4.20 7.39 -1.75
CA MET A 174 -3.50 6.13 -1.61
C MET A 174 -3.12 5.65 -2.95
N PHE A 175 -1.89 5.28 -3.06
CA PHE A 175 -1.33 4.85 -4.33
C PHE A 175 -0.17 3.90 -4.12
N ARG A 176 0.06 3.05 -5.09
CA ARG A 176 1.15 2.10 -5.05
C ARG A 176 2.15 2.46 -6.12
N CYS A 177 3.39 2.28 -5.83
CA CYS A 177 4.43 2.62 -6.76
C CYS A 177 4.72 1.43 -7.69
N THR A 178 4.78 1.70 -8.98
CA THR A 178 5.02 0.67 -9.97
C THR A 178 6.51 0.30 -10.14
N LYS A 179 7.42 1.08 -9.53
CA LYS A 179 8.87 0.82 -9.70
C LYS A 179 9.45 0.05 -8.52
N GLU A 180 8.62 -0.29 -7.55
CA GLU A 180 9.09 -1.01 -6.37
C GLU A 180 7.88 -1.70 -5.80
N ARG A 181 8.07 -2.88 -5.29
CA ARG A 181 6.96 -3.72 -4.86
C ARG A 181 6.62 -3.48 -3.39
N ARG A 182 7.59 -3.03 -2.62
CA ARG A 182 7.39 -2.75 -1.20
C ARG A 182 6.66 -1.44 -1.03
N LEU A 183 7.02 -0.50 -1.89
CA LEU A 183 6.63 0.87 -1.73
C LEU A 183 5.13 1.11 -1.97
N ILE A 184 4.46 1.22 -0.87
CA ILE A 184 3.09 1.52 -0.76
C ILE A 184 2.99 2.89 -0.09
N LEU A 185 2.47 3.88 -0.79
CA LEU A 185 2.38 5.20 -0.20
C LEU A 185 0.95 5.60 0.12
N ILE A 186 0.79 6.09 1.32
CA ILE A 186 -0.47 6.62 1.77
C ILE A 186 -0.26 8.07 2.17
N ARG A 187 -1.32 8.83 2.13
CA ARG A 187 -1.27 10.22 2.53
C ARG A 187 -1.33 10.28 4.06
N GLU A 188 -0.83 11.36 4.66
CA GLU A 188 -0.87 11.55 6.12
C GLU A 188 -2.31 11.47 6.66
N ASP A 189 -3.25 12.01 5.89
CA ASP A 189 -4.70 12.00 6.23
C ASP A 189 -5.20 10.59 6.43
N VAL A 190 -4.68 9.68 5.62
CA VAL A 190 -5.10 8.29 5.62
C VAL A 190 -4.77 7.63 6.95
N HIS A 191 -3.52 7.76 7.41
CA HIS A 191 -3.16 7.15 8.69
C HIS A 191 -3.79 7.94 9.84
N ALA A 192 -4.04 9.24 9.63
CA ALA A 192 -4.64 10.11 10.64
C ALA A 192 -6.03 9.61 11.03
N ALA A 193 -6.73 9.08 10.04
CA ALA A 193 -8.02 8.48 10.25
C ALA A 193 -7.88 7.14 10.98
N PHE A 194 -6.78 6.44 10.72
CA PHE A 194 -6.52 5.15 11.36
C PHE A 194 -6.16 5.34 12.84
N GLU A 195 -5.48 6.47 13.15
CA GLU A 195 -5.10 6.82 14.52
C GLU A 195 -6.36 6.91 15.39
N GLN A 196 -7.33 7.67 14.88
CA GLN A 196 -8.59 7.92 15.58
C GLN A 196 -9.57 6.75 15.45
N ALA A 197 -9.23 5.78 14.62
CA ALA A 197 -10.02 4.59 14.47
C ALA A 197 -9.62 3.58 15.52
N GLY A 198 -8.37 3.67 15.95
CA GLY A 198 -7.89 2.76 16.95
C GLY A 198 -7.54 1.42 16.37
N LEU A 199 -6.83 1.44 15.27
CA LEU A 199 -6.42 0.19 14.63
C LEU A 199 -5.13 -0.30 15.31
N THR A 200 -4.75 -1.55 15.08
CA THR A 200 -3.67 -2.16 15.86
C THR A 200 -2.24 -1.59 15.67
N GLY A 201 -1.50 -2.09 14.70
CA GLY A 201 -0.13 -1.64 14.56
C GLY A 201 0.31 -1.62 13.14
N PHE A 202 0.79 -0.49 12.68
CA PHE A 202 1.24 -0.33 11.31
C PHE A 202 2.59 0.33 11.30
N LYS A 203 3.27 0.21 10.18
CA LYS A 203 4.53 0.86 9.99
C LYS A 203 4.36 1.96 9.04
N VAL A 204 5.00 3.03 9.34
CA VAL A 204 4.97 4.20 8.50
C VAL A 204 6.36 4.79 8.44
N TYR A 205 6.83 5.04 7.27
CA TYR A 205 8.11 5.68 7.07
C TYR A 205 7.89 6.90 6.21
N GLU A 206 8.61 7.94 6.49
CA GLU A 206 8.53 9.16 5.72
C GLU A 206 9.14 8.94 4.35
N ALA A 207 8.30 9.03 3.32
CA ALA A 207 8.70 8.76 1.95
C ALA A 207 9.62 9.83 1.44
N GLU A 208 9.32 11.08 1.79
CA GLU A 208 10.13 12.22 1.43
C GLU A 208 11.53 12.07 2.01
N GLY A 209 12.44 11.59 1.20
CA GLY A 209 13.80 11.41 1.66
C GLY A 209 13.95 10.16 2.49
N TRP A 210 13.16 9.14 2.16
CA TRP A 210 13.22 7.82 2.80
C TRP A 210 14.63 7.23 2.64
N ASP A 211 15.33 7.10 3.75
CA ASP A 211 16.72 6.65 3.76
C ASP A 211 16.87 5.19 4.17
N GLY A 212 16.50 4.30 3.26
CA GLY A 212 16.85 2.89 3.40
C GLY A 212 16.16 2.12 4.52
N LEU A 213 15.11 2.67 5.11
CA LEU A 213 14.45 2.00 6.23
C LEU A 213 13.57 0.87 5.72
N GLU A 214 13.92 -0.33 6.07
CA GLU A 214 13.24 -1.52 5.65
C GLU A 214 11.86 -1.60 6.28
N LEU A 215 10.87 -1.91 5.48
CA LEU A 215 9.49 -2.01 5.94
C LEU A 215 9.36 -3.22 6.87
N MET A 1 24.37 32.38 -0.84
CA MET A 1 23.04 32.59 -1.38
C MET A 1 22.27 33.52 -0.47
N GLY A 2 21.94 34.69 -0.97
CA GLY A 2 21.30 35.69 -0.13
C GLY A 2 19.81 35.82 -0.38
N SER A 3 19.16 34.75 -0.76
CA SER A 3 17.74 34.75 -1.00
C SER A 3 17.16 33.43 -0.56
N SER A 4 16.54 33.41 0.59
CA SER A 4 16.00 32.19 1.12
C SER A 4 14.59 32.44 1.65
N HIS A 5 13.81 31.40 1.66
CA HIS A 5 12.46 31.41 2.15
C HIS A 5 12.23 30.16 2.95
N HIS A 6 12.52 30.23 4.21
CA HIS A 6 12.40 29.06 5.05
C HIS A 6 11.19 29.20 5.96
N HIS A 7 10.53 30.33 5.90
CA HIS A 7 9.36 30.55 6.71
C HIS A 7 8.10 30.22 5.94
N HIS A 8 7.72 28.98 5.99
CA HIS A 8 6.47 28.55 5.40
C HIS A 8 5.61 27.96 6.48
N HIS A 9 4.93 28.80 7.20
CA HIS A 9 4.08 28.38 8.28
C HIS A 9 2.70 28.93 8.08
N HIS A 10 1.78 28.07 7.78
CA HIS A 10 0.43 28.49 7.49
C HIS A 10 -0.48 28.31 8.68
N SER A 11 -0.83 29.41 9.29
CA SER A 11 -1.72 29.46 10.43
C SER A 11 -3.15 29.73 9.95
N SER A 12 -3.55 29.02 8.87
CA SER A 12 -4.83 29.21 8.18
C SER A 12 -4.83 30.56 7.46
N GLY A 13 -4.28 30.56 6.27
CA GLY A 13 -4.19 31.75 5.49
C GLY A 13 -5.28 31.79 4.48
N LEU A 14 -6.30 32.56 4.75
CA LEU A 14 -7.43 32.70 3.84
C LEU A 14 -7.07 33.63 2.70
N VAL A 15 -6.37 34.70 3.03
CA VAL A 15 -5.92 35.66 2.04
C VAL A 15 -4.69 35.14 1.24
N PRO A 16 -3.54 34.77 1.90
CA PRO A 16 -2.38 34.28 1.19
C PRO A 16 -2.37 32.74 1.11
N ARG A 17 -3.51 32.19 0.68
CA ARG A 17 -3.67 30.75 0.55
C ARG A 17 -2.78 30.25 -0.58
N GLY A 18 -1.83 29.44 -0.21
CA GLY A 18 -0.95 28.85 -1.17
C GLY A 18 -1.30 27.41 -1.32
N SER A 19 -0.77 26.61 -0.44
CA SER A 19 -1.06 25.20 -0.36
C SER A 19 -0.42 24.65 0.91
N HIS A 20 -0.96 23.60 1.42
CA HIS A 20 -0.35 22.90 2.52
C HIS A 20 0.65 21.92 1.93
N MET A 21 1.88 21.93 2.44
CA MET A 21 2.85 20.94 2.01
C MET A 21 2.47 19.60 2.62
N VAL A 22 1.94 18.75 1.78
CA VAL A 22 1.37 17.50 2.21
C VAL A 22 2.47 16.51 2.48
N LYS A 23 2.40 15.88 3.61
CA LYS A 23 3.37 14.91 3.96
C LYS A 23 2.85 13.51 3.63
N TYR A 24 3.71 12.69 3.11
CA TYR A 24 3.36 11.38 2.65
C TYR A 24 4.15 10.35 3.39
N PHE A 25 3.53 9.26 3.69
CA PHE A 25 4.18 8.23 4.43
C PHE A 25 4.24 6.94 3.69
N VAL A 26 5.34 6.27 3.90
CA VAL A 26 5.60 4.96 3.38
C VAL A 26 4.84 3.98 4.27
N PHE A 27 3.84 3.34 3.71
CA PHE A 27 2.95 2.50 4.48
C PHE A 27 3.35 1.03 4.47
N LYS A 28 3.46 0.49 5.66
CA LYS A 28 3.72 -0.91 5.92
C LYS A 28 3.04 -1.24 7.23
N VAL A 29 2.44 -2.38 7.29
CA VAL A 29 1.75 -2.82 8.48
C VAL A 29 2.74 -3.54 9.38
N MET A 30 2.62 -3.35 10.67
CA MET A 30 3.47 -4.07 11.61
C MET A 30 2.86 -5.40 11.94
N ALA A 31 2.98 -6.29 11.01
CA ALA A 31 2.51 -7.63 11.14
C ALA A 31 3.26 -8.44 10.12
N GLU A 32 4.11 -9.33 10.55
CA GLU A 32 4.89 -10.10 9.59
C GLU A 32 4.79 -11.57 9.88
N GLU A 33 5.02 -11.93 11.13
CA GLU A 33 4.74 -13.28 11.59
C GLU A 33 3.26 -13.37 12.00
N ALA A 34 2.62 -12.22 11.88
CA ALA A 34 1.26 -11.95 12.23
C ALA A 34 0.41 -11.82 10.99
N GLY A 35 0.84 -12.49 9.94
CA GLY A 35 0.06 -12.55 8.76
C GLY A 35 0.74 -12.09 7.50
N TYR A 36 1.69 -12.86 7.05
CA TYR A 36 2.22 -12.70 5.71
C TYR A 36 1.53 -13.63 4.78
N ILE A 37 1.10 -13.14 3.66
CA ILE A 37 0.77 -14.03 2.59
C ILE A 37 2.14 -14.28 1.96
N GLU A 38 2.66 -15.45 2.17
CA GLU A 38 4.02 -15.75 1.82
C GLU A 38 4.16 -15.98 0.33
N LYS A 39 3.32 -16.83 -0.19
CA LYS A 39 3.30 -17.13 -1.58
C LYS A 39 1.98 -16.68 -2.19
N LEU A 40 1.94 -16.65 -3.50
CA LEU A 40 0.78 -16.11 -4.24
C LEU A 40 -0.47 -16.98 -4.03
N PRO A 41 -1.65 -16.37 -3.76
CA PRO A 41 -2.90 -17.11 -3.66
C PRO A 41 -3.40 -17.62 -5.03
N ASN A 42 -4.31 -18.57 -4.97
CA ASN A 42 -4.87 -19.20 -6.16
C ASN A 42 -5.66 -18.20 -6.99
N GLY A 43 -5.22 -18.01 -8.22
CA GLY A 43 -5.92 -17.15 -9.13
C GLY A 43 -5.43 -15.73 -9.12
N SER A 44 -4.39 -15.46 -8.36
CA SER A 44 -3.83 -14.13 -8.27
C SER A 44 -2.80 -13.87 -9.40
N PRO A 45 -2.73 -12.60 -9.88
CA PRO A 45 -1.68 -12.15 -10.84
C PRO A 45 -0.27 -12.19 -10.19
N THR A 46 0.77 -12.07 -11.02
CA THR A 46 2.16 -12.13 -10.53
C THR A 46 2.47 -11.04 -9.50
N ASP A 47 3.56 -11.27 -8.75
CA ASP A 47 4.04 -10.40 -7.66
C ASP A 47 4.14 -8.96 -8.12
N TRP A 48 4.81 -8.75 -9.22
CA TRP A 48 5.01 -7.42 -9.74
C TRP A 48 3.75 -6.83 -10.33
N LYS A 49 2.89 -7.68 -10.93
CA LYS A 49 1.67 -7.19 -11.56
C LYS A 49 0.68 -6.59 -10.58
N PHE A 50 0.77 -6.99 -9.31
CA PHE A 50 -0.08 -6.40 -8.25
C PHE A 50 0.14 -4.87 -8.12
N HIS A 51 1.30 -4.39 -8.58
CA HIS A 51 1.65 -2.98 -8.54
C HIS A 51 2.08 -2.39 -9.87
N GLU A 52 2.30 -3.21 -10.86
CA GLU A 52 2.81 -2.69 -12.11
C GLU A 52 1.67 -2.36 -13.11
N GLY A 53 1.40 -1.07 -13.20
CA GLY A 53 0.57 -0.41 -14.23
C GLY A 53 -0.90 -0.82 -14.49
N ILE A 54 -1.42 -1.92 -13.96
CA ILE A 54 -2.83 -2.27 -14.30
C ILE A 54 -3.69 -2.47 -13.06
N SER A 55 -4.99 -2.65 -13.29
CA SER A 55 -5.94 -2.94 -12.25
C SER A 55 -6.04 -4.46 -12.12
N LEU A 56 -6.18 -4.93 -10.92
CA LEU A 56 -6.17 -6.36 -10.65
C LEU A 56 -7.54 -6.97 -10.69
N ALA A 57 -8.55 -6.13 -10.86
CA ALA A 57 -9.95 -6.56 -10.82
C ALA A 57 -10.27 -7.60 -11.88
N LYS A 58 -9.63 -7.51 -13.03
CA LYS A 58 -9.90 -8.43 -14.12
C LYS A 58 -9.04 -9.71 -14.06
N ASP A 59 -8.11 -9.78 -13.12
CA ASP A 59 -7.25 -10.97 -12.99
C ASP A 59 -7.52 -11.73 -11.72
N PHE A 60 -8.10 -11.08 -10.76
CA PHE A 60 -8.34 -11.69 -9.49
C PHE A 60 -9.81 -12.10 -9.39
N PRO A 61 -10.10 -13.31 -8.85
CA PRO A 61 -11.48 -13.80 -8.68
C PRO A 61 -12.29 -12.93 -7.70
N VAL A 62 -13.40 -12.42 -8.14
CA VAL A 62 -14.23 -11.55 -7.33
C VAL A 62 -15.36 -12.36 -6.70
N GLY A 63 -15.35 -12.47 -5.38
CA GLY A 63 -16.37 -13.22 -4.68
C GLY A 63 -16.00 -14.68 -4.53
N GLY A 64 -14.73 -14.97 -4.73
CA GLY A 64 -14.28 -16.34 -4.65
C GLY A 64 -13.57 -16.64 -3.35
N GLU A 65 -12.75 -17.65 -3.36
CA GLU A 65 -11.96 -18.01 -2.20
C GLU A 65 -10.53 -18.17 -2.58
N VAL A 66 -9.68 -17.64 -1.74
CA VAL A 66 -8.25 -17.78 -1.88
C VAL A 66 -7.71 -18.15 -0.52
N SER A 67 -6.46 -18.43 -0.43
CA SER A 67 -5.90 -18.83 0.82
C SER A 67 -4.51 -18.30 0.93
N PHE A 68 -4.09 -18.10 2.17
CA PHE A 68 -2.72 -17.83 2.48
C PHE A 68 -1.96 -19.09 2.21
N SER A 69 -0.74 -18.94 1.85
CA SER A 69 0.11 -20.04 1.61
C SER A 69 0.47 -20.70 2.92
N LYS A 70 0.33 -21.98 2.98
CA LYS A 70 0.74 -22.71 4.14
C LYS A 70 2.23 -23.03 4.00
N ASN A 71 3.04 -22.02 4.16
CA ASN A 71 4.47 -22.19 4.07
C ASN A 71 5.05 -22.15 5.48
N TYR A 72 4.51 -21.28 6.30
CA TYR A 72 4.82 -21.21 7.69
C TYR A 72 3.49 -21.23 8.48
N PRO A 73 3.11 -22.41 9.04
CA PRO A 73 1.83 -22.59 9.74
C PRO A 73 1.74 -21.82 11.06
N ASP A 74 2.88 -21.41 11.60
CA ASP A 74 2.89 -20.65 12.85
C ASP A 74 2.79 -19.17 12.63
N ASN A 75 2.59 -18.79 11.38
CA ASN A 75 2.34 -17.41 11.05
C ASN A 75 0.88 -17.18 11.45
N ARG A 76 0.63 -16.15 12.25
CA ARG A 76 -0.66 -15.94 12.93
C ARG A 76 -1.84 -15.63 11.99
N ASN A 77 -2.92 -15.21 12.65
CA ASN A 77 -4.17 -14.72 12.08
C ASN A 77 -3.97 -13.34 11.44
N LEU A 78 -5.07 -12.70 11.10
CA LEU A 78 -5.02 -11.43 10.39
C LEU A 78 -5.49 -10.27 11.30
N TYR A 79 -4.98 -9.09 11.02
CA TYR A 79 -5.34 -7.86 11.72
C TYR A 79 -6.17 -6.96 10.77
N ASP A 80 -6.17 -5.64 10.98
CA ASP A 80 -6.96 -4.68 10.18
C ASP A 80 -6.48 -4.63 8.75
N PHE A 81 -5.19 -4.51 8.60
CA PHE A 81 -4.56 -4.50 7.31
C PHE A 81 -3.61 -5.64 7.29
N GLN A 82 -3.53 -6.30 6.19
CA GLN A 82 -2.67 -7.42 6.11
C GLN A 82 -1.69 -7.28 4.97
N PRO A 83 -0.39 -7.30 5.28
CA PRO A 83 0.63 -7.25 4.27
C PRO A 83 1.02 -8.65 3.77
N ASN A 84 2.02 -8.70 2.94
CA ASN A 84 2.49 -9.94 2.36
C ASN A 84 3.85 -9.74 1.79
N ILE A 85 4.42 -10.80 1.25
CA ILE A 85 5.77 -10.74 0.71
C ILE A 85 5.70 -10.37 -0.78
N MET A 86 4.51 -10.46 -1.35
CA MET A 86 4.37 -10.21 -2.77
C MET A 86 4.29 -8.73 -3.10
N SER A 87 3.16 -8.07 -2.76
CA SER A 87 2.91 -6.73 -3.29
C SER A 87 1.61 -6.10 -2.80
N ASN A 88 0.51 -6.83 -2.98
CA ASN A 88 -0.87 -6.30 -2.76
C ASN A 88 -1.16 -5.98 -1.30
N LEU A 89 -2.23 -5.25 -1.05
CA LEU A 89 -2.60 -4.96 0.31
C LEU A 89 -3.93 -5.60 0.60
N LEU A 90 -4.04 -6.28 1.69
CA LEU A 90 -5.27 -6.89 2.07
C LEU A 90 -5.88 -6.07 3.20
N VAL A 91 -7.15 -5.76 3.09
CA VAL A 91 -7.80 -4.88 4.04
C VAL A 91 -9.09 -5.53 4.59
N SER A 92 -9.31 -5.42 5.90
CA SER A 92 -10.54 -5.90 6.55
C SER A 92 -11.69 -4.92 6.27
N GLY A 93 -12.90 -5.32 6.60
CA GLY A 93 -14.06 -4.50 6.39
C GLY A 93 -14.06 -3.25 7.22
N ARG A 94 -13.47 -3.32 8.41
CA ARG A 94 -13.37 -2.16 9.29
C ARG A 94 -12.51 -1.10 8.65
N ALA A 95 -11.32 -1.50 8.26
CA ALA A 95 -10.36 -0.60 7.67
C ALA A 95 -10.85 -0.13 6.28
N ARG A 96 -11.61 -0.99 5.61
CA ARG A 96 -12.22 -0.69 4.32
C ARG A 96 -13.20 0.47 4.46
N LYS A 97 -14.00 0.41 5.51
CA LYS A 97 -15.02 1.41 5.79
C LYS A 97 -14.35 2.77 6.02
N LEU A 98 -13.21 2.77 6.71
CA LEU A 98 -12.40 3.97 6.93
C LEU A 98 -12.00 4.58 5.59
N ILE A 99 -11.29 3.81 4.78
CA ILE A 99 -10.77 4.26 3.49
C ILE A 99 -11.89 4.80 2.55
N GLU A 100 -13.03 4.13 2.53
CA GLU A 100 -14.14 4.55 1.69
C GLU A 100 -14.77 5.87 2.18
N SER A 101 -14.95 6.01 3.50
CA SER A 101 -15.55 7.22 4.06
C SER A 101 -14.62 8.44 3.97
N LEU A 102 -13.31 8.20 3.96
CA LEU A 102 -12.32 9.28 3.76
C LEU A 102 -12.39 9.84 2.36
N GLY A 103 -12.86 9.02 1.45
CA GLY A 103 -12.96 9.46 0.09
C GLY A 103 -11.69 9.20 -0.64
N VAL A 104 -11.14 8.03 -0.42
CA VAL A 104 -9.96 7.62 -1.13
C VAL A 104 -10.39 7.08 -2.48
N THR A 105 -10.22 7.90 -3.47
CA THR A 105 -10.60 7.57 -4.80
C THR A 105 -9.60 6.59 -5.40
N ASN A 106 -10.10 5.70 -6.27
CA ASN A 106 -9.32 4.71 -7.02
C ASN A 106 -8.98 3.49 -6.19
N ALA A 107 -9.61 3.37 -5.05
CA ALA A 107 -9.39 2.20 -4.23
C ALA A 107 -10.31 1.09 -4.72
N GLU A 108 -9.73 0.06 -5.25
CA GLU A 108 -10.50 -1.06 -5.74
C GLU A 108 -10.40 -2.19 -4.74
N TRP A 109 -11.53 -2.75 -4.42
CA TRP A 109 -11.65 -3.76 -3.42
C TRP A 109 -12.01 -5.07 -4.06
N LEU A 110 -11.20 -6.05 -3.85
CA LEU A 110 -11.46 -7.37 -4.36
C LEU A 110 -11.84 -8.30 -3.22
N PRO A 111 -13.15 -8.48 -2.97
CA PRO A 111 -13.65 -9.28 -1.86
C PRO A 111 -13.64 -10.78 -2.14
N VAL A 112 -13.13 -11.52 -1.19
CA VAL A 112 -13.04 -12.96 -1.24
C VAL A 112 -13.11 -13.52 0.16
N ALA A 113 -13.29 -14.79 0.27
CA ALA A 113 -13.22 -15.44 1.54
C ALA A 113 -11.88 -16.13 1.58
N ILE A 114 -11.08 -15.70 2.50
CA ILE A 114 -9.72 -16.15 2.56
C ILE A 114 -9.49 -17.12 3.70
N LYS A 115 -8.76 -18.17 3.40
CA LYS A 115 -8.32 -19.12 4.38
C LYS A 115 -6.92 -18.72 4.81
N ASP A 116 -6.58 -18.96 6.05
CA ASP A 116 -5.27 -18.54 6.59
C ASP A 116 -4.21 -19.66 6.43
N HIS A 117 -3.14 -19.58 7.23
CA HIS A 117 -2.01 -20.53 7.21
C HIS A 117 -2.43 -21.88 7.79
N GLN A 118 -3.48 -21.86 8.60
CA GLN A 118 -4.02 -23.05 9.24
C GLN A 118 -5.14 -23.63 8.37
N GLY A 119 -5.68 -22.80 7.50
CA GLY A 119 -6.66 -23.25 6.54
C GLY A 119 -8.08 -22.92 6.92
N LYS A 120 -8.27 -22.05 7.89
CA LYS A 120 -9.61 -21.69 8.31
C LYS A 120 -9.98 -20.36 7.67
N VAL A 121 -11.25 -20.15 7.44
CA VAL A 121 -11.71 -18.96 6.75
C VAL A 121 -11.86 -17.81 7.73
N VAL A 122 -10.76 -17.17 8.03
CA VAL A 122 -10.73 -16.03 8.93
C VAL A 122 -10.58 -14.74 8.16
N GLY A 123 -10.73 -14.84 6.86
CA GLY A 123 -10.72 -13.66 6.06
C GLY A 123 -11.93 -13.50 5.13
N PRO A 124 -13.23 -13.67 5.59
CA PRO A 124 -14.41 -13.48 4.72
C PRO A 124 -14.82 -11.99 4.67
N ASP A 125 -14.11 -11.20 5.43
CA ASP A 125 -14.36 -9.77 5.58
C ASP A 125 -13.18 -9.00 4.99
N TYR A 126 -12.37 -9.68 4.24
CA TYR A 126 -11.17 -9.07 3.73
C TYR A 126 -11.24 -8.93 2.22
N ALA A 127 -10.79 -7.80 1.77
CA ALA A 127 -10.75 -7.47 0.38
C ALA A 127 -9.37 -6.99 0.01
N PHE A 128 -8.89 -7.42 -1.12
CA PHE A 128 -7.59 -6.99 -1.60
C PHE A 128 -7.72 -5.62 -2.22
N LEU A 129 -6.91 -4.72 -1.76
CA LEU A 129 -6.94 -3.37 -2.19
C LEU A 129 -5.80 -3.10 -3.15
N ASN A 130 -6.19 -2.59 -4.29
CA ASN A 130 -5.29 -2.07 -5.28
C ASN A 130 -5.72 -0.66 -5.62
N LEU A 131 -4.77 0.24 -5.81
CA LEU A 131 -5.14 1.60 -6.19
C LEU A 131 -5.06 1.75 -7.68
N LEU A 132 -5.94 2.50 -8.23
CA LEU A 132 -5.95 2.79 -9.64
C LEU A 132 -5.43 4.18 -9.88
N GLY A 133 -5.26 4.53 -11.13
CA GLY A 133 -4.76 5.85 -11.47
C GLY A 133 -3.25 5.87 -11.42
N ALA A 134 -2.67 4.71 -11.24
CA ALA A 134 -1.24 4.59 -11.15
C ALA A 134 -0.66 4.23 -12.49
N GLU A 135 0.35 4.94 -12.82
CA GLU A 135 1.14 4.80 -14.00
C GLU A 135 2.55 4.84 -13.50
N ASP A 136 3.56 4.54 -14.34
CA ASP A 136 4.98 4.46 -13.88
C ASP A 136 5.35 5.66 -13.05
N ALA A 137 5.47 5.41 -11.78
CA ALA A 137 5.46 6.44 -10.79
C ALA A 137 6.82 6.96 -10.35
N ILE A 138 7.68 6.03 -9.91
CA ILE A 138 8.97 6.36 -9.28
C ILE A 138 9.85 7.25 -10.16
N ASP A 139 10.15 8.45 -9.63
CA ASP A 139 11.03 9.43 -10.29
C ASP A 139 12.44 8.86 -10.33
N MET A 140 12.91 8.49 -11.50
CA MET A 140 14.20 7.84 -11.61
C MET A 140 15.37 8.79 -11.75
N GLU A 141 15.14 10.07 -11.78
CA GLU A 141 16.26 10.98 -11.84
C GLU A 141 16.56 11.57 -10.46
N ARG A 142 15.53 11.70 -9.65
CA ARG A 142 15.68 12.28 -8.32
C ARG A 142 15.71 11.22 -7.21
N SER A 143 15.34 10.00 -7.52
CA SER A 143 15.39 8.95 -6.52
C SER A 143 16.66 8.14 -6.64
N GLU A 144 17.31 7.96 -5.53
CA GLU A 144 18.54 7.21 -5.44
C GLU A 144 18.25 5.91 -4.72
N TYR A 145 18.40 4.80 -5.40
CA TYR A 145 18.13 3.49 -4.85
C TYR A 145 18.95 2.41 -5.55
N GLU A 146 18.85 1.23 -5.02
CA GLU A 146 19.55 0.08 -5.49
C GLU A 146 18.52 -1.05 -5.67
N MET A 147 18.51 -1.67 -6.83
CA MET A 147 17.53 -2.69 -7.18
C MET A 147 18.08 -4.10 -7.04
N ASP A 148 17.17 -5.03 -6.83
CA ASP A 148 17.39 -6.49 -6.71
C ASP A 148 17.69 -6.94 -5.29
N SER A 149 16.64 -6.97 -4.48
CA SER A 149 16.74 -7.47 -3.14
C SER A 149 16.17 -8.90 -3.04
N LEU A 150 14.90 -9.05 -3.42
CA LEU A 150 14.22 -10.33 -3.38
C LEU A 150 13.92 -10.78 -4.80
N GLU A 151 13.84 -9.80 -5.67
CA GLU A 151 13.60 -9.93 -7.08
C GLU A 151 14.26 -8.76 -7.73
N LYS A 152 14.24 -8.71 -9.05
CA LYS A 152 14.96 -7.67 -9.78
C LYS A 152 14.31 -6.33 -9.60
N ASP A 153 13.01 -6.33 -9.57
CA ASP A 153 12.23 -5.09 -9.44
C ASP A 153 11.80 -4.88 -7.99
N GLN A 154 12.58 -5.44 -7.13
CA GLN A 154 12.46 -5.27 -5.71
C GLN A 154 13.62 -4.42 -5.25
N ILE A 155 13.32 -3.30 -4.65
CA ILE A 155 14.34 -2.37 -4.22
C ILE A 155 14.89 -2.78 -2.85
N GLY A 156 16.19 -2.81 -2.70
CA GLY A 156 16.76 -3.16 -1.43
C GLY A 156 17.14 -1.96 -0.63
N ASN A 157 17.95 -1.14 -1.21
CA ASN A 157 18.41 0.06 -0.56
C ASN A 157 17.85 1.30 -1.21
N ILE A 158 17.35 2.20 -0.41
CA ILE A 158 16.86 3.47 -0.88
C ILE A 158 17.61 4.55 -0.12
N ASP A 159 18.26 5.45 -0.81
CA ASP A 159 18.96 6.56 -0.14
C ASP A 159 18.10 7.79 -0.15
N ALA A 160 17.43 8.00 -1.24
CA ALA A 160 16.58 9.16 -1.39
C ALA A 160 15.42 8.81 -2.27
N LEU A 161 14.24 8.88 -1.73
CA LEU A 161 13.03 8.62 -2.48
C LEU A 161 12.42 9.96 -2.81
N ALA A 162 12.21 10.21 -4.09
CA ALA A 162 11.54 11.39 -4.54
C ALA A 162 10.12 11.03 -4.84
N LEU A 163 9.22 11.93 -4.53
CA LEU A 163 7.79 11.68 -4.64
C LEU A 163 7.36 11.32 -6.05
N ASP A 164 6.58 10.29 -6.11
CA ASP A 164 6.08 9.73 -7.34
C ASP A 164 4.78 10.42 -7.75
N THR A 165 4.44 11.47 -6.98
CA THR A 165 3.35 12.38 -7.24
C THR A 165 3.64 13.23 -8.49
N SER A 166 4.84 13.05 -9.01
CA SER A 166 5.25 13.62 -10.24
C SER A 166 4.46 12.94 -11.39
N ALA A 167 4.27 11.63 -11.31
CA ALA A 167 3.58 10.90 -12.36
C ALA A 167 2.16 10.56 -11.93
N ILE A 168 1.97 10.32 -10.66
CA ILE A 168 0.63 10.08 -10.13
C ILE A 168 0.08 11.42 -9.67
N ARG A 169 -1.20 11.63 -9.80
CA ARG A 169 -1.81 12.89 -9.41
C ARG A 169 -1.71 13.14 -7.89
N PRO A 170 -1.15 14.30 -7.48
CA PRO A 170 -0.95 14.69 -6.07
C PRO A 170 -2.25 14.89 -5.26
N ASP A 171 -3.39 14.81 -5.91
CA ASP A 171 -4.68 14.92 -5.25
C ASP A 171 -5.11 13.57 -4.65
N ALA A 172 -4.40 12.52 -5.00
CA ALA A 172 -4.71 11.19 -4.52
C ALA A 172 -4.42 11.06 -3.03
N LYS A 173 -5.31 10.41 -2.32
CA LYS A 173 -5.12 10.18 -0.90
C LYS A 173 -4.27 8.94 -0.66
N MET A 174 -4.35 7.99 -1.54
CA MET A 174 -3.61 6.76 -1.40
C MET A 174 -3.28 6.27 -2.78
N PHE A 175 -2.04 5.94 -3.00
CA PHE A 175 -1.58 5.52 -4.30
C PHE A 175 -0.48 4.48 -4.16
N ARG A 176 0.02 3.98 -5.28
CA ARG A 176 1.00 2.92 -5.25
C ARG A 176 1.96 3.00 -6.42
N CYS A 177 3.21 2.76 -6.12
CA CYS A 177 4.25 2.81 -7.10
C CYS A 177 4.27 1.54 -7.97
N THR A 178 4.76 1.68 -9.17
CA THR A 178 4.79 0.62 -10.15
C THR A 178 5.95 -0.37 -10.00
N LYS A 179 7.16 0.15 -9.88
CA LYS A 179 8.37 -0.69 -9.88
C LYS A 179 8.90 -1.01 -8.49
N GLU A 180 7.99 -1.07 -7.56
CA GLU A 180 8.20 -1.52 -6.23
C GLU A 180 6.86 -1.99 -5.74
N ARG A 181 6.85 -3.17 -5.27
CA ARG A 181 5.64 -3.86 -4.93
C ARG A 181 5.12 -3.45 -3.57
N ARG A 182 6.01 -3.31 -2.65
CA ARG A 182 5.65 -3.07 -1.25
C ARG A 182 5.44 -1.58 -0.97
N LEU A 183 5.75 -0.76 -1.96
CA LEU A 183 5.68 0.67 -1.76
C LEU A 183 4.30 1.22 -2.07
N ILE A 184 3.59 1.51 -1.02
CA ILE A 184 2.30 2.14 -1.07
C ILE A 184 2.43 3.43 -0.28
N LEU A 185 2.13 4.54 -0.89
CA LEU A 185 2.25 5.80 -0.22
C LEU A 185 0.90 6.32 0.18
N ILE A 186 0.77 6.66 1.43
CA ILE A 186 -0.45 7.17 1.96
C ILE A 186 -0.28 8.63 2.32
N ARG A 187 -1.35 9.36 2.21
CA ARG A 187 -1.36 10.74 2.54
C ARG A 187 -1.52 10.88 4.05
N GLU A 188 -1.07 12.01 4.58
CA GLU A 188 -1.20 12.35 6.01
C GLU A 188 -2.64 12.17 6.53
N ASP A 189 -3.59 12.53 5.69
CA ASP A 189 -5.04 12.44 5.96
C ASP A 189 -5.46 11.01 6.27
N VAL A 190 -4.89 10.08 5.52
CA VAL A 190 -5.24 8.67 5.59
C VAL A 190 -4.82 8.04 6.93
N HIS A 191 -3.55 8.22 7.32
CA HIS A 191 -3.10 7.64 8.59
C HIS A 191 -3.76 8.35 9.76
N ALA A 192 -4.10 9.64 9.57
CA ALA A 192 -4.74 10.46 10.60
C ALA A 192 -6.08 9.88 11.03
N ALA A 193 -6.76 9.25 10.08
CA ALA A 193 -8.01 8.60 10.36
C ALA A 193 -7.76 7.30 11.10
N PHE A 194 -6.67 6.63 10.78
CA PHE A 194 -6.33 5.37 11.43
C PHE A 194 -5.88 5.63 12.87
N GLU A 195 -5.25 6.80 13.09
CA GLU A 195 -4.80 7.26 14.42
C GLU A 195 -6.00 7.27 15.37
N GLN A 196 -7.04 7.96 14.94
CA GLN A 196 -8.23 8.17 15.74
C GLN A 196 -9.12 6.92 15.78
N ALA A 197 -8.97 6.03 14.80
CA ALA A 197 -9.75 4.82 14.75
C ALA A 197 -9.19 3.79 15.72
N GLY A 198 -7.90 3.86 15.98
CA GLY A 198 -7.29 2.94 16.91
C GLY A 198 -7.11 1.57 16.30
N LEU A 199 -6.57 1.53 15.10
CA LEU A 199 -6.31 0.26 14.43
C LEU A 199 -5.01 -0.36 14.99
N THR A 200 -4.80 -1.63 14.72
CA THR A 200 -3.69 -2.45 15.29
C THR A 200 -2.27 -1.81 15.35
N GLY A 201 -1.49 -1.95 14.29
CA GLY A 201 -0.15 -1.43 14.33
C GLY A 201 0.44 -1.23 12.97
N PHE A 202 1.03 -0.07 12.75
CA PHE A 202 1.61 0.28 11.47
C PHE A 202 2.96 0.91 11.68
N LYS A 203 3.70 0.99 10.63
CA LYS A 203 4.95 1.68 10.62
C LYS A 203 4.90 2.63 9.44
N VAL A 204 5.27 3.84 9.67
CA VAL A 204 5.26 4.84 8.65
C VAL A 204 6.62 5.51 8.56
N TYR A 205 7.14 5.59 7.37
CA TYR A 205 8.40 6.26 7.16
C TYR A 205 8.15 7.50 6.35
N GLU A 206 8.99 8.49 6.50
CA GLU A 206 8.86 9.74 5.76
C GLU A 206 9.26 9.51 4.31
N ALA A 207 8.28 9.59 3.41
CA ALA A 207 8.47 9.33 1.98
C ALA A 207 9.38 10.34 1.34
N GLU A 208 9.26 11.59 1.75
CA GLU A 208 10.09 12.66 1.23
C GLU A 208 11.52 12.47 1.73
N GLY A 209 12.34 11.83 0.92
CA GLY A 209 13.69 11.57 1.32
C GLY A 209 13.80 10.31 2.16
N TRP A 210 12.98 9.32 1.84
CA TRP A 210 12.97 8.00 2.53
C TRP A 210 14.35 7.30 2.44
N ASP A 211 15.12 7.40 3.51
CA ASP A 211 16.46 6.81 3.57
C ASP A 211 16.54 5.51 4.40
N GLY A 212 17.08 4.47 3.77
CA GLY A 212 17.59 3.24 4.42
C GLY A 212 16.62 2.28 5.12
N LEU A 213 15.51 2.74 5.59
CA LEU A 213 14.61 1.90 6.40
C LEU A 213 13.66 1.12 5.53
N GLU A 214 13.79 -0.18 5.55
CA GLU A 214 12.97 -1.04 4.73
C GLU A 214 11.61 -1.31 5.39
N LEU A 215 10.58 -1.21 4.57
CA LEU A 215 9.21 -1.59 4.87
C LEU A 215 9.16 -2.90 5.67
N MET A 1 -23.20 3.13 -29.39
CA MET A 1 -21.99 3.66 -29.97
C MET A 1 -21.24 4.50 -28.94
N GLY A 2 -20.36 3.87 -28.22
CA GLY A 2 -19.59 4.54 -27.23
C GLY A 2 -18.23 4.88 -27.75
N SER A 3 -18.09 6.07 -28.29
CA SER A 3 -16.84 6.50 -28.84
C SER A 3 -15.95 7.10 -27.74
N SER A 4 -16.50 8.04 -26.98
CA SER A 4 -15.76 8.68 -25.92
C SER A 4 -16.72 9.40 -24.96
N HIS A 5 -16.99 8.77 -23.85
CA HIS A 5 -17.75 9.39 -22.76
C HIS A 5 -16.85 9.52 -21.56
N HIS A 6 -15.98 8.56 -21.42
CA HIS A 6 -15.07 8.47 -20.31
C HIS A 6 -13.68 8.28 -20.89
N HIS A 7 -12.69 8.91 -20.31
CA HIS A 7 -11.32 8.80 -20.81
C HIS A 7 -10.51 7.88 -19.94
N HIS A 8 -9.47 7.33 -20.49
CA HIS A 8 -8.59 6.46 -19.76
C HIS A 8 -7.67 7.32 -18.93
N HIS A 9 -7.51 6.95 -17.66
CA HIS A 9 -6.65 7.62 -16.68
C HIS A 9 -7.27 8.95 -16.25
N HIS A 10 -7.79 8.96 -15.02
CA HIS A 10 -8.45 10.11 -14.33
C HIS A 10 -9.90 10.30 -14.76
N SER A 11 -10.79 10.23 -13.80
CA SER A 11 -12.17 10.55 -14.03
C SER A 11 -12.40 12.01 -13.66
N SER A 12 -11.73 12.45 -12.61
CA SER A 12 -11.77 13.81 -12.19
C SER A 12 -10.58 14.53 -12.83
N GLY A 13 -10.85 15.63 -13.49
CA GLY A 13 -9.80 16.38 -14.15
C GLY A 13 -9.42 17.63 -13.38
N LEU A 14 -10.15 17.89 -12.32
CA LEU A 14 -9.91 19.04 -11.47
C LEU A 14 -8.66 18.81 -10.66
N VAL A 15 -7.62 19.55 -10.95
CA VAL A 15 -6.39 19.48 -10.20
C VAL A 15 -6.41 20.63 -9.20
N PRO A 16 -6.63 20.36 -7.91
CA PRO A 16 -6.74 21.40 -6.91
C PRO A 16 -5.40 21.94 -6.38
N ARG A 17 -4.72 21.10 -5.58
CA ARG A 17 -3.52 21.47 -4.83
C ARG A 17 -3.86 22.60 -3.86
N GLY A 18 -4.52 22.25 -2.79
CA GLY A 18 -4.95 23.24 -1.83
C GLY A 18 -3.99 23.36 -0.68
N SER A 19 -2.81 23.95 -0.97
CA SER A 19 -1.73 24.25 0.00
C SER A 19 -0.95 23.00 0.49
N HIS A 20 -1.64 21.87 0.60
CA HIS A 20 -1.08 20.63 1.10
C HIS A 20 -0.62 20.69 2.53
N MET A 21 0.70 20.68 2.74
CA MET A 21 1.32 20.54 4.06
C MET A 21 0.90 19.23 4.73
N VAL A 22 0.49 18.29 3.90
CA VAL A 22 0.09 16.98 4.30
C VAL A 22 1.20 16.05 3.92
N LYS A 23 1.90 15.53 4.89
CA LYS A 23 3.05 14.72 4.64
C LYS A 23 2.67 13.33 4.15
N TYR A 24 3.58 12.72 3.44
CA TYR A 24 3.36 11.43 2.81
C TYR A 24 4.18 10.37 3.51
N PHE A 25 3.58 9.23 3.70
CA PHE A 25 4.22 8.13 4.37
C PHE A 25 4.19 6.88 3.54
N VAL A 26 5.22 6.10 3.71
CA VAL A 26 5.31 4.78 3.15
C VAL A 26 4.49 3.87 4.05
N PHE A 27 3.54 3.18 3.47
CA PHE A 27 2.69 2.32 4.26
C PHE A 27 3.17 0.88 4.27
N LYS A 28 3.16 0.31 5.44
CA LYS A 28 3.46 -1.06 5.69
C LYS A 28 2.63 -1.44 6.91
N VAL A 29 2.46 -2.69 7.15
CA VAL A 29 1.72 -3.16 8.27
C VAL A 29 2.72 -3.68 9.29
N MET A 30 2.45 -3.47 10.56
CA MET A 30 3.32 -3.98 11.58
C MET A 30 2.76 -5.30 12.08
N ALA A 31 3.04 -6.34 11.33
CA ALA A 31 2.53 -7.65 11.62
C ALA A 31 3.46 -8.70 11.05
N GLU A 32 4.08 -9.47 11.90
CA GLU A 32 4.97 -10.53 11.45
C GLU A 32 4.59 -11.88 12.03
N GLU A 33 4.07 -11.91 13.27
CA GLU A 33 3.62 -13.18 13.85
C GLU A 33 2.17 -13.45 13.49
N ALA A 34 1.60 -12.51 12.77
CA ALA A 34 0.27 -12.64 12.20
C ALA A 34 0.47 -13.32 10.89
N GLY A 35 1.61 -13.01 10.33
CA GLY A 35 2.06 -13.63 9.18
C GLY A 35 1.76 -12.88 7.96
N TYR A 36 2.47 -13.23 6.97
CA TYR A 36 2.33 -12.72 5.68
C TYR A 36 1.46 -13.67 4.92
N ILE A 37 0.93 -13.26 3.80
CA ILE A 37 0.40 -14.25 2.91
C ILE A 37 1.65 -14.85 2.30
N GLU A 38 2.00 -16.02 2.82
CA GLU A 38 3.26 -16.70 2.58
C GLU A 38 3.58 -16.89 1.10
N LYS A 39 2.63 -17.44 0.40
CA LYS A 39 2.79 -17.72 -0.99
C LYS A 39 1.43 -17.54 -1.67
N LEU A 40 1.46 -17.22 -2.95
CA LEU A 40 0.27 -16.92 -3.77
C LEU A 40 -0.85 -17.95 -3.63
N PRO A 41 -2.03 -17.51 -3.21
CA PRO A 41 -3.21 -18.34 -3.17
C PRO A 41 -3.79 -18.56 -4.56
N ASN A 42 -4.69 -19.51 -4.69
CA ASN A 42 -5.32 -19.86 -5.96
C ASN A 42 -5.97 -18.66 -6.65
N GLY A 43 -5.64 -18.48 -7.91
CA GLY A 43 -6.25 -17.45 -8.73
C GLY A 43 -5.55 -16.11 -8.62
N SER A 44 -4.48 -16.06 -7.90
CA SER A 44 -3.77 -14.82 -7.71
C SER A 44 -2.77 -14.54 -8.85
N PRO A 45 -2.85 -13.31 -9.44
CA PRO A 45 -1.89 -12.81 -10.47
C PRO A 45 -0.43 -12.83 -9.97
N THR A 46 0.51 -12.68 -10.89
CA THR A 46 1.92 -12.72 -10.60
C THR A 46 2.36 -11.72 -9.50
N ASP A 47 3.38 -12.14 -8.72
CA ASP A 47 3.92 -11.46 -7.52
C ASP A 47 3.97 -9.96 -7.61
N TRP A 48 4.63 -9.48 -8.62
CA TRP A 48 4.87 -8.05 -8.79
C TRP A 48 3.73 -7.35 -9.51
N LYS A 49 2.88 -8.11 -10.16
CA LYS A 49 1.87 -7.52 -11.01
C LYS A 49 0.61 -7.15 -10.23
N PHE A 50 0.50 -7.65 -8.99
CA PHE A 50 -0.66 -7.35 -8.09
C PHE A 50 -1.00 -5.84 -7.99
N HIS A 51 -0.03 -4.97 -8.18
CA HIS A 51 -0.30 -3.53 -8.17
C HIS A 51 0.24 -2.87 -9.39
N GLU A 52 0.83 -3.62 -10.28
CA GLU A 52 1.58 -3.01 -11.32
C GLU A 52 0.74 -2.77 -12.57
N GLY A 53 0.33 -1.53 -12.71
CA GLY A 53 -0.30 -0.97 -13.92
C GLY A 53 -1.69 -1.48 -14.31
N ILE A 54 -2.20 -2.51 -13.68
CA ILE A 54 -3.52 -3.01 -14.06
C ILE A 54 -4.32 -3.31 -12.83
N SER A 55 -5.61 -3.46 -13.02
CA SER A 55 -6.47 -3.86 -11.97
C SER A 55 -6.55 -5.36 -12.00
N LEU A 56 -6.62 -5.96 -10.84
CA LEU A 56 -6.68 -7.40 -10.76
C LEU A 56 -8.12 -7.87 -10.83
N ALA A 57 -9.05 -6.92 -10.94
CA ALA A 57 -10.50 -7.18 -10.92
C ALA A 57 -10.94 -8.26 -11.91
N LYS A 58 -10.33 -8.29 -13.07
CA LYS A 58 -10.65 -9.30 -14.06
C LYS A 58 -9.81 -10.61 -14.00
N ASP A 59 -8.68 -10.61 -13.27
CA ASP A 59 -7.82 -11.84 -13.23
C ASP A 59 -7.89 -12.55 -11.90
N PHE A 60 -8.25 -11.84 -10.88
CA PHE A 60 -8.34 -12.39 -9.55
C PHE A 60 -9.78 -12.75 -9.30
N PRO A 61 -10.08 -13.94 -8.74
CA PRO A 61 -11.46 -14.35 -8.49
C PRO A 61 -12.09 -13.48 -7.40
N VAL A 62 -13.17 -12.83 -7.73
CA VAL A 62 -13.83 -11.95 -6.80
C VAL A 62 -15.02 -12.69 -6.24
N GLY A 63 -15.12 -12.74 -4.93
CA GLY A 63 -16.17 -13.51 -4.30
C GLY A 63 -15.76 -14.96 -4.16
N GLY A 64 -14.48 -15.21 -4.32
CA GLY A 64 -13.98 -16.55 -4.26
C GLY A 64 -13.34 -16.85 -2.94
N GLU A 65 -12.64 -17.93 -2.87
CA GLU A 65 -11.94 -18.28 -1.66
C GLU A 65 -10.46 -18.30 -1.94
N VAL A 66 -9.70 -17.77 -1.03
CA VAL A 66 -8.27 -17.82 -1.08
C VAL A 66 -7.78 -18.25 0.28
N SER A 67 -6.56 -18.68 0.37
CA SER A 67 -6.07 -19.18 1.61
C SER A 67 -4.61 -18.86 1.76
N PHE A 68 -4.20 -18.64 2.98
CA PHE A 68 -2.81 -18.54 3.30
C PHE A 68 -2.25 -19.92 3.10
N SER A 69 -1.35 -20.02 2.17
CA SER A 69 -0.78 -21.25 1.82
C SER A 69 0.12 -21.80 2.93
N LYS A 70 0.21 -23.10 2.97
CA LYS A 70 0.91 -23.82 4.03
C LYS A 70 2.40 -23.88 3.70
N ASN A 71 2.97 -22.71 3.57
CA ASN A 71 4.37 -22.54 3.27
C ASN A 71 5.15 -22.34 4.55
N TYR A 72 4.50 -21.78 5.54
CA TYR A 72 5.12 -21.50 6.79
C TYR A 72 4.22 -22.02 7.90
N PRO A 73 4.60 -23.13 8.55
CA PRO A 73 3.80 -23.73 9.62
C PRO A 73 3.87 -22.93 10.93
N ASP A 74 2.74 -22.87 11.61
CA ASP A 74 2.56 -22.16 12.89
C ASP A 74 2.74 -20.66 12.73
N ASN A 75 1.65 -20.02 12.43
CA ASN A 75 1.61 -18.59 12.30
C ASN A 75 0.17 -18.18 12.65
N ARG A 76 -0.06 -16.95 13.10
CA ARG A 76 -1.39 -16.56 13.58
C ARG A 76 -2.36 -16.11 12.45
N ASN A 77 -3.41 -15.41 12.85
CA ASN A 77 -4.50 -14.93 11.97
C ASN A 77 -4.19 -13.58 11.31
N LEU A 78 -5.21 -13.03 10.68
CA LEU A 78 -5.13 -11.77 9.93
C LEU A 78 -5.38 -10.59 10.85
N TYR A 79 -4.69 -9.50 10.59
CA TYR A 79 -4.96 -8.23 11.26
C TYR A 79 -5.70 -7.35 10.28
N ASP A 80 -6.00 -6.08 10.63
CA ASP A 80 -6.82 -5.17 9.75
C ASP A 80 -6.23 -5.00 8.41
N PHE A 81 -4.97 -4.86 8.40
CA PHE A 81 -4.22 -4.84 7.22
C PHE A 81 -3.31 -6.01 7.34
N GLN A 82 -3.18 -6.76 6.32
CA GLN A 82 -2.33 -7.91 6.38
C GLN A 82 -1.25 -7.80 5.31
N PRO A 83 0.01 -7.97 5.70
CA PRO A 83 1.12 -7.94 4.77
C PRO A 83 1.28 -9.29 4.05
N ASN A 84 2.14 -9.30 3.07
CA ASN A 84 2.43 -10.48 2.29
C ASN A 84 3.75 -10.31 1.61
N ILE A 85 4.22 -11.35 0.95
CA ILE A 85 5.54 -11.34 0.31
C ILE A 85 5.37 -10.98 -1.20
N MET A 86 4.20 -10.49 -1.53
CA MET A 86 3.88 -10.10 -2.87
C MET A 86 3.51 -8.63 -2.88
N SER A 87 3.10 -8.14 -4.00
CA SER A 87 2.82 -6.74 -4.13
C SER A 87 1.31 -6.44 -4.01
N ASN A 88 0.64 -6.99 -3.03
CA ASN A 88 -0.79 -6.69 -2.83
C ASN A 88 -1.03 -6.25 -1.40
N LEU A 89 -2.14 -5.59 -1.14
CA LEU A 89 -2.44 -5.19 0.21
C LEU A 89 -3.77 -5.79 0.62
N LEU A 90 -3.83 -6.42 1.76
CA LEU A 90 -5.05 -6.99 2.22
C LEU A 90 -5.65 -6.09 3.29
N VAL A 91 -6.88 -5.67 3.08
CA VAL A 91 -7.56 -4.72 3.95
C VAL A 91 -8.89 -5.31 4.46
N SER A 92 -9.19 -5.12 5.74
CA SER A 92 -10.44 -5.60 6.33
C SER A 92 -11.61 -4.69 5.95
N GLY A 93 -12.80 -5.09 6.34
CA GLY A 93 -13.99 -4.34 6.03
C GLY A 93 -14.08 -3.06 6.81
N ARG A 94 -13.64 -3.09 8.08
CA ARG A 94 -13.68 -1.88 8.88
C ARG A 94 -12.60 -0.90 8.42
N ALA A 95 -11.46 -1.44 7.99
CA ALA A 95 -10.38 -0.63 7.49
C ALA A 95 -10.75 -0.05 6.13
N ARG A 96 -11.52 -0.84 5.33
CA ARG A 96 -12.06 -0.39 4.06
C ARG A 96 -12.91 0.84 4.28
N LYS A 97 -13.78 0.77 5.29
CA LYS A 97 -14.68 1.87 5.60
C LYS A 97 -13.97 3.19 5.81
N LEU A 98 -12.80 3.17 6.46
CA LEU A 98 -12.00 4.40 6.62
C LEU A 98 -11.59 4.97 5.27
N ILE A 99 -11.03 4.12 4.44
CA ILE A 99 -10.54 4.49 3.12
C ILE A 99 -11.69 4.99 2.21
N GLU A 100 -12.83 4.31 2.30
CA GLU A 100 -14.03 4.68 1.55
C GLU A 100 -14.65 5.98 2.06
N SER A 101 -14.60 6.20 3.36
CA SER A 101 -15.18 7.40 3.95
C SER A 101 -14.31 8.63 3.70
N LEU A 102 -13.01 8.43 3.58
CA LEU A 102 -12.12 9.53 3.24
C LEU A 102 -12.19 9.87 1.77
N GLY A 103 -12.68 8.94 0.97
CA GLY A 103 -12.84 9.20 -0.43
C GLY A 103 -11.55 8.97 -1.18
N VAL A 104 -10.94 7.84 -0.94
CA VAL A 104 -9.74 7.48 -1.64
C VAL A 104 -10.11 6.86 -2.99
N THR A 105 -9.97 7.65 -4.01
CA THR A 105 -10.28 7.24 -5.35
C THR A 105 -9.13 6.36 -5.88
N ASN A 106 -9.47 5.42 -6.79
CA ASN A 106 -8.53 4.48 -7.46
C ASN A 106 -8.15 3.30 -6.60
N ALA A 107 -8.80 3.15 -5.49
CA ALA A 107 -8.59 2.00 -4.66
C ALA A 107 -9.61 0.95 -5.03
N GLU A 108 -9.17 -0.14 -5.58
CA GLU A 108 -10.07 -1.18 -5.99
C GLU A 108 -10.08 -2.27 -4.93
N TRP A 109 -11.25 -2.79 -4.67
CA TRP A 109 -11.47 -3.75 -3.60
C TRP A 109 -11.91 -5.06 -4.17
N LEU A 110 -11.17 -6.11 -3.90
CA LEU A 110 -11.55 -7.43 -4.35
C LEU A 110 -11.83 -8.33 -3.14
N PRO A 111 -13.10 -8.43 -2.69
CA PRO A 111 -13.49 -9.24 -1.54
C PRO A 111 -13.54 -10.74 -1.83
N VAL A 112 -13.07 -11.52 -0.87
CA VAL A 112 -12.99 -12.97 -0.95
C VAL A 112 -13.10 -13.56 0.44
N ALA A 113 -13.26 -14.86 0.51
CA ALA A 113 -13.26 -15.55 1.77
C ALA A 113 -11.87 -16.09 1.97
N ILE A 114 -11.22 -15.62 2.99
CA ILE A 114 -9.84 -15.97 3.21
C ILE A 114 -9.69 -16.90 4.39
N LYS A 115 -8.96 -17.97 4.16
CA LYS A 115 -8.62 -18.93 5.17
C LYS A 115 -7.22 -18.57 5.68
N ASP A 116 -7.02 -18.58 6.99
CA ASP A 116 -5.71 -18.20 7.55
C ASP A 116 -4.73 -19.37 7.48
N HIS A 117 -3.58 -19.24 8.14
CA HIS A 117 -2.52 -20.25 8.17
C HIS A 117 -3.03 -21.57 8.77
N GLN A 118 -3.98 -21.45 9.68
CA GLN A 118 -4.55 -22.59 10.37
C GLN A 118 -5.72 -23.21 9.59
N GLY A 119 -6.08 -22.59 8.47
CA GLY A 119 -7.08 -23.16 7.58
C GLY A 119 -8.53 -22.80 7.87
N LYS A 120 -8.76 -21.83 8.71
CA LYS A 120 -10.14 -21.43 8.99
C LYS A 120 -10.47 -20.11 8.30
N VAL A 121 -11.72 -19.95 7.91
CA VAL A 121 -12.16 -18.75 7.20
C VAL A 121 -12.44 -17.62 8.18
N VAL A 122 -11.41 -16.84 8.44
CA VAL A 122 -11.53 -15.71 9.33
C VAL A 122 -11.34 -14.41 8.59
N GLY A 123 -11.25 -14.51 7.27
CA GLY A 123 -11.11 -13.32 6.50
C GLY A 123 -12.13 -13.13 5.35
N PRO A 124 -13.48 -13.35 5.53
CA PRO A 124 -14.46 -13.07 4.45
C PRO A 124 -14.87 -11.59 4.47
N ASP A 125 -14.32 -10.89 5.43
CA ASP A 125 -14.52 -9.47 5.65
C ASP A 125 -13.44 -8.67 4.92
N TYR A 126 -12.47 -9.38 4.40
CA TYR A 126 -11.30 -8.76 3.83
C TYR A 126 -11.38 -8.66 2.32
N ALA A 127 -10.75 -7.64 1.80
CA ALA A 127 -10.68 -7.37 0.40
C ALA A 127 -9.26 -7.01 0.02
N PHE A 128 -8.83 -7.50 -1.11
CA PHE A 128 -7.52 -7.18 -1.64
C PHE A 128 -7.56 -5.83 -2.33
N LEU A 129 -6.72 -4.93 -1.88
CA LEU A 129 -6.69 -3.59 -2.39
C LEU A 129 -5.56 -3.42 -3.40
N ASN A 130 -5.94 -2.89 -4.55
CA ASN A 130 -5.03 -2.51 -5.63
C ASN A 130 -5.27 -1.03 -6.00
N LEU A 131 -4.20 -0.30 -6.29
CA LEU A 131 -4.32 1.13 -6.65
C LEU A 131 -4.19 1.30 -8.16
N LEU A 132 -4.99 2.17 -8.69
CA LEU A 132 -5.02 2.47 -10.10
C LEU A 132 -4.66 3.94 -10.31
N GLY A 133 -4.51 4.35 -11.56
CA GLY A 133 -4.25 5.75 -11.86
C GLY A 133 -2.78 6.06 -11.80
N ALA A 134 -1.96 5.05 -11.95
CA ALA A 134 -0.55 5.20 -11.88
C ALA A 134 0.07 5.25 -13.26
N GLU A 135 0.93 6.20 -13.45
CA GLU A 135 1.69 6.39 -14.66
C GLU A 135 3.09 6.61 -14.16
N ASP A 136 4.11 6.23 -14.96
CA ASP A 136 5.51 6.22 -14.48
C ASP A 136 5.94 7.51 -13.82
N ALA A 137 6.04 7.43 -12.53
CA ALA A 137 6.17 8.59 -11.75
C ALA A 137 7.45 8.68 -10.96
N ILE A 138 8.00 7.54 -10.49
CA ILE A 138 9.23 7.60 -9.68
C ILE A 138 10.35 8.33 -10.40
N ASP A 139 10.67 9.46 -9.83
CA ASP A 139 11.62 10.42 -10.34
C ASP A 139 13.04 9.92 -10.17
N MET A 140 13.82 9.95 -11.24
CA MET A 140 15.21 9.53 -11.16
C MET A 140 16.20 10.70 -11.10
N GLU A 141 15.73 11.94 -11.03
CA GLU A 141 16.67 13.06 -10.99
C GLU A 141 17.05 13.36 -9.53
N ARG A 142 16.13 13.09 -8.62
CA ARG A 142 16.38 13.31 -7.21
C ARG A 142 16.51 11.99 -6.44
N SER A 143 15.86 10.93 -6.91
CA SER A 143 15.89 9.66 -6.19
C SER A 143 17.14 8.85 -6.49
N GLU A 144 17.68 8.27 -5.46
CA GLU A 144 18.84 7.42 -5.51
C GLU A 144 18.47 6.12 -4.86
N TYR A 145 18.44 5.07 -5.62
CA TYR A 145 18.08 3.77 -5.10
C TYR A 145 18.68 2.66 -5.91
N GLU A 146 18.72 1.48 -5.33
CA GLU A 146 19.25 0.31 -5.97
C GLU A 146 18.22 -0.82 -5.88
N MET A 147 18.09 -1.56 -6.95
CA MET A 147 17.07 -2.58 -7.05
C MET A 147 17.58 -3.98 -6.81
N ASP A 148 17.18 -4.51 -5.65
CA ASP A 148 17.34 -5.92 -5.23
C ASP A 148 16.98 -6.01 -3.76
N SER A 149 15.71 -6.05 -3.48
CA SER A 149 15.23 -6.23 -2.12
C SER A 149 14.87 -7.69 -1.98
N LEU A 150 13.98 -8.14 -2.84
CA LEU A 150 13.64 -9.53 -2.92
C LEU A 150 14.26 -10.03 -4.20
N GLU A 151 13.96 -9.33 -5.27
CA GLU A 151 14.51 -9.58 -6.56
C GLU A 151 14.72 -8.25 -7.31
N LYS A 152 14.96 -8.31 -8.62
CA LYS A 152 15.33 -7.16 -9.47
C LYS A 152 14.32 -5.99 -9.51
N ASP A 153 13.05 -6.26 -9.31
CA ASP A 153 12.03 -5.21 -9.43
C ASP A 153 11.55 -4.72 -8.08
N GLN A 154 12.28 -5.12 -7.07
CA GLN A 154 12.01 -4.69 -5.73
C GLN A 154 13.15 -3.81 -5.28
N ILE A 155 12.86 -2.56 -5.02
CA ILE A 155 13.88 -1.63 -4.57
C ILE A 155 14.24 -1.92 -3.12
N GLY A 156 15.52 -2.01 -2.83
CA GLY A 156 15.94 -2.29 -1.47
C GLY A 156 16.57 -1.08 -0.85
N ASN A 157 17.77 -0.77 -1.28
CA ASN A 157 18.49 0.37 -0.74
C ASN A 157 18.03 1.63 -1.41
N ILE A 158 17.65 2.59 -0.61
CA ILE A 158 17.23 3.87 -1.07
C ILE A 158 18.01 4.91 -0.29
N ASP A 159 18.73 5.74 -0.98
CA ASP A 159 19.49 6.79 -0.33
C ASP A 159 18.64 8.03 -0.19
N ALA A 160 17.86 8.29 -1.22
CA ALA A 160 16.95 9.40 -1.22
C ALA A 160 15.78 9.06 -2.09
N LEU A 161 14.60 9.34 -1.62
CA LEU A 161 13.39 9.04 -2.34
C LEU A 161 12.66 10.35 -2.58
N ALA A 162 12.44 10.67 -3.81
CA ALA A 162 11.71 11.85 -4.17
C ALA A 162 10.30 11.47 -4.50
N LEU A 163 9.37 12.36 -4.19
CA LEU A 163 7.96 12.11 -4.42
C LEU A 163 7.67 11.93 -5.89
N ASP A 164 6.89 10.94 -6.19
CA ASP A 164 6.52 10.59 -7.53
C ASP A 164 5.21 11.26 -7.94
N THR A 165 4.81 12.23 -7.14
CA THR A 165 3.66 13.06 -7.39
C THR A 165 3.90 13.98 -8.61
N SER A 166 5.12 13.93 -9.11
CA SER A 166 5.52 14.61 -10.30
C SER A 166 4.73 14.09 -11.52
N ALA A 167 4.41 12.77 -11.55
CA ALA A 167 3.60 12.24 -12.67
C ALA A 167 2.21 11.79 -12.22
N ILE A 168 2.11 11.33 -10.98
CA ILE A 168 0.83 10.91 -10.40
C ILE A 168 0.20 12.10 -9.71
N ARG A 169 -1.13 12.11 -9.57
CA ARG A 169 -1.85 13.16 -8.88
C ARG A 169 -1.21 13.55 -7.56
N PRO A 170 -0.81 14.82 -7.43
CA PRO A 170 -0.18 15.32 -6.21
C PRO A 170 -1.21 15.47 -5.09
N ASP A 171 -2.47 15.48 -5.48
CA ASP A 171 -3.57 15.59 -4.55
C ASP A 171 -4.14 14.22 -4.25
N ALA A 172 -3.45 13.16 -4.69
CA ALA A 172 -3.89 11.80 -4.43
C ALA A 172 -3.84 11.52 -2.95
N LYS A 173 -4.79 10.78 -2.50
CA LYS A 173 -4.97 10.52 -1.10
C LYS A 173 -4.19 9.25 -0.71
N MET A 174 -4.17 8.30 -1.61
CA MET A 174 -3.44 7.06 -1.46
C MET A 174 -3.11 6.59 -2.83
N PHE A 175 -1.85 6.46 -3.11
CA PHE A 175 -1.40 6.08 -4.43
C PHE A 175 -0.24 5.14 -4.30
N ARG A 176 0.29 4.71 -5.39
CA ARG A 176 1.39 3.81 -5.40
C ARG A 176 2.42 4.30 -6.36
N CYS A 177 3.64 4.08 -6.03
CA CYS A 177 4.73 4.51 -6.86
C CYS A 177 4.95 3.46 -7.95
N THR A 178 5.38 3.89 -9.12
CA THR A 178 5.43 3.02 -10.29
C THR A 178 6.63 2.09 -10.37
N LYS A 179 7.82 2.60 -10.10
CA LYS A 179 9.06 1.80 -10.25
C LYS A 179 9.30 0.87 -9.05
N GLU A 180 8.25 0.64 -8.28
CA GLU A 180 8.26 -0.26 -7.17
C GLU A 180 6.85 -0.83 -7.12
N ARG A 181 6.75 -2.00 -6.66
CA ARG A 181 5.51 -2.72 -6.64
C ARG A 181 4.73 -2.51 -5.31
N ARG A 182 5.48 -2.56 -4.20
CA ARG A 182 4.90 -2.55 -2.84
C ARG A 182 4.61 -1.13 -2.37
N LEU A 183 5.47 -0.22 -2.81
CA LEU A 183 5.51 1.15 -2.33
C LEU A 183 4.21 1.91 -2.60
N ILE A 184 3.45 2.03 -1.54
CA ILE A 184 2.22 2.76 -1.50
C ILE A 184 2.44 3.95 -0.60
N LEU A 185 2.13 5.10 -1.09
CA LEU A 185 2.25 6.29 -0.30
C LEU A 185 0.89 6.73 0.15
N ILE A 186 0.74 6.83 1.44
CA ILE A 186 -0.49 7.30 2.03
C ILE A 186 -0.21 8.63 2.65
N ARG A 187 -1.19 9.45 2.71
CA ARG A 187 -0.99 10.73 3.32
C ARG A 187 -1.20 10.68 4.83
N GLU A 188 -0.71 11.71 5.49
CA GLU A 188 -0.85 11.93 6.91
C GLU A 188 -2.31 11.79 7.37
N ASP A 189 -3.20 12.45 6.67
CA ASP A 189 -4.63 12.48 7.00
C ASP A 189 -5.26 11.10 6.89
N VAL A 190 -4.74 10.30 5.99
CA VAL A 190 -5.20 8.94 5.78
C VAL A 190 -4.82 8.05 6.97
N HIS A 191 -3.54 8.09 7.41
CA HIS A 191 -3.14 7.23 8.52
C HIS A 191 -3.73 7.69 9.83
N ALA A 192 -3.90 9.01 9.98
CA ALA A 192 -4.47 9.59 11.20
C ALA A 192 -5.88 9.07 11.43
N ALA A 193 -6.58 8.83 10.33
CA ALA A 193 -7.95 8.33 10.36
C ALA A 193 -7.96 6.88 10.84
N PHE A 194 -6.95 6.11 10.44
CA PHE A 194 -6.82 4.72 10.86
C PHE A 194 -6.49 4.63 12.36
N GLU A 195 -5.62 5.53 12.79
CA GLU A 195 -5.14 5.57 14.18
C GLU A 195 -6.30 5.85 15.14
N GLN A 196 -7.11 6.86 14.80
CA GLN A 196 -8.24 7.25 15.63
C GLN A 196 -9.38 6.22 15.57
N ALA A 197 -9.36 5.38 14.53
CA ALA A 197 -10.38 4.36 14.36
C ALA A 197 -10.11 3.17 15.26
N GLY A 198 -8.86 3.00 15.64
CA GLY A 198 -8.49 1.92 16.53
C GLY A 198 -8.27 0.62 15.79
N LEU A 199 -7.50 0.69 14.72
CA LEU A 199 -7.16 -0.50 13.97
C LEU A 199 -5.86 -1.09 14.54
N THR A 200 -5.58 -2.32 14.18
CA THR A 200 -4.44 -3.10 14.69
C THR A 200 -3.01 -2.43 14.67
N GLY A 201 -2.24 -2.60 13.61
CA GLY A 201 -0.87 -2.10 13.63
C GLY A 201 -0.41 -1.62 12.29
N PHE A 202 0.38 -0.55 12.27
CA PHE A 202 0.84 0.05 11.02
C PHE A 202 2.31 0.35 11.11
N LYS A 203 2.89 0.61 9.98
CA LYS A 203 4.23 1.10 9.84
C LYS A 203 4.20 2.25 8.89
N VAL A 204 4.75 3.35 9.29
CA VAL A 204 4.78 4.54 8.45
C VAL A 204 6.18 5.13 8.43
N TYR A 205 6.68 5.40 7.26
CA TYR A 205 8.02 5.96 7.10
C TYR A 205 7.97 7.22 6.28
N GLU A 206 8.86 8.17 6.58
CA GLU A 206 8.95 9.45 5.88
C GLU A 206 9.28 9.19 4.40
N ALA A 207 8.35 9.56 3.52
CA ALA A 207 8.52 9.33 2.09
C ALA A 207 9.52 10.30 1.48
N GLU A 208 9.44 11.57 1.90
CA GLU A 208 10.34 12.59 1.40
C GLU A 208 11.75 12.38 1.93
N GLY A 209 12.57 11.77 1.12
CA GLY A 209 13.92 11.49 1.50
C GLY A 209 14.00 10.23 2.30
N TRP A 210 13.16 9.23 1.95
CA TRP A 210 13.16 7.92 2.62
C TRP A 210 14.58 7.34 2.65
N ASP A 211 15.17 7.37 3.82
CA ASP A 211 16.56 7.03 4.01
C ASP A 211 16.78 5.62 4.51
N GLY A 212 17.12 4.75 3.58
CA GLY A 212 17.64 3.41 3.85
C GLY A 212 16.72 2.36 4.46
N LEU A 213 15.68 2.76 5.14
CA LEU A 213 14.83 1.84 5.86
C LEU A 213 14.03 0.91 4.98
N GLU A 214 13.83 -0.27 5.48
CA GLU A 214 13.09 -1.32 4.84
C GLU A 214 11.78 -1.41 5.61
N LEU A 215 10.70 -1.49 4.88
CA LEU A 215 9.33 -1.48 5.40
C LEU A 215 9.15 -2.41 6.62
N MET A 1 30.34 6.70 -7.25
CA MET A 1 30.04 7.60 -6.15
C MET A 1 30.64 8.97 -6.47
N GLY A 2 30.04 10.02 -5.94
CA GLY A 2 30.58 11.33 -6.11
C GLY A 2 31.66 11.59 -5.12
N SER A 3 32.89 11.46 -5.54
CA SER A 3 34.01 11.71 -4.68
C SER A 3 34.39 13.19 -4.71
N SER A 4 35.03 13.62 -5.77
CA SER A 4 35.47 14.98 -5.87
C SER A 4 34.30 15.88 -6.25
N HIS A 5 33.54 15.51 -7.28
CA HIS A 5 32.42 16.33 -7.68
C HIS A 5 31.11 15.89 -7.04
N HIS A 6 31.20 15.67 -5.73
CA HIS A 6 30.03 15.42 -4.89
C HIS A 6 29.37 16.79 -4.66
N HIS A 7 30.19 17.80 -4.86
CA HIS A 7 29.82 19.18 -4.80
C HIS A 7 30.09 19.80 -6.17
N HIS A 8 29.04 20.21 -6.83
CA HIS A 8 29.11 20.90 -8.13
C HIS A 8 27.70 21.16 -8.59
N HIS A 9 26.96 20.10 -8.79
CA HIS A 9 25.57 20.18 -9.12
C HIS A 9 24.83 19.04 -8.46
N HIS A 10 24.56 19.19 -7.19
CA HIS A 10 23.79 18.23 -6.44
C HIS A 10 22.83 18.96 -5.56
N SER A 11 21.79 19.43 -6.17
CA SER A 11 20.75 20.15 -5.52
C SER A 11 19.44 19.62 -6.04
N SER A 12 18.88 18.72 -5.31
CA SER A 12 17.65 18.11 -5.70
C SER A 12 16.46 18.97 -5.29
N GLY A 13 15.28 18.57 -5.70
CA GLY A 13 14.09 19.26 -5.31
C GLY A 13 13.65 18.76 -3.96
N LEU A 14 12.44 18.22 -3.89
CA LEU A 14 11.87 17.64 -2.67
C LEU A 14 11.88 18.68 -1.56
N VAL A 15 11.49 19.87 -1.92
CA VAL A 15 11.45 20.98 -1.01
C VAL A 15 10.09 21.03 -0.30
N PRO A 16 10.08 20.87 1.04
CA PRO A 16 8.87 21.01 1.84
C PRO A 16 8.34 22.43 1.74
N ARG A 17 7.25 22.59 1.05
CA ARG A 17 6.74 23.90 0.73
C ARG A 17 5.23 23.84 0.54
N GLY A 18 4.55 24.83 1.05
CA GLY A 18 3.11 24.91 0.95
C GLY A 18 2.51 25.42 2.24
N SER A 19 1.24 25.78 2.22
CA SER A 19 0.57 26.25 3.43
C SER A 19 0.39 25.04 4.38
N HIS A 20 -0.10 23.96 3.83
CA HIS A 20 -0.17 22.69 4.53
C HIS A 20 0.21 21.66 3.52
N MET A 21 1.46 21.27 3.53
CA MET A 21 1.92 20.26 2.65
C MET A 21 1.40 18.93 3.11
N VAL A 22 0.97 18.14 2.19
CA VAL A 22 0.51 16.83 2.51
C VAL A 22 1.70 15.91 2.34
N LYS A 23 2.20 15.42 3.43
CA LYS A 23 3.35 14.57 3.41
C LYS A 23 2.96 13.16 3.06
N TYR A 24 3.83 12.47 2.38
CA TYR A 24 3.54 11.15 1.88
C TYR A 24 4.31 10.12 2.65
N PHE A 25 3.63 9.08 3.04
CA PHE A 25 4.21 8.03 3.82
C PHE A 25 4.15 6.70 3.13
N VAL A 26 5.18 5.93 3.36
CA VAL A 26 5.28 4.55 2.95
C VAL A 26 4.40 3.77 3.90
N PHE A 27 3.48 3.03 3.36
CA PHE A 27 2.55 2.29 4.15
C PHE A 27 2.97 0.83 4.30
N LYS A 28 3.10 0.39 5.53
CA LYS A 28 3.36 -0.98 5.87
C LYS A 28 2.47 -1.32 7.05
N VAL A 29 2.04 -2.53 7.11
CA VAL A 29 1.21 -2.98 8.20
C VAL A 29 2.10 -3.69 9.19
N MET A 30 1.95 -3.39 10.46
CA MET A 30 2.79 -3.99 11.45
C MET A 30 2.14 -5.25 11.98
N ALA A 31 2.34 -6.30 11.23
CA ALA A 31 1.85 -7.61 11.53
C ALA A 31 2.81 -8.60 10.92
N GLU A 32 3.46 -9.38 11.74
CA GLU A 32 4.45 -10.33 11.24
C GLU A 32 4.13 -11.73 11.75
N GLU A 33 3.66 -11.78 12.98
CA GLU A 33 3.28 -13.02 13.66
C GLU A 33 1.88 -13.42 13.25
N ALA A 34 1.11 -12.43 12.81
CA ALA A 34 -0.19 -12.68 12.24
C ALA A 34 0.04 -13.40 10.95
N GLY A 35 1.13 -13.03 10.32
CA GLY A 35 1.56 -13.66 9.16
C GLY A 35 1.07 -13.00 7.95
N TYR A 36 1.80 -13.18 6.94
CA TYR A 36 1.52 -12.63 5.69
C TYR A 36 0.80 -13.66 4.88
N ILE A 37 0.23 -13.25 3.81
CA ILE A 37 -0.19 -14.21 2.86
C ILE A 37 1.11 -14.63 2.19
N GLU A 38 1.57 -15.80 2.62
CA GLU A 38 2.90 -16.29 2.35
C GLU A 38 3.15 -16.54 0.86
N LYS A 39 2.20 -17.16 0.21
CA LYS A 39 2.26 -17.43 -1.20
C LYS A 39 0.98 -16.97 -1.87
N LEU A 40 0.95 -17.11 -3.19
CA LEU A 40 -0.17 -16.64 -3.99
C LEU A 40 -1.46 -17.42 -3.73
N PRO A 41 -2.53 -16.72 -3.34
CA PRO A 41 -3.84 -17.32 -3.17
C PRO A 41 -4.46 -17.71 -4.52
N ASN A 42 -5.51 -18.50 -4.46
CA ASN A 42 -6.27 -19.00 -5.61
C ASN A 42 -6.66 -17.89 -6.60
N GLY A 43 -6.09 -17.96 -7.80
CA GLY A 43 -6.47 -17.04 -8.85
C GLY A 43 -5.75 -15.70 -8.81
N SER A 44 -4.71 -15.62 -8.04
CA SER A 44 -3.99 -14.38 -7.93
C SER A 44 -2.92 -14.20 -9.05
N PRO A 45 -2.74 -12.94 -9.55
CA PRO A 45 -1.67 -12.57 -10.51
C PRO A 45 -0.27 -12.76 -9.88
N THR A 46 0.78 -12.75 -10.71
CA THR A 46 2.15 -12.89 -10.23
C THR A 46 2.53 -11.72 -9.29
N ASP A 47 3.52 -11.97 -8.42
CA ASP A 47 3.99 -11.04 -7.36
C ASP A 47 4.17 -9.63 -7.86
N TRP A 48 4.93 -9.48 -8.91
CA TRP A 48 5.25 -8.16 -9.43
C TRP A 48 4.05 -7.50 -10.14
N LYS A 49 3.12 -8.30 -10.62
CA LYS A 49 2.04 -7.81 -11.42
C LYS A 49 0.99 -7.06 -10.57
N PHE A 50 0.94 -7.37 -9.25
CA PHE A 50 -0.01 -6.71 -8.30
C PHE A 50 0.18 -5.17 -8.24
N HIS A 51 1.36 -4.69 -8.55
CA HIS A 51 1.65 -3.25 -8.63
C HIS A 51 1.98 -2.79 -10.03
N GLU A 52 1.93 -3.68 -10.98
CA GLU A 52 2.41 -3.31 -12.27
C GLU A 52 1.27 -2.81 -13.17
N GLY A 53 1.19 -1.50 -13.26
CA GLY A 53 0.40 -0.74 -14.26
C GLY A 53 -1.14 -0.97 -14.41
N ILE A 54 -1.74 -2.00 -13.83
CA ILE A 54 -3.20 -2.21 -14.05
C ILE A 54 -3.92 -2.58 -12.77
N SER A 55 -5.23 -2.51 -12.81
CA SER A 55 -6.04 -2.92 -11.72
C SER A 55 -6.24 -4.42 -11.84
N LEU A 56 -6.48 -5.07 -10.75
CA LEU A 56 -6.48 -6.52 -10.72
C LEU A 56 -7.89 -7.08 -10.75
N ALA A 57 -8.87 -6.24 -11.03
CA ALA A 57 -10.28 -6.67 -10.99
C ALA A 57 -10.60 -7.71 -12.06
N LYS A 58 -9.91 -7.65 -13.19
CA LYS A 58 -10.15 -8.63 -14.23
C LYS A 58 -9.28 -9.88 -14.09
N ASP A 59 -8.25 -9.82 -13.25
CA ASP A 59 -7.32 -10.94 -13.13
C ASP A 59 -7.55 -11.74 -11.88
N PHE A 60 -8.16 -11.13 -10.92
CA PHE A 60 -8.39 -11.74 -9.63
C PHE A 60 -9.88 -12.02 -9.50
N PRO A 61 -10.26 -13.20 -8.99
CA PRO A 61 -11.68 -13.54 -8.80
C PRO A 61 -12.37 -12.61 -7.82
N VAL A 62 -13.41 -11.97 -8.26
CA VAL A 62 -14.15 -11.05 -7.44
C VAL A 62 -15.35 -11.80 -6.88
N GLY A 63 -15.38 -11.97 -5.60
CA GLY A 63 -16.43 -12.71 -4.96
C GLY A 63 -16.16 -14.19 -5.01
N GLY A 64 -14.90 -14.54 -5.13
CA GLY A 64 -14.51 -15.91 -5.17
C GLY A 64 -13.97 -16.37 -3.84
N GLU A 65 -13.16 -17.40 -3.85
CA GLU A 65 -12.56 -17.88 -2.63
C GLU A 65 -11.07 -18.02 -2.79
N VAL A 66 -10.34 -17.53 -1.81
CA VAL A 66 -8.90 -17.66 -1.81
C VAL A 66 -8.47 -18.15 -0.45
N SER A 67 -7.24 -18.58 -0.32
CA SER A 67 -6.73 -19.09 0.91
C SER A 67 -5.27 -18.73 1.06
N PHE A 68 -4.80 -18.68 2.28
CA PHE A 68 -3.41 -18.45 2.58
C PHE A 68 -2.61 -19.69 2.28
N SER A 69 -1.88 -19.66 1.21
CA SER A 69 -0.99 -20.71 0.90
C SER A 69 0.31 -20.45 1.66
N LYS A 70 0.80 -21.46 2.32
CA LYS A 70 1.94 -21.32 3.20
C LYS A 70 3.25 -21.46 2.46
N ASN A 71 4.23 -20.68 2.86
CA ASN A 71 5.56 -20.79 2.31
C ASN A 71 6.41 -21.65 3.22
N TYR A 72 6.21 -21.44 4.51
CA TYR A 72 6.91 -22.16 5.57
C TYR A 72 6.40 -21.74 6.96
N PRO A 73 6.36 -20.41 7.32
CA PRO A 73 5.91 -19.98 8.64
C PRO A 73 4.40 -20.11 8.78
N ASP A 74 3.97 -21.00 9.64
CA ASP A 74 2.57 -21.21 9.89
C ASP A 74 2.14 -20.30 11.02
N ASN A 75 1.75 -19.12 10.63
CA ASN A 75 1.48 -18.02 11.55
C ASN A 75 0.04 -17.97 12.03
N ARG A 76 -0.30 -16.90 12.75
CA ARG A 76 -1.61 -16.75 13.40
C ARG A 76 -2.72 -16.22 12.44
N ASN A 77 -3.78 -15.71 13.04
CA ASN A 77 -4.95 -15.17 12.34
C ASN A 77 -4.73 -13.73 11.83
N LEU A 78 -5.77 -13.17 11.26
CA LEU A 78 -5.73 -11.87 10.59
C LEU A 78 -6.12 -10.71 11.49
N TYR A 79 -5.56 -9.56 11.18
CA TYR A 79 -5.82 -8.31 11.87
C TYR A 79 -6.61 -7.39 10.93
N ASP A 80 -6.51 -6.08 11.12
CA ASP A 80 -7.28 -5.11 10.33
C ASP A 80 -6.78 -5.02 8.93
N PHE A 81 -5.50 -5.09 8.79
CA PHE A 81 -4.86 -5.08 7.51
C PHE A 81 -3.94 -6.25 7.50
N GLN A 82 -3.89 -6.93 6.40
CA GLN A 82 -3.04 -8.06 6.30
C GLN A 82 -2.08 -7.86 5.15
N PRO A 83 -0.79 -7.75 5.45
CA PRO A 83 0.23 -7.61 4.43
C PRO A 83 0.56 -8.96 3.78
N ASN A 84 1.12 -8.91 2.61
CA ASN A 84 1.42 -10.12 1.86
C ASN A 84 2.90 -10.17 1.55
N ILE A 85 3.35 -11.29 1.01
CA ILE A 85 4.74 -11.43 0.62
C ILE A 85 4.88 -10.94 -0.82
N MET A 86 3.74 -10.89 -1.48
CA MET A 86 3.68 -10.53 -2.86
C MET A 86 3.75 -9.03 -3.11
N SER A 87 2.59 -8.37 -3.25
CA SER A 87 2.55 -6.96 -3.60
C SER A 87 1.09 -6.45 -3.60
N ASN A 88 0.31 -6.98 -2.71
CA ASN A 88 -1.10 -6.66 -2.60
C ASN A 88 -1.47 -6.47 -1.16
N LEU A 89 -2.50 -5.70 -0.90
CA LEU A 89 -2.91 -5.44 0.46
C LEU A 89 -4.26 -6.08 0.73
N LEU A 90 -4.43 -6.65 1.88
CA LEU A 90 -5.69 -7.20 2.27
C LEU A 90 -6.25 -6.36 3.40
N VAL A 91 -7.48 -5.95 3.28
CA VAL A 91 -8.11 -5.07 4.24
C VAL A 91 -9.39 -5.71 4.80
N SER A 92 -9.57 -5.61 6.12
CA SER A 92 -10.75 -6.11 6.80
C SER A 92 -11.97 -5.24 6.50
N GLY A 93 -13.13 -5.72 6.88
CA GLY A 93 -14.36 -5.02 6.66
C GLY A 93 -14.44 -3.69 7.40
N ARG A 94 -13.94 -3.66 8.64
CA ARG A 94 -14.01 -2.41 9.40
C ARG A 94 -12.98 -1.41 8.91
N ALA A 95 -11.83 -1.92 8.46
CA ALA A 95 -10.78 -1.05 7.96
C ALA A 95 -11.19 -0.46 6.60
N ARG A 96 -12.04 -1.22 5.88
CA ARG A 96 -12.67 -0.73 4.64
C ARG A 96 -13.47 0.50 4.93
N LYS A 97 -14.21 0.48 6.03
CA LYS A 97 -15.07 1.60 6.43
C LYS A 97 -14.26 2.87 6.66
N LEU A 98 -13.05 2.73 7.19
CA LEU A 98 -12.14 3.88 7.37
C LEU A 98 -11.78 4.47 6.01
N ILE A 99 -11.20 3.65 5.16
CA ILE A 99 -10.74 4.05 3.84
C ILE A 99 -11.90 4.60 2.96
N GLU A 100 -13.03 3.90 2.97
CA GLU A 100 -14.21 4.30 2.20
C GLU A 100 -14.81 5.63 2.67
N SER A 101 -14.81 5.89 3.98
CA SER A 101 -15.41 7.13 4.48
C SER A 101 -14.51 8.34 4.23
N LEU A 102 -13.20 8.11 4.15
CA LEU A 102 -12.28 9.18 3.78
C LEU A 102 -12.41 9.51 2.31
N GLY A 103 -12.89 8.56 1.53
CA GLY A 103 -13.04 8.78 0.13
C GLY A 103 -11.72 8.65 -0.57
N VAL A 104 -11.04 7.57 -0.26
CA VAL A 104 -9.75 7.31 -0.82
C VAL A 104 -9.86 6.96 -2.31
N THR A 105 -9.48 7.94 -3.10
CA THR A 105 -9.48 7.89 -4.54
C THR A 105 -8.66 6.70 -5.05
N ASN A 106 -9.33 5.88 -5.86
CA ASN A 106 -8.74 4.76 -6.61
C ASN A 106 -8.48 3.53 -5.77
N ALA A 107 -9.07 3.47 -4.61
CA ALA A 107 -8.95 2.29 -3.77
C ALA A 107 -9.99 1.29 -4.20
N GLU A 108 -9.55 0.18 -4.73
CA GLU A 108 -10.46 -0.83 -5.17
C GLU A 108 -10.46 -1.99 -4.21
N TRP A 109 -11.61 -2.58 -4.04
CA TRP A 109 -11.81 -3.64 -3.12
C TRP A 109 -12.20 -4.87 -3.88
N LEU A 110 -11.42 -5.89 -3.76
CA LEU A 110 -11.75 -7.17 -4.35
C LEU A 110 -12.06 -8.15 -3.23
N PRO A 111 -13.35 -8.28 -2.86
CA PRO A 111 -13.77 -9.13 -1.75
C PRO A 111 -13.90 -10.59 -2.15
N VAL A 112 -13.46 -11.45 -1.26
CA VAL A 112 -13.48 -12.90 -1.44
C VAL A 112 -13.69 -13.57 -0.10
N ALA A 113 -13.87 -14.87 -0.08
CA ALA A 113 -13.91 -15.59 1.17
C ALA A 113 -12.56 -16.23 1.37
N ILE A 114 -11.88 -15.82 2.41
CA ILE A 114 -10.50 -16.18 2.62
C ILE A 114 -10.35 -17.15 3.77
N LYS A 115 -9.60 -18.20 3.52
CA LYS A 115 -9.21 -19.13 4.57
C LYS A 115 -7.78 -18.81 4.99
N ASP A 116 -7.54 -18.73 6.29
CA ASP A 116 -6.26 -18.27 6.87
C ASP A 116 -5.20 -19.41 6.93
N HIS A 117 -4.19 -19.22 7.79
CA HIS A 117 -3.12 -20.18 8.01
C HIS A 117 -3.68 -21.43 8.71
N GLN A 118 -4.71 -21.28 9.56
CA GLN A 118 -5.32 -22.43 10.24
C GLN A 118 -6.24 -23.16 9.25
N GLY A 119 -6.65 -22.44 8.24
CA GLY A 119 -7.47 -22.99 7.22
C GLY A 119 -8.94 -22.74 7.48
N LYS A 120 -9.24 -21.78 8.34
CA LYS A 120 -10.61 -21.47 8.66
C LYS A 120 -11.02 -20.24 7.86
N VAL A 121 -12.31 -20.06 7.65
CA VAL A 121 -12.77 -18.89 6.93
C VAL A 121 -12.63 -17.70 7.86
N VAL A 122 -11.63 -16.94 7.61
CA VAL A 122 -11.26 -15.85 8.47
C VAL A 122 -11.70 -14.52 7.86
N GLY A 123 -11.74 -14.47 6.55
CA GLY A 123 -12.02 -13.25 5.91
C GLY A 123 -13.14 -13.36 4.91
N PRO A 124 -14.41 -13.39 5.35
CA PRO A 124 -15.54 -13.41 4.44
C PRO A 124 -15.87 -12.00 3.88
N ASP A 125 -15.47 -10.96 4.59
CA ASP A 125 -15.75 -9.58 4.14
C ASP A 125 -14.45 -8.81 3.86
N TYR A 126 -13.33 -9.51 3.98
CA TYR A 126 -12.03 -8.91 3.69
C TYR A 126 -11.90 -8.74 2.18
N ALA A 127 -11.29 -7.67 1.81
CA ALA A 127 -11.13 -7.33 0.43
C ALA A 127 -9.71 -6.94 0.13
N PHE A 128 -9.22 -7.37 -1.00
CA PHE A 128 -7.90 -7.02 -1.45
C PHE A 128 -7.92 -5.65 -2.08
N LEU A 129 -7.05 -4.81 -1.62
CA LEU A 129 -7.00 -3.46 -2.06
C LEU A 129 -5.85 -3.25 -3.03
N ASN A 130 -6.21 -2.71 -4.17
CA ASN A 130 -5.29 -2.30 -5.20
C ASN A 130 -5.58 -0.84 -5.54
N LEU A 131 -4.56 -0.04 -5.82
CA LEU A 131 -4.80 1.37 -6.15
C LEU A 131 -4.74 1.58 -7.65
N LEU A 132 -5.75 2.21 -8.17
CA LEU A 132 -5.84 2.51 -9.59
C LEU A 132 -5.17 3.82 -9.92
N GLY A 133 -5.08 4.11 -11.21
CA GLY A 133 -4.48 5.34 -11.67
C GLY A 133 -2.98 5.34 -11.53
N ALA A 134 -2.41 4.16 -11.47
CA ALA A 134 -0.99 4.03 -11.33
C ALA A 134 -0.37 3.73 -12.66
N GLU A 135 0.64 4.45 -12.96
CA GLU A 135 1.37 4.37 -14.18
C GLU A 135 2.83 4.55 -13.84
N ASP A 136 3.73 4.32 -14.80
CA ASP A 136 5.20 4.38 -14.53
C ASP A 136 5.59 5.71 -13.95
N ALA A 137 5.86 5.70 -12.65
CA ALA A 137 5.97 6.94 -11.94
C ALA A 137 7.25 7.19 -11.16
N ILE A 138 7.86 6.16 -10.55
CA ILE A 138 9.06 6.39 -9.71
C ILE A 138 10.21 6.95 -10.53
N ASP A 139 10.59 8.16 -10.20
CA ASP A 139 11.66 8.88 -10.88
C ASP A 139 12.99 8.32 -10.43
N MET A 140 13.84 7.97 -11.36
CA MET A 140 15.12 7.37 -11.04
C MET A 140 16.30 8.39 -11.23
N GLU A 141 15.97 9.60 -11.62
CA GLU A 141 16.97 10.65 -11.89
C GLU A 141 17.21 11.47 -10.63
N ARG A 142 16.12 11.91 -10.06
CA ARG A 142 16.06 12.84 -8.94
C ARG A 142 16.25 12.12 -7.63
N SER A 143 16.32 10.84 -7.70
CA SER A 143 16.46 10.03 -6.57
C SER A 143 17.86 9.48 -6.48
N GLU A 144 18.20 9.01 -5.32
CA GLU A 144 19.48 8.43 -5.07
C GLU A 144 19.22 7.06 -4.47
N TYR A 145 19.19 6.02 -5.29
CA TYR A 145 18.97 4.68 -4.76
C TYR A 145 19.62 3.60 -5.60
N GLU A 146 19.76 2.45 -4.99
CA GLU A 146 20.31 1.26 -5.59
C GLU A 146 19.28 0.17 -5.49
N MET A 147 19.18 -0.64 -6.50
CA MET A 147 18.20 -1.68 -6.51
C MET A 147 18.92 -2.97 -6.16
N ASP A 148 18.68 -3.48 -4.95
CA ASP A 148 19.48 -4.59 -4.42
C ASP A 148 18.85 -5.25 -3.17
N SER A 149 17.57 -5.00 -2.90
CA SER A 149 16.96 -5.48 -1.67
C SER A 149 16.80 -6.99 -1.67
N LEU A 150 16.13 -7.51 -2.66
CA LEU A 150 15.82 -8.91 -2.73
C LEU A 150 16.08 -9.34 -4.13
N GLU A 151 15.33 -8.74 -4.95
CA GLU A 151 15.27 -8.93 -6.31
C GLU A 151 15.70 -7.61 -6.96
N LYS A 152 15.92 -7.62 -8.26
CA LYS A 152 16.42 -6.44 -9.01
C LYS A 152 15.43 -5.30 -8.88
N ASP A 153 14.16 -5.66 -8.93
CA ASP A 153 13.02 -4.74 -8.88
C ASP A 153 12.81 -4.17 -7.46
N GLN A 154 13.49 -4.72 -6.51
CA GLN A 154 13.33 -4.34 -5.14
C GLN A 154 14.47 -3.43 -4.72
N ILE A 155 14.14 -2.20 -4.40
CA ILE A 155 15.12 -1.18 -4.04
C ILE A 155 15.71 -1.46 -2.64
N GLY A 156 17.04 -1.43 -2.55
CA GLY A 156 17.72 -1.75 -1.32
C GLY A 156 18.25 -0.52 -0.63
N ASN A 157 19.33 0.01 -1.15
CA ASN A 157 19.94 1.21 -0.58
C ASN A 157 19.23 2.43 -1.11
N ILE A 158 18.67 3.20 -0.23
CA ILE A 158 17.95 4.38 -0.60
C ILE A 158 18.56 5.55 0.15
N ASP A 159 19.18 6.46 -0.56
CA ASP A 159 19.75 7.66 0.04
C ASP A 159 18.75 8.78 -0.02
N ALA A 160 17.91 8.73 -1.06
CA ALA A 160 16.87 9.72 -1.26
C ALA A 160 15.81 9.17 -2.20
N LEU A 161 14.63 8.97 -1.70
CA LEU A 161 13.51 8.50 -2.49
C LEU A 161 12.77 9.72 -3.04
N ALA A 162 12.67 9.81 -4.35
CA ALA A 162 11.98 10.90 -5.00
C ALA A 162 10.58 10.48 -5.31
N LEU A 163 9.65 11.40 -5.12
CA LEU A 163 8.24 11.14 -5.28
C LEU A 163 7.85 10.77 -6.71
N ASP A 164 6.95 9.83 -6.79
CA ASP A 164 6.42 9.30 -8.03
C ASP A 164 5.14 10.04 -8.40
N THR A 165 4.85 11.07 -7.63
CA THR A 165 3.74 12.00 -7.84
C THR A 165 3.99 12.84 -9.13
N SER A 166 5.16 12.64 -9.68
CA SER A 166 5.56 13.18 -10.94
C SER A 166 4.66 12.61 -12.07
N ALA A 167 4.30 11.31 -11.97
CA ALA A 167 3.43 10.72 -12.98
C ALA A 167 2.05 10.36 -12.42
N ILE A 168 2.01 10.00 -11.16
CA ILE A 168 0.76 9.72 -10.51
C ILE A 168 0.23 11.01 -9.93
N ARG A 169 -1.06 11.23 -10.06
CA ARG A 169 -1.70 12.42 -9.55
C ARG A 169 -1.50 12.53 -8.03
N PRO A 170 -0.89 13.63 -7.54
CA PRO A 170 -0.58 13.79 -6.11
C PRO A 170 -1.81 13.96 -5.23
N ASP A 171 -2.95 14.11 -5.86
CA ASP A 171 -4.21 14.22 -5.16
C ASP A 171 -4.84 12.85 -4.97
N ALA A 172 -4.14 11.80 -5.43
CA ALA A 172 -4.56 10.45 -5.15
C ALA A 172 -4.35 10.23 -3.68
N LYS A 173 -5.39 9.81 -3.00
CA LYS A 173 -5.37 9.74 -1.56
C LYS A 173 -4.51 8.59 -1.05
N MET A 174 -4.39 7.59 -1.86
CA MET A 174 -3.57 6.46 -1.59
C MET A 174 -3.23 5.92 -2.94
N PHE A 175 -1.97 5.65 -3.17
CA PHE A 175 -1.53 5.18 -4.45
C PHE A 175 -0.46 4.12 -4.31
N ARG A 176 -0.12 3.51 -5.41
CA ARG A 176 0.82 2.43 -5.41
C ARG A 176 1.78 2.59 -6.56
N CYS A 177 3.03 2.57 -6.25
CA CYS A 177 4.07 2.79 -7.20
C CYS A 177 4.25 1.55 -8.09
N THR A 178 4.53 1.77 -9.35
CA THR A 178 4.70 0.68 -10.29
C THR A 178 6.11 0.05 -10.23
N LYS A 179 7.13 0.89 -10.07
CA LYS A 179 8.57 0.46 -10.12
C LYS A 179 9.04 -0.30 -8.87
N GLU A 180 8.14 -0.70 -8.01
CA GLU A 180 8.47 -1.40 -6.79
C GLU A 180 7.17 -1.97 -6.27
N ARG A 181 7.25 -3.15 -5.77
CA ARG A 181 6.09 -3.92 -5.43
C ARG A 181 5.62 -3.69 -4.00
N ARG A 182 6.53 -3.41 -3.11
CA ARG A 182 6.18 -3.25 -1.69
C ARG A 182 5.70 -1.83 -1.43
N LEU A 183 6.21 -0.91 -2.23
CA LEU A 183 5.98 0.50 -2.04
C LEU A 183 4.53 0.93 -2.33
N ILE A 184 3.84 1.29 -1.26
CA ILE A 184 2.51 1.85 -1.29
C ILE A 184 2.61 3.19 -0.58
N LEU A 185 2.10 4.24 -1.18
CA LEU A 185 2.20 5.55 -0.57
C LEU A 185 0.84 6.08 -0.21
N ILE A 186 0.73 6.53 1.02
CA ILE A 186 -0.49 7.13 1.52
C ILE A 186 -0.22 8.57 1.86
N ARG A 187 -1.27 9.35 1.89
CA ARG A 187 -1.15 10.72 2.32
C ARG A 187 -1.27 10.75 3.83
N GLU A 188 -0.84 11.84 4.43
CA GLU A 188 -0.88 12.01 5.88
C GLU A 188 -2.28 11.87 6.48
N ASP A 189 -3.28 12.33 5.75
CA ASP A 189 -4.67 12.33 6.22
C ASP A 189 -5.20 10.89 6.41
N VAL A 190 -4.72 9.98 5.57
CA VAL A 190 -5.13 8.59 5.60
C VAL A 190 -4.68 7.91 6.90
N HIS A 191 -3.39 8.09 7.27
CA HIS A 191 -2.92 7.46 8.51
C HIS A 191 -3.47 8.21 9.71
N ALA A 192 -3.79 9.50 9.54
CA ALA A 192 -4.34 10.34 10.61
C ALA A 192 -5.67 9.76 11.09
N ALA A 193 -6.42 9.18 10.16
CA ALA A 193 -7.66 8.53 10.49
C ALA A 193 -7.39 7.22 11.23
N PHE A 194 -6.33 6.53 10.84
CA PHE A 194 -5.96 5.28 11.51
C PHE A 194 -5.45 5.53 12.94
N GLU A 195 -4.75 6.67 13.14
CA GLU A 195 -4.23 7.07 14.46
C GLU A 195 -5.38 7.16 15.46
N GLN A 196 -6.44 7.80 15.03
CA GLN A 196 -7.58 8.05 15.89
C GLN A 196 -8.56 6.88 15.93
N ALA A 197 -8.40 5.93 15.02
CA ALA A 197 -9.27 4.76 14.98
C ALA A 197 -8.76 3.68 15.93
N GLY A 198 -7.45 3.68 16.16
CA GLY A 198 -6.86 2.71 17.06
C GLY A 198 -6.86 1.31 16.48
N LEU A 199 -6.40 1.20 15.24
CA LEU A 199 -6.36 -0.09 14.57
C LEU A 199 -5.10 -0.87 14.97
N THR A 200 -5.09 -2.16 14.66
CA THR A 200 -4.06 -3.13 15.07
C THR A 200 -2.57 -2.68 15.00
N GLY A 201 -2.04 -2.36 13.84
CA GLY A 201 -0.65 -1.94 13.82
C GLY A 201 -0.19 -1.49 12.46
N PHE A 202 0.61 -0.45 12.42
CA PHE A 202 1.09 0.13 11.16
C PHE A 202 2.52 0.58 11.32
N LYS A 203 3.18 0.76 10.22
CA LYS A 203 4.48 1.38 10.15
C LYS A 203 4.49 2.29 8.97
N VAL A 204 4.75 3.53 9.19
CA VAL A 204 4.77 4.52 8.13
C VAL A 204 6.11 5.22 8.12
N TYR A 205 6.60 5.52 6.94
CA TYR A 205 7.89 6.16 6.79
C TYR A 205 7.76 7.34 5.85
N GLU A 206 8.46 8.40 6.14
CA GLU A 206 8.43 9.60 5.31
C GLU A 206 9.08 9.27 3.96
N ALA A 207 8.27 9.20 2.92
CA ALA A 207 8.71 8.83 1.59
C ALA A 207 9.55 9.93 0.96
N GLU A 208 9.22 11.15 1.32
CA GLU A 208 9.89 12.32 0.81
C GLU A 208 11.31 12.41 1.39
N GLY A 209 12.24 11.85 0.67
CA GLY A 209 13.63 11.83 1.10
C GLY A 209 13.90 10.69 2.04
N TRP A 210 13.17 9.58 1.84
CA TRP A 210 13.31 8.35 2.65
C TRP A 210 14.76 7.79 2.59
N ASP A 211 15.52 8.05 3.64
CA ASP A 211 16.93 7.66 3.72
C ASP A 211 17.19 6.44 4.62
N GLY A 212 17.75 5.40 4.04
CA GLY A 212 18.30 4.24 4.77
C GLY A 212 17.33 3.23 5.37
N LEU A 213 16.12 3.61 5.66
CA LEU A 213 15.20 2.72 6.33
C LEU A 213 14.57 1.70 5.41
N GLU A 214 14.37 0.53 5.93
CA GLU A 214 13.74 -0.57 5.25
C GLU A 214 12.36 -0.73 5.85
N LEU A 215 11.35 -0.89 5.00
CA LEU A 215 9.94 -1.09 5.42
C LEU A 215 9.87 -2.08 6.59
N MET A 1 -39.81 3.27 -1.19
CA MET A 1 -38.51 2.85 -0.67
C MET A 1 -37.75 2.18 -1.77
N GLY A 2 -36.63 1.56 -1.45
CA GLY A 2 -35.80 0.93 -2.46
C GLY A 2 -34.55 1.73 -2.64
N SER A 3 -33.92 2.03 -1.54
CA SER A 3 -32.73 2.82 -1.51
C SER A 3 -31.53 1.93 -1.85
N SER A 4 -30.78 2.32 -2.83
CA SER A 4 -29.62 1.58 -3.26
C SER A 4 -28.45 2.53 -3.40
N HIS A 5 -27.23 2.09 -3.11
CA HIS A 5 -26.08 2.95 -3.29
C HIS A 5 -25.80 3.11 -4.77
N HIS A 6 -25.98 4.32 -5.24
CA HIS A 6 -25.90 4.63 -6.65
C HIS A 6 -24.45 4.72 -7.10
N HIS A 7 -24.04 3.78 -7.94
CA HIS A 7 -22.68 3.73 -8.44
C HIS A 7 -22.50 4.73 -9.58
N HIS A 8 -23.59 5.05 -10.28
CA HIS A 8 -23.51 6.01 -11.38
C HIS A 8 -23.74 7.44 -10.90
N HIS A 9 -23.79 7.61 -9.59
CA HIS A 9 -23.94 8.91 -9.01
C HIS A 9 -22.56 9.49 -8.77
N HIS A 10 -22.17 10.38 -9.62
CA HIS A 10 -20.88 11.00 -9.54
C HIS A 10 -21.02 12.47 -9.86
N SER A 11 -20.79 13.29 -8.90
CA SER A 11 -20.94 14.70 -9.06
C SER A 11 -19.66 15.31 -9.65
N SER A 12 -18.63 15.39 -8.84
CA SER A 12 -17.34 15.95 -9.18
C SER A 12 -16.51 15.86 -7.91
N GLY A 13 -15.20 15.92 -8.03
CA GLY A 13 -14.33 15.91 -6.87
C GLY A 13 -14.32 17.27 -6.21
N LEU A 14 -15.42 17.60 -5.60
CA LEU A 14 -15.62 18.89 -4.99
C LEU A 14 -15.07 18.93 -3.60
N VAL A 15 -13.81 19.26 -3.52
CA VAL A 15 -13.12 19.43 -2.26
C VAL A 15 -12.22 20.64 -2.44
N PRO A 16 -12.23 21.61 -1.51
CA PRO A 16 -11.35 22.79 -1.60
C PRO A 16 -9.89 22.40 -1.33
N ARG A 17 -9.20 22.07 -2.39
CA ARG A 17 -7.83 21.64 -2.30
C ARG A 17 -6.92 22.67 -2.93
N GLY A 18 -7.08 22.83 -4.23
CA GLY A 18 -6.20 23.68 -5.00
C GLY A 18 -4.86 23.00 -5.10
N SER A 19 -3.88 23.59 -4.49
CA SER A 19 -2.59 23.00 -4.37
C SER A 19 -2.34 22.83 -2.90
N HIS A 20 -2.05 21.63 -2.48
CA HIS A 20 -1.86 21.37 -1.09
C HIS A 20 -0.66 20.47 -0.91
N MET A 21 0.21 20.85 -0.02
CA MET A 21 1.38 20.07 0.29
C MET A 21 0.96 19.05 1.34
N VAL A 22 0.94 17.81 0.97
CA VAL A 22 0.53 16.75 1.86
C VAL A 22 1.77 15.92 2.15
N LYS A 23 1.95 15.50 3.37
CA LYS A 23 3.09 14.67 3.68
C LYS A 23 2.72 13.22 3.43
N TYR A 24 3.60 12.51 2.77
CA TYR A 24 3.33 11.14 2.39
C TYR A 24 4.17 10.17 3.19
N PHE A 25 3.59 9.05 3.48
CA PHE A 25 4.25 8.00 4.22
C PHE A 25 4.14 6.69 3.50
N VAL A 26 5.12 5.85 3.70
CA VAL A 26 5.12 4.51 3.16
C VAL A 26 4.27 3.68 4.09
N PHE A 27 3.30 3.00 3.55
CA PHE A 27 2.41 2.22 4.35
C PHE A 27 2.87 0.77 4.40
N LYS A 28 3.19 0.32 5.59
CA LYS A 28 3.57 -1.04 5.81
C LYS A 28 2.83 -1.48 7.07
N VAL A 29 2.34 -2.68 7.07
CA VAL A 29 1.63 -3.17 8.22
C VAL A 29 2.59 -4.01 9.03
N MET A 30 2.77 -3.67 10.28
CA MET A 30 3.68 -4.41 11.14
C MET A 30 3.07 -5.73 11.60
N ALA A 31 3.22 -6.71 10.75
CA ALA A 31 2.74 -8.03 10.98
C ALA A 31 3.73 -9.01 10.37
N GLU A 32 4.40 -9.75 11.21
CA GLU A 32 5.34 -10.79 10.77
C GLU A 32 5.03 -12.05 11.51
N GLU A 33 4.67 -11.88 12.76
CA GLU A 33 4.26 -12.95 13.64
C GLU A 33 2.79 -13.20 13.40
N ALA A 34 2.08 -12.14 13.05
CA ALA A 34 0.74 -12.27 12.54
C ALA A 34 0.88 -12.85 11.15
N GLY A 35 1.95 -12.42 10.49
CA GLY A 35 2.35 -12.98 9.25
C GLY A 35 1.94 -12.19 8.06
N TYR A 36 2.73 -12.31 7.05
CA TYR A 36 2.47 -11.69 5.79
C TYR A 36 1.68 -12.66 4.96
N ILE A 37 1.12 -12.20 3.88
CA ILE A 37 0.71 -13.11 2.88
C ILE A 37 2.00 -13.45 2.18
N GLU A 38 2.50 -14.61 2.54
CA GLU A 38 3.81 -15.08 2.15
C GLU A 38 3.95 -15.16 0.64
N LYS A 39 3.17 -16.01 0.05
CA LYS A 39 3.19 -16.19 -1.36
C LYS A 39 1.81 -15.99 -1.94
N LEU A 40 1.74 -16.05 -3.26
CA LEU A 40 0.52 -15.71 -4.01
C LEU A 40 -0.66 -16.61 -3.63
N PRO A 41 -1.79 -16.00 -3.21
CA PRO A 41 -3.01 -16.73 -2.91
C PRO A 41 -3.63 -17.39 -4.17
N ASN A 42 -4.59 -18.27 -3.92
CA ASN A 42 -5.35 -18.98 -4.95
C ASN A 42 -6.01 -18.00 -5.95
N GLY A 43 -5.57 -18.06 -7.20
CA GLY A 43 -6.18 -17.26 -8.25
C GLY A 43 -5.55 -15.89 -8.43
N SER A 44 -4.41 -15.67 -7.83
CA SER A 44 -3.77 -14.37 -7.90
C SER A 44 -2.84 -14.18 -9.14
N PRO A 45 -2.87 -12.97 -9.76
CA PRO A 45 -1.91 -12.55 -10.82
C PRO A 45 -0.50 -12.32 -10.24
N THR A 46 0.51 -12.19 -11.11
CA THR A 46 1.91 -12.04 -10.70
C THR A 46 2.17 -10.91 -9.67
N ASP A 47 3.18 -11.15 -8.85
CA ASP A 47 3.62 -10.32 -7.67
C ASP A 47 3.64 -8.83 -7.94
N TRP A 48 4.25 -8.47 -9.02
CA TRP A 48 4.43 -7.08 -9.37
C TRP A 48 3.22 -6.52 -10.14
N LYS A 49 2.54 -7.38 -10.89
CA LYS A 49 1.50 -6.93 -11.79
C LYS A 49 0.19 -6.67 -11.05
N PHE A 50 0.11 -7.13 -9.78
CA PHE A 50 -1.04 -6.84 -8.90
C PHE A 50 -1.41 -5.35 -8.90
N HIS A 51 -0.42 -4.48 -9.03
CA HIS A 51 -0.71 -3.05 -8.99
C HIS A 51 -0.13 -2.28 -10.18
N GLU A 52 0.39 -2.97 -11.18
CA GLU A 52 0.99 -2.25 -12.30
C GLU A 52 -0.02 -1.91 -13.38
N GLY A 53 -0.41 -0.63 -13.37
CA GLY A 53 -1.27 -0.01 -14.39
C GLY A 53 -2.69 -0.55 -14.57
N ILE A 54 -3.05 -1.65 -13.96
CA ILE A 54 -4.32 -2.28 -14.22
C ILE A 54 -5.14 -2.52 -12.96
N SER A 55 -6.37 -2.91 -13.18
CA SER A 55 -7.24 -3.40 -12.17
C SER A 55 -7.18 -4.91 -12.25
N LEU A 56 -7.39 -5.59 -11.16
CA LEU A 56 -7.27 -7.04 -11.15
C LEU A 56 -8.62 -7.70 -11.19
N ALA A 57 -9.65 -6.93 -11.54
CA ALA A 57 -11.02 -7.42 -11.60
C ALA A 57 -11.17 -8.66 -12.52
N LYS A 58 -10.37 -8.73 -13.56
CA LYS A 58 -10.40 -9.85 -14.49
C LYS A 58 -9.47 -11.02 -14.07
N ASP A 59 -8.44 -10.74 -13.29
CA ASP A 59 -7.41 -11.75 -12.98
C ASP A 59 -7.56 -12.36 -11.61
N PHE A 60 -8.21 -11.67 -10.73
CA PHE A 60 -8.35 -12.12 -9.37
C PHE A 60 -9.81 -12.51 -9.14
N PRO A 61 -10.08 -13.63 -8.44
CA PRO A 61 -11.45 -14.07 -8.15
C PRO A 61 -12.23 -13.04 -7.33
N VAL A 62 -13.34 -12.60 -7.84
CA VAL A 62 -14.15 -11.62 -7.16
C VAL A 62 -15.30 -12.33 -6.48
N GLY A 63 -15.30 -12.32 -5.17
CA GLY A 63 -16.35 -12.98 -4.40
C GLY A 63 -16.01 -14.44 -4.15
N GLY A 64 -14.75 -14.79 -4.33
CA GLY A 64 -14.33 -16.17 -4.17
C GLY A 64 -13.59 -16.41 -2.88
N GLU A 65 -12.67 -17.36 -2.90
CA GLU A 65 -11.87 -17.71 -1.75
C GLU A 65 -10.42 -17.81 -2.12
N VAL A 66 -9.58 -17.29 -1.26
CA VAL A 66 -8.16 -17.36 -1.44
C VAL A 66 -7.52 -17.85 -0.14
N SER A 67 -6.24 -18.09 -0.13
CA SER A 67 -5.61 -18.65 1.03
C SER A 67 -4.19 -18.15 1.20
N PHE A 68 -3.73 -18.14 2.44
CA PHE A 68 -2.36 -17.89 2.75
C PHE A 68 -1.59 -19.15 2.51
N SER A 69 -0.61 -19.06 1.67
CA SER A 69 0.30 -20.13 1.41
C SER A 69 0.95 -20.61 2.71
N LYS A 70 1.03 -21.91 2.91
CA LYS A 70 1.64 -22.47 4.10
C LYS A 70 3.16 -22.44 4.03
N ASN A 71 3.67 -21.24 4.06
CA ASN A 71 5.08 -20.97 4.08
C ASN A 71 5.47 -20.77 5.54
N TYR A 72 4.52 -20.26 6.30
CA TYR A 72 4.62 -20.13 7.76
C TYR A 72 3.27 -20.40 8.38
N PRO A 73 2.98 -21.66 8.73
CA PRO A 73 1.74 -22.04 9.40
C PRO A 73 1.86 -21.86 10.92
N ASP A 74 2.98 -21.30 11.34
CA ASP A 74 3.25 -21.02 12.73
C ASP A 74 2.93 -19.56 13.05
N ASN A 75 2.56 -18.81 12.03
CA ASN A 75 2.16 -17.41 12.23
C ASN A 75 0.72 -17.35 12.67
N ARG A 76 0.32 -16.23 13.20
CA ARG A 76 -1.00 -16.08 13.78
C ARG A 76 -2.05 -15.68 12.71
N ASN A 77 -3.10 -15.03 13.19
CA ASN A 77 -4.27 -14.61 12.43
C ASN A 77 -4.05 -13.27 11.71
N LEU A 78 -5.13 -12.74 11.18
CA LEU A 78 -5.11 -11.50 10.41
C LEU A 78 -5.42 -10.31 11.30
N TYR A 79 -4.89 -9.17 10.94
CA TYR A 79 -5.08 -7.90 11.63
C TYR A 79 -6.08 -7.05 10.84
N ASP A 80 -6.14 -5.75 11.11
CA ASP A 80 -7.04 -4.84 10.37
C ASP A 80 -6.57 -4.71 8.94
N PHE A 81 -5.28 -4.83 8.78
CA PHE A 81 -4.63 -4.80 7.51
C PHE A 81 -3.63 -5.93 7.48
N GLN A 82 -3.39 -6.48 6.32
CA GLN A 82 -2.44 -7.55 6.19
C GLN A 82 -1.48 -7.24 5.06
N PRO A 83 -0.17 -7.27 5.32
CA PRO A 83 0.84 -7.01 4.30
C PRO A 83 1.20 -8.30 3.54
N ASN A 84 2.02 -8.20 2.54
CA ASN A 84 2.46 -9.37 1.78
C ASN A 84 3.89 -9.17 1.48
N ILE A 85 4.44 -10.12 0.78
CA ILE A 85 5.74 -9.97 0.22
C ILE A 85 5.55 -9.44 -1.23
N MET A 86 4.33 -9.63 -1.76
CA MET A 86 3.98 -9.21 -3.12
C MET A 86 3.53 -7.74 -3.18
N SER A 87 2.20 -7.44 -3.06
CA SER A 87 1.72 -6.06 -3.18
C SER A 87 0.21 -5.86 -2.88
N ASN A 88 -0.63 -6.86 -3.12
CA ASN A 88 -2.08 -6.71 -2.90
C ASN A 88 -2.43 -6.63 -1.41
N LEU A 89 -2.94 -5.50 -1.02
CA LEU A 89 -3.14 -5.21 0.39
C LEU A 89 -4.45 -5.76 0.86
N LEU A 90 -4.41 -6.53 1.90
CA LEU A 90 -5.60 -7.09 2.44
C LEU A 90 -6.12 -6.19 3.53
N VAL A 91 -7.33 -5.73 3.37
CA VAL A 91 -7.93 -4.80 4.29
C VAL A 91 -9.21 -5.42 4.85
N SER A 92 -9.42 -5.28 6.15
CA SER A 92 -10.62 -5.74 6.81
C SER A 92 -11.79 -4.82 6.43
N GLY A 93 -13.01 -5.32 6.52
CA GLY A 93 -14.19 -4.54 6.17
C GLY A 93 -14.34 -3.28 7.01
N ARG A 94 -13.94 -3.36 8.27
CA ARG A 94 -14.02 -2.22 9.17
C ARG A 94 -13.00 -1.13 8.78
N ALA A 95 -11.80 -1.56 8.41
CA ALA A 95 -10.76 -0.64 8.00
C ALA A 95 -11.07 -0.10 6.59
N ARG A 96 -11.75 -0.93 5.83
CA ARG A 96 -12.24 -0.59 4.51
C ARG A 96 -13.18 0.61 4.60
N LYS A 97 -14.05 0.61 5.60
CA LYS A 97 -15.00 1.70 5.80
C LYS A 97 -14.26 2.99 6.13
N LEU A 98 -13.12 2.91 6.82
CA LEU A 98 -12.27 4.09 7.06
C LEU A 98 -11.81 4.70 5.73
N ILE A 99 -11.18 3.87 4.92
CA ILE A 99 -10.64 4.27 3.62
C ILE A 99 -11.76 4.81 2.68
N GLU A 100 -12.90 4.14 2.67
CA GLU A 100 -14.03 4.56 1.85
C GLU A 100 -14.68 5.86 2.34
N SER A 101 -14.60 6.14 3.65
CA SER A 101 -15.16 7.39 4.21
C SER A 101 -14.31 8.59 3.79
N LEU A 102 -13.04 8.34 3.53
CA LEU A 102 -12.14 9.38 3.07
C LEU A 102 -12.30 9.62 1.59
N GLY A 103 -13.06 8.74 0.93
CA GLY A 103 -13.31 8.88 -0.48
C GLY A 103 -12.06 8.65 -1.29
N VAL A 104 -11.37 7.59 -0.99
CA VAL A 104 -10.16 7.26 -1.71
C VAL A 104 -10.50 6.70 -3.08
N THR A 105 -10.33 7.53 -4.07
CA THR A 105 -10.59 7.17 -5.42
C THR A 105 -9.43 6.32 -5.93
N ASN A 106 -9.76 5.38 -6.83
CA ASN A 106 -8.83 4.41 -7.44
C ASN A 106 -8.54 3.23 -6.55
N ALA A 107 -9.14 3.20 -5.39
CA ALA A 107 -8.98 2.07 -4.54
C ALA A 107 -10.04 1.07 -4.90
N GLU A 108 -9.61 -0.05 -5.42
CA GLU A 108 -10.52 -1.10 -5.79
C GLU A 108 -10.53 -2.12 -4.69
N TRP A 109 -11.68 -2.66 -4.44
CA TRP A 109 -11.86 -3.60 -3.38
C TRP A 109 -12.30 -4.91 -3.98
N LEU A 110 -11.46 -5.91 -3.88
CA LEU A 110 -11.83 -7.22 -4.35
C LEU A 110 -12.10 -8.11 -3.14
N PRO A 111 -13.39 -8.33 -2.81
CA PRO A 111 -13.77 -9.08 -1.63
C PRO A 111 -13.73 -10.58 -1.86
N VAL A 112 -13.18 -11.28 -0.92
CA VAL A 112 -13.06 -12.71 -0.93
C VAL A 112 -13.07 -13.20 0.50
N ALA A 113 -13.09 -14.48 0.66
CA ALA A 113 -12.94 -15.04 1.96
C ALA A 113 -11.57 -15.68 2.00
N ILE A 114 -10.76 -15.18 2.86
CA ILE A 114 -9.41 -15.62 2.93
C ILE A 114 -9.24 -16.68 4.02
N LYS A 115 -8.55 -17.74 3.65
CA LYS A 115 -8.17 -18.78 4.56
C LYS A 115 -6.78 -18.41 5.05
N ASP A 116 -6.59 -18.42 6.35
CA ASP A 116 -5.34 -17.93 6.96
C ASP A 116 -4.17 -18.93 6.80
N HIS A 117 -3.13 -18.71 7.61
CA HIS A 117 -1.92 -19.56 7.60
C HIS A 117 -2.24 -20.98 8.07
N GLN A 118 -3.31 -21.08 8.85
CA GLN A 118 -3.72 -22.33 9.44
C GLN A 118 -4.67 -23.06 8.51
N GLY A 119 -5.25 -22.32 7.60
CA GLY A 119 -6.13 -22.89 6.60
C GLY A 119 -7.59 -22.70 6.96
N LYS A 120 -7.85 -21.87 7.93
CA LYS A 120 -9.21 -21.62 8.37
C LYS A 120 -9.72 -20.30 7.79
N VAL A 121 -10.99 -20.27 7.43
CA VAL A 121 -11.57 -19.08 6.80
C VAL A 121 -11.88 -18.04 7.86
N VAL A 122 -10.92 -17.22 8.14
CA VAL A 122 -11.08 -16.19 9.15
C VAL A 122 -11.12 -14.81 8.55
N GLY A 123 -11.04 -14.74 7.24
CA GLY A 123 -11.12 -13.45 6.60
C GLY A 123 -12.22 -13.38 5.56
N PRO A 124 -13.53 -13.49 5.92
CA PRO A 124 -14.62 -13.46 4.93
C PRO A 124 -15.04 -12.02 4.57
N ASP A 125 -14.70 -11.11 5.43
CA ASP A 125 -15.08 -9.71 5.33
C ASP A 125 -13.89 -8.87 4.84
N TYR A 126 -12.84 -9.54 4.47
CA TYR A 126 -11.63 -8.87 4.06
C TYR A 126 -11.59 -8.75 2.54
N ALA A 127 -11.08 -7.65 2.07
CA ALA A 127 -11.00 -7.38 0.66
C ALA A 127 -9.62 -6.90 0.32
N PHE A 128 -9.19 -7.22 -0.86
CA PHE A 128 -7.91 -6.79 -1.35
C PHE A 128 -8.02 -5.44 -2.02
N LEU A 129 -7.26 -4.51 -1.53
CA LEU A 129 -7.24 -3.17 -2.01
C LEU A 129 -6.18 -3.06 -3.11
N ASN A 130 -6.59 -2.54 -4.23
CA ASN A 130 -5.73 -2.34 -5.35
C ASN A 130 -5.72 -0.89 -5.68
N LEU A 131 -4.58 -0.36 -6.04
CA LEU A 131 -4.48 1.03 -6.41
C LEU A 131 -4.43 1.15 -7.91
N LEU A 132 -5.40 1.84 -8.43
CA LEU A 132 -5.54 2.05 -9.84
C LEU A 132 -5.06 3.45 -10.17
N GLY A 133 -4.99 3.76 -11.44
CA GLY A 133 -4.58 5.09 -11.87
C GLY A 133 -3.12 5.34 -11.63
N ALA A 134 -2.35 4.27 -11.63
CA ALA A 134 -0.95 4.39 -11.43
C ALA A 134 -0.26 4.34 -12.77
N GLU A 135 0.61 5.26 -12.97
CA GLU A 135 1.40 5.39 -14.16
C GLU A 135 2.81 5.51 -13.69
N ASP A 136 3.77 5.24 -14.55
CA ASP A 136 5.14 5.10 -14.11
C ASP A 136 5.69 6.40 -13.62
N ALA A 137 5.95 6.44 -12.34
CA ALA A 137 6.22 7.69 -11.72
C ALA A 137 7.45 7.75 -10.86
N ILE A 138 8.04 6.60 -10.50
CA ILE A 138 9.19 6.62 -9.58
C ILE A 138 10.37 7.38 -10.14
N ASP A 139 10.71 8.44 -9.44
CA ASP A 139 11.80 9.32 -9.74
C ASP A 139 13.14 8.60 -9.66
N MET A 140 13.93 8.74 -10.70
CA MET A 140 15.26 8.16 -10.74
C MET A 140 16.30 9.28 -10.85
N GLU A 141 15.83 10.52 -10.75
CA GLU A 141 16.68 11.68 -10.92
C GLU A 141 17.20 12.17 -9.57
N ARG A 142 16.31 12.35 -8.63
CA ARG A 142 16.63 12.90 -7.33
C ARG A 142 16.80 11.79 -6.32
N SER A 143 16.06 10.75 -6.54
CA SER A 143 16.09 9.60 -5.70
C SER A 143 17.35 8.81 -5.93
N GLU A 144 18.00 8.53 -4.86
CA GLU A 144 19.22 7.81 -4.86
C GLU A 144 18.94 6.44 -4.32
N TYR A 145 19.04 5.44 -5.15
CA TYR A 145 18.76 4.08 -4.75
C TYR A 145 19.36 3.10 -5.73
N GLU A 146 19.44 1.86 -5.30
CA GLU A 146 19.91 0.75 -6.11
C GLU A 146 18.85 -0.34 -6.07
N MET A 147 18.71 -1.07 -7.15
CA MET A 147 17.69 -2.11 -7.24
C MET A 147 18.29 -3.47 -7.02
N ASP A 148 18.01 -4.05 -5.84
CA ASP A 148 18.38 -5.44 -5.49
C ASP A 148 18.13 -5.72 -4.02
N SER A 149 16.90 -5.90 -3.66
CA SER A 149 16.60 -6.47 -2.37
C SER A 149 16.25 -7.93 -2.59
N LEU A 150 15.37 -8.15 -3.53
CA LEU A 150 14.97 -9.47 -3.95
C LEU A 150 15.04 -9.54 -5.47
N GLU A 151 14.28 -8.67 -6.06
CA GLU A 151 14.08 -8.61 -7.50
C GLU A 151 14.64 -7.33 -8.10
N LYS A 152 14.47 -7.26 -9.41
CA LYS A 152 14.79 -6.09 -10.24
C LYS A 152 13.88 -4.89 -9.92
N ASP A 153 12.63 -5.20 -9.57
CA ASP A 153 11.63 -4.19 -9.25
C ASP A 153 11.52 -4.04 -7.74
N GLN A 154 12.60 -4.39 -7.08
CA GLN A 154 12.68 -4.31 -5.66
C GLN A 154 13.89 -3.50 -5.27
N ILE A 155 13.65 -2.38 -4.65
CA ILE A 155 14.71 -1.49 -4.25
C ILE A 155 15.35 -2.03 -2.97
N GLY A 156 16.66 -1.92 -2.86
CA GLY A 156 17.33 -2.37 -1.67
C GLY A 156 17.95 -1.21 -0.94
N ASN A 157 19.01 -0.69 -1.49
CA ASN A 157 19.70 0.46 -0.91
C ASN A 157 18.99 1.71 -1.33
N ILE A 158 18.52 2.46 -0.37
CA ILE A 158 17.84 3.71 -0.65
C ILE A 158 18.53 4.80 0.15
N ASP A 159 19.05 5.77 -0.52
CA ASP A 159 19.71 6.88 0.15
C ASP A 159 18.75 8.04 0.26
N ALA A 160 18.02 8.27 -0.80
CA ALA A 160 17.07 9.35 -0.87
C ALA A 160 15.91 8.91 -1.72
N LEU A 161 14.73 9.27 -1.32
CA LEU A 161 13.56 8.90 -2.06
C LEU A 161 12.74 10.16 -2.29
N ALA A 162 12.58 10.50 -3.55
CA ALA A 162 11.80 11.64 -3.96
C ALA A 162 10.44 11.13 -4.42
N LEU A 163 9.42 11.93 -4.20
CA LEU A 163 8.05 11.55 -4.50
C LEU A 163 7.79 11.26 -5.97
N ASP A 164 6.95 10.29 -6.19
CA ASP A 164 6.51 9.86 -7.49
C ASP A 164 5.22 10.57 -7.88
N THR A 165 4.87 11.57 -7.10
CA THR A 165 3.74 12.44 -7.37
C THR A 165 4.05 13.34 -8.59
N SER A 166 5.27 13.24 -9.08
CA SER A 166 5.72 13.86 -10.28
C SER A 166 4.89 13.35 -11.49
N ALA A 167 4.56 12.04 -11.51
CA ALA A 167 3.72 11.53 -12.59
C ALA A 167 2.35 11.10 -12.08
N ILE A 168 2.27 10.62 -10.84
CA ILE A 168 0.99 10.22 -10.27
C ILE A 168 0.36 11.41 -9.59
N ARG A 169 -0.95 11.49 -9.63
CA ARG A 169 -1.75 12.52 -8.99
C ARG A 169 -1.33 12.79 -7.53
N PRO A 170 -1.03 14.06 -7.18
CA PRO A 170 -0.74 14.45 -5.79
C PRO A 170 -2.07 14.62 -5.01
N ASP A 171 -3.15 14.51 -5.75
CA ASP A 171 -4.49 14.55 -5.21
C ASP A 171 -4.91 13.16 -4.79
N ALA A 172 -4.10 12.17 -5.12
CA ALA A 172 -4.36 10.82 -4.72
C ALA A 172 -4.16 10.70 -3.23
N LYS A 173 -5.07 10.03 -2.60
CA LYS A 173 -5.03 9.85 -1.18
C LYS A 173 -4.21 8.64 -0.82
N MET A 174 -4.26 7.68 -1.67
CA MET A 174 -3.55 6.46 -1.51
C MET A 174 -3.21 5.98 -2.88
N PHE A 175 -1.96 5.72 -3.12
CA PHE A 175 -1.48 5.30 -4.41
C PHE A 175 -0.27 4.42 -4.20
N ARG A 176 0.33 3.95 -5.25
CA ARG A 176 1.49 3.14 -5.11
C ARG A 176 2.50 3.47 -6.17
N CYS A 177 3.73 3.31 -5.84
CA CYS A 177 4.82 3.66 -6.69
C CYS A 177 5.11 2.49 -7.65
N THR A 178 5.03 2.76 -8.92
CA THR A 178 5.05 1.75 -9.99
C THR A 178 6.24 0.76 -10.05
N LYS A 179 7.45 1.25 -10.01
CA LYS A 179 8.62 0.38 -10.20
C LYS A 179 9.06 -0.39 -8.95
N GLU A 180 8.26 -0.34 -7.89
CA GLU A 180 8.51 -1.12 -6.70
C GLU A 180 7.15 -1.67 -6.29
N ARG A 181 6.99 -2.96 -6.37
CA ARG A 181 5.69 -3.63 -6.17
C ARG A 181 5.04 -3.33 -4.78
N ARG A 182 5.85 -3.29 -3.74
CA ARG A 182 5.39 -3.18 -2.35
C ARG A 182 5.10 -1.74 -1.96
N LEU A 183 5.83 -0.83 -2.56
CA LEU A 183 5.80 0.58 -2.22
C LEU A 183 4.44 1.23 -2.49
N ILE A 184 3.70 1.40 -1.41
CA ILE A 184 2.40 2.04 -1.40
C ILE A 184 2.52 3.30 -0.54
N LEU A 185 2.15 4.43 -1.08
CA LEU A 185 2.23 5.67 -0.34
C LEU A 185 0.85 6.14 0.05
N ILE A 186 0.74 6.53 1.28
CA ILE A 186 -0.48 7.05 1.80
C ILE A 186 -0.27 8.48 2.22
N ARG A 187 -1.34 9.23 2.22
CA ARG A 187 -1.33 10.58 2.72
C ARG A 187 -1.39 10.60 4.22
N GLU A 188 -1.05 11.74 4.78
CA GLU A 188 -1.20 11.99 6.19
C GLU A 188 -2.67 11.83 6.60
N ASP A 189 -3.59 12.26 5.71
CA ASP A 189 -5.06 12.17 5.91
C ASP A 189 -5.45 10.73 6.21
N VAL A 190 -4.89 9.83 5.42
CA VAL A 190 -5.20 8.41 5.48
C VAL A 190 -4.78 7.80 6.83
N HIS A 191 -3.53 8.04 7.26
CA HIS A 191 -3.12 7.46 8.54
C HIS A 191 -3.81 8.17 9.69
N ALA A 192 -4.14 9.46 9.51
CA ALA A 192 -4.83 10.26 10.55
C ALA A 192 -6.17 9.63 10.88
N ALA A 193 -6.85 9.11 9.87
CA ALA A 193 -8.11 8.43 10.03
C ALA A 193 -7.91 7.14 10.81
N PHE A 194 -6.79 6.47 10.58
CA PHE A 194 -6.48 5.22 11.27
C PHE A 194 -6.10 5.48 12.73
N GLU A 195 -5.45 6.63 13.00
CA GLU A 195 -5.05 7.02 14.35
C GLU A 195 -6.30 7.13 15.23
N GLN A 196 -7.32 7.81 14.71
CA GLN A 196 -8.57 8.02 15.45
C GLN A 196 -9.44 6.78 15.45
N ALA A 197 -9.22 5.88 14.50
CA ALA A 197 -9.98 4.64 14.43
C ALA A 197 -9.50 3.66 15.49
N GLY A 198 -8.24 3.81 15.88
CA GLY A 198 -7.67 2.96 16.90
C GLY A 198 -7.45 1.55 16.39
N LEU A 199 -6.88 1.44 15.21
CA LEU A 199 -6.61 0.14 14.60
C LEU A 199 -5.31 -0.44 15.17
N THR A 200 -5.06 -1.74 14.94
CA THR A 200 -3.97 -2.48 15.60
C THR A 200 -2.56 -1.88 15.50
N GLY A 201 -1.87 -2.10 14.40
CA GLY A 201 -0.51 -1.63 14.31
C GLY A 201 -0.08 -1.35 12.91
N PHE A 202 0.49 -0.19 12.71
CA PHE A 202 0.96 0.23 11.42
C PHE A 202 2.41 0.59 11.53
N LYS A 203 3.09 0.56 10.44
CA LYS A 203 4.45 0.96 10.36
C LYS A 203 4.53 1.99 9.25
N VAL A 204 4.96 3.17 9.57
CA VAL A 204 5.06 4.21 8.59
C VAL A 204 6.48 4.63 8.40
N TYR A 205 6.86 4.86 7.19
CA TYR A 205 8.17 5.35 6.89
C TYR A 205 8.02 6.67 6.22
N GLU A 206 8.90 7.58 6.52
CA GLU A 206 8.85 8.89 5.94
C GLU A 206 9.30 8.82 4.49
N ALA A 207 8.34 8.87 3.58
CA ALA A 207 8.57 8.70 2.15
C ALA A 207 9.43 9.81 1.58
N GLU A 208 9.18 11.02 2.03
CA GLU A 208 9.91 12.17 1.57
C GLU A 208 11.28 12.20 2.23
N GLY A 209 12.22 11.52 1.62
CA GLY A 209 13.54 11.39 2.19
C GLY A 209 13.70 10.07 2.91
N TRP A 210 13.08 9.03 2.37
CA TRP A 210 13.15 7.68 2.93
C TRP A 210 14.56 7.10 2.78
N ASP A 211 15.32 7.16 3.85
CA ASP A 211 16.70 6.68 3.87
C ASP A 211 16.86 5.33 4.57
N GLY A 212 17.61 4.44 3.92
CA GLY A 212 18.12 3.17 4.48
C GLY A 212 17.14 2.04 4.82
N LEU A 213 15.91 2.35 5.08
CA LEU A 213 15.00 1.34 5.59
C LEU A 213 14.26 0.58 4.50
N GLU A 214 13.99 -0.67 4.78
CA GLU A 214 13.18 -1.54 3.96
C GLU A 214 11.79 -1.52 4.54
N LEU A 215 10.80 -1.35 3.67
CA LEU A 215 9.41 -1.30 4.10
C LEU A 215 8.94 -2.61 4.72
N MET A 1 -41.51 35.95 3.64
CA MET A 1 -41.28 34.64 4.20
C MET A 1 -41.42 34.70 5.72
N GLY A 2 -42.56 34.30 6.21
CA GLY A 2 -42.77 34.29 7.62
C GLY A 2 -42.24 33.03 8.25
N SER A 3 -42.93 31.95 8.05
CA SER A 3 -42.51 30.69 8.60
C SER A 3 -41.65 29.93 7.59
N SER A 4 -40.85 28.98 8.11
CA SER A 4 -39.92 28.13 7.36
C SER A 4 -38.76 28.93 6.75
N HIS A 5 -37.63 28.91 7.43
CA HIS A 5 -36.43 29.57 6.92
C HIS A 5 -35.49 28.51 6.33
N HIS A 6 -35.62 27.30 6.88
CA HIS A 6 -34.83 26.11 6.49
C HIS A 6 -33.35 26.23 6.87
N HIS A 7 -32.74 25.09 6.97
CA HIS A 7 -31.34 24.96 7.25
C HIS A 7 -30.90 23.81 6.36
N HIS A 8 -30.12 24.12 5.34
CA HIS A 8 -29.77 23.13 4.32
C HIS A 8 -28.58 22.27 4.77
N HIS A 9 -27.61 22.88 5.41
CA HIS A 9 -26.44 22.20 5.96
C HIS A 9 -25.73 23.10 6.96
N HIS A 10 -24.58 22.69 7.44
CA HIS A 10 -23.86 23.44 8.45
C HIS A 10 -22.36 23.46 8.13
N SER A 11 -21.66 24.40 8.71
CA SER A 11 -20.24 24.48 8.55
C SER A 11 -19.61 23.30 9.27
N SER A 12 -18.75 22.60 8.59
CA SER A 12 -18.18 21.41 9.14
C SER A 12 -16.68 21.56 9.21
N GLY A 13 -16.10 21.09 10.29
CA GLY A 13 -14.68 21.13 10.43
C GLY A 13 -14.08 19.87 9.87
N LEU A 14 -14.74 18.77 10.13
CA LEU A 14 -14.29 17.48 9.71
C LEU A 14 -14.81 17.15 8.31
N VAL A 15 -14.16 17.72 7.34
CA VAL A 15 -14.43 17.43 5.96
C VAL A 15 -13.18 16.75 5.44
N PRO A 16 -13.26 15.47 5.05
CA PRO A 16 -12.08 14.71 4.63
C PRO A 16 -11.42 15.21 3.33
N ARG A 17 -10.51 16.15 3.49
CA ARG A 17 -9.72 16.73 2.42
C ARG A 17 -8.38 17.08 3.01
N GLY A 18 -7.35 17.12 2.21
CA GLY A 18 -6.03 17.43 2.71
C GLY A 18 -5.66 18.87 2.47
N SER A 19 -6.21 19.75 3.27
CA SER A 19 -5.94 21.16 3.16
C SER A 19 -5.36 21.71 4.46
N HIS A 20 -4.04 21.88 4.45
CA HIS A 20 -3.25 22.51 5.52
C HIS A 20 -1.78 22.45 5.14
N MET A 21 -1.37 21.26 4.76
CA MET A 21 -0.02 20.91 4.36
C MET A 21 -0.11 19.42 4.11
N VAL A 22 0.56 18.93 3.12
CA VAL A 22 0.50 17.53 2.77
C VAL A 22 1.88 16.88 2.76
N LYS A 23 2.09 15.98 3.67
CA LYS A 23 3.24 15.16 3.63
C LYS A 23 2.83 13.71 3.35
N TYR A 24 3.73 12.95 2.81
CA TYR A 24 3.43 11.59 2.45
C TYR A 24 4.18 10.60 3.30
N PHE A 25 3.59 9.45 3.49
CA PHE A 25 4.19 8.41 4.28
C PHE A 25 4.23 7.11 3.53
N VAL A 26 5.28 6.39 3.76
CA VAL A 26 5.47 5.06 3.27
C VAL A 26 4.61 4.15 4.12
N PHE A 27 3.67 3.51 3.51
CA PHE A 27 2.76 2.67 4.21
C PHE A 27 3.18 1.23 4.12
N LYS A 28 3.29 0.63 5.26
CA LYS A 28 3.62 -0.74 5.41
C LYS A 28 2.83 -1.26 6.60
N VAL A 29 2.57 -2.52 6.63
CA VAL A 29 1.89 -3.12 7.73
C VAL A 29 2.93 -3.89 8.51
N MET A 30 3.01 -3.67 9.81
CA MET A 30 3.95 -4.41 10.62
C MET A 30 3.39 -5.78 10.94
N ALA A 31 3.62 -6.69 10.02
CA ALA A 31 3.16 -8.03 10.15
C ALA A 31 4.09 -8.96 9.40
N GLU A 32 4.76 -9.78 10.15
CA GLU A 32 5.62 -10.82 9.61
C GLU A 32 5.11 -12.18 10.05
N GLU A 33 5.03 -12.38 11.35
CA GLU A 33 4.42 -13.59 11.90
C GLU A 33 2.93 -13.33 12.06
N ALA A 34 2.56 -12.08 11.84
CA ALA A 34 1.19 -11.61 11.91
C ALA A 34 0.54 -11.74 10.54
N GLY A 35 1.23 -12.42 9.66
CA GLY A 35 0.66 -12.77 8.42
C GLY A 35 1.14 -12.00 7.22
N TYR A 36 1.98 -12.62 6.46
CA TYR A 36 2.26 -12.19 5.11
C TYR A 36 1.41 -13.04 4.20
N ILE A 37 1.28 -12.66 2.98
CA ILE A 37 0.85 -13.62 2.02
C ILE A 37 2.14 -14.15 1.46
N GLU A 38 2.51 -15.33 1.93
CA GLU A 38 3.81 -15.93 1.63
C GLU A 38 3.95 -16.16 0.14
N LYS A 39 2.95 -16.78 -0.43
CA LYS A 39 2.96 -17.09 -1.82
C LYS A 39 1.54 -16.92 -2.35
N LEU A 40 1.48 -16.69 -3.63
CA LEU A 40 0.28 -16.36 -4.38
C LEU A 40 -0.85 -17.38 -4.24
N PRO A 41 -2.05 -16.90 -3.91
CA PRO A 41 -3.25 -17.71 -3.90
C PRO A 41 -3.76 -17.99 -5.33
N ASN A 42 -4.68 -18.93 -5.46
CA ASN A 42 -5.25 -19.30 -6.75
C ASN A 42 -5.98 -18.12 -7.39
N GLY A 43 -5.58 -17.79 -8.60
CA GLY A 43 -6.21 -16.72 -9.33
C GLY A 43 -5.38 -15.47 -9.34
N SER A 44 -4.37 -15.45 -8.53
CA SER A 44 -3.51 -14.31 -8.44
C SER A 44 -2.36 -14.33 -9.50
N PRO A 45 -2.22 -13.23 -10.29
CA PRO A 45 -1.08 -13.05 -11.23
C PRO A 45 0.23 -12.83 -10.46
N THR A 46 1.38 -12.94 -11.15
CA THR A 46 2.73 -12.92 -10.53
C THR A 46 2.99 -11.77 -9.53
N ASP A 47 3.86 -12.06 -8.52
CA ASP A 47 4.20 -11.19 -7.34
C ASP A 47 4.33 -9.74 -7.71
N TRP A 48 5.18 -9.51 -8.68
CA TRP A 48 5.53 -8.17 -9.10
C TRP A 48 4.51 -7.58 -10.06
N LYS A 49 3.77 -8.43 -10.75
CA LYS A 49 2.90 -7.96 -11.79
C LYS A 49 1.55 -7.53 -11.22
N PHE A 50 1.26 -7.93 -9.96
CA PHE A 50 -0.02 -7.60 -9.28
C PHE A 50 -0.44 -6.14 -9.49
N HIS A 51 0.48 -5.23 -9.33
CA HIS A 51 0.18 -3.86 -9.62
C HIS A 51 1.15 -3.18 -10.50
N GLU A 52 1.86 -3.93 -11.31
CA GLU A 52 2.76 -3.31 -12.22
C GLU A 52 1.92 -2.88 -13.42
N GLY A 53 1.59 -1.58 -13.45
CA GLY A 53 0.81 -0.94 -14.52
C GLY A 53 -0.61 -1.53 -14.79
N ILE A 54 -1.08 -2.49 -14.00
CA ILE A 54 -2.35 -3.15 -14.31
C ILE A 54 -3.35 -3.15 -13.16
N SER A 55 -4.59 -3.44 -13.51
CA SER A 55 -5.64 -3.66 -12.58
C SER A 55 -5.84 -5.16 -12.38
N LEU A 56 -6.11 -5.56 -11.16
CA LEU A 56 -6.33 -6.95 -10.83
C LEU A 56 -7.79 -7.31 -10.96
N ALA A 57 -8.62 -6.33 -11.28
CA ALA A 57 -10.06 -6.53 -11.40
C ALA A 57 -10.39 -7.53 -12.51
N LYS A 58 -9.51 -7.62 -13.49
CA LYS A 58 -9.68 -8.54 -14.60
C LYS A 58 -9.04 -9.93 -14.31
N ASP A 59 -8.06 -9.98 -13.40
CA ASP A 59 -7.27 -11.22 -13.22
C ASP A 59 -7.59 -11.98 -11.94
N PHE A 60 -8.10 -11.30 -10.97
CA PHE A 60 -8.33 -11.88 -9.68
C PHE A 60 -9.80 -12.24 -9.53
N PRO A 61 -10.12 -13.46 -9.07
CA PRO A 61 -11.51 -13.88 -8.88
C PRO A 61 -12.13 -13.15 -7.68
N VAL A 62 -13.20 -12.46 -7.93
CA VAL A 62 -13.87 -11.70 -6.91
C VAL A 62 -15.03 -12.52 -6.41
N GLY A 63 -15.21 -12.56 -5.10
CA GLY A 63 -16.25 -13.39 -4.52
C GLY A 63 -15.83 -14.85 -4.52
N GLY A 64 -14.53 -15.06 -4.67
CA GLY A 64 -14.00 -16.40 -4.69
C GLY A 64 -13.44 -16.78 -3.35
N GLU A 65 -12.64 -17.79 -3.31
CA GLU A 65 -12.00 -18.22 -2.09
C GLU A 65 -10.51 -18.29 -2.34
N VAL A 66 -9.74 -17.73 -1.43
CA VAL A 66 -8.29 -17.75 -1.54
C VAL A 66 -7.69 -18.15 -0.21
N SER A 67 -6.43 -18.46 -0.21
CA SER A 67 -5.76 -18.89 0.97
C SER A 67 -4.27 -18.56 0.83
N PHE A 68 -3.61 -18.37 1.95
CA PHE A 68 -2.18 -18.09 1.93
C PHE A 68 -1.42 -19.37 2.15
N SER A 69 -0.75 -19.85 1.13
CA SER A 69 0.00 -21.08 1.22
C SER A 69 1.26 -20.89 2.09
N LYS A 70 1.71 -21.94 2.69
CA LYS A 70 2.81 -21.90 3.62
C LYS A 70 4.17 -21.91 2.92
N ASN A 71 4.88 -20.80 2.98
CA ASN A 71 6.31 -20.80 2.66
C ASN A 71 7.02 -20.87 4.00
N TYR A 72 6.45 -20.16 4.94
CA TYR A 72 6.81 -20.23 6.31
C TYR A 72 5.67 -21.00 6.99
N PRO A 73 5.94 -22.25 7.46
CA PRO A 73 4.92 -23.15 8.01
C PRO A 73 4.05 -22.55 9.11
N ASP A 74 4.67 -22.09 10.19
CA ASP A 74 3.90 -21.52 11.27
C ASP A 74 3.85 -20.02 11.18
N ASN A 75 2.94 -19.54 10.41
CA ASN A 75 2.70 -18.13 10.34
C ASN A 75 1.28 -17.95 10.82
N ARG A 76 1.00 -16.86 11.48
CA ARG A 76 -0.25 -16.72 12.19
C ARG A 76 -1.39 -16.10 11.35
N ASN A 77 -2.47 -15.76 12.04
CA ASN A 77 -3.72 -15.25 11.45
C ASN A 77 -3.64 -13.82 10.92
N LEU A 78 -4.77 -13.37 10.37
CA LEU A 78 -4.91 -12.04 9.75
C LEU A 78 -5.32 -11.01 10.77
N TYR A 79 -4.95 -9.78 10.51
CA TYR A 79 -5.33 -8.63 11.30
C TYR A 79 -6.04 -7.66 10.36
N ASP A 80 -6.16 -6.38 10.74
CA ASP A 80 -6.90 -5.37 9.92
C ASP A 80 -6.31 -5.24 8.53
N PHE A 81 -5.03 -5.41 8.46
CA PHE A 81 -4.31 -5.37 7.24
C PHE A 81 -3.41 -6.57 7.18
N GLN A 82 -3.19 -7.04 6.00
CA GLN A 82 -2.33 -8.18 5.79
C GLN A 82 -1.38 -7.86 4.62
N PRO A 83 -0.07 -7.70 4.92
CA PRO A 83 0.93 -7.42 3.90
C PRO A 83 1.39 -8.70 3.19
N ASN A 84 2.30 -8.57 2.27
CA ASN A 84 2.77 -9.70 1.49
C ASN A 84 4.05 -9.36 0.78
N ILE A 85 4.57 -10.33 0.05
CA ILE A 85 5.82 -10.22 -0.71
C ILE A 85 5.48 -9.79 -2.18
N MET A 86 4.23 -9.44 -2.40
CA MET A 86 3.69 -9.19 -3.72
C MET A 86 3.27 -7.69 -3.84
N SER A 87 2.38 -7.34 -4.78
CA SER A 87 2.05 -5.91 -5.00
C SER A 87 0.54 -5.62 -4.73
N ASN A 88 -0.04 -6.29 -3.77
CA ASN A 88 -1.45 -6.07 -3.45
C ASN A 88 -1.62 -5.92 -1.96
N LEU A 89 -2.69 -5.30 -1.52
CA LEU A 89 -2.88 -5.11 -0.09
C LEU A 89 -4.20 -5.73 0.34
N LEU A 90 -4.23 -6.32 1.50
CA LEU A 90 -5.44 -6.89 2.02
C LEU A 90 -5.93 -6.09 3.21
N VAL A 91 -7.20 -5.70 3.16
CA VAL A 91 -7.80 -4.82 4.17
C VAL A 91 -9.11 -5.44 4.72
N SER A 92 -9.34 -5.29 6.02
CA SER A 92 -10.56 -5.76 6.67
C SER A 92 -11.75 -4.84 6.37
N GLY A 93 -12.95 -5.30 6.72
CA GLY A 93 -14.17 -4.55 6.49
C GLY A 93 -14.21 -3.22 7.21
N ARG A 94 -13.74 -3.18 8.46
CA ARG A 94 -13.79 -1.93 9.22
C ARG A 94 -12.75 -0.94 8.72
N ALA A 95 -11.57 -1.45 8.35
CA ALA A 95 -10.49 -0.61 7.87
C ALA A 95 -10.84 -0.03 6.51
N ARG A 96 -11.58 -0.83 5.73
CA ARG A 96 -12.11 -0.44 4.44
C ARG A 96 -12.98 0.80 4.59
N LYS A 97 -13.84 0.78 5.61
CA LYS A 97 -14.77 1.87 5.86
C LYS A 97 -14.09 3.18 6.22
N LEU A 98 -12.91 3.09 6.83
CA LEU A 98 -12.10 4.29 7.10
C LEU A 98 -11.69 4.91 5.78
N ILE A 99 -11.06 4.10 4.95
CA ILE A 99 -10.54 4.51 3.64
C ILE A 99 -11.67 5.05 2.73
N GLU A 100 -12.80 4.34 2.73
CA GLU A 100 -13.94 4.74 1.91
C GLU A 100 -14.55 6.06 2.35
N SER A 101 -14.67 6.28 3.67
CA SER A 101 -15.29 7.51 4.20
C SER A 101 -14.41 8.74 3.94
N LEU A 102 -13.13 8.53 3.75
CA LEU A 102 -12.22 9.62 3.45
C LEU A 102 -12.27 9.99 1.98
N GLY A 103 -12.89 9.13 1.18
CA GLY A 103 -13.01 9.41 -0.22
C GLY A 103 -11.72 9.17 -0.93
N VAL A 104 -11.14 8.03 -0.65
CA VAL A 104 -9.93 7.66 -1.33
C VAL A 104 -10.30 7.06 -2.67
N THR A 105 -10.07 7.85 -3.68
CA THR A 105 -10.28 7.44 -5.04
C THR A 105 -9.18 6.46 -5.43
N ASN A 106 -9.46 5.68 -6.48
CA ASN A 106 -8.48 4.78 -7.12
C ASN A 106 -8.31 3.53 -6.33
N ALA A 107 -9.20 3.31 -5.39
CA ALA A 107 -9.15 2.16 -4.55
C ALA A 107 -10.24 1.20 -4.95
N GLU A 108 -9.84 0.04 -5.44
CA GLU A 108 -10.77 -0.98 -5.78
C GLU A 108 -10.70 -2.08 -4.75
N TRP A 109 -11.85 -2.58 -4.38
CA TRP A 109 -11.96 -3.55 -3.32
C TRP A 109 -12.45 -4.85 -3.90
N LEU A 110 -11.63 -5.86 -3.84
CA LEU A 110 -12.02 -7.16 -4.33
C LEU A 110 -12.16 -8.13 -3.13
N PRO A 111 -13.39 -8.33 -2.62
CA PRO A 111 -13.63 -9.22 -1.49
C PRO A 111 -13.73 -10.68 -1.88
N VAL A 112 -13.20 -11.52 -1.01
CA VAL A 112 -13.14 -12.97 -1.17
C VAL A 112 -13.21 -13.62 0.20
N ALA A 113 -13.40 -14.91 0.22
CA ALA A 113 -13.33 -15.63 1.46
C ALA A 113 -11.93 -16.12 1.62
N ILE A 114 -11.27 -15.65 2.64
CA ILE A 114 -9.87 -15.92 2.82
C ILE A 114 -9.63 -16.87 3.95
N LYS A 115 -8.89 -17.89 3.62
CA LYS A 115 -8.44 -18.87 4.54
C LYS A 115 -6.99 -18.52 4.83
N ASP A 116 -6.64 -18.49 6.08
CA ASP A 116 -5.31 -18.03 6.51
C ASP A 116 -4.23 -19.12 6.24
N HIS A 117 -3.11 -18.99 6.92
CA HIS A 117 -2.00 -19.92 6.81
C HIS A 117 -2.39 -21.29 7.38
N GLN A 118 -3.26 -21.27 8.38
CA GLN A 118 -3.74 -22.49 9.01
C GLN A 118 -4.88 -23.09 8.19
N GLY A 119 -5.49 -22.27 7.37
CA GLY A 119 -6.53 -22.73 6.49
C GLY A 119 -7.93 -22.44 7.01
N LYS A 120 -8.04 -21.61 8.03
CA LYS A 120 -9.33 -21.29 8.58
C LYS A 120 -9.86 -20.00 7.97
N VAL A 121 -11.16 -19.91 7.77
CA VAL A 121 -11.77 -18.75 7.12
C VAL A 121 -11.95 -17.62 8.13
N VAL A 122 -10.90 -16.89 8.35
CA VAL A 122 -10.94 -15.76 9.27
C VAL A 122 -10.92 -14.45 8.53
N GLY A 123 -10.97 -14.53 7.20
CA GLY A 123 -11.02 -13.34 6.40
C GLY A 123 -12.14 -13.37 5.36
N PRO A 124 -13.44 -13.46 5.75
CA PRO A 124 -14.52 -13.54 4.78
C PRO A 124 -14.97 -12.17 4.24
N ASP A 125 -14.64 -11.11 4.95
CA ASP A 125 -15.06 -9.78 4.53
C ASP A 125 -13.85 -8.91 4.24
N TYR A 126 -12.75 -9.56 4.00
CA TYR A 126 -11.53 -8.87 3.72
C TYR A 126 -11.40 -8.69 2.23
N ALA A 127 -11.05 -7.52 1.84
CA ALA A 127 -10.99 -7.17 0.47
C ALA A 127 -9.60 -6.76 0.09
N PHE A 128 -9.19 -7.20 -1.06
CA PHE A 128 -7.92 -6.81 -1.59
C PHE A 128 -8.03 -5.44 -2.21
N LEU A 129 -7.27 -4.52 -1.67
CA LEU A 129 -7.28 -3.15 -2.07
C LEU A 129 -6.31 -3.00 -3.24
N ASN A 130 -6.82 -2.43 -4.29
CA ASN A 130 -6.09 -2.16 -5.48
C ASN A 130 -5.95 -0.69 -5.66
N LEU A 131 -4.75 -0.21 -5.81
CA LEU A 131 -4.54 1.20 -6.11
C LEU A 131 -4.31 1.35 -7.59
N LEU A 132 -5.19 2.07 -8.22
CA LEU A 132 -5.14 2.30 -9.64
C LEU A 132 -4.68 3.72 -9.91
N GLY A 133 -4.44 4.03 -11.17
CA GLY A 133 -4.03 5.37 -11.54
C GLY A 133 -2.54 5.55 -11.36
N ALA A 134 -1.88 4.46 -11.07
CA ALA A 134 -0.47 4.47 -10.88
C ALA A 134 0.19 4.02 -12.16
N GLU A 135 1.17 4.77 -12.56
CA GLU A 135 1.90 4.57 -13.78
C GLU A 135 3.36 4.82 -13.47
N ASP A 136 4.26 4.49 -14.40
CA ASP A 136 5.74 4.65 -14.22
C ASP A 136 6.04 6.07 -13.76
N ALA A 137 6.43 6.21 -12.50
CA ALA A 137 6.46 7.53 -11.92
C ALA A 137 7.68 7.89 -11.11
N ILE A 138 8.32 6.92 -10.44
CA ILE A 138 9.46 7.25 -9.58
C ILE A 138 10.63 7.82 -10.37
N ASP A 139 10.91 9.08 -10.07
CA ASP A 139 11.96 9.86 -10.71
C ASP A 139 13.33 9.26 -10.39
N MET A 140 14.01 8.79 -11.41
CA MET A 140 15.31 8.10 -11.25
C MET A 140 16.48 9.05 -11.03
N GLU A 141 16.22 10.33 -11.04
CA GLU A 141 17.28 11.28 -10.80
C GLU A 141 17.28 11.67 -9.33
N ARG A 142 16.11 12.04 -8.83
CA ARG A 142 15.96 12.51 -7.47
C ARG A 142 15.84 11.34 -6.49
N SER A 143 15.27 10.25 -6.93
CA SER A 143 15.20 9.10 -6.08
C SER A 143 16.41 8.24 -6.35
N GLU A 144 17.31 8.29 -5.44
CA GLU A 144 18.55 7.59 -5.54
C GLU A 144 18.45 6.36 -4.69
N TYR A 145 18.54 5.20 -5.30
CA TYR A 145 18.39 3.97 -4.57
C TYR A 145 19.04 2.80 -5.28
N GLU A 146 19.34 1.78 -4.53
CA GLU A 146 19.96 0.58 -5.03
C GLU A 146 18.84 -0.46 -5.08
N MET A 147 18.65 -1.09 -6.21
CA MET A 147 17.54 -2.02 -6.37
C MET A 147 17.99 -3.48 -6.28
N ASP A 148 17.67 -4.15 -5.15
CA ASP A 148 17.81 -5.61 -4.97
C ASP A 148 17.44 -6.06 -3.56
N SER A 149 16.16 -6.33 -3.36
CA SER A 149 15.73 -7.00 -2.13
C SER A 149 15.53 -8.48 -2.45
N LEU A 150 15.15 -8.72 -3.70
CA LEU A 150 14.91 -10.04 -4.26
C LEU A 150 15.49 -10.04 -5.65
N GLU A 151 14.98 -9.13 -6.45
CA GLU A 151 15.46 -8.93 -7.79
C GLU A 151 15.43 -7.44 -8.11
N LYS A 152 15.58 -7.11 -9.39
CA LYS A 152 15.75 -5.72 -9.85
C LYS A 152 14.52 -4.84 -9.66
N ASP A 153 13.34 -5.43 -9.47
CA ASP A 153 12.12 -4.62 -9.28
C ASP A 153 11.93 -4.23 -7.82
N GLN A 154 12.80 -4.70 -6.99
CA GLN A 154 12.71 -4.46 -5.57
C GLN A 154 13.78 -3.49 -5.14
N ILE A 155 13.38 -2.43 -4.48
CA ILE A 155 14.30 -1.44 -3.97
C ILE A 155 14.86 -1.94 -2.63
N GLY A 156 16.16 -2.19 -2.59
CA GLY A 156 16.77 -2.74 -1.40
C GLY A 156 17.27 -1.67 -0.49
N ASN A 157 18.13 -0.83 -1.02
CA ASN A 157 18.66 0.27 -0.24
C ASN A 157 18.14 1.56 -0.79
N ILE A 158 17.48 2.31 0.02
CA ILE A 158 16.94 3.58 -0.39
C ILE A 158 17.88 4.66 0.08
N ASP A 159 18.33 5.51 -0.80
CA ASP A 159 19.16 6.61 -0.39
C ASP A 159 18.34 7.88 -0.35
N ALA A 160 17.54 8.05 -1.35
CA ALA A 160 16.64 9.15 -1.46
C ALA A 160 15.40 8.70 -2.18
N LEU A 161 14.28 9.18 -1.76
CA LEU A 161 13.03 8.85 -2.37
C LEU A 161 12.30 10.16 -2.62
N ALA A 162 12.02 10.42 -3.87
CA ALA A 162 11.32 11.60 -4.25
C ALA A 162 9.95 11.22 -4.71
N LEU A 163 8.99 12.11 -4.47
CA LEU A 163 7.61 11.88 -4.80
C LEU A 163 7.40 11.61 -6.28
N ASP A 164 6.68 10.57 -6.53
CA ASP A 164 6.36 10.11 -7.85
C ASP A 164 4.99 10.62 -8.30
N THR A 165 4.52 11.64 -7.59
CA THR A 165 3.28 12.34 -7.87
C THR A 165 3.41 13.16 -9.18
N SER A 166 4.61 13.19 -9.73
CA SER A 166 4.89 13.78 -11.00
C SER A 166 4.15 13.02 -12.13
N ALA A 167 4.10 11.68 -12.04
CA ALA A 167 3.41 10.93 -13.07
C ALA A 167 2.15 10.27 -12.52
N ILE A 168 2.16 9.90 -11.25
CA ILE A 168 0.95 9.39 -10.63
C ILE A 168 0.15 10.58 -10.20
N ARG A 169 -1.14 10.52 -10.38
CA ARG A 169 -2.02 11.61 -10.02
C ARG A 169 -1.92 11.95 -8.53
N PRO A 170 -1.51 13.20 -8.18
CA PRO A 170 -1.36 13.65 -6.79
C PRO A 170 -2.69 13.77 -6.05
N ASP A 171 -3.79 13.56 -6.76
CA ASP A 171 -5.10 13.62 -6.15
C ASP A 171 -5.39 12.31 -5.41
N ALA A 172 -4.58 11.27 -5.69
CA ALA A 172 -4.74 10.00 -5.04
C ALA A 172 -4.30 10.10 -3.59
N LYS A 173 -5.24 9.91 -2.68
CA LYS A 173 -4.95 9.99 -1.25
C LYS A 173 -4.17 8.79 -0.77
N MET A 174 -4.23 7.75 -1.54
CA MET A 174 -3.52 6.54 -1.28
C MET A 174 -3.15 5.97 -2.60
N PHE A 175 -1.90 5.76 -2.81
CA PHE A 175 -1.41 5.22 -4.03
C PHE A 175 -0.19 4.39 -3.73
N ARG A 176 0.40 3.84 -4.74
CA ARG A 176 1.55 3.01 -4.58
C ARG A 176 2.42 3.15 -5.79
N CYS A 177 3.69 3.07 -5.57
CA CYS A 177 4.68 3.31 -6.57
C CYS A 177 4.80 2.15 -7.57
N THR A 178 5.16 2.49 -8.78
CA THR A 178 5.35 1.53 -9.84
C THR A 178 6.70 0.82 -9.85
N LYS A 179 7.73 1.44 -9.28
CA LYS A 179 9.08 0.85 -9.32
C LYS A 179 9.30 -0.15 -8.20
N GLU A 180 8.33 -0.29 -7.31
CA GLU A 180 8.46 -1.19 -6.19
C GLU A 180 7.06 -1.67 -5.85
N ARG A 181 6.97 -2.83 -5.33
CA ARG A 181 5.71 -3.52 -5.10
C ARG A 181 5.17 -3.22 -3.71
N ARG A 182 6.08 -3.16 -2.75
CA ARG A 182 5.71 -3.00 -1.34
C ARG A 182 5.53 -1.52 -1.00
N LEU A 183 6.09 -0.67 -1.85
CA LEU A 183 6.10 0.75 -1.62
C LEU A 183 4.75 1.39 -1.92
N ILE A 184 4.03 1.65 -0.86
CA ILE A 184 2.75 2.29 -0.89
C ILE A 184 2.92 3.67 -0.27
N LEU A 185 2.37 4.70 -0.87
CA LEU A 185 2.47 6.03 -0.33
C LEU A 185 1.10 6.55 0.02
N ILE A 186 0.93 6.91 1.26
CA ILE A 186 -0.33 7.39 1.75
C ILE A 186 -0.25 8.85 2.12
N ARG A 187 -1.40 9.44 2.23
CA ARG A 187 -1.58 10.79 2.66
C ARG A 187 -1.46 10.80 4.18
N GLU A 188 -0.87 11.86 4.74
CA GLU A 188 -0.78 12.04 6.18
C GLU A 188 -2.17 11.97 6.85
N ASP A 189 -3.13 12.57 6.20
CA ASP A 189 -4.51 12.65 6.66
C ASP A 189 -5.17 11.26 6.76
N VAL A 190 -4.79 10.36 5.86
CA VAL A 190 -5.33 8.99 5.83
C VAL A 190 -4.87 8.19 7.05
N HIS A 191 -3.58 8.27 7.39
CA HIS A 191 -3.10 7.50 8.55
C HIS A 191 -3.59 8.11 9.87
N ALA A 192 -3.92 9.41 9.83
CA ALA A 192 -4.46 10.09 11.00
C ALA A 192 -5.85 9.53 11.33
N ALA A 193 -6.56 9.09 10.30
CA ALA A 193 -7.86 8.47 10.46
C ALA A 193 -7.71 7.07 11.03
N PHE A 194 -6.62 6.40 10.67
CA PHE A 194 -6.33 5.05 11.17
C PHE A 194 -5.96 5.10 12.65
N GLU A 195 -5.25 6.16 13.04
CA GLU A 195 -4.86 6.41 14.44
C GLU A 195 -6.09 6.45 15.33
N GLN A 196 -7.03 7.30 14.96
CA GLN A 196 -8.25 7.50 15.73
C GLN A 196 -9.22 6.33 15.62
N ALA A 197 -8.96 5.43 14.68
CA ALA A 197 -9.78 4.23 14.53
C ALA A 197 -9.26 3.14 15.45
N GLY A 198 -7.97 3.19 15.75
CA GLY A 198 -7.37 2.22 16.62
C GLY A 198 -7.23 0.87 15.96
N LEU A 199 -6.70 0.88 14.75
CA LEU A 199 -6.52 -0.35 14.00
C LEU A 199 -5.21 -1.04 14.46
N THR A 200 -5.14 -2.35 14.24
CA THR A 200 -4.07 -3.24 14.75
C THR A 200 -2.59 -2.73 14.69
N GLY A 201 -1.89 -2.86 13.57
CA GLY A 201 -0.51 -2.43 13.55
C GLY A 201 -0.07 -1.86 12.22
N PHE A 202 0.46 -0.66 12.25
CA PHE A 202 0.93 -0.01 11.05
C PHE A 202 2.39 0.32 11.17
N LYS A 203 3.03 0.46 10.06
CA LYS A 203 4.39 0.84 9.99
C LYS A 203 4.43 1.98 8.97
N VAL A 204 4.87 3.15 9.38
CA VAL A 204 4.91 4.28 8.47
C VAL A 204 6.23 5.00 8.55
N TYR A 205 6.70 5.45 7.43
CA TYR A 205 7.95 6.20 7.34
C TYR A 205 7.77 7.42 6.49
N GLU A 206 8.58 8.41 6.71
CA GLU A 206 8.60 9.60 5.88
C GLU A 206 9.04 9.26 4.46
N ALA A 207 8.28 9.70 3.49
CA ALA A 207 8.54 9.39 2.11
C ALA A 207 9.54 10.34 1.48
N GLU A 208 9.40 11.60 1.79
CA GLU A 208 10.18 12.65 1.19
C GLU A 208 11.61 12.62 1.70
N GLY A 209 12.51 12.07 0.91
CA GLY A 209 13.89 11.99 1.32
C GLY A 209 14.11 10.85 2.28
N TRP A 210 13.39 9.76 2.06
CA TRP A 210 13.49 8.54 2.86
C TRP A 210 14.97 7.98 2.83
N ASP A 211 15.68 8.10 3.96
CA ASP A 211 17.10 7.71 4.06
C ASP A 211 17.35 6.37 4.73
N GLY A 212 17.63 5.36 3.92
CA GLY A 212 18.15 4.08 4.40
C GLY A 212 17.18 3.14 5.10
N LEU A 213 16.12 3.68 5.64
CA LEU A 213 15.19 2.92 6.45
C LEU A 213 14.37 1.95 5.61
N GLU A 214 14.00 0.85 6.19
CA GLU A 214 13.22 -0.15 5.50
C GLU A 214 11.81 -0.16 6.04
N LEU A 215 10.85 -0.16 5.14
CA LEU A 215 9.44 -0.24 5.47
C LEU A 215 9.09 -1.48 6.35
N MET A 1 -26.94 60.30 12.20
CA MET A 1 -27.29 61.58 11.53
C MET A 1 -27.77 61.35 10.09
N GLY A 2 -27.87 60.10 9.67
CA GLY A 2 -28.31 59.84 8.34
C GLY A 2 -28.18 58.39 7.99
N SER A 3 -28.63 58.04 6.82
CA SER A 3 -28.58 56.69 6.37
C SER A 3 -27.35 56.46 5.50
N SER A 4 -26.27 56.04 6.13
CA SER A 4 -25.04 55.77 5.45
C SER A 4 -24.29 54.68 6.20
N HIS A 5 -23.70 53.77 5.46
CA HIS A 5 -22.86 52.73 6.01
C HIS A 5 -21.44 53.24 6.09
N HIS A 6 -20.88 53.28 7.28
CA HIS A 6 -19.54 53.79 7.42
C HIS A 6 -18.51 52.72 7.11
N HIS A 7 -18.15 52.66 5.86
CA HIS A 7 -17.12 51.78 5.35
C HIS A 7 -16.62 52.35 4.06
N HIS A 8 -15.44 52.92 4.10
CA HIS A 8 -14.79 53.43 2.91
C HIS A 8 -14.25 52.22 2.14
N HIS A 9 -15.01 51.79 1.14
CA HIS A 9 -14.82 50.54 0.39
C HIS A 9 -15.37 49.34 1.13
N HIS A 10 -16.47 48.81 0.60
CA HIS A 10 -17.11 47.60 1.12
C HIS A 10 -16.23 46.40 0.76
N SER A 11 -15.45 46.58 -0.29
CA SER A 11 -14.52 45.60 -0.79
C SER A 11 -13.46 45.26 0.26
N SER A 12 -13.55 44.07 0.79
CA SER A 12 -12.63 43.55 1.75
C SER A 12 -12.52 42.07 1.47
N GLY A 13 -11.40 41.65 0.94
CA GLY A 13 -11.25 40.29 0.55
C GLY A 13 -10.05 39.66 1.17
N LEU A 14 -10.25 38.51 1.75
CA LEU A 14 -9.20 37.73 2.34
C LEU A 14 -9.16 36.38 1.67
N VAL A 15 -8.24 36.19 0.77
CA VAL A 15 -8.10 34.94 0.09
C VAL A 15 -7.11 34.05 0.85
N PRO A 16 -7.58 32.96 1.48
CA PRO A 16 -6.73 32.05 2.25
C PRO A 16 -5.89 31.14 1.35
N ARG A 17 -4.77 30.71 1.88
CA ARG A 17 -3.93 29.75 1.22
C ARG A 17 -3.42 28.76 2.25
N GLY A 18 -3.79 27.54 2.09
CA GLY A 18 -3.43 26.53 3.03
C GLY A 18 -2.18 25.80 2.64
N SER A 19 -1.06 26.27 3.13
CA SER A 19 0.19 25.60 2.93
C SER A 19 0.30 24.50 3.98
N HIS A 20 -0.28 23.36 3.65
CA HIS A 20 -0.40 22.25 4.56
C HIS A 20 0.83 21.36 4.47
N MET A 21 1.44 21.34 3.28
CA MET A 21 2.56 20.46 2.92
C MET A 21 2.26 18.99 3.24
N VAL A 22 1.51 18.37 2.36
CA VAL A 22 1.06 17.01 2.53
C VAL A 22 2.24 16.07 2.48
N LYS A 23 2.44 15.36 3.55
CA LYS A 23 3.51 14.43 3.65
C LYS A 23 3.02 13.05 3.26
N TYR A 24 3.88 12.33 2.58
CA TYR A 24 3.54 11.03 2.06
C TYR A 24 4.27 9.95 2.82
N PHE A 25 3.56 8.89 3.10
CA PHE A 25 4.11 7.78 3.85
C PHE A 25 3.98 6.48 3.10
N VAL A 26 4.99 5.66 3.23
CA VAL A 26 5.00 4.33 2.69
C VAL A 26 4.20 3.47 3.67
N PHE A 27 3.11 2.94 3.22
CA PHE A 27 2.23 2.20 4.09
C PHE A 27 2.56 0.72 4.08
N LYS A 28 2.78 0.20 5.26
CA LYS A 28 3.02 -1.18 5.53
C LYS A 28 2.30 -1.52 6.82
N VAL A 29 2.14 -2.77 7.09
CA VAL A 29 1.41 -3.20 8.27
C VAL A 29 2.41 -3.86 9.20
N MET A 30 2.23 -3.70 10.49
CA MET A 30 3.14 -4.31 11.44
C MET A 30 2.61 -5.67 11.83
N ALA A 31 2.95 -6.64 11.03
CA ALA A 31 2.57 -8.00 11.24
C ALA A 31 3.60 -8.88 10.59
N GLU A 32 4.03 -9.89 11.30
CA GLU A 32 4.98 -10.84 10.77
C GLU A 32 4.32 -12.21 10.88
N GLU A 33 4.09 -12.58 12.09
CA GLU A 33 3.47 -13.83 12.47
C GLU A 33 1.96 -13.64 12.42
N ALA A 34 1.56 -12.38 12.50
CA ALA A 34 0.19 -11.96 12.54
C ALA A 34 -0.43 -11.78 11.14
N GLY A 35 0.11 -12.48 10.16
CA GLY A 35 -0.53 -12.45 8.88
C GLY A 35 0.32 -12.01 7.70
N TYR A 36 1.38 -12.73 7.41
CA TYR A 36 2.06 -12.55 6.13
C TYR A 36 1.52 -13.50 5.11
N ILE A 37 1.13 -12.98 3.99
CA ILE A 37 0.82 -13.83 2.87
C ILE A 37 2.15 -14.03 2.16
N GLU A 38 2.74 -15.18 2.36
CA GLU A 38 4.09 -15.45 1.91
C GLU A 38 4.18 -15.61 0.41
N LYS A 39 3.33 -16.46 -0.10
CA LYS A 39 3.28 -16.74 -1.50
C LYS A 39 1.93 -16.25 -2.04
N LEU A 40 1.78 -16.23 -3.33
CA LEU A 40 0.60 -15.74 -3.97
C LEU A 40 -0.60 -16.67 -3.79
N PRO A 41 -1.77 -16.12 -3.45
CA PRO A 41 -3.00 -16.87 -3.33
C PRO A 41 -3.59 -17.28 -4.70
N ASN A 42 -4.57 -18.15 -4.62
CA ASN A 42 -5.31 -18.68 -5.75
C ASN A 42 -5.81 -17.58 -6.70
N GLY A 43 -5.31 -17.60 -7.92
CA GLY A 43 -5.80 -16.71 -8.95
C GLY A 43 -5.17 -15.34 -8.95
N SER A 44 -4.10 -15.16 -8.25
CA SER A 44 -3.47 -13.86 -8.19
C SER A 44 -2.53 -13.62 -9.41
N PRO A 45 -2.45 -12.35 -9.91
CA PRO A 45 -1.50 -11.96 -10.99
C PRO A 45 -0.05 -12.07 -10.51
N THR A 46 0.91 -12.05 -11.43
CA THR A 46 2.33 -12.16 -11.08
C THR A 46 2.79 -11.06 -10.10
N ASP A 47 3.84 -11.38 -9.32
CA ASP A 47 4.38 -10.53 -8.21
C ASP A 47 4.55 -9.09 -8.62
N TRP A 48 5.33 -8.86 -9.64
CA TRP A 48 5.64 -7.51 -10.08
C TRP A 48 4.44 -6.84 -10.73
N LYS A 49 3.51 -7.64 -11.23
CA LYS A 49 2.41 -7.12 -12.01
C LYS A 49 1.35 -6.49 -11.12
N PHE A 50 1.33 -6.87 -9.82
CA PHE A 50 0.41 -6.29 -8.82
C PHE A 50 0.51 -4.73 -8.77
N HIS A 51 1.65 -4.20 -9.16
CA HIS A 51 1.86 -2.76 -9.16
C HIS A 51 2.20 -2.23 -10.53
N GLU A 52 2.26 -3.06 -11.51
CA GLU A 52 2.73 -2.58 -12.77
C GLU A 52 1.57 -2.16 -13.70
N GLY A 53 1.37 -0.85 -13.76
CA GLY A 53 0.45 -0.16 -14.69
C GLY A 53 -1.06 -0.51 -14.72
N ILE A 54 -1.53 -1.57 -14.07
CA ILE A 54 -2.96 -1.94 -14.25
C ILE A 54 -3.71 -2.18 -12.94
N SER A 55 -5.02 -2.40 -13.09
CA SER A 55 -5.91 -2.82 -12.02
C SER A 55 -5.87 -4.34 -11.96
N LEU A 56 -6.04 -4.88 -10.79
CA LEU A 56 -5.92 -6.30 -10.60
C LEU A 56 -7.27 -6.97 -10.59
N ALA A 57 -8.33 -6.20 -10.72
CA ALA A 57 -9.71 -6.74 -10.67
C ALA A 57 -10.00 -7.68 -11.85
N LYS A 58 -9.28 -7.49 -12.94
CA LYS A 58 -9.42 -8.33 -14.12
C LYS A 58 -8.62 -9.63 -14.00
N ASP A 59 -7.70 -9.69 -13.04
CA ASP A 59 -6.82 -10.86 -12.92
C ASP A 59 -7.04 -11.62 -11.64
N PHE A 60 -7.57 -10.97 -10.65
CA PHE A 60 -7.81 -11.59 -9.37
C PHE A 60 -9.29 -11.94 -9.30
N PRO A 61 -9.64 -13.12 -8.76
CA PRO A 61 -11.03 -13.55 -8.65
C PRO A 61 -11.83 -12.72 -7.61
N VAL A 62 -12.89 -12.11 -8.07
CA VAL A 62 -13.76 -11.34 -7.19
C VAL A 62 -14.87 -12.25 -6.68
N GLY A 63 -14.98 -12.36 -5.37
CA GLY A 63 -15.96 -13.22 -4.76
C GLY A 63 -15.50 -14.66 -4.77
N GLY A 64 -14.20 -14.86 -4.84
CA GLY A 64 -13.65 -16.19 -4.87
C GLY A 64 -13.11 -16.58 -3.52
N GLU A 65 -12.38 -17.66 -3.46
CA GLU A 65 -11.78 -18.07 -2.22
C GLU A 65 -10.30 -18.09 -2.35
N VAL A 66 -9.63 -17.50 -1.41
CA VAL A 66 -8.19 -17.53 -1.39
C VAL A 66 -7.77 -18.02 -0.03
N SER A 67 -6.55 -18.41 0.10
CA SER A 67 -6.05 -18.90 1.33
C SER A 67 -4.68 -18.33 1.52
N PHE A 68 -4.35 -17.98 2.74
CA PHE A 68 -3.04 -17.52 3.05
C PHE A 68 -2.08 -18.67 2.95
N SER A 69 -1.12 -18.48 2.13
CA SER A 69 -0.13 -19.45 1.85
C SER A 69 0.80 -19.67 3.04
N LYS A 70 0.79 -20.89 3.52
CA LYS A 70 1.73 -21.34 4.49
C LYS A 70 2.95 -21.81 3.70
N ASN A 71 3.89 -20.94 3.50
CA ASN A 71 5.02 -21.23 2.66
C ASN A 71 6.14 -21.81 3.48
N TYR A 72 6.32 -21.31 4.67
CA TYR A 72 7.30 -21.89 5.56
C TYR A 72 6.76 -22.17 6.98
N PRO A 73 6.47 -21.15 7.83
CA PRO A 73 6.03 -21.42 9.18
C PRO A 73 4.52 -21.52 9.27
N ASP A 74 4.05 -21.96 10.41
CA ASP A 74 2.65 -22.00 10.66
C ASP A 74 2.22 -20.62 11.14
N ASN A 75 2.07 -19.73 10.18
CA ASN A 75 1.77 -18.32 10.43
C ASN A 75 0.34 -18.19 10.96
N ARG A 76 0.06 -17.16 11.72
CA ARG A 76 -1.17 -17.11 12.51
C ARG A 76 -2.35 -16.38 11.82
N ASN A 77 -3.18 -15.76 12.67
CA ASN A 77 -4.48 -15.12 12.35
C ASN A 77 -4.35 -13.79 11.57
N LEU A 78 -5.47 -13.09 11.50
CA LEU A 78 -5.62 -11.85 10.75
C LEU A 78 -5.69 -10.64 11.70
N TYR A 79 -5.21 -9.50 11.22
CA TYR A 79 -5.29 -8.20 11.91
C TYR A 79 -6.20 -7.27 11.11
N ASP A 80 -6.23 -5.97 11.46
CA ASP A 80 -7.13 -4.99 10.76
C ASP A 80 -6.70 -4.82 9.33
N PHE A 81 -5.42 -4.91 9.13
CA PHE A 81 -4.79 -4.87 7.85
C PHE A 81 -3.79 -5.98 7.85
N GLN A 82 -3.47 -6.49 6.70
CA GLN A 82 -2.49 -7.54 6.61
C GLN A 82 -1.50 -7.27 5.49
N PRO A 83 -0.21 -7.47 5.77
CA PRO A 83 0.83 -7.35 4.78
C PRO A 83 1.09 -8.69 4.09
N ASN A 84 2.03 -8.67 3.20
CA ASN A 84 2.38 -9.83 2.42
C ASN A 84 3.70 -9.61 1.80
N ILE A 85 4.24 -10.63 1.19
CA ILE A 85 5.54 -10.56 0.56
C ILE A 85 5.32 -10.40 -0.97
N MET A 86 4.15 -9.93 -1.33
CA MET A 86 3.83 -9.74 -2.71
C MET A 86 3.93 -8.27 -3.06
N SER A 87 2.81 -7.53 -3.00
CA SER A 87 2.81 -6.13 -3.42
C SER A 87 1.52 -5.38 -2.98
N ASN A 88 0.41 -6.09 -2.93
CA ASN A 88 -0.91 -5.49 -2.67
C ASN A 88 -1.24 -5.44 -1.18
N LEU A 89 -2.35 -4.83 -0.84
CA LEU A 89 -2.74 -4.66 0.54
C LEU A 89 -4.04 -5.41 0.83
N LEU A 90 -4.14 -6.00 2.01
CA LEU A 90 -5.35 -6.67 2.42
C LEU A 90 -5.99 -5.86 3.56
N VAL A 91 -7.26 -5.53 3.41
CA VAL A 91 -7.98 -4.67 4.33
C VAL A 91 -9.26 -5.37 4.83
N SER A 92 -9.60 -5.18 6.09
CA SER A 92 -10.82 -5.71 6.67
C SER A 92 -12.00 -4.76 6.38
N GLY A 93 -13.22 -5.21 6.64
CA GLY A 93 -14.41 -4.40 6.40
C GLY A 93 -14.48 -3.18 7.31
N ARG A 94 -13.96 -3.30 8.53
CA ARG A 94 -13.95 -2.17 9.47
C ARG A 94 -13.01 -1.07 8.97
N ALA A 95 -11.88 -1.48 8.45
CA ALA A 95 -10.87 -0.58 7.96
C ALA A 95 -11.28 -0.01 6.62
N ARG A 96 -12.13 -0.77 5.92
CA ARG A 96 -12.71 -0.34 4.65
C ARG A 96 -13.53 0.91 4.89
N LYS A 97 -14.27 0.91 6.00
CA LYS A 97 -15.12 2.04 6.40
C LYS A 97 -14.29 3.28 6.63
N LEU A 98 -13.11 3.10 7.24
CA LEU A 98 -12.18 4.23 7.42
C LEU A 98 -11.78 4.83 6.07
N ILE A 99 -11.27 3.98 5.20
CA ILE A 99 -10.79 4.38 3.87
C ILE A 99 -11.93 5.01 3.02
N GLU A 100 -13.11 4.38 3.02
CA GLU A 100 -14.27 4.91 2.28
C GLU A 100 -14.74 6.27 2.82
N SER A 101 -14.66 6.48 4.13
CA SER A 101 -15.11 7.73 4.74
C SER A 101 -14.18 8.90 4.42
N LEU A 102 -12.94 8.60 4.06
CA LEU A 102 -11.99 9.64 3.66
C LEU A 102 -12.19 10.01 2.20
N GLY A 103 -12.96 9.20 1.50
CA GLY A 103 -13.22 9.45 0.12
C GLY A 103 -12.02 9.10 -0.72
N VAL A 104 -11.47 7.93 -0.47
CA VAL A 104 -10.32 7.48 -1.21
C VAL A 104 -10.75 6.93 -2.55
N THR A 105 -10.58 7.74 -3.56
CA THR A 105 -10.79 7.35 -4.91
C THR A 105 -9.52 6.61 -5.35
N ASN A 106 -9.67 5.73 -6.33
CA ASN A 106 -8.61 4.85 -6.87
C ASN A 106 -8.41 3.66 -6.00
N ALA A 107 -9.34 3.40 -5.12
CA ALA A 107 -9.24 2.25 -4.26
C ALA A 107 -10.18 1.19 -4.76
N GLU A 108 -9.62 0.11 -5.22
CA GLU A 108 -10.42 -0.98 -5.69
C GLU A 108 -10.40 -2.07 -4.64
N TRP A 109 -11.57 -2.59 -4.35
CA TRP A 109 -11.74 -3.58 -3.33
C TRP A 109 -12.05 -4.90 -3.96
N LEU A 110 -11.27 -5.90 -3.66
CA LEU A 110 -11.50 -7.24 -4.17
C LEU A 110 -11.91 -8.16 -3.02
N PRO A 111 -13.24 -8.32 -2.78
CA PRO A 111 -13.74 -9.15 -1.68
C PRO A 111 -13.67 -10.64 -2.00
N VAL A 112 -13.21 -11.41 -1.04
CA VAL A 112 -13.06 -12.85 -1.20
C VAL A 112 -13.31 -13.54 0.13
N ALA A 113 -13.46 -14.84 0.08
CA ALA A 113 -13.53 -15.63 1.25
C ALA A 113 -12.11 -16.08 1.54
N ILE A 114 -11.57 -15.66 2.65
CA ILE A 114 -10.19 -15.95 2.93
C ILE A 114 -10.04 -17.01 3.99
N LYS A 115 -9.27 -17.98 3.65
CA LYS A 115 -8.88 -19.05 4.52
C LYS A 115 -7.50 -18.67 5.04
N ASP A 116 -7.23 -18.95 6.28
CA ASP A 116 -5.96 -18.55 6.87
C ASP A 116 -4.84 -19.53 6.50
N HIS A 117 -3.74 -19.50 7.24
CA HIS A 117 -2.57 -20.35 6.97
C HIS A 117 -2.85 -21.78 7.40
N GLN A 118 -3.95 -21.97 8.10
CA GLN A 118 -4.36 -23.26 8.61
C GLN A 118 -5.59 -23.75 7.84
N GLY A 119 -6.00 -22.97 6.85
CA GLY A 119 -7.05 -23.37 5.94
C GLY A 119 -8.47 -23.07 6.41
N LYS A 120 -8.64 -22.36 7.50
CA LYS A 120 -9.98 -22.08 7.98
C LYS A 120 -10.46 -20.72 7.49
N VAL A 121 -11.72 -20.64 7.08
CA VAL A 121 -12.28 -19.41 6.54
C VAL A 121 -12.58 -18.43 7.66
N VAL A 122 -11.61 -17.63 7.99
CA VAL A 122 -11.73 -16.65 9.05
C VAL A 122 -11.50 -15.23 8.55
N GLY A 123 -11.41 -15.09 7.23
CA GLY A 123 -11.25 -13.77 6.67
C GLY A 123 -12.18 -13.46 5.50
N PRO A 124 -13.52 -13.78 5.54
CA PRO A 124 -14.40 -13.53 4.39
C PRO A 124 -14.92 -12.07 4.38
N ASP A 125 -14.49 -11.34 5.38
CA ASP A 125 -14.83 -9.94 5.57
C ASP A 125 -13.78 -9.04 4.92
N TYR A 126 -12.67 -9.64 4.54
CA TYR A 126 -11.54 -8.92 4.04
C TYR A 126 -11.56 -8.79 2.53
N ALA A 127 -11.04 -7.68 2.07
CA ALA A 127 -10.97 -7.36 0.67
C ALA A 127 -9.57 -6.87 0.34
N PHE A 128 -9.06 -7.31 -0.77
CA PHE A 128 -7.75 -6.89 -1.23
C PHE A 128 -7.86 -5.56 -1.91
N LEU A 129 -7.09 -4.61 -1.46
CA LEU A 129 -7.13 -3.28 -1.97
C LEU A 129 -6.01 -3.06 -2.97
N ASN A 130 -6.41 -2.63 -4.14
CA ASN A 130 -5.48 -2.26 -5.20
C ASN A 130 -5.78 -0.85 -5.66
N LEU A 131 -4.75 -0.10 -5.96
CA LEU A 131 -4.91 1.30 -6.33
C LEU A 131 -4.87 1.54 -7.84
N LEU A 132 -5.67 2.49 -8.26
CA LEU A 132 -5.77 2.96 -9.64
C LEU A 132 -5.01 4.27 -9.79
N GLY A 133 -4.92 4.76 -11.02
CA GLY A 133 -4.26 6.02 -11.27
C GLY A 133 -2.81 5.82 -11.54
N ALA A 134 -2.49 4.68 -12.07
CA ALA A 134 -1.13 4.32 -12.29
C ALA A 134 -0.65 4.61 -13.69
N GLU A 135 0.47 5.22 -13.72
CA GLU A 135 1.29 5.43 -14.87
C GLU A 135 2.69 5.42 -14.28
N ASP A 136 3.76 5.30 -15.09
CA ASP A 136 5.14 5.16 -14.53
C ASP A 136 5.47 6.27 -13.55
N ALA A 137 5.36 5.91 -12.31
CA ALA A 137 5.31 6.79 -11.20
C ALA A 137 6.65 7.36 -10.77
N ILE A 138 7.52 6.49 -10.27
CA ILE A 138 8.78 6.90 -9.67
C ILE A 138 9.66 7.66 -10.63
N ASP A 139 10.09 8.83 -10.18
CA ASP A 139 11.05 9.63 -10.90
C ASP A 139 12.36 8.89 -10.85
N MET A 140 12.92 8.58 -11.96
CA MET A 140 14.04 7.69 -12.00
C MET A 140 15.39 8.45 -11.91
N GLU A 141 15.36 9.74 -12.13
CA GLU A 141 16.59 10.51 -12.23
C GLU A 141 16.93 11.26 -10.93
N ARG A 142 15.92 11.75 -10.23
CA ARG A 142 16.14 12.50 -9.00
C ARG A 142 16.13 11.61 -7.78
N SER A 143 15.82 10.36 -7.99
CA SER A 143 15.81 9.41 -6.93
C SER A 143 17.19 8.79 -6.80
N GLU A 144 17.59 8.53 -5.59
CA GLU A 144 18.86 7.91 -5.32
C GLU A 144 18.63 6.69 -4.48
N TYR A 145 18.72 5.55 -5.12
CA TYR A 145 18.53 4.28 -4.47
C TYR A 145 19.32 3.19 -5.16
N GLU A 146 19.41 2.06 -4.51
CA GLU A 146 20.13 0.90 -4.97
C GLU A 146 19.16 -0.28 -5.18
N MET A 147 19.42 -1.07 -6.20
CA MET A 147 18.57 -2.20 -6.57
C MET A 147 18.93 -3.49 -5.85
N ASP A 148 17.94 -4.35 -5.75
CA ASP A 148 18.04 -5.75 -5.30
C ASP A 148 17.83 -6.00 -3.83
N SER A 149 16.59 -6.25 -3.48
CA SER A 149 16.23 -6.79 -2.17
C SER A 149 15.99 -8.30 -2.35
N LEU A 150 15.66 -8.65 -3.60
CA LEU A 150 15.27 -10.00 -4.05
C LEU A 150 15.46 -10.05 -5.55
N GLU A 151 14.92 -9.02 -6.19
CA GLU A 151 14.97 -8.85 -7.63
C GLU A 151 15.42 -7.45 -7.95
N LYS A 152 15.52 -7.14 -9.23
CA LYS A 152 15.95 -5.82 -9.69
C LYS A 152 14.89 -4.75 -9.46
N ASP A 153 13.63 -5.14 -9.38
CA ASP A 153 12.53 -4.19 -9.16
C ASP A 153 12.14 -4.15 -7.70
N GLN A 154 13.11 -4.49 -6.90
CA GLN A 154 13.01 -4.46 -5.47
C GLN A 154 14.12 -3.56 -5.00
N ILE A 155 13.76 -2.46 -4.39
CA ILE A 155 14.75 -1.49 -3.98
C ILE A 155 15.32 -1.87 -2.60
N GLY A 156 16.63 -2.06 -2.55
CA GLY A 156 17.27 -2.51 -1.33
C GLY A 156 17.56 -1.39 -0.39
N ASN A 157 18.14 -0.34 -0.90
CA ASN A 157 18.46 0.84 -0.10
C ASN A 157 18.04 2.07 -0.83
N ILE A 158 17.49 3.02 -0.11
CA ILE A 158 17.14 4.30 -0.67
C ILE A 158 17.81 5.37 0.18
N ASP A 159 18.42 6.33 -0.47
CA ASP A 159 19.03 7.44 0.25
C ASP A 159 18.16 8.64 0.14
N ALA A 160 17.64 8.87 -1.05
CA ALA A 160 16.76 9.97 -1.32
C ALA A 160 15.66 9.51 -2.27
N LEU A 161 14.45 9.51 -1.79
CA LEU A 161 13.32 9.07 -2.58
C LEU A 161 12.61 10.28 -3.15
N ALA A 162 12.54 10.34 -4.46
CA ALA A 162 11.84 11.38 -5.16
C ALA A 162 10.42 10.93 -5.34
N LEU A 163 9.49 11.78 -4.97
CA LEU A 163 8.07 11.49 -5.02
C LEU A 163 7.60 11.12 -6.41
N ASP A 164 6.77 10.12 -6.46
CA ASP A 164 6.25 9.57 -7.68
C ASP A 164 4.98 10.29 -8.10
N THR A 165 4.60 11.26 -7.28
CA THR A 165 3.52 12.19 -7.52
C THR A 165 3.86 13.10 -8.70
N SER A 166 5.08 12.97 -9.17
CA SER A 166 5.55 13.63 -10.35
C SER A 166 4.76 13.10 -11.57
N ALA A 167 4.41 11.81 -11.57
CA ALA A 167 3.61 11.28 -12.67
C ALA A 167 2.21 10.89 -12.22
N ILE A 168 2.08 10.40 -10.98
CA ILE A 168 0.78 10.10 -10.43
C ILE A 168 0.13 11.42 -9.97
N ARG A 169 -1.17 11.44 -9.94
CA ARG A 169 -1.94 12.59 -9.51
C ARG A 169 -1.70 12.79 -8.00
N PRO A 170 -1.11 13.95 -7.59
CA PRO A 170 -0.77 14.22 -6.16
C PRO A 170 -2.00 14.41 -5.30
N ASP A 171 -3.12 14.60 -5.96
CA ASP A 171 -4.41 14.79 -5.34
C ASP A 171 -5.09 13.46 -5.07
N ALA A 172 -4.46 12.36 -5.49
CA ALA A 172 -4.97 11.05 -5.19
C ALA A 172 -4.74 10.79 -3.72
N LYS A 173 -5.79 10.34 -3.05
CA LYS A 173 -5.73 10.16 -1.61
C LYS A 173 -4.79 9.00 -1.23
N MET A 174 -4.76 7.99 -2.06
CA MET A 174 -3.94 6.81 -1.86
C MET A 174 -3.55 6.27 -3.23
N PHE A 175 -2.29 5.92 -3.39
CA PHE A 175 -1.74 5.48 -4.67
C PHE A 175 -0.56 4.53 -4.44
N ARG A 176 0.06 4.05 -5.50
CA ARG A 176 1.13 3.08 -5.34
C ARG A 176 2.15 3.17 -6.46
N CYS A 177 3.41 2.98 -6.14
CA CYS A 177 4.48 3.07 -7.11
C CYS A 177 4.43 1.92 -8.12
N THR A 178 4.82 2.20 -9.34
CA THR A 178 4.84 1.23 -10.41
C THR A 178 6.09 0.34 -10.39
N LYS A 179 7.28 0.97 -10.27
CA LYS A 179 8.58 0.25 -10.37
C LYS A 179 8.83 -0.60 -9.15
N GLU A 180 8.17 -0.29 -8.08
CA GLU A 180 8.39 -0.98 -6.83
C GLU A 180 7.09 -1.57 -6.42
N ARG A 181 7.16 -2.78 -6.04
CA ARG A 181 6.03 -3.61 -5.83
C ARG A 181 5.56 -3.53 -4.39
N ARG A 182 6.47 -3.38 -3.48
CA ARG A 182 6.13 -3.40 -2.05
C ARG A 182 5.73 -1.99 -1.57
N LEU A 183 6.17 -1.00 -2.30
CA LEU A 183 6.03 0.39 -1.92
C LEU A 183 4.63 0.93 -2.34
N ILE A 184 3.84 1.25 -1.33
CA ILE A 184 2.51 1.82 -1.49
C ILE A 184 2.53 3.17 -0.79
N LEU A 185 2.03 4.21 -1.42
CA LEU A 185 2.08 5.53 -0.83
C LEU A 185 0.72 6.05 -0.43
N ILE A 186 0.63 6.40 0.80
CA ILE A 186 -0.56 6.99 1.33
C ILE A 186 -0.24 8.41 1.71
N ARG A 187 -1.22 9.22 1.72
CA ARG A 187 -1.07 10.55 2.22
C ARG A 187 -1.23 10.51 3.72
N GLU A 188 -0.76 11.54 4.39
CA GLU A 188 -0.91 11.69 5.83
C GLU A 188 -2.36 11.51 6.28
N ASP A 189 -3.28 11.97 5.42
CA ASP A 189 -4.74 11.89 5.57
C ASP A 189 -5.17 10.50 5.99
N VAL A 190 -4.68 9.52 5.23
CA VAL A 190 -5.08 8.14 5.36
C VAL A 190 -4.68 7.55 6.72
N HIS A 191 -3.40 7.67 7.07
CA HIS A 191 -2.97 7.08 8.33
C HIS A 191 -3.49 7.86 9.52
N ALA A 192 -3.77 9.16 9.33
CA ALA A 192 -4.31 10.02 10.40
C ALA A 192 -5.64 9.48 10.91
N ALA A 193 -6.41 8.90 9.99
CA ALA A 193 -7.67 8.27 10.32
C ALA A 193 -7.42 6.98 11.10
N PHE A 194 -6.37 6.25 10.71
CA PHE A 194 -6.04 5.00 11.38
C PHE A 194 -5.49 5.26 12.79
N GLU A 195 -4.77 6.39 12.96
CA GLU A 195 -4.21 6.81 14.26
C GLU A 195 -5.34 6.96 15.27
N GLN A 196 -6.36 7.70 14.86
CA GLN A 196 -7.49 8.01 15.74
C GLN A 196 -8.44 6.83 15.91
N ALA A 197 -8.41 5.90 14.96
CA ALA A 197 -9.21 4.69 15.04
C ALA A 197 -8.60 3.73 16.04
N GLY A 198 -7.29 3.84 16.21
CA GLY A 198 -6.57 3.00 17.16
C GLY A 198 -6.50 1.57 16.70
N LEU A 199 -6.16 1.37 15.45
CA LEU A 199 -6.08 0.03 14.88
C LEU A 199 -4.77 -0.66 15.30
N THR A 200 -4.73 -1.99 15.12
CA THR A 200 -3.65 -2.89 15.59
C THR A 200 -2.19 -2.41 15.39
N GLY A 201 -1.64 -2.57 14.21
CA GLY A 201 -0.26 -2.19 14.03
C GLY A 201 0.07 -1.83 12.61
N PHE A 202 0.81 -0.76 12.43
CA PHE A 202 1.18 -0.29 11.12
C PHE A 202 2.63 0.09 11.11
N LYS A 203 3.18 0.20 9.94
CA LYS A 203 4.51 0.70 9.75
C LYS A 203 4.45 1.74 8.68
N VAL A 204 4.87 2.92 9.01
CA VAL A 204 4.80 4.04 8.10
C VAL A 204 6.16 4.70 8.01
N TYR A 205 6.57 4.99 6.81
CA TYR A 205 7.86 5.57 6.57
C TYR A 205 7.69 6.81 5.74
N GLU A 206 8.32 7.89 6.12
CA GLU A 206 8.22 9.12 5.37
C GLU A 206 8.91 8.96 4.03
N ALA A 207 8.11 9.03 2.96
CA ALA A 207 8.57 8.81 1.60
C ALA A 207 9.46 9.92 1.11
N GLU A 208 9.23 11.11 1.62
CA GLU A 208 9.98 12.28 1.21
C GLU A 208 11.40 12.22 1.74
N GLY A 209 12.28 11.63 0.95
CA GLY A 209 13.65 11.48 1.34
C GLY A 209 13.81 10.28 2.25
N TRP A 210 13.01 9.23 1.97
CA TRP A 210 13.04 7.97 2.73
C TRP A 210 14.43 7.33 2.67
N ASP A 211 15.20 7.55 3.70
CA ASP A 211 16.56 7.07 3.75
C ASP A 211 16.74 5.84 4.64
N GLY A 212 17.45 4.85 4.11
CA GLY A 212 18.01 3.71 4.87
C GLY A 212 17.05 2.68 5.46
N LEU A 213 15.77 2.94 5.43
CA LEU A 213 14.82 2.04 6.05
C LEU A 213 14.23 1.06 5.07
N GLU A 214 14.16 -0.17 5.50
CA GLU A 214 13.49 -1.21 4.76
C GLU A 214 12.05 -1.26 5.26
N LEU A 215 11.12 -1.31 4.33
CA LEU A 215 9.70 -1.31 4.64
C LEU A 215 9.21 -2.50 5.49
N MET A 1 -13.52 2.27 -27.43
CA MET A 1 -13.58 2.45 -25.98
C MET A 1 -12.84 1.32 -25.29
N GLY A 2 -12.28 1.61 -24.15
CA GLY A 2 -11.53 0.63 -23.42
C GLY A 2 -10.25 1.23 -22.88
N SER A 3 -9.61 2.04 -23.70
CA SER A 3 -8.39 2.69 -23.33
C SER A 3 -8.75 4.03 -22.67
N SER A 4 -8.03 4.36 -21.58
CA SER A 4 -8.24 5.56 -20.76
C SER A 4 -9.53 5.42 -19.91
N HIS A 5 -9.36 5.07 -18.65
CA HIS A 5 -10.48 4.91 -17.72
C HIS A 5 -10.63 6.12 -16.85
N HIS A 6 -11.81 6.26 -16.23
CA HIS A 6 -12.17 7.38 -15.34
C HIS A 6 -12.21 8.71 -16.12
N HIS A 7 -11.04 9.23 -16.34
CA HIS A 7 -10.75 10.48 -17.01
C HIS A 7 -9.29 10.73 -16.69
N HIS A 8 -8.44 10.15 -17.48
CA HIS A 8 -7.02 10.19 -17.19
C HIS A 8 -6.26 10.79 -18.36
N HIS A 9 -5.98 12.06 -18.28
CA HIS A 9 -5.19 12.70 -19.31
C HIS A 9 -3.93 13.31 -18.68
N HIS A 10 -4.01 14.58 -18.29
CA HIS A 10 -2.93 15.41 -17.69
C HIS A 10 -3.47 16.78 -17.53
N SER A 11 -3.39 17.32 -16.32
CA SER A 11 -3.91 18.64 -15.98
C SER A 11 -5.42 18.67 -16.26
N SER A 12 -6.05 17.57 -15.97
CA SER A 12 -7.44 17.40 -16.21
C SER A 12 -8.24 17.71 -14.95
N GLY A 13 -8.49 19.00 -14.74
CA GLY A 13 -9.23 19.46 -13.58
C GLY A 13 -8.51 19.14 -12.29
N LEU A 14 -7.30 19.64 -12.16
CA LEU A 14 -6.51 19.37 -11.00
C LEU A 14 -6.69 20.43 -9.95
N VAL A 15 -7.47 20.12 -8.95
CA VAL A 15 -7.61 20.99 -7.80
C VAL A 15 -7.04 20.24 -6.60
N PRO A 16 -5.74 20.38 -6.34
CA PRO A 16 -5.09 19.71 -5.24
C PRO A 16 -5.31 20.41 -3.92
N ARG A 17 -5.90 19.72 -2.97
CA ARG A 17 -6.15 20.31 -1.67
C ARG A 17 -4.91 20.25 -0.78
N GLY A 18 -4.18 21.34 -0.76
CA GLY A 18 -3.01 21.46 0.06
C GLY A 18 -3.16 22.60 1.02
N SER A 19 -3.78 22.33 2.15
CA SER A 19 -4.06 23.31 3.17
C SER A 19 -2.81 23.65 4.00
N HIS A 20 -1.80 22.81 3.89
CA HIS A 20 -0.56 22.91 4.64
C HIS A 20 0.43 21.96 4.01
N MET A 21 1.63 21.86 4.56
CA MET A 21 2.64 20.90 4.07
C MET A 21 2.11 19.46 4.18
N VAL A 22 1.84 18.86 3.05
CA VAL A 22 1.29 17.53 3.01
C VAL A 22 2.40 16.49 3.10
N LYS A 23 2.32 15.64 4.11
CA LYS A 23 3.31 14.63 4.33
C LYS A 23 2.78 13.27 3.86
N TYR A 24 3.68 12.40 3.44
CA TYR A 24 3.31 11.09 2.92
C TYR A 24 4.04 10.01 3.67
N PHE A 25 3.49 8.82 3.67
CA PHE A 25 4.12 7.70 4.31
C PHE A 25 3.98 6.47 3.48
N VAL A 26 5.02 5.68 3.50
CA VAL A 26 5.01 4.38 2.86
C VAL A 26 4.34 3.45 3.85
N PHE A 27 3.27 2.84 3.44
CA PHE A 27 2.44 2.05 4.31
C PHE A 27 2.82 0.57 4.34
N LYS A 28 2.95 0.05 5.55
CA LYS A 28 3.13 -1.34 5.80
C LYS A 28 2.51 -1.63 7.17
N VAL A 29 2.29 -2.86 7.47
CA VAL A 29 1.73 -3.25 8.75
C VAL A 29 2.88 -3.72 9.65
N MET A 30 2.96 -3.18 10.84
CA MET A 30 4.08 -3.49 11.73
C MET A 30 3.78 -4.71 12.55
N ALA A 31 4.34 -5.84 12.12
CA ALA A 31 4.33 -7.13 12.82
C ALA A 31 4.77 -8.20 11.86
N GLU A 32 5.50 -9.14 12.35
CA GLU A 32 5.89 -10.31 11.60
C GLU A 32 4.88 -11.40 11.91
N GLU A 33 4.37 -11.34 13.13
CA GLU A 33 3.46 -12.32 13.71
C GLU A 33 2.02 -12.03 13.33
N ALA A 34 1.78 -10.98 12.55
CA ALA A 34 0.41 -10.60 12.15
C ALA A 34 -0.10 -11.47 11.04
N GLY A 35 0.70 -12.39 10.62
CA GLY A 35 0.33 -13.27 9.58
C GLY A 35 0.69 -12.71 8.25
N TYR A 36 1.72 -13.22 7.68
CA TYR A 36 2.06 -12.83 6.34
C TYR A 36 1.49 -13.83 5.41
N ILE A 37 1.11 -13.40 4.27
CA ILE A 37 0.83 -14.35 3.24
C ILE A 37 2.21 -14.60 2.63
N GLU A 38 2.82 -15.71 3.00
CA GLU A 38 4.20 -16.00 2.62
C GLU A 38 4.31 -16.38 1.16
N LYS A 39 3.35 -17.11 0.68
CA LYS A 39 3.28 -17.51 -0.71
C LYS A 39 2.09 -16.87 -1.34
N LEU A 40 1.93 -17.06 -2.63
CA LEU A 40 0.83 -16.48 -3.34
C LEU A 40 -0.40 -17.36 -3.19
N PRO A 41 -1.55 -16.78 -2.80
CA PRO A 41 -2.80 -17.52 -2.66
C PRO A 41 -3.34 -18.04 -4.01
N ASN A 42 -4.30 -18.94 -3.93
CA ASN A 42 -4.93 -19.56 -5.08
C ASN A 42 -5.57 -18.52 -6.02
N GLY A 43 -5.22 -18.58 -7.29
CA GLY A 43 -5.80 -17.70 -8.29
C GLY A 43 -5.11 -16.36 -8.37
N SER A 44 -4.08 -16.16 -7.59
CA SER A 44 -3.40 -14.90 -7.58
C SER A 44 -2.31 -14.79 -8.67
N PRO A 45 -2.25 -13.61 -9.35
CA PRO A 45 -1.19 -13.27 -10.33
C PRO A 45 0.17 -13.07 -9.67
N THR A 46 1.23 -13.03 -10.47
CA THR A 46 2.62 -12.90 -10.01
C THR A 46 2.84 -11.72 -9.01
N ASP A 47 3.80 -11.92 -8.11
CA ASP A 47 4.16 -11.04 -6.98
C ASP A 47 4.25 -9.60 -7.35
N TRP A 48 5.08 -9.31 -8.33
CA TRP A 48 5.34 -7.96 -8.73
C TRP A 48 4.18 -7.39 -9.54
N LYS A 49 3.43 -8.26 -10.20
CA LYS A 49 2.40 -7.81 -11.11
C LYS A 49 1.14 -7.38 -10.34
N PHE A 50 1.00 -7.88 -9.08
CA PHE A 50 -0.14 -7.51 -8.19
C PHE A 50 -0.41 -6.01 -8.15
N HIS A 51 0.61 -5.22 -8.18
CA HIS A 51 0.45 -3.79 -8.15
C HIS A 51 1.22 -3.14 -9.26
N GLU A 52 1.54 -3.87 -10.30
CA GLU A 52 2.31 -3.27 -11.33
C GLU A 52 1.38 -2.71 -12.42
N GLY A 53 1.18 -1.39 -12.38
CA GLY A 53 0.44 -0.62 -13.41
C GLY A 53 -1.02 -1.02 -13.73
N ILE A 54 -1.53 -2.09 -13.14
CA ILE A 54 -2.82 -2.64 -13.53
C ILE A 54 -3.86 -2.74 -12.42
N SER A 55 -5.05 -3.10 -12.83
CA SER A 55 -6.12 -3.45 -11.95
C SER A 55 -6.15 -4.96 -11.86
N LEU A 56 -6.30 -5.47 -10.67
CA LEU A 56 -6.34 -6.90 -10.45
C LEU A 56 -7.73 -7.47 -10.69
N ALA A 57 -8.69 -6.61 -11.00
CA ALA A 57 -10.07 -7.04 -11.24
C ALA A 57 -10.15 -8.01 -12.43
N LYS A 58 -9.18 -7.91 -13.33
CA LYS A 58 -9.14 -8.74 -14.52
C LYS A 58 -8.39 -10.08 -14.27
N ASP A 59 -7.52 -10.14 -13.25
CA ASP A 59 -6.68 -11.33 -13.04
C ASP A 59 -6.93 -12.07 -11.75
N PHE A 60 -7.49 -11.41 -10.78
CA PHE A 60 -7.71 -12.02 -9.49
C PHE A 60 -9.19 -12.37 -9.37
N PRO A 61 -9.54 -13.56 -8.82
CA PRO A 61 -10.93 -13.99 -8.69
C PRO A 61 -11.76 -13.06 -7.79
N VAL A 62 -12.83 -12.54 -8.33
CA VAL A 62 -13.68 -11.65 -7.58
C VAL A 62 -14.83 -12.46 -6.99
N GLY A 63 -14.87 -12.56 -5.68
CA GLY A 63 -15.89 -13.35 -5.03
C GLY A 63 -15.44 -14.76 -4.83
N GLY A 64 -14.14 -14.96 -4.89
CA GLY A 64 -13.58 -16.29 -4.71
C GLY A 64 -13.15 -16.55 -3.29
N GLU A 65 -12.39 -17.59 -3.10
CA GLU A 65 -11.87 -17.94 -1.81
C GLU A 65 -10.39 -18.17 -1.95
N VAL A 66 -9.63 -17.55 -1.11
CA VAL A 66 -8.20 -17.69 -1.11
C VAL A 66 -7.76 -18.05 0.29
N SER A 67 -6.54 -18.43 0.45
CA SER A 67 -6.06 -18.82 1.75
C SER A 67 -4.60 -18.47 1.88
N PHE A 68 -4.14 -18.45 3.11
CA PHE A 68 -2.75 -18.25 3.41
C PHE A 68 -1.97 -19.50 3.15
N SER A 69 -0.71 -19.33 3.08
CA SER A 69 0.20 -20.38 2.89
C SER A 69 0.67 -20.89 4.23
N LYS A 70 0.76 -22.18 4.39
CA LYS A 70 1.30 -22.72 5.63
C LYS A 70 2.82 -22.83 5.55
N ASN A 71 3.45 -21.72 5.18
CA ASN A 71 4.90 -21.67 5.12
C ASN A 71 5.43 -21.55 6.52
N TYR A 72 4.72 -20.78 7.32
CA TYR A 72 4.99 -20.69 8.72
C TYR A 72 3.65 -20.87 9.45
N PRO A 73 3.30 -22.15 9.80
CA PRO A 73 2.03 -22.52 10.47
C PRO A 73 1.79 -21.76 11.78
N ASP A 74 2.86 -21.42 12.47
CA ASP A 74 2.77 -20.70 13.75
C ASP A 74 2.42 -19.20 13.56
N ASN A 75 2.40 -18.74 12.31
CA ASN A 75 2.06 -17.35 12.05
C ASN A 75 0.56 -17.17 12.32
N ARG A 76 0.18 -16.02 12.80
CA ARG A 76 -1.18 -15.79 13.30
C ARG A 76 -2.24 -15.55 12.21
N ASN A 77 -3.43 -15.19 12.68
CA ASN A 77 -4.60 -14.90 11.85
C ASN A 77 -4.53 -13.48 11.27
N LEU A 78 -5.64 -13.00 10.75
CA LEU A 78 -5.67 -11.70 10.09
C LEU A 78 -5.95 -10.58 11.08
N TYR A 79 -5.43 -9.41 10.76
CA TYR A 79 -5.59 -8.19 11.54
C TYR A 79 -6.39 -7.20 10.68
N ASP A 80 -6.38 -5.90 11.04
CA ASP A 80 -7.14 -4.86 10.25
C ASP A 80 -6.66 -4.82 8.82
N PHE A 81 -5.38 -4.85 8.69
CA PHE A 81 -4.72 -4.89 7.41
C PHE A 81 -3.86 -6.11 7.39
N GLN A 82 -3.64 -6.63 6.22
CA GLN A 82 -2.90 -7.82 6.06
C GLN A 82 -1.68 -7.65 5.16
N PRO A 83 -0.47 -7.81 5.74
CA PRO A 83 0.79 -7.73 5.03
C PRO A 83 1.21 -9.08 4.41
N ASN A 84 2.19 -9.05 3.54
CA ASN A 84 2.64 -10.24 2.84
C ASN A 84 4.01 -10.02 2.23
N ILE A 85 4.57 -11.08 1.63
CA ILE A 85 5.91 -11.01 1.02
C ILE A 85 5.76 -10.72 -0.50
N MET A 86 4.56 -10.43 -0.88
CA MET A 86 4.21 -10.11 -2.24
C MET A 86 3.98 -8.61 -2.30
N SER A 87 3.36 -8.13 -3.35
CA SER A 87 3.10 -6.72 -3.47
C SER A 87 1.60 -6.45 -3.60
N ASN A 88 0.81 -6.95 -2.67
CA ASN A 88 -0.64 -6.75 -2.72
C ASN A 88 -1.12 -6.43 -1.32
N LEU A 89 -2.25 -5.74 -1.17
CA LEU A 89 -2.69 -5.39 0.18
C LEU A 89 -4.04 -5.99 0.46
N LEU A 90 -4.24 -6.46 1.66
CA LEU A 90 -5.51 -7.01 2.07
C LEU A 90 -6.07 -6.16 3.20
N VAL A 91 -7.32 -5.76 3.07
CA VAL A 91 -7.95 -4.85 4.01
C VAL A 91 -9.28 -5.45 4.52
N SER A 92 -9.54 -5.28 5.81
CA SER A 92 -10.80 -5.74 6.41
C SER A 92 -11.96 -4.79 6.04
N GLY A 93 -13.17 -5.15 6.43
CA GLY A 93 -14.34 -4.34 6.11
C GLY A 93 -14.36 -3.07 6.94
N ARG A 94 -13.96 -3.20 8.18
CA ARG A 94 -13.93 -2.09 9.11
C ARG A 94 -12.81 -1.09 8.70
N ALA A 95 -11.68 -1.62 8.24
CA ALA A 95 -10.58 -0.80 7.79
C ALA A 95 -10.93 -0.17 6.45
N ARG A 96 -11.74 -0.89 5.66
CA ARG A 96 -12.24 -0.37 4.40
C ARG A 96 -13.09 0.87 4.65
N LYS A 97 -13.89 0.82 5.72
CA LYS A 97 -14.74 1.95 6.11
C LYS A 97 -13.95 3.22 6.29
N LEU A 98 -12.78 3.13 6.89
CA LEU A 98 -11.90 4.31 7.01
C LEU A 98 -11.52 4.87 5.63
N ILE A 99 -11.02 3.99 4.78
CA ILE A 99 -10.55 4.35 3.44
C ILE A 99 -11.70 4.92 2.54
N GLU A 100 -12.84 4.25 2.56
CA GLU A 100 -14.03 4.67 1.81
C GLU A 100 -14.57 6.02 2.29
N SER A 101 -14.54 6.26 3.59
CA SER A 101 -15.03 7.53 4.15
C SER A 101 -14.12 8.70 3.75
N LEU A 102 -12.88 8.40 3.42
CA LEU A 102 -11.94 9.39 2.94
C LEU A 102 -12.05 9.63 1.45
N GLY A 103 -12.85 8.79 0.78
CA GLY A 103 -13.10 8.97 -0.63
C GLY A 103 -11.89 8.72 -1.47
N VAL A 104 -11.20 7.65 -1.14
CA VAL A 104 -9.99 7.29 -1.85
C VAL A 104 -10.34 6.73 -3.22
N THR A 105 -10.12 7.54 -4.22
CA THR A 105 -10.36 7.17 -5.58
C THR A 105 -9.17 6.31 -6.06
N ASN A 106 -9.44 5.40 -7.01
CA ASN A 106 -8.45 4.48 -7.63
C ASN A 106 -8.15 3.28 -6.76
N ALA A 107 -8.79 3.18 -5.62
CA ALA A 107 -8.61 2.04 -4.78
C ALA A 107 -9.61 0.99 -5.19
N GLU A 108 -9.13 -0.10 -5.69
CA GLU A 108 -9.99 -1.16 -6.12
C GLU A 108 -10.04 -2.23 -5.03
N TRP A 109 -11.23 -2.72 -4.79
CA TRP A 109 -11.48 -3.66 -3.73
C TRP A 109 -11.94 -4.98 -4.35
N LEU A 110 -11.22 -6.03 -4.08
CA LEU A 110 -11.59 -7.35 -4.56
C LEU A 110 -11.96 -8.25 -3.38
N PRO A 111 -13.25 -8.40 -3.08
CA PRO A 111 -13.72 -9.17 -1.94
C PRO A 111 -13.71 -10.68 -2.16
N VAL A 112 -13.03 -11.37 -1.29
CA VAL A 112 -12.93 -12.81 -1.31
C VAL A 112 -13.02 -13.30 0.12
N ALA A 113 -13.09 -14.58 0.31
CA ALA A 113 -13.05 -15.13 1.64
C ALA A 113 -11.66 -15.65 1.85
N ILE A 114 -10.96 -15.08 2.79
CA ILE A 114 -9.61 -15.48 3.05
C ILE A 114 -9.55 -16.40 4.26
N LYS A 115 -8.89 -17.51 4.07
CA LYS A 115 -8.68 -18.47 5.12
C LYS A 115 -7.24 -18.32 5.58
N ASP A 116 -7.02 -18.41 6.87
CA ASP A 116 -5.70 -18.09 7.48
C ASP A 116 -4.70 -19.26 7.44
N HIS A 117 -3.69 -19.16 8.32
CA HIS A 117 -2.62 -20.16 8.43
C HIS A 117 -3.11 -21.51 8.98
N GLN A 118 -4.33 -21.56 9.55
CA GLN A 118 -4.87 -22.84 9.97
C GLN A 118 -5.86 -23.31 8.93
N GLY A 119 -6.32 -22.37 8.13
CA GLY A 119 -7.26 -22.66 7.09
C GLY A 119 -8.67 -22.35 7.51
N LYS A 120 -8.81 -21.51 8.51
CA LYS A 120 -10.13 -21.14 8.99
C LYS A 120 -10.53 -19.84 8.34
N VAL A 121 -11.82 -19.67 8.10
CA VAL A 121 -12.31 -18.49 7.45
C VAL A 121 -12.44 -17.36 8.45
N VAL A 122 -11.35 -16.69 8.69
CA VAL A 122 -11.32 -15.54 9.58
C VAL A 122 -11.08 -14.26 8.82
N GLY A 123 -11.18 -14.36 7.51
CA GLY A 123 -11.10 -13.20 6.67
C GLY A 123 -12.24 -13.12 5.64
N PRO A 124 -13.55 -13.23 6.01
CA PRO A 124 -14.64 -13.16 5.04
C PRO A 124 -15.08 -11.71 4.73
N ASP A 125 -14.64 -10.78 5.57
CA ASP A 125 -14.99 -9.36 5.47
C ASP A 125 -13.90 -8.60 4.75
N TYR A 126 -12.96 -9.32 4.24
CA TYR A 126 -11.77 -8.73 3.71
C TYR A 126 -11.78 -8.66 2.19
N ALA A 127 -11.15 -7.65 1.69
CA ALA A 127 -11.04 -7.40 0.29
C ALA A 127 -9.62 -6.96 -0.02
N PHE A 128 -9.10 -7.40 -1.13
CA PHE A 128 -7.76 -7.02 -1.55
C PHE A 128 -7.78 -5.67 -2.22
N LEU A 129 -6.89 -4.81 -1.79
CA LEU A 129 -6.83 -3.47 -2.28
C LEU A 129 -5.65 -3.32 -3.21
N ASN A 130 -5.96 -2.83 -4.39
CA ASN A 130 -5.01 -2.49 -5.42
C ASN A 130 -5.21 -1.04 -5.86
N LEU A 131 -4.11 -0.33 -6.11
CA LEU A 131 -4.19 1.08 -6.53
C LEU A 131 -4.08 1.17 -8.04
N LEU A 132 -4.84 2.06 -8.60
CA LEU A 132 -4.91 2.30 -10.02
C LEU A 132 -4.59 3.76 -10.29
N GLY A 133 -4.49 4.11 -11.56
CA GLY A 133 -4.36 5.50 -11.95
C GLY A 133 -2.97 6.05 -11.80
N ALA A 134 -2.02 5.17 -11.62
CA ALA A 134 -0.66 5.57 -11.48
C ALA A 134 0.06 5.43 -12.79
N GLU A 135 0.79 6.45 -13.14
CA GLU A 135 1.61 6.52 -14.33
C GLU A 135 3.02 6.82 -13.86
N ASP A 136 4.05 6.70 -14.74
CA ASP A 136 5.49 6.87 -14.32
C ASP A 136 5.70 8.11 -13.50
N ALA A 137 5.88 7.90 -12.22
CA ALA A 137 5.85 8.97 -11.31
C ALA A 137 7.11 9.17 -10.51
N ILE A 138 7.80 8.09 -10.14
CA ILE A 138 9.03 8.25 -9.36
C ILE A 138 10.06 8.98 -10.18
N ASP A 139 10.42 10.16 -9.72
CA ASP A 139 11.46 10.93 -10.34
C ASP A 139 12.75 10.20 -10.11
N MET A 140 13.31 9.70 -11.16
CA MET A 140 14.49 8.88 -11.05
C MET A 140 15.75 9.72 -11.33
N GLU A 141 15.59 11.03 -11.26
CA GLU A 141 16.69 11.94 -11.48
C GLU A 141 17.26 12.42 -10.14
N ARG A 142 16.37 12.87 -9.28
CA ARG A 142 16.74 13.43 -7.98
C ARG A 142 16.63 12.40 -6.87
N SER A 143 16.46 11.19 -7.26
CA SER A 143 16.44 10.11 -6.33
C SER A 143 17.75 9.34 -6.42
N GLU A 144 18.10 8.70 -5.37
CA GLU A 144 19.27 7.87 -5.31
C GLU A 144 18.88 6.57 -4.65
N TYR A 145 19.01 5.49 -5.39
CA TYR A 145 18.66 4.17 -4.90
C TYR A 145 19.21 3.08 -5.81
N GLU A 146 19.09 1.84 -5.37
CA GLU A 146 19.55 0.69 -6.11
C GLU A 146 18.39 -0.31 -6.22
N MET A 147 18.18 -0.83 -7.41
CA MET A 147 17.09 -1.76 -7.65
C MET A 147 17.55 -3.21 -7.72
N ASP A 148 17.18 -3.95 -6.68
CA ASP A 148 17.31 -5.41 -6.54
C ASP A 148 16.93 -5.81 -5.12
N SER A 149 15.66 -5.78 -4.84
CA SER A 149 15.16 -6.23 -3.57
C SER A 149 14.59 -7.63 -3.74
N LEU A 150 13.76 -7.78 -4.75
CA LEU A 150 13.14 -9.04 -5.08
C LEU A 150 13.36 -9.26 -6.57
N GLU A 151 12.72 -8.42 -7.37
CA GLU A 151 12.92 -8.44 -8.79
C GLU A 151 13.69 -7.19 -9.22
N LYS A 152 13.89 -7.01 -10.51
CA LYS A 152 14.77 -5.95 -11.04
C LYS A 152 14.26 -4.54 -10.79
N ASP A 153 12.97 -4.36 -10.75
CA ASP A 153 12.40 -3.02 -10.58
C ASP A 153 11.87 -2.86 -9.14
N GLN A 154 12.47 -3.62 -8.24
CA GLN A 154 12.20 -3.58 -6.80
C GLN A 154 13.35 -2.90 -6.10
N ILE A 155 13.07 -1.85 -5.36
CA ILE A 155 14.12 -1.03 -4.75
C ILE A 155 14.61 -1.64 -3.42
N GLY A 156 15.90 -1.87 -3.32
CA GLY A 156 16.46 -2.45 -2.12
C GLY A 156 17.15 -1.42 -1.26
N ASN A 157 18.23 -0.88 -1.77
CA ASN A 157 18.99 0.14 -1.06
C ASN A 157 18.53 1.50 -1.52
N ILE A 158 18.32 2.40 -0.59
CA ILE A 158 17.83 3.73 -0.92
C ILE A 158 18.71 4.75 -0.21
N ASP A 159 18.93 5.86 -0.83
CA ASP A 159 19.60 6.96 -0.19
C ASP A 159 18.59 8.05 0.02
N ALA A 160 17.91 8.37 -1.07
CA ALA A 160 16.95 9.42 -1.10
C ALA A 160 15.86 9.09 -2.09
N LEU A 161 14.66 8.98 -1.60
CA LEU A 161 13.51 8.71 -2.42
C LEU A 161 12.86 10.04 -2.81
N ALA A 162 12.77 10.28 -4.10
CA ALA A 162 12.16 11.49 -4.62
C ALA A 162 10.70 11.21 -4.88
N LEU A 163 9.86 12.11 -4.42
CA LEU A 163 8.42 11.98 -4.50
C LEU A 163 7.89 11.74 -5.92
N ASP A 164 6.95 10.83 -6.00
CA ASP A 164 6.29 10.43 -7.22
C ASP A 164 5.02 11.24 -7.40
N THR A 165 4.78 12.12 -6.45
CA THR A 165 3.68 13.08 -6.47
C THR A 165 3.93 14.12 -7.57
N SER A 166 5.09 14.04 -8.17
CA SER A 166 5.47 14.80 -9.30
C SER A 166 4.57 14.44 -10.50
N ALA A 167 4.23 13.14 -10.68
CA ALA A 167 3.38 12.75 -11.81
C ALA A 167 2.00 12.30 -11.36
N ILE A 168 1.90 11.71 -10.18
CA ILE A 168 0.60 11.33 -9.66
C ILE A 168 0.08 12.53 -8.87
N ARG A 169 -1.22 12.69 -8.83
CA ARG A 169 -1.85 13.77 -8.09
C ARG A 169 -1.45 13.75 -6.60
N PRO A 170 -0.86 14.86 -6.09
CA PRO A 170 -0.40 14.97 -4.67
C PRO A 170 -1.58 15.13 -3.70
N ASP A 171 -2.76 15.24 -4.25
CA ASP A 171 -3.97 15.38 -3.49
C ASP A 171 -4.66 14.04 -3.34
N ALA A 172 -4.14 13.03 -4.04
CA ALA A 172 -4.68 11.70 -3.94
C ALA A 172 -4.36 11.18 -2.56
N LYS A 173 -5.35 10.60 -1.92
CA LYS A 173 -5.21 10.16 -0.56
C LYS A 173 -4.35 8.88 -0.45
N MET A 174 -4.53 7.97 -1.36
CA MET A 174 -3.77 6.74 -1.33
C MET A 174 -3.44 6.35 -2.75
N PHE A 175 -2.18 6.19 -3.01
CA PHE A 175 -1.69 5.88 -4.33
C PHE A 175 -0.48 4.98 -4.22
N ARG A 176 0.12 4.63 -5.33
CA ARG A 176 1.22 3.71 -5.33
C ARG A 176 2.18 4.08 -6.44
N CYS A 177 3.45 3.93 -6.17
CA CYS A 177 4.50 4.23 -7.11
C CYS A 177 4.54 3.20 -8.25
N THR A 178 4.89 3.66 -9.42
CA THR A 178 4.99 2.81 -10.58
C THR A 178 6.31 2.04 -10.70
N LYS A 179 7.33 2.49 -9.99
CA LYS A 179 8.67 1.88 -10.14
C LYS A 179 9.02 1.08 -8.91
N GLU A 180 7.98 0.72 -8.16
CA GLU A 180 8.08 -0.05 -6.93
C GLU A 180 6.66 -0.38 -6.51
N ARG A 181 6.37 -1.66 -6.49
CA ARG A 181 5.02 -2.14 -6.26
C ARG A 181 4.64 -2.37 -4.80
N ARG A 182 5.61 -2.34 -3.90
CA ARG A 182 5.34 -2.49 -2.47
C ARG A 182 5.10 -1.13 -1.85
N LEU A 183 5.67 -0.12 -2.47
CA LEU A 183 5.62 1.22 -1.95
C LEU A 183 4.25 1.81 -2.27
N ILE A 184 3.42 1.80 -1.27
CA ILE A 184 2.13 2.38 -1.33
C ILE A 184 2.17 3.64 -0.48
N LEU A 185 1.89 4.75 -1.09
CA LEU A 185 1.89 5.98 -0.37
C LEU A 185 0.54 6.32 0.15
N ILE A 186 0.49 6.54 1.41
CA ILE A 186 -0.68 6.98 2.04
C ILE A 186 -0.42 8.40 2.47
N ARG A 187 -1.39 9.20 2.30
CA ARG A 187 -1.29 10.57 2.64
C ARG A 187 -1.53 10.71 4.14
N GLU A 188 -1.13 11.86 4.69
CA GLU A 188 -1.34 12.21 6.11
C GLU A 188 -2.76 11.88 6.60
N ASP A 189 -3.74 12.22 5.76
CA ASP A 189 -5.17 12.05 6.01
C ASP A 189 -5.48 10.59 6.32
N VAL A 190 -4.91 9.71 5.53
CA VAL A 190 -5.20 8.30 5.57
C VAL A 190 -4.75 7.65 6.86
N HIS A 191 -3.53 7.92 7.30
CA HIS A 191 -3.09 7.30 8.55
C HIS A 191 -3.75 7.98 9.73
N ALA A 192 -4.07 9.28 9.60
CA ALA A 192 -4.74 10.04 10.67
C ALA A 192 -6.11 9.43 10.97
N ALA A 193 -6.76 8.93 9.92
CA ALA A 193 -8.01 8.24 10.03
C ALA A 193 -7.82 6.91 10.77
N PHE A 194 -6.71 6.26 10.52
CA PHE A 194 -6.41 4.98 11.16
C PHE A 194 -6.06 5.17 12.64
N GLU A 195 -5.40 6.29 12.96
CA GLU A 195 -5.00 6.61 14.34
C GLU A 195 -6.25 6.77 15.21
N GLN A 196 -7.22 7.53 14.70
CA GLN A 196 -8.47 7.82 15.43
C GLN A 196 -9.41 6.61 15.44
N ALA A 197 -9.15 5.66 14.57
CA ALA A 197 -9.91 4.44 14.52
C ALA A 197 -9.38 3.46 15.55
N GLY A 198 -8.10 3.59 15.86
CA GLY A 198 -7.47 2.72 16.80
C GLY A 198 -7.27 1.34 16.22
N LEU A 199 -6.74 1.29 15.01
CA LEU A 199 -6.49 0.00 14.38
C LEU A 199 -5.22 -0.61 14.97
N THR A 200 -5.02 -1.90 14.74
CA THR A 200 -3.94 -2.70 15.36
C THR A 200 -2.51 -2.07 15.36
N GLY A 201 -1.82 -2.09 14.24
CA GLY A 201 -0.47 -1.55 14.25
C GLY A 201 0.15 -1.48 12.88
N PHE A 202 0.70 -0.34 12.56
CA PHE A 202 1.24 -0.09 11.23
C PHE A 202 2.65 0.44 11.33
N LYS A 203 3.38 0.31 10.27
CA LYS A 203 4.70 0.84 10.21
C LYS A 203 4.72 1.81 9.06
N VAL A 204 5.05 3.02 9.34
CA VAL A 204 5.04 4.04 8.33
C VAL A 204 6.43 4.60 8.11
N TYR A 205 6.83 4.67 6.86
CA TYR A 205 8.14 5.17 6.52
C TYR A 205 7.98 6.54 5.89
N GLU A 206 8.85 7.45 6.25
CA GLU A 206 8.83 8.80 5.72
C GLU A 206 9.23 8.75 4.25
N ALA A 207 8.32 9.12 3.38
CA ALA A 207 8.50 8.98 1.96
C ALA A 207 9.43 10.02 1.39
N GLU A 208 9.22 11.26 1.82
CA GLU A 208 10.02 12.40 1.38
C GLU A 208 11.46 12.20 1.85
N GLY A 209 12.30 11.67 0.98
CA GLY A 209 13.68 11.45 1.35
C GLY A 209 13.85 10.21 2.18
N TRP A 210 13.05 9.16 1.87
CA TRP A 210 13.09 7.84 2.55
C TRP A 210 14.54 7.35 2.69
N ASP A 211 15.04 7.40 3.92
CA ASP A 211 16.45 7.16 4.23
C ASP A 211 16.83 5.70 4.34
N GLY A 212 16.87 5.02 3.23
CA GLY A 212 17.47 3.69 3.16
C GLY A 212 16.78 2.56 3.91
N LEU A 213 15.56 2.74 4.30
CA LEU A 213 14.89 1.69 5.00
C LEU A 213 14.16 0.80 4.02
N GLU A 214 14.10 -0.46 4.35
CA GLU A 214 13.41 -1.41 3.52
C GLU A 214 11.98 -1.53 3.98
N LEU A 215 11.06 -1.52 3.02
CA LEU A 215 9.64 -1.75 3.24
C LEU A 215 9.47 -3.01 4.09
N MET A 1 -39.51 43.82 -4.62
CA MET A 1 -38.74 44.35 -5.73
C MET A 1 -37.45 43.55 -5.88
N GLY A 2 -36.69 43.51 -4.81
CA GLY A 2 -35.45 42.76 -4.78
C GLY A 2 -34.71 43.15 -3.55
N SER A 3 -35.42 43.20 -2.46
CA SER A 3 -34.92 43.74 -1.22
C SER A 3 -34.56 42.62 -0.24
N SER A 4 -34.47 41.41 -0.71
CA SER A 4 -34.19 40.31 0.18
C SER A 4 -32.72 39.92 0.12
N HIS A 5 -31.92 40.56 0.97
CA HIS A 5 -30.48 40.27 1.05
C HIS A 5 -30.19 39.51 2.34
N HIS A 6 -31.07 39.69 3.31
CA HIS A 6 -30.97 39.03 4.60
C HIS A 6 -31.41 37.58 4.45
N HIS A 7 -32.26 37.33 3.46
CA HIS A 7 -32.65 35.99 3.10
C HIS A 7 -31.56 35.40 2.23
N HIS A 8 -30.58 34.88 2.92
CA HIS A 8 -29.36 34.30 2.38
C HIS A 8 -28.62 33.80 3.60
N HIS A 9 -28.52 34.72 4.59
CA HIS A 9 -27.99 34.49 5.96
C HIS A 9 -26.50 34.18 5.99
N HIS A 10 -26.09 33.13 5.31
CA HIS A 10 -24.71 32.71 5.27
C HIS A 10 -23.92 33.61 4.33
N SER A 11 -23.51 34.73 4.85
CA SER A 11 -22.68 35.66 4.14
C SER A 11 -21.50 35.92 5.04
N SER A 12 -20.43 35.20 4.82
CA SER A 12 -19.30 35.22 5.71
C SER A 12 -18.05 34.72 4.97
N GLY A 13 -18.23 33.77 4.09
CA GLY A 13 -17.14 33.21 3.35
C GLY A 13 -17.23 31.72 3.35
N LEU A 14 -16.22 31.08 3.94
CA LEU A 14 -16.14 29.62 4.09
C LEU A 14 -16.12 28.91 2.73
N VAL A 15 -14.95 28.85 2.15
CA VAL A 15 -14.75 28.18 0.87
C VAL A 15 -13.91 26.93 1.11
N PRO A 16 -14.53 25.72 1.05
CA PRO A 16 -13.84 24.46 1.35
C PRO A 16 -12.72 24.13 0.36
N ARG A 17 -11.50 24.49 0.75
CA ARG A 17 -10.28 24.25 0.01
C ARG A 17 -9.11 24.82 0.80
N GLY A 18 -8.62 24.05 1.72
CA GLY A 18 -7.54 24.50 2.56
C GLY A 18 -6.20 24.15 1.99
N SER A 19 -5.25 25.04 2.12
CA SER A 19 -3.92 24.80 1.67
C SER A 19 -3.19 24.01 2.75
N HIS A 20 -3.17 22.72 2.58
CA HIS A 20 -2.63 21.84 3.57
C HIS A 20 -1.44 21.13 2.98
N MET A 21 -0.34 21.14 3.71
CA MET A 21 0.83 20.40 3.31
C MET A 21 0.52 18.94 3.47
N VAL A 22 0.56 18.24 2.40
CA VAL A 22 0.32 16.83 2.43
C VAL A 22 1.65 16.13 2.36
N LYS A 23 2.04 15.52 3.45
CA LYS A 23 3.26 14.77 3.47
C LYS A 23 2.94 13.30 3.16
N TYR A 24 3.91 12.62 2.64
CA TYR A 24 3.70 11.26 2.14
C TYR A 24 4.37 10.24 3.03
N PHE A 25 3.65 9.19 3.31
CA PHE A 25 4.12 8.13 4.14
C PHE A 25 4.10 6.81 3.44
N VAL A 26 5.10 6.03 3.74
CA VAL A 26 5.22 4.66 3.31
C VAL A 26 4.25 3.86 4.15
N PHE A 27 3.34 3.18 3.51
CA PHE A 27 2.37 2.42 4.22
C PHE A 27 2.78 0.96 4.27
N LYS A 28 3.05 0.50 5.44
CA LYS A 28 3.34 -0.86 5.70
C LYS A 28 2.57 -1.22 6.93
N VAL A 29 2.19 -2.44 7.03
CA VAL A 29 1.47 -2.90 8.19
C VAL A 29 2.45 -3.62 9.06
N MET A 30 2.38 -3.40 10.35
CA MET A 30 3.32 -4.01 11.26
C MET A 30 2.79 -5.38 11.63
N ALA A 31 3.09 -6.32 10.80
CA ALA A 31 2.68 -7.69 10.94
C ALA A 31 3.64 -8.55 10.15
N GLU A 32 4.39 -9.36 10.84
CA GLU A 32 5.33 -10.24 10.18
C GLU A 32 4.90 -11.68 10.37
N GLU A 33 4.95 -12.14 11.60
CA GLU A 33 4.47 -13.47 11.94
C GLU A 33 2.97 -13.41 12.20
N ALA A 34 2.46 -12.19 12.08
CA ALA A 34 1.07 -11.85 12.22
C ALA A 34 0.38 -11.81 10.86
N GLY A 35 0.92 -12.56 9.91
CA GLY A 35 0.20 -12.75 8.69
C GLY A 35 0.81 -12.28 7.37
N TYR A 36 2.12 -12.43 7.14
CA TYR A 36 2.64 -12.15 5.78
C TYR A 36 2.20 -13.18 4.77
N ILE A 37 1.66 -12.71 3.67
CA ILE A 37 1.38 -13.58 2.57
C ILE A 37 2.70 -13.67 1.79
N GLU A 38 3.41 -14.76 1.98
CA GLU A 38 4.70 -15.00 1.33
C GLU A 38 4.48 -15.22 -0.16
N LYS A 39 3.69 -16.23 -0.44
CA LYS A 39 3.38 -16.66 -1.78
C LYS A 39 1.96 -16.33 -2.12
N LEU A 40 1.68 -16.34 -3.38
CA LEU A 40 0.43 -15.88 -3.95
C LEU A 40 -0.77 -16.79 -3.65
N PRO A 41 -1.95 -16.19 -3.35
CA PRO A 41 -3.21 -16.91 -3.22
C PRO A 41 -3.77 -17.35 -4.59
N ASN A 42 -4.74 -18.23 -4.55
CA ASN A 42 -5.41 -18.78 -5.74
C ASN A 42 -5.95 -17.68 -6.68
N GLY A 43 -5.50 -17.70 -7.93
CA GLY A 43 -6.03 -16.80 -8.94
C GLY A 43 -5.31 -15.46 -9.02
N SER A 44 -4.24 -15.31 -8.32
CA SER A 44 -3.52 -14.04 -8.25
C SER A 44 -2.50 -13.83 -9.42
N PRO A 45 -2.38 -12.57 -9.92
CA PRO A 45 -1.35 -12.17 -10.91
C PRO A 45 0.02 -12.02 -10.25
N THR A 46 1.08 -11.95 -11.05
CA THR A 46 2.47 -11.88 -10.55
C THR A 46 2.74 -10.76 -9.51
N ASP A 47 3.69 -11.06 -8.61
CA ASP A 47 4.09 -10.26 -7.41
C ASP A 47 4.18 -8.78 -7.64
N TRP A 48 4.92 -8.40 -8.63
CA TRP A 48 5.16 -7.00 -8.91
C TRP A 48 4.06 -6.39 -9.77
N LYS A 49 3.47 -7.22 -10.59
CA LYS A 49 2.55 -6.75 -11.58
C LYS A 49 1.17 -6.51 -11.02
N PHE A 50 0.90 -6.99 -9.77
CA PHE A 50 -0.42 -6.80 -9.10
C PHE A 50 -0.94 -5.37 -9.26
N HIS A 51 -0.12 -4.39 -8.96
CA HIS A 51 -0.55 -3.02 -9.15
C HIS A 51 0.41 -2.21 -9.93
N GLU A 52 1.10 -2.83 -10.85
CA GLU A 52 2.02 -2.10 -11.65
C GLU A 52 1.24 -1.68 -12.90
N GLY A 53 0.82 -0.42 -12.89
CA GLY A 53 0.12 0.16 -14.01
C GLY A 53 -1.37 -0.25 -14.17
N ILE A 54 -1.87 -1.24 -13.41
CA ILE A 54 -3.26 -1.74 -13.62
C ILE A 54 -4.10 -2.05 -12.36
N SER A 55 -5.37 -2.31 -12.62
CA SER A 55 -6.35 -2.78 -11.68
C SER A 55 -6.46 -4.30 -11.87
N LEU A 56 -6.93 -5.00 -10.87
CA LEU A 56 -6.98 -6.44 -10.95
C LEU A 56 -8.38 -6.97 -10.98
N ALA A 57 -9.34 -6.11 -11.25
CA ALA A 57 -10.74 -6.53 -11.35
C ALA A 57 -10.93 -7.54 -12.48
N LYS A 58 -10.05 -7.49 -13.47
CA LYS A 58 -10.07 -8.39 -14.60
C LYS A 58 -9.27 -9.69 -14.33
N ASP A 59 -8.33 -9.66 -13.38
CA ASP A 59 -7.41 -10.80 -13.22
C ASP A 59 -7.67 -11.60 -11.96
N PHE A 60 -8.29 -11.01 -10.99
CA PHE A 60 -8.45 -11.65 -9.71
C PHE A 60 -9.92 -12.08 -9.51
N PRO A 61 -10.16 -13.28 -8.94
CA PRO A 61 -11.53 -13.79 -8.69
C PRO A 61 -12.32 -12.92 -7.71
N VAL A 62 -13.47 -12.45 -8.12
CA VAL A 62 -14.30 -11.59 -7.29
C VAL A 62 -15.42 -12.43 -6.69
N GLY A 63 -15.43 -12.55 -5.37
CA GLY A 63 -16.42 -13.36 -4.71
C GLY A 63 -15.96 -14.79 -4.58
N GLY A 64 -14.69 -15.00 -4.81
CA GLY A 64 -14.15 -16.33 -4.75
C GLY A 64 -13.58 -16.64 -3.41
N GLU A 65 -12.84 -17.70 -3.33
CA GLU A 65 -12.20 -18.09 -2.13
C GLU A 65 -10.73 -18.21 -2.42
N VAL A 66 -9.93 -17.58 -1.62
CA VAL A 66 -8.51 -17.65 -1.78
C VAL A 66 -7.92 -18.05 -0.44
N SER A 67 -6.66 -18.29 -0.41
CA SER A 67 -6.05 -18.71 0.80
C SER A 67 -4.61 -18.34 0.78
N PHE A 68 -4.10 -18.08 1.95
CA PHE A 68 -2.70 -17.96 2.13
C PHE A 68 -2.24 -19.39 2.13
N SER A 69 -1.26 -19.72 1.35
CA SER A 69 -0.79 -21.06 1.36
C SER A 69 0.03 -21.30 2.65
N LYS A 70 0.36 -22.55 2.94
CA LYS A 70 1.20 -22.88 4.10
C LYS A 70 2.69 -22.66 3.74
N ASN A 71 2.90 -21.50 3.15
CA ASN A 71 4.15 -21.00 2.67
C ASN A 71 5.06 -20.63 3.83
N TYR A 72 4.47 -20.16 4.89
CA TYR A 72 5.18 -19.90 6.09
C TYR A 72 4.44 -20.69 7.16
N PRO A 73 5.05 -21.76 7.68
CA PRO A 73 4.40 -22.65 8.63
C PRO A 73 4.02 -21.98 9.94
N ASP A 74 2.73 -22.08 10.26
CA ASP A 74 2.12 -21.60 11.52
C ASP A 74 2.11 -20.10 11.65
N ASN A 75 2.32 -19.41 10.55
CA ASN A 75 2.26 -17.95 10.52
C ASN A 75 0.80 -17.56 10.78
N ARG A 76 0.62 -16.60 11.64
CA ARG A 76 -0.67 -16.33 12.26
C ARG A 76 -1.75 -15.71 11.38
N ASN A 77 -2.86 -15.41 12.05
CA ASN A 77 -4.09 -14.88 11.50
C ASN A 77 -4.00 -13.39 11.17
N LEU A 78 -5.11 -12.84 10.74
CA LEU A 78 -5.16 -11.53 10.12
C LEU A 78 -5.59 -10.40 11.09
N TYR A 79 -5.11 -9.20 10.79
CA TYR A 79 -5.37 -7.95 11.53
C TYR A 79 -6.24 -7.02 10.66
N ASP A 80 -6.32 -5.71 10.98
CA ASP A 80 -7.19 -4.76 10.19
C ASP A 80 -6.74 -4.71 8.75
N PHE A 81 -5.47 -4.60 8.60
CA PHE A 81 -4.82 -4.57 7.32
C PHE A 81 -3.86 -5.70 7.27
N GLN A 82 -3.69 -6.29 6.13
CA GLN A 82 -2.82 -7.40 6.03
C GLN A 82 -1.77 -7.16 4.96
N PRO A 83 -0.47 -7.20 5.36
CA PRO A 83 0.63 -7.03 4.45
C PRO A 83 1.05 -8.34 3.77
N ASN A 84 1.84 -8.21 2.76
CA ASN A 84 2.32 -9.33 1.99
C ASN A 84 3.59 -8.94 1.29
N ILE A 85 4.27 -9.92 0.71
CA ILE A 85 5.53 -9.66 0.01
C ILE A 85 5.21 -9.37 -1.48
N MET A 86 3.94 -9.40 -1.78
CA MET A 86 3.41 -9.13 -3.09
C MET A 86 3.03 -7.64 -3.12
N SER A 87 1.99 -7.25 -3.86
CA SER A 87 1.62 -5.87 -3.88
C SER A 87 0.11 -5.64 -3.99
N ASN A 88 -0.65 -6.57 -3.51
CA ASN A 88 -2.10 -6.42 -3.52
C ASN A 88 -2.50 -6.36 -2.08
N LEU A 89 -3.09 -5.26 -1.67
CA LEU A 89 -3.28 -5.06 -0.23
C LEU A 89 -4.56 -5.73 0.23
N LEU A 90 -4.52 -6.31 1.39
CA LEU A 90 -5.67 -6.96 1.90
C LEU A 90 -6.24 -6.14 3.06
N VAL A 91 -7.49 -5.77 2.94
CA VAL A 91 -8.13 -4.87 3.90
C VAL A 91 -9.46 -5.47 4.39
N SER A 92 -9.73 -5.33 5.67
CA SER A 92 -10.96 -5.84 6.28
C SER A 92 -12.14 -4.89 6.00
N GLY A 93 -13.35 -5.26 6.41
CA GLY A 93 -14.53 -4.44 6.21
C GLY A 93 -14.49 -3.20 7.08
N ARG A 94 -13.98 -3.39 8.29
CA ARG A 94 -13.77 -2.31 9.25
C ARG A 94 -12.77 -1.28 8.71
N ALA A 95 -11.66 -1.76 8.19
CA ALA A 95 -10.65 -0.87 7.66
C ALA A 95 -11.12 -0.22 6.35
N ARG A 96 -11.96 -0.94 5.58
CA ARG A 96 -12.57 -0.41 4.36
C ARG A 96 -13.41 0.81 4.68
N LYS A 97 -14.16 0.72 5.77
CA LYS A 97 -15.05 1.77 6.22
C LYS A 97 -14.27 3.07 6.42
N LEU A 98 -13.11 2.98 7.08
CA LEU A 98 -12.23 4.14 7.29
C LEU A 98 -11.80 4.77 5.98
N ILE A 99 -11.26 3.96 5.10
CA ILE A 99 -10.76 4.39 3.79
C ILE A 99 -11.87 5.07 2.95
N GLU A 100 -13.05 4.46 2.92
CA GLU A 100 -14.17 5.04 2.19
C GLU A 100 -14.74 6.29 2.87
N SER A 101 -14.59 6.40 4.20
CA SER A 101 -15.07 7.58 4.92
C SER A 101 -14.22 8.81 4.60
N LEU A 102 -12.98 8.58 4.22
CA LEU A 102 -12.09 9.64 3.77
C LEU A 102 -12.34 9.93 2.31
N GLY A 103 -12.92 8.96 1.62
CA GLY A 103 -13.20 9.11 0.23
C GLY A 103 -11.96 8.90 -0.60
N VAL A 104 -11.24 7.84 -0.32
CA VAL A 104 -10.05 7.53 -1.08
C VAL A 104 -10.43 7.05 -2.48
N THR A 105 -10.13 7.88 -3.45
CA THR A 105 -10.39 7.63 -4.82
C THR A 105 -9.37 6.61 -5.37
N ASN A 106 -9.82 5.78 -6.32
CA ASN A 106 -9.02 4.75 -7.02
C ASN A 106 -8.83 3.50 -6.21
N ALA A 107 -9.58 3.37 -5.14
CA ALA A 107 -9.52 2.18 -4.34
C ALA A 107 -10.67 1.25 -4.75
N GLU A 108 -10.33 0.11 -5.30
CA GLU A 108 -11.33 -0.88 -5.68
C GLU A 108 -11.17 -2.08 -4.76
N TRP A 109 -12.27 -2.67 -4.37
CA TRP A 109 -12.28 -3.72 -3.38
C TRP A 109 -12.76 -5.02 -3.99
N LEU A 110 -11.93 -6.03 -4.00
CA LEU A 110 -12.34 -7.32 -4.49
C LEU A 110 -12.48 -8.29 -3.32
N PRO A 111 -13.72 -8.53 -2.86
CA PRO A 111 -13.97 -9.39 -1.72
C PRO A 111 -13.88 -10.87 -2.05
N VAL A 112 -13.30 -11.60 -1.13
CA VAL A 112 -13.11 -13.03 -1.21
C VAL A 112 -13.17 -13.62 0.18
N ALA A 113 -13.37 -14.90 0.27
CA ALA A 113 -13.32 -15.59 1.53
C ALA A 113 -11.94 -16.22 1.63
N ILE A 114 -11.22 -15.90 2.68
CA ILE A 114 -9.83 -16.27 2.74
C ILE A 114 -9.51 -17.17 3.93
N LYS A 115 -8.73 -18.21 3.65
CA LYS A 115 -8.15 -19.05 4.68
C LYS A 115 -6.72 -18.55 4.91
N ASP A 116 -6.21 -18.72 6.09
CA ASP A 116 -4.85 -18.25 6.38
C ASP A 116 -3.84 -19.40 6.12
N HIS A 117 -2.62 -19.25 6.65
CA HIS A 117 -1.53 -20.24 6.49
C HIS A 117 -1.90 -21.53 7.18
N GLN A 118 -2.56 -21.41 8.31
CA GLN A 118 -2.94 -22.53 9.13
C GLN A 118 -4.19 -23.19 8.55
N GLY A 119 -4.90 -22.45 7.73
CA GLY A 119 -6.02 -22.98 7.00
C GLY A 119 -7.35 -22.63 7.59
N LYS A 120 -7.37 -21.67 8.48
CA LYS A 120 -8.61 -21.27 9.12
C LYS A 120 -9.19 -20.05 8.40
N VAL A 121 -10.50 -19.96 8.33
CA VAL A 121 -11.14 -18.84 7.66
C VAL A 121 -11.18 -17.64 8.59
N VAL A 122 -10.14 -16.85 8.52
CA VAL A 122 -10.02 -15.64 9.30
C VAL A 122 -10.02 -14.42 8.40
N GLY A 123 -10.39 -14.63 7.16
CA GLY A 123 -10.50 -13.53 6.24
C GLY A 123 -11.76 -13.53 5.38
N PRO A 124 -13.01 -13.75 5.92
CA PRO A 124 -14.22 -13.70 5.07
C PRO A 124 -14.74 -12.25 4.89
N ASP A 125 -14.21 -11.39 5.72
CA ASP A 125 -14.58 -9.98 5.84
C ASP A 125 -13.62 -9.11 5.02
N TYR A 126 -12.63 -9.75 4.46
CA TYR A 126 -11.55 -9.06 3.82
C TYR A 126 -11.71 -8.98 2.31
N ALA A 127 -11.19 -7.92 1.76
CA ALA A 127 -11.20 -7.68 0.36
C ALA A 127 -9.86 -7.13 -0.04
N PHE A 128 -9.44 -7.43 -1.22
CA PHE A 128 -8.19 -6.93 -1.72
C PHE A 128 -8.39 -5.56 -2.32
N LEU A 129 -7.56 -4.64 -1.89
CA LEU A 129 -7.63 -3.26 -2.29
C LEU A 129 -6.70 -3.06 -3.48
N ASN A 130 -7.30 -2.53 -4.51
CA ASN A 130 -6.65 -2.19 -5.76
C ASN A 130 -6.39 -0.73 -5.80
N LEU A 131 -5.19 -0.36 -6.16
CA LEU A 131 -4.89 1.03 -6.37
C LEU A 131 -4.87 1.31 -7.85
N LEU A 132 -5.80 2.11 -8.29
CA LEU A 132 -5.92 2.50 -9.66
C LEU A 132 -5.27 3.84 -9.84
N GLY A 133 -5.15 4.27 -11.08
CA GLY A 133 -4.50 5.53 -11.37
C GLY A 133 -3.00 5.39 -11.28
N ALA A 134 -2.54 4.17 -11.31
CA ALA A 134 -1.15 3.87 -11.22
C ALA A 134 -0.56 3.87 -12.61
N GLU A 135 0.54 4.53 -12.74
CA GLU A 135 1.26 4.62 -13.96
C GLU A 135 2.72 4.69 -13.59
N ASP A 136 3.61 4.56 -14.55
CA ASP A 136 5.04 4.49 -14.26
C ASP A 136 5.51 5.81 -13.74
N ALA A 137 5.87 5.85 -12.48
CA ALA A 137 6.02 7.12 -11.84
C ALA A 137 7.26 7.33 -11.00
N ILE A 138 7.96 6.26 -10.60
CA ILE A 138 9.09 6.42 -9.69
C ILE A 138 10.20 7.25 -10.32
N ASP A 139 10.54 8.32 -9.66
CA ASP A 139 11.57 9.21 -10.11
C ASP A 139 12.91 8.51 -10.00
N MET A 140 13.66 8.51 -11.06
CA MET A 140 14.99 7.92 -11.05
C MET A 140 16.04 8.97 -11.39
N GLU A 141 15.64 10.23 -11.42
CA GLU A 141 16.56 11.28 -11.83
C GLU A 141 17.15 12.02 -10.63
N ARG A 142 16.34 12.25 -9.61
CA ARG A 142 16.78 12.97 -8.42
C ARG A 142 16.79 12.08 -7.19
N SER A 143 16.48 10.84 -7.36
CA SER A 143 16.44 9.91 -6.27
C SER A 143 17.79 9.23 -6.08
N GLU A 144 18.02 8.76 -4.87
CA GLU A 144 19.22 8.06 -4.54
C GLU A 144 18.85 6.68 -4.01
N TYR A 145 19.05 5.65 -4.80
CA TYR A 145 18.77 4.29 -4.38
C TYR A 145 19.42 3.27 -5.29
N GLU A 146 19.51 2.06 -4.79
CA GLU A 146 20.03 0.94 -5.53
C GLU A 146 18.98 -0.13 -5.60
N MET A 147 18.67 -0.54 -6.78
CA MET A 147 17.64 -1.53 -7.01
C MET A 147 18.26 -2.91 -6.98
N ASP A 148 17.45 -3.91 -6.62
CA ASP A 148 17.83 -5.32 -6.46
C ASP A 148 18.33 -5.66 -5.07
N SER A 149 17.39 -5.88 -4.19
CA SER A 149 17.67 -6.40 -2.88
C SER A 149 17.37 -7.89 -2.87
N LEU A 150 16.15 -8.21 -3.24
CA LEU A 150 15.73 -9.58 -3.42
C LEU A 150 15.77 -9.86 -4.91
N GLU A 151 15.24 -8.91 -5.66
CA GLU A 151 15.19 -8.92 -7.09
C GLU A 151 15.10 -7.46 -7.52
N LYS A 152 15.11 -7.15 -8.79
CA LYS A 152 15.22 -5.75 -9.23
C LYS A 152 13.95 -4.90 -8.96
N ASP A 153 12.80 -5.56 -8.80
CA ASP A 153 11.55 -4.82 -8.46
C ASP A 153 11.42 -4.65 -6.95
N GLN A 154 12.53 -4.92 -6.28
CA GLN A 154 12.69 -4.75 -4.86
C GLN A 154 13.93 -3.89 -4.66
N ILE A 155 13.75 -2.73 -4.13
CA ILE A 155 14.85 -1.81 -3.89
C ILE A 155 15.52 -2.16 -2.55
N GLY A 156 16.82 -1.96 -2.45
CA GLY A 156 17.51 -2.28 -1.21
C GLY A 156 17.97 -1.04 -0.51
N ASN A 157 19.06 -0.50 -0.99
CA ASN A 157 19.64 0.71 -0.45
C ASN A 157 18.86 1.89 -0.94
N ILE A 158 18.36 2.66 -0.05
CA ILE A 158 17.62 3.85 -0.39
C ILE A 158 18.21 4.99 0.41
N ASP A 159 18.94 5.84 -0.26
CA ASP A 159 19.56 6.98 0.41
C ASP A 159 18.58 8.13 0.45
N ALA A 160 17.78 8.23 -0.60
CA ALA A 160 16.78 9.26 -0.73
C ALA A 160 15.71 8.84 -1.71
N LEU A 161 14.53 8.58 -1.20
CA LEU A 161 13.40 8.24 -2.05
C LEU A 161 12.77 9.53 -2.56
N ALA A 162 12.68 9.66 -3.87
CA ALA A 162 12.06 10.80 -4.50
C ALA A 162 10.65 10.43 -4.89
N LEU A 163 9.77 11.38 -4.84
CA LEU A 163 8.36 11.16 -5.03
C LEU A 163 8.00 10.76 -6.45
N ASP A 164 7.09 9.82 -6.54
CA ASP A 164 6.57 9.31 -7.79
C ASP A 164 5.31 10.05 -8.17
N THR A 165 4.97 11.04 -7.36
CA THR A 165 3.88 11.95 -7.60
C THR A 165 4.13 12.83 -8.83
N SER A 166 5.30 12.69 -9.42
CA SER A 166 5.65 13.30 -10.64
C SER A 166 4.75 12.77 -11.78
N ALA A 167 4.45 11.45 -11.79
CA ALA A 167 3.56 10.94 -12.84
C ALA A 167 2.19 10.57 -12.27
N ILE A 168 2.15 10.12 -11.03
CA ILE A 168 0.88 9.83 -10.36
C ILE A 168 0.41 11.14 -9.73
N ARG A 169 -0.89 11.32 -9.61
CA ARG A 169 -1.47 12.52 -9.00
C ARG A 169 -0.87 12.81 -7.61
N PRO A 170 -0.38 14.05 -7.39
CA PRO A 170 0.20 14.43 -6.08
C PRO A 170 -0.89 14.63 -5.03
N ASP A 171 -2.11 14.70 -5.50
CA ASP A 171 -3.26 14.87 -4.66
C ASP A 171 -3.89 13.50 -4.40
N ALA A 172 -3.21 12.43 -4.84
CA ALA A 172 -3.67 11.08 -4.62
C ALA A 172 -3.69 10.78 -3.15
N LYS A 173 -4.57 9.91 -2.77
CA LYS A 173 -4.78 9.67 -1.38
C LYS A 173 -4.12 8.38 -0.95
N MET A 174 -4.03 7.43 -1.86
CA MET A 174 -3.38 6.17 -1.62
C MET A 174 -3.05 5.58 -2.98
N PHE A 175 -1.81 5.18 -3.17
CA PHE A 175 -1.34 4.64 -4.44
C PHE A 175 -0.16 3.70 -4.20
N ARG A 176 0.41 3.13 -5.27
CA ARG A 176 1.55 2.25 -5.14
C ARG A 176 2.54 2.59 -6.24
N CYS A 177 3.80 2.60 -5.91
CA CYS A 177 4.86 2.88 -6.84
C CYS A 177 5.04 1.69 -7.80
N THR A 178 5.40 1.95 -9.02
CA THR A 178 5.48 0.93 -10.05
C THR A 178 6.65 -0.07 -9.96
N LYS A 179 7.87 0.39 -9.82
CA LYS A 179 9.04 -0.53 -9.82
C LYS A 179 9.50 -0.99 -8.44
N GLU A 180 8.65 -0.78 -7.47
CA GLU A 180 8.82 -1.28 -6.12
C GLU A 180 7.46 -1.71 -5.66
N ARG A 181 7.29 -3.00 -5.54
CA ARG A 181 6.00 -3.58 -5.30
C ARG A 181 5.53 -3.41 -3.84
N ARG A 182 6.46 -3.22 -2.93
CA ARG A 182 6.12 -3.10 -1.50
C ARG A 182 5.78 -1.67 -1.15
N LEU A 183 6.15 -0.75 -2.01
CA LEU A 183 6.01 0.64 -1.68
C LEU A 183 4.65 1.18 -2.04
N ILE A 184 3.82 1.24 -1.03
CA ILE A 184 2.51 1.80 -1.12
C ILE A 184 2.59 3.15 -0.44
N LEU A 185 2.23 4.19 -1.12
CA LEU A 185 2.31 5.50 -0.52
C LEU A 185 0.95 6.02 -0.21
N ILE A 186 0.82 6.55 0.97
CA ILE A 186 -0.38 7.15 1.43
C ILE A 186 -0.11 8.57 1.82
N ARG A 187 -1.14 9.36 1.84
CA ARG A 187 -1.03 10.70 2.33
C ARG A 187 -1.20 10.68 3.84
N GLU A 188 -0.77 11.74 4.48
CA GLU A 188 -0.87 11.89 5.92
C GLU A 188 -2.28 11.69 6.47
N ASP A 189 -3.28 12.20 5.74
CA ASP A 189 -4.71 12.11 6.11
C ASP A 189 -5.11 10.67 6.38
N VAL A 190 -4.63 9.77 5.54
CA VAL A 190 -5.00 8.35 5.59
C VAL A 190 -4.54 7.70 6.89
N HIS A 191 -3.27 7.88 7.25
CA HIS A 191 -2.77 7.25 8.48
C HIS A 191 -3.34 7.94 9.70
N ALA A 192 -3.60 9.26 9.58
CA ALA A 192 -4.13 10.08 10.67
C ALA A 192 -5.52 9.60 11.08
N ALA A 193 -6.26 9.10 10.10
CA ALA A 193 -7.58 8.57 10.33
C ALA A 193 -7.51 7.24 11.06
N PHE A 194 -6.51 6.45 10.74
CA PHE A 194 -6.34 5.14 11.38
C PHE A 194 -5.93 5.31 12.85
N GLU A 195 -5.13 6.36 13.10
CA GLU A 195 -4.68 6.75 14.45
C GLU A 195 -5.86 6.97 15.38
N GLN A 196 -6.81 7.75 14.89
CA GLN A 196 -7.98 8.13 15.68
C GLN A 196 -9.02 7.02 15.70
N ALA A 197 -8.96 6.14 14.71
CA ALA A 197 -9.87 5.00 14.64
C ALA A 197 -9.46 3.94 15.63
N GLY A 198 -8.18 3.89 15.93
CA GLY A 198 -7.67 2.92 16.85
C GLY A 198 -7.47 1.58 16.18
N LEU A 199 -6.93 1.61 14.99
CA LEU A 199 -6.64 0.40 14.24
C LEU A 199 -5.30 -0.18 14.69
N THR A 200 -5.04 -1.42 14.30
CA THR A 200 -3.82 -2.17 14.67
C THR A 200 -2.45 -1.48 14.24
N GLY A 201 -1.37 -2.25 14.26
CA GLY A 201 -0.06 -1.68 14.09
C GLY A 201 0.34 -1.51 12.68
N PHE A 202 0.88 -0.36 12.38
CA PHE A 202 1.36 -0.03 11.07
C PHE A 202 2.76 0.49 11.19
N LYS A 203 3.48 0.45 10.12
CA LYS A 203 4.78 1.03 10.08
C LYS A 203 4.70 2.12 9.05
N VAL A 204 4.98 3.32 9.45
CA VAL A 204 4.94 4.43 8.55
C VAL A 204 6.27 5.11 8.51
N TYR A 205 6.70 5.42 7.33
CA TYR A 205 7.97 6.09 7.13
C TYR A 205 7.74 7.27 6.27
N GLU A 206 8.49 8.30 6.49
CA GLU A 206 8.39 9.49 5.68
C GLU A 206 9.04 9.22 4.33
N ALA A 207 8.18 9.10 3.32
CA ALA A 207 8.60 8.71 1.96
C ALA A 207 9.50 9.75 1.33
N GLU A 208 9.24 10.98 1.67
CA GLU A 208 9.98 12.12 1.18
C GLU A 208 11.40 12.08 1.75
N GLY A 209 12.33 11.62 0.93
CA GLY A 209 13.72 11.54 1.33
C GLY A 209 13.95 10.40 2.30
N TRP A 210 13.13 9.35 2.16
CA TRP A 210 13.19 8.15 3.00
C TRP A 210 14.59 7.50 2.92
N ASP A 211 15.36 7.67 3.97
CA ASP A 211 16.73 7.17 4.04
C ASP A 211 16.90 5.91 4.92
N GLY A 212 17.50 4.88 4.32
CA GLY A 212 18.04 3.69 5.02
C GLY A 212 17.07 2.69 5.67
N LEU A 213 15.90 3.14 6.04
CA LEU A 213 14.97 2.33 6.81
C LEU A 213 14.26 1.27 5.95
N GLU A 214 14.05 0.11 6.55
CA GLU A 214 13.38 -1.02 5.91
C GLU A 214 11.88 -0.92 6.15
N LEU A 215 11.10 -1.06 5.09
CA LEU A 215 9.67 -0.93 5.18
C LEU A 215 9.02 -2.21 5.68
N MET A 1 9.96 35.58 6.92
CA MET A 1 9.03 34.87 6.04
C MET A 1 7.64 35.03 6.57
N GLY A 2 6.76 35.56 5.75
CA GLY A 2 5.41 35.82 6.18
C GLY A 2 5.32 37.10 6.97
N SER A 3 4.23 37.28 7.64
CA SER A 3 4.05 38.44 8.47
C SER A 3 4.51 38.14 9.89
N SER A 4 5.76 38.42 10.15
CA SER A 4 6.37 38.17 11.44
C SER A 4 7.51 39.16 11.63
N HIS A 5 7.77 39.56 12.87
CA HIS A 5 8.85 40.49 13.17
C HIS A 5 10.19 39.75 13.06
N HIS A 6 10.35 38.68 13.82
CA HIS A 6 11.58 37.86 13.81
C HIS A 6 11.34 36.40 14.18
N HIS A 7 10.92 36.17 15.43
CA HIS A 7 10.78 34.80 15.92
C HIS A 7 9.38 34.25 15.75
N HIS A 8 8.38 35.14 15.58
CA HIS A 8 6.96 34.76 15.35
C HIS A 8 6.35 34.01 16.57
N HIS A 9 7.04 34.04 17.70
CA HIS A 9 6.62 33.26 18.84
C HIS A 9 5.73 33.97 19.81
N HIS A 10 4.53 34.09 19.36
CA HIS A 10 3.36 34.56 20.08
C HIS A 10 2.24 33.67 19.58
N SER A 11 2.64 32.42 19.39
CA SER A 11 1.88 31.34 18.78
C SER A 11 0.45 31.18 19.30
N SER A 12 -0.42 30.92 18.37
CA SER A 12 -1.81 30.68 18.61
C SER A 12 -2.15 29.48 17.71
N GLY A 13 -3.40 29.31 17.33
CA GLY A 13 -3.74 28.27 16.36
C GLY A 13 -3.14 28.60 14.99
N LEU A 14 -1.96 28.07 14.74
CA LEU A 14 -1.24 28.31 13.52
C LEU A 14 -1.65 27.30 12.49
N VAL A 15 -2.60 27.66 11.67
CA VAL A 15 -3.12 26.77 10.68
C VAL A 15 -2.74 27.27 9.29
N PRO A 16 -1.83 26.58 8.58
CA PRO A 16 -1.49 26.93 7.22
C PRO A 16 -2.61 26.49 6.29
N ARG A 17 -3.46 27.40 5.95
CA ARG A 17 -4.64 27.12 5.18
C ARG A 17 -4.31 26.99 3.70
N GLY A 18 -4.82 25.95 3.10
CA GLY A 18 -4.61 25.70 1.70
C GLY A 18 -3.38 24.86 1.46
N SER A 19 -2.24 25.44 1.79
CA SER A 19 -0.96 24.81 1.61
C SER A 19 -0.79 23.62 2.56
N HIS A 20 -0.64 23.91 3.86
CA HIS A 20 -0.47 22.92 4.95
C HIS A 20 0.92 22.27 4.98
N MET A 21 1.49 22.03 3.80
CA MET A 21 2.73 21.27 3.62
C MET A 21 2.46 19.83 4.04
N VAL A 22 1.86 19.12 3.12
CA VAL A 22 1.39 17.77 3.34
C VAL A 22 2.53 16.78 3.22
N LYS A 23 2.56 15.82 4.10
CA LYS A 23 3.58 14.82 4.11
C LYS A 23 2.98 13.47 3.66
N TYR A 24 3.80 12.70 2.99
CA TYR A 24 3.41 11.40 2.48
C TYR A 24 4.27 10.33 3.08
N PHE A 25 3.68 9.21 3.34
CA PHE A 25 4.36 8.13 3.99
C PHE A 25 4.25 6.85 3.22
N VAL A 26 5.24 6.02 3.37
CA VAL A 26 5.26 4.70 2.80
C VAL A 26 4.54 3.80 3.80
N PHE A 27 3.60 3.03 3.34
CA PHE A 27 2.76 2.23 4.22
C PHE A 27 3.27 0.78 4.34
N LYS A 28 3.29 0.29 5.58
CA LYS A 28 3.64 -1.08 5.89
C LYS A 28 2.88 -1.48 7.17
N VAL A 29 2.71 -2.76 7.38
CA VAL A 29 2.11 -3.28 8.60
C VAL A 29 3.24 -3.95 9.37
N MET A 30 3.37 -3.66 10.65
CA MET A 30 4.45 -4.23 11.44
C MET A 30 3.94 -5.33 12.32
N ALA A 31 4.28 -6.57 11.90
CA ALA A 31 4.04 -7.84 12.61
C ALA A 31 4.15 -8.96 11.62
N GLU A 32 5.01 -9.91 11.89
CA GLU A 32 5.12 -11.09 11.06
C GLU A 32 4.11 -12.10 11.58
N GLU A 33 3.76 -11.90 12.86
CA GLU A 33 2.76 -12.67 13.59
C GLU A 33 1.37 -12.34 13.07
N ALA A 34 1.29 -11.25 12.29
CA ALA A 34 0.04 -10.79 11.72
C ALA A 34 -0.35 -11.70 10.62
N GLY A 35 0.62 -12.23 9.95
CA GLY A 35 0.33 -13.14 8.95
C GLY A 35 0.54 -12.61 7.57
N TYR A 36 1.77 -12.56 7.16
CA TYR A 36 2.07 -12.24 5.80
C TYR A 36 1.49 -13.32 4.90
N ILE A 37 0.86 -12.94 3.80
CA ILE A 37 0.46 -13.93 2.81
C ILE A 37 1.76 -14.44 2.22
N GLU A 38 2.12 -15.63 2.64
CA GLU A 38 3.37 -16.28 2.32
C GLU A 38 3.59 -16.35 0.81
N LYS A 39 2.81 -17.18 0.15
CA LYS A 39 2.90 -17.42 -1.27
C LYS A 39 1.62 -17.00 -1.94
N LEU A 40 1.61 -17.08 -3.25
CA LEU A 40 0.47 -16.65 -4.05
C LEU A 40 -0.71 -17.61 -3.89
N PRO A 41 -1.91 -17.07 -3.62
CA PRO A 41 -3.13 -17.84 -3.58
C PRO A 41 -3.66 -18.12 -5.00
N ASN A 42 -4.61 -19.04 -5.09
CA ASN A 42 -5.23 -19.45 -6.35
C ASN A 42 -5.83 -18.24 -7.10
N GLY A 43 -5.48 -18.12 -8.37
CA GLY A 43 -6.07 -17.11 -9.22
C GLY A 43 -5.43 -15.75 -9.09
N SER A 44 -4.44 -15.63 -8.25
CA SER A 44 -3.80 -14.37 -8.05
C SER A 44 -2.71 -14.16 -9.10
N PRO A 45 -2.62 -12.92 -9.66
CA PRO A 45 -1.58 -12.56 -10.65
C PRO A 45 -0.16 -12.71 -10.08
N THR A 46 0.84 -12.70 -10.96
CA THR A 46 2.24 -12.89 -10.58
C THR A 46 2.72 -11.89 -9.52
N ASP A 47 3.76 -12.30 -8.76
CA ASP A 47 4.36 -11.52 -7.62
C ASP A 47 4.55 -10.06 -7.97
N TRP A 48 5.20 -9.84 -9.10
CA TRP A 48 5.51 -8.51 -9.52
C TRP A 48 4.38 -7.85 -10.30
N LYS A 49 3.42 -8.59 -10.80
CA LYS A 49 2.35 -7.94 -11.50
C LYS A 49 1.22 -7.45 -10.67
N PHE A 50 1.18 -7.86 -9.40
CA PHE A 50 0.20 -7.33 -8.43
C PHE A 50 0.15 -5.79 -8.44
N HIS A 51 1.29 -5.15 -8.66
CA HIS A 51 1.31 -3.70 -8.78
C HIS A 51 2.00 -3.22 -10.05
N GLU A 52 2.13 -4.08 -11.04
CA GLU A 52 2.78 -3.66 -12.27
C GLU A 52 1.73 -3.14 -13.25
N GLY A 53 1.64 -1.83 -13.32
CA GLY A 53 0.87 -1.09 -14.35
C GLY A 53 -0.64 -1.36 -14.57
N ILE A 54 -1.26 -2.39 -14.01
CA ILE A 54 -2.70 -2.63 -14.28
C ILE A 54 -3.50 -2.79 -13.01
N SER A 55 -4.80 -2.86 -13.19
CA SER A 55 -5.73 -3.14 -12.14
C SER A 55 -5.83 -4.64 -11.99
N LEU A 56 -5.94 -5.11 -10.77
CA LEU A 56 -5.99 -6.53 -10.53
C LEU A 56 -7.39 -7.07 -10.61
N ALA A 57 -8.36 -6.18 -10.83
CA ALA A 57 -9.77 -6.57 -10.90
C ALA A 57 -10.03 -7.50 -12.09
N LYS A 58 -9.15 -7.47 -13.06
CA LYS A 58 -9.28 -8.31 -14.23
C LYS A 58 -8.62 -9.70 -14.04
N ASP A 59 -7.46 -9.73 -13.36
CA ASP A 59 -6.70 -10.99 -13.21
C ASP A 59 -6.99 -11.74 -11.92
N PHE A 60 -7.49 -11.05 -10.94
CA PHE A 60 -7.79 -11.65 -9.65
C PHE A 60 -9.29 -11.97 -9.61
N PRO A 61 -9.69 -13.12 -9.00
CA PRO A 61 -11.11 -13.50 -8.93
C PRO A 61 -11.90 -12.57 -7.98
N VAL A 62 -12.93 -11.95 -8.51
CA VAL A 62 -13.73 -11.01 -7.73
C VAL A 62 -14.90 -11.76 -7.15
N GLY A 63 -14.90 -11.93 -5.85
CA GLY A 63 -15.92 -12.69 -5.21
C GLY A 63 -15.53 -14.15 -5.13
N GLY A 64 -14.23 -14.39 -5.23
CA GLY A 64 -13.71 -15.72 -5.16
C GLY A 64 -13.28 -16.07 -3.75
N GLU A 65 -12.35 -16.97 -3.63
CA GLU A 65 -11.81 -17.38 -2.36
C GLU A 65 -10.33 -17.60 -2.49
N VAL A 66 -9.57 -17.18 -1.52
CA VAL A 66 -8.13 -17.36 -1.53
C VAL A 66 -7.70 -17.87 -0.17
N SER A 67 -6.50 -18.35 -0.06
CA SER A 67 -6.02 -18.89 1.19
C SER A 67 -4.54 -18.57 1.39
N PHE A 68 -4.16 -18.45 2.65
CA PHE A 68 -2.78 -18.29 3.02
C PHE A 68 -2.13 -19.64 3.02
N SER A 69 -1.12 -19.79 2.21
CA SER A 69 -0.35 -21.00 2.14
C SER A 69 0.32 -21.28 3.51
N LYS A 70 0.35 -22.54 3.94
CA LYS A 70 0.88 -22.92 5.26
C LYS A 70 2.42 -23.06 5.26
N ASN A 71 3.06 -22.11 4.63
CA ASN A 71 4.53 -22.05 4.56
C ASN A 71 5.11 -21.72 5.91
N TYR A 72 4.35 -20.98 6.67
CA TYR A 72 4.69 -20.65 8.01
C TYR A 72 3.75 -21.49 8.87
N PRO A 73 4.27 -22.48 9.63
CA PRO A 73 3.45 -23.42 10.41
C PRO A 73 2.51 -22.75 11.40
N ASP A 74 3.06 -21.97 12.30
CA ASP A 74 2.24 -21.24 13.22
C ASP A 74 2.36 -19.77 12.96
N ASN A 75 1.46 -19.31 12.16
CA ASN A 75 1.32 -17.90 11.88
C ASN A 75 -0.17 -17.66 12.00
N ARG A 76 -0.55 -16.49 12.36
CA ARG A 76 -1.90 -16.23 12.83
C ARG A 76 -2.86 -15.77 11.73
N ASN A 77 -3.99 -15.26 12.20
CA ASN A 77 -5.13 -14.82 11.40
C ASN A 77 -4.91 -13.41 10.86
N LEU A 78 -5.93 -12.86 10.24
CA LEU A 78 -5.80 -11.60 9.51
C LEU A 78 -6.01 -10.38 10.40
N TYR A 79 -5.27 -9.32 10.15
CA TYR A 79 -5.39 -8.06 10.85
C TYR A 79 -6.19 -7.09 10.01
N ASP A 80 -6.37 -5.86 10.52
CA ASP A 80 -7.17 -4.81 9.83
C ASP A 80 -6.56 -4.50 8.48
N PHE A 81 -5.27 -4.56 8.46
CA PHE A 81 -4.46 -4.46 7.30
C PHE A 81 -3.54 -5.61 7.35
N GLN A 82 -3.50 -6.36 6.31
CA GLN A 82 -2.75 -7.56 6.32
C GLN A 82 -1.61 -7.47 5.29
N PRO A 83 -0.37 -7.70 5.73
CA PRO A 83 0.78 -7.68 4.86
C PRO A 83 0.98 -9.02 4.11
N ASN A 84 1.95 -9.04 3.22
CA ASN A 84 2.27 -10.21 2.43
C ASN A 84 3.62 -10.06 1.85
N ILE A 85 4.16 -11.15 1.33
CA ILE A 85 5.50 -11.14 0.77
C ILE A 85 5.37 -11.05 -0.76
N MET A 86 4.31 -10.43 -1.21
CA MET A 86 4.05 -10.32 -2.62
C MET A 86 4.08 -8.87 -3.08
N SER A 87 2.99 -8.12 -2.86
CA SER A 87 2.91 -6.77 -3.38
C SER A 87 1.61 -6.05 -3.01
N ASN A 88 0.47 -6.68 -3.26
CA ASN A 88 -0.82 -6.00 -3.10
C ASN A 88 -1.21 -5.90 -1.62
N LEU A 89 -2.16 -5.06 -1.28
CA LEU A 89 -2.51 -4.88 0.12
C LEU A 89 -3.83 -5.58 0.41
N LEU A 90 -3.93 -6.18 1.57
CA LEU A 90 -5.14 -6.82 1.98
C LEU A 90 -5.73 -6.02 3.14
N VAL A 91 -6.97 -5.61 3.00
CA VAL A 91 -7.62 -4.75 3.96
C VAL A 91 -8.93 -5.38 4.44
N SER A 92 -9.29 -5.15 5.68
CA SER A 92 -10.52 -5.64 6.25
C SER A 92 -11.70 -4.78 5.77
N GLY A 93 -12.92 -5.23 6.04
CA GLY A 93 -14.09 -4.45 5.70
C GLY A 93 -14.28 -3.32 6.68
N ARG A 94 -13.62 -3.46 7.81
CA ARG A 94 -13.68 -2.48 8.88
C ARG A 94 -12.83 -1.29 8.46
N ALA A 95 -11.60 -1.58 8.07
CA ALA A 95 -10.67 -0.57 7.60
C ALA A 95 -11.12 -0.02 6.25
N ARG A 96 -11.91 -0.83 5.51
CA ARG A 96 -12.51 -0.41 4.25
C ARG A 96 -13.37 0.82 4.47
N LYS A 97 -14.15 0.80 5.54
CA LYS A 97 -15.02 1.91 5.86
C LYS A 97 -14.24 3.15 6.20
N LEU A 98 -13.13 3.00 6.92
CA LEU A 98 -12.22 4.12 7.20
C LEU A 98 -11.73 4.76 5.89
N ILE A 99 -11.17 3.93 5.03
CA ILE A 99 -10.62 4.36 3.73
C ILE A 99 -11.68 5.01 2.82
N GLU A 100 -12.86 4.39 2.71
CA GLU A 100 -13.91 4.94 1.87
C GLU A 100 -14.53 6.23 2.44
N SER A 101 -14.48 6.41 3.76
CA SER A 101 -15.04 7.62 4.39
C SER A 101 -14.16 8.84 4.13
N LEU A 102 -12.89 8.60 3.87
CA LEU A 102 -11.96 9.67 3.54
C LEU A 102 -11.99 9.97 2.05
N GLY A 103 -12.79 9.22 1.32
CA GLY A 103 -12.93 9.43 -0.09
C GLY A 103 -11.68 9.13 -0.85
N VAL A 104 -11.08 7.99 -0.58
CA VAL A 104 -9.91 7.57 -1.31
C VAL A 104 -10.33 7.12 -2.70
N THR A 105 -9.91 7.88 -3.67
CA THR A 105 -10.23 7.66 -5.05
C THR A 105 -9.31 6.58 -5.62
N ASN A 106 -9.89 5.72 -6.47
CA ASN A 106 -9.19 4.65 -7.22
C ASN A 106 -8.90 3.45 -6.37
N ALA A 107 -9.56 3.37 -5.23
CA ALA A 107 -9.40 2.23 -4.39
C ALA A 107 -10.26 1.12 -4.92
N GLU A 108 -9.63 0.08 -5.38
CA GLU A 108 -10.34 -1.03 -5.91
C GLU A 108 -10.29 -2.15 -4.91
N TRP A 109 -11.46 -2.62 -4.56
CA TRP A 109 -11.63 -3.60 -3.53
C TRP A 109 -12.00 -4.92 -4.15
N LEU A 110 -11.20 -5.92 -3.93
CA LEU A 110 -11.47 -7.24 -4.45
C LEU A 110 -11.84 -8.16 -3.28
N PRO A 111 -13.14 -8.32 -2.98
CA PRO A 111 -13.61 -9.13 -1.85
C PRO A 111 -13.55 -10.63 -2.14
N VAL A 112 -13.02 -11.37 -1.20
CA VAL A 112 -12.87 -12.82 -1.30
C VAL A 112 -13.00 -13.46 0.09
N ALA A 113 -13.29 -14.75 0.12
CA ALA A 113 -13.33 -15.45 1.39
C ALA A 113 -11.97 -16.08 1.60
N ILE A 114 -11.29 -15.67 2.61
CA ILE A 114 -9.93 -16.09 2.79
C ILE A 114 -9.76 -17.07 3.96
N LYS A 115 -8.99 -18.10 3.74
CA LYS A 115 -8.56 -19.01 4.79
C LYS A 115 -7.15 -18.60 5.19
N ASP A 116 -6.82 -18.75 6.45
CA ASP A 116 -5.53 -18.30 6.95
C ASP A 116 -4.48 -19.44 6.85
N HIS A 117 -3.37 -19.28 7.56
CA HIS A 117 -2.24 -20.23 7.56
C HIS A 117 -2.63 -21.56 8.19
N GLN A 118 -3.53 -21.48 9.16
CA GLN A 118 -3.96 -22.63 9.92
C GLN A 118 -5.06 -23.38 9.18
N GLY A 119 -5.68 -22.69 8.23
CA GLY A 119 -6.66 -23.29 7.37
C GLY A 119 -8.08 -23.03 7.82
N LYS A 120 -8.27 -22.01 8.60
CA LYS A 120 -9.58 -21.67 9.07
C LYS A 120 -10.08 -20.43 8.33
N VAL A 121 -11.37 -20.30 8.22
CA VAL A 121 -11.94 -19.19 7.49
C VAL A 121 -12.09 -18.01 8.41
N VAL A 122 -11.08 -17.21 8.46
CA VAL A 122 -11.05 -16.01 9.28
C VAL A 122 -10.86 -14.78 8.45
N GLY A 123 -11.00 -14.94 7.14
CA GLY A 123 -10.88 -13.80 6.28
C GLY A 123 -12.06 -13.56 5.29
N PRO A 124 -13.36 -13.75 5.65
CA PRO A 124 -14.47 -13.48 4.71
C PRO A 124 -14.92 -11.99 4.73
N ASP A 125 -14.27 -11.22 5.57
CA ASP A 125 -14.57 -9.80 5.77
C ASP A 125 -13.62 -8.92 4.96
N TYR A 126 -12.61 -9.55 4.40
CA TYR A 126 -11.47 -8.83 3.88
C TYR A 126 -11.50 -8.76 2.36
N ALA A 127 -10.86 -7.73 1.85
CA ALA A 127 -10.80 -7.47 0.44
C ALA A 127 -9.40 -6.99 0.07
N PHE A 128 -8.92 -7.39 -1.08
CA PHE A 128 -7.63 -6.96 -1.56
C PHE A 128 -7.76 -5.59 -2.18
N LEU A 129 -7.01 -4.66 -1.66
CA LEU A 129 -7.05 -3.31 -2.10
C LEU A 129 -5.89 -3.02 -3.02
N ASN A 130 -6.23 -2.61 -4.20
CA ASN A 130 -5.27 -2.14 -5.17
C ASN A 130 -5.68 -0.75 -5.60
N LEU A 131 -4.73 0.13 -5.78
CA LEU A 131 -5.05 1.48 -6.23
C LEU A 131 -4.88 1.56 -7.72
N LEU A 132 -5.75 2.26 -8.34
CA LEU A 132 -5.71 2.51 -9.76
C LEU A 132 -5.24 3.92 -10.01
N GLY A 133 -5.02 4.27 -11.25
CA GLY A 133 -4.55 5.61 -11.55
C GLY A 133 -3.05 5.69 -11.45
N ALA A 134 -2.43 4.54 -11.36
CA ALA A 134 -1.02 4.44 -11.28
C ALA A 134 -0.45 4.33 -12.66
N GLU A 135 0.55 5.11 -12.90
CA GLU A 135 1.23 5.18 -14.16
C GLU A 135 2.70 5.23 -13.84
N ASP A 136 3.58 5.11 -14.84
CA ASP A 136 5.04 5.20 -14.61
C ASP A 136 5.34 6.52 -13.95
N ALA A 137 5.79 6.47 -12.72
CA ALA A 137 5.83 7.68 -11.94
C ALA A 137 7.06 7.86 -11.07
N ILE A 138 7.78 6.78 -10.78
CA ILE A 138 8.95 6.87 -9.90
C ILE A 138 10.04 7.74 -10.53
N ASP A 139 10.27 8.87 -9.89
CA ASP A 139 11.26 9.85 -10.30
C ASP A 139 12.64 9.30 -10.02
N MET A 140 13.42 9.07 -11.05
CA MET A 140 14.77 8.55 -10.88
C MET A 140 15.79 9.68 -10.96
N GLU A 141 15.29 10.89 -11.03
CA GLU A 141 16.13 12.05 -11.18
C GLU A 141 16.65 12.52 -9.83
N ARG A 142 15.75 12.59 -8.89
CA ARG A 142 16.06 13.07 -7.56
C ARG A 142 16.19 11.91 -6.58
N SER A 143 15.80 10.74 -6.99
CA SER A 143 15.88 9.59 -6.14
C SER A 143 17.20 8.88 -6.33
N GLU A 144 17.68 8.29 -5.27
CA GLU A 144 18.92 7.56 -5.21
C GLU A 144 18.63 6.28 -4.46
N TYR A 145 18.70 5.16 -5.14
CA TYR A 145 18.33 3.88 -4.54
C TYR A 145 18.97 2.71 -5.28
N GLU A 146 18.82 1.53 -4.74
CA GLU A 146 19.31 0.30 -5.34
C GLU A 146 18.19 -0.72 -5.45
N MET A 147 18.13 -1.40 -6.56
CA MET A 147 17.14 -2.44 -6.79
C MET A 147 17.67 -3.75 -6.25
N ASP A 148 17.11 -4.23 -5.13
CA ASP A 148 17.56 -5.49 -4.52
C ASP A 148 16.71 -5.89 -3.31
N SER A 149 15.45 -6.16 -3.52
CA SER A 149 14.66 -6.73 -2.43
C SER A 149 14.47 -8.23 -2.66
N LEU A 150 13.91 -8.53 -3.81
CA LEU A 150 13.61 -9.89 -4.19
C LEU A 150 14.09 -10.01 -5.61
N GLU A 151 13.54 -9.15 -6.42
CA GLU A 151 13.87 -9.03 -7.82
C GLU A 151 14.63 -7.73 -8.02
N LYS A 152 14.90 -7.40 -9.26
CA LYS A 152 15.54 -6.13 -9.62
C LYS A 152 14.47 -5.11 -9.98
N ASP A 153 13.24 -5.52 -9.79
CA ASP A 153 12.03 -4.70 -10.05
C ASP A 153 11.51 -4.24 -8.67
N GLN A 154 12.39 -4.37 -7.68
CA GLN A 154 12.10 -4.12 -6.30
C GLN A 154 13.19 -3.27 -5.70
N ILE A 155 12.82 -2.16 -5.13
CA ILE A 155 13.77 -1.23 -4.52
C ILE A 155 14.11 -1.67 -3.09
N GLY A 156 15.38 -1.96 -2.84
CA GLY A 156 15.79 -2.45 -1.54
C GLY A 156 16.37 -1.36 -0.67
N ASN A 157 17.45 -0.79 -1.12
CA ASN A 157 18.08 0.32 -0.41
C ASN A 157 17.66 1.61 -1.03
N ILE A 158 17.27 2.56 -0.21
CA ILE A 158 16.88 3.86 -0.68
C ILE A 158 17.65 4.88 0.13
N ASP A 159 18.21 5.88 -0.51
CA ASP A 159 18.90 6.95 0.20
C ASP A 159 18.15 8.25 0.03
N ALA A 160 17.56 8.41 -1.12
CA ALA A 160 16.76 9.57 -1.42
C ALA A 160 15.59 9.11 -2.21
N LEU A 161 14.42 9.53 -1.83
CA LEU A 161 13.22 9.11 -2.50
C LEU A 161 12.40 10.34 -2.82
N ALA A 162 12.21 10.57 -4.09
CA ALA A 162 11.38 11.64 -4.55
C ALA A 162 10.03 11.06 -4.87
N LEU A 163 8.99 11.82 -4.66
CA LEU A 163 7.64 11.34 -4.80
C LEU A 163 7.28 11.05 -6.24
N ASP A 164 6.46 10.06 -6.42
CA ASP A 164 6.01 9.64 -7.72
C ASP A 164 4.74 10.39 -8.10
N THR A 165 4.40 11.39 -7.27
CA THR A 165 3.32 12.34 -7.52
C THR A 165 3.70 13.25 -8.69
N SER A 166 4.94 13.10 -9.13
CA SER A 166 5.48 13.75 -10.28
C SER A 166 4.67 13.33 -11.53
N ALA A 167 4.29 12.04 -11.62
CA ALA A 167 3.48 11.59 -12.74
C ALA A 167 2.08 11.19 -12.29
N ILE A 168 1.96 10.69 -11.08
CA ILE A 168 0.66 10.33 -10.54
C ILE A 168 0.00 11.59 -10.01
N ARG A 169 -1.30 11.72 -10.21
CA ARG A 169 -2.03 12.89 -9.77
C ARG A 169 -1.93 13.03 -8.24
N PRO A 170 -1.33 14.15 -7.76
CA PRO A 170 -1.03 14.39 -6.32
C PRO A 170 -2.26 14.50 -5.41
N ASP A 171 -3.44 14.50 -6.00
CA ASP A 171 -4.69 14.56 -5.23
C ASP A 171 -5.10 13.17 -4.76
N ALA A 172 -4.43 12.14 -5.26
CA ALA A 172 -4.69 10.80 -4.81
C ALA A 172 -4.05 10.64 -3.43
N LYS A 173 -4.87 10.46 -2.43
CA LYS A 173 -4.38 10.39 -1.06
C LYS A 173 -3.79 9.02 -0.71
N MET A 174 -3.99 8.07 -1.58
CA MET A 174 -3.46 6.74 -1.41
C MET A 174 -3.26 6.15 -2.78
N PHE A 175 -2.03 5.83 -3.09
CA PHE A 175 -1.67 5.32 -4.38
C PHE A 175 -0.50 4.35 -4.25
N ARG A 176 -0.06 3.81 -5.35
CA ARG A 176 1.03 2.87 -5.35
C ARG A 176 1.87 3.08 -6.57
N CYS A 177 3.12 2.83 -6.43
CA CYS A 177 4.06 3.01 -7.49
C CYS A 177 4.04 1.83 -8.46
N THR A 178 4.37 2.11 -9.69
CA THR A 178 4.42 1.15 -10.75
C THR A 178 5.72 0.31 -10.77
N LYS A 179 6.86 0.97 -10.72
CA LYS A 179 8.17 0.29 -10.78
C LYS A 179 8.67 -0.21 -9.40
N GLU A 180 7.74 -0.53 -8.53
CA GLU A 180 8.05 -1.07 -7.20
C GLU A 180 6.78 -1.77 -6.74
N ARG A 181 6.90 -2.83 -5.99
CA ARG A 181 5.75 -3.56 -5.55
C ARG A 181 5.15 -3.14 -4.22
N ARG A 182 5.99 -2.81 -3.27
CA ARG A 182 5.55 -2.59 -1.90
C ARG A 182 5.44 -1.12 -1.60
N LEU A 183 6.02 -0.31 -2.46
CA LEU A 183 5.98 1.11 -2.31
C LEU A 183 4.55 1.62 -2.57
N ILE A 184 3.87 1.86 -1.48
CA ILE A 184 2.52 2.37 -1.44
C ILE A 184 2.57 3.64 -0.63
N LEU A 185 2.14 4.74 -1.20
CA LEU A 185 2.21 5.99 -0.50
C LEU A 185 0.86 6.44 -0.06
N ILE A 186 0.78 6.79 1.20
CA ILE A 186 -0.41 7.31 1.79
C ILE A 186 -0.16 8.72 2.28
N ARG A 187 -1.17 9.51 2.27
CA ARG A 187 -1.12 10.85 2.76
C ARG A 187 -1.30 10.83 4.29
N GLU A 188 -0.75 11.83 4.99
CA GLU A 188 -0.88 11.98 6.45
C GLU A 188 -2.33 11.83 6.94
N ASP A 189 -3.23 12.43 6.17
CA ASP A 189 -4.68 12.41 6.38
C ASP A 189 -5.24 10.99 6.51
N VAL A 190 -4.73 10.08 5.69
CA VAL A 190 -5.20 8.71 5.64
C VAL A 190 -4.82 7.95 6.92
N HIS A 191 -3.54 8.03 7.32
CA HIS A 191 -3.13 7.33 8.53
C HIS A 191 -3.70 8.00 9.77
N ALA A 192 -4.01 9.30 9.68
CA ALA A 192 -4.60 10.06 10.79
C ALA A 192 -5.93 9.45 11.22
N ALA A 193 -6.70 8.99 10.22
CA ALA A 193 -7.96 8.31 10.49
C ALA A 193 -7.71 6.96 11.13
N PHE A 194 -6.61 6.33 10.76
CA PHE A 194 -6.27 5.03 11.35
C PHE A 194 -5.78 5.20 12.79
N GLU A 195 -5.10 6.34 13.07
CA GLU A 195 -4.57 6.66 14.42
C GLU A 195 -5.74 6.78 15.40
N GLN A 196 -6.78 7.45 14.94
CA GLN A 196 -7.95 7.72 15.78
C GLN A 196 -8.84 6.48 15.89
N ALA A 197 -8.76 5.60 14.91
CA ALA A 197 -9.54 4.38 14.93
C ALA A 197 -8.89 3.36 15.85
N GLY A 198 -7.57 3.47 16.00
CA GLY A 198 -6.82 2.60 16.87
C GLY A 198 -6.75 1.18 16.36
N LEU A 199 -6.53 1.04 15.07
CA LEU A 199 -6.48 -0.26 14.42
C LEU A 199 -5.19 -1.03 14.81
N THR A 200 -5.18 -2.32 14.53
CA THR A 200 -4.12 -3.29 14.93
C THR A 200 -2.64 -2.81 14.88
N GLY A 201 -2.01 -2.84 13.73
CA GLY A 201 -0.61 -2.46 13.67
C GLY A 201 -0.26 -1.79 12.38
N PHE A 202 0.58 -0.79 12.46
CA PHE A 202 1.03 -0.03 11.30
C PHE A 202 2.48 0.32 11.47
N LYS A 203 3.08 0.74 10.38
CA LYS A 203 4.39 1.28 10.38
C LYS A 203 4.52 2.12 9.13
N VAL A 204 4.82 3.37 9.31
CA VAL A 204 4.92 4.29 8.20
C VAL A 204 6.28 4.98 8.19
N TYR A 205 6.78 5.26 7.03
CA TYR A 205 8.05 5.96 6.88
C TYR A 205 7.87 7.18 6.03
N GLU A 206 8.58 8.25 6.39
CA GLU A 206 8.60 9.50 5.64
C GLU A 206 9.05 9.19 4.22
N ALA A 207 8.17 9.39 3.26
CA ALA A 207 8.45 9.05 1.88
C ALA A 207 9.38 10.05 1.26
N GLU A 208 9.23 11.29 1.66
CA GLU A 208 10.07 12.35 1.18
C GLU A 208 11.45 12.25 1.84
N GLY A 209 12.36 11.59 1.16
CA GLY A 209 13.69 11.44 1.69
C GLY A 209 13.83 10.17 2.51
N TRP A 210 13.14 9.12 2.10
CA TRP A 210 13.20 7.82 2.79
C TRP A 210 14.60 7.19 2.61
N ASP A 211 15.44 7.37 3.62
CA ASP A 211 16.77 6.81 3.63
C ASP A 211 16.92 5.61 4.56
N GLY A 212 17.52 4.53 4.04
CA GLY A 212 18.04 3.39 4.83
C GLY A 212 17.04 2.47 5.54
N LEU A 213 15.89 2.96 5.86
CA LEU A 213 14.92 2.24 6.67
C LEU A 213 14.23 1.12 5.89
N GLU A 214 14.27 -0.07 6.46
CA GLU A 214 13.66 -1.23 5.84
C GLU A 214 12.15 -1.19 6.04
N LEU A 215 11.43 -1.40 4.96
CA LEU A 215 9.99 -1.36 4.96
C LEU A 215 9.44 -2.66 5.51
N MET A 1 -34.02 1.37 -15.11
CA MET A 1 -34.99 1.34 -16.19
C MET A 1 -35.09 2.69 -16.88
N GLY A 2 -35.78 3.65 -16.25
CA GLY A 2 -36.01 4.91 -16.91
C GLY A 2 -35.48 6.10 -16.16
N SER A 3 -34.63 5.87 -15.19
CA SER A 3 -34.05 6.94 -14.46
C SER A 3 -32.65 7.22 -15.00
N SER A 4 -32.56 8.20 -15.87
CA SER A 4 -31.31 8.60 -16.45
C SER A 4 -30.81 9.86 -15.76
N HIS A 5 -29.51 10.03 -15.69
CA HIS A 5 -28.91 11.20 -15.06
C HIS A 5 -28.95 12.38 -16.00
N HIS A 6 -30.10 12.99 -16.06
CA HIS A 6 -30.32 14.16 -16.87
C HIS A 6 -30.02 15.38 -16.05
N HIS A 7 -29.31 16.32 -16.61
CA HIS A 7 -28.98 17.48 -15.85
C HIS A 7 -29.37 18.76 -16.57
N HIS A 8 -30.45 19.35 -16.10
CA HIS A 8 -30.91 20.64 -16.60
C HIS A 8 -30.09 21.75 -15.97
N HIS A 9 -29.53 21.44 -14.82
CA HIS A 9 -28.51 22.24 -14.16
C HIS A 9 -27.56 21.32 -13.43
N HIS A 10 -27.95 20.99 -12.18
CA HIS A 10 -27.16 20.18 -11.24
C HIS A 10 -25.75 20.75 -11.11
N SER A 11 -25.68 21.93 -10.61
CA SER A 11 -24.47 22.62 -10.43
C SER A 11 -24.17 22.68 -8.92
N SER A 12 -23.26 23.57 -8.51
CA SER A 12 -22.80 23.71 -7.13
C SER A 12 -22.03 22.46 -6.67
N GLY A 13 -21.39 21.79 -7.62
CA GLY A 13 -20.57 20.64 -7.30
C GLY A 13 -19.13 21.05 -7.20
N LEU A 14 -18.80 21.74 -6.14
CA LEU A 14 -17.48 22.31 -5.98
C LEU A 14 -16.57 21.36 -5.20
N VAL A 15 -15.29 21.65 -5.25
CA VAL A 15 -14.30 20.92 -4.51
C VAL A 15 -13.68 21.89 -3.49
N PRO A 16 -14.23 21.95 -2.27
CA PRO A 16 -13.71 22.82 -1.24
C PRO A 16 -12.39 22.28 -0.68
N ARG A 17 -11.35 23.04 -0.86
CA ARG A 17 -10.05 22.67 -0.39
C ARG A 17 -9.66 23.49 0.81
N GLY A 18 -9.36 22.81 1.89
CA GLY A 18 -8.81 23.48 3.02
C GLY A 18 -7.33 23.59 2.83
N SER A 19 -6.72 22.42 2.55
CA SER A 19 -5.31 22.28 2.19
C SER A 19 -4.31 22.70 3.30
N HIS A 20 -3.10 22.20 3.15
CA HIS A 20 -1.95 22.47 4.00
C HIS A 20 -0.82 21.67 3.38
N MET A 21 0.41 21.78 3.86
CA MET A 21 1.48 20.95 3.31
C MET A 21 1.28 19.51 3.78
N VAL A 22 0.72 18.71 2.91
CA VAL A 22 0.40 17.35 3.20
C VAL A 22 1.60 16.49 2.96
N LYS A 23 2.05 15.81 3.97
CA LYS A 23 3.21 14.99 3.87
C LYS A 23 2.84 13.54 3.55
N TYR A 24 3.76 12.85 2.91
CA TYR A 24 3.57 11.48 2.50
C TYR A 24 4.42 10.51 3.30
N PHE A 25 3.84 9.39 3.61
CA PHE A 25 4.48 8.34 4.36
C PHE A 25 4.46 7.05 3.60
N VAL A 26 5.43 6.23 3.83
CA VAL A 26 5.49 4.91 3.30
C VAL A 26 4.59 4.07 4.17
N PHE A 27 3.58 3.53 3.57
CA PHE A 27 2.63 2.74 4.27
C PHE A 27 3.04 1.30 4.21
N LYS A 28 3.29 0.75 5.34
CA LYS A 28 3.67 -0.60 5.45
C LYS A 28 2.89 -1.16 6.61
N VAL A 29 2.42 -2.35 6.48
CA VAL A 29 1.63 -2.97 7.50
C VAL A 29 2.51 -3.72 8.49
N MET A 30 2.43 -3.34 9.75
CA MET A 30 3.17 -4.02 10.78
C MET A 30 2.43 -5.26 11.24
N ALA A 31 2.69 -6.30 10.51
CA ALA A 31 2.17 -7.60 10.76
C ALA A 31 3.28 -8.54 10.36
N GLU A 32 3.83 -9.20 11.33
CA GLU A 32 4.99 -10.03 11.14
C GLU A 32 4.64 -11.46 11.49
N GLU A 33 4.21 -11.67 12.74
CA GLU A 33 3.81 -13.01 13.18
C GLU A 33 2.42 -13.31 12.71
N ALA A 34 1.68 -12.25 12.41
CA ALA A 34 0.36 -12.38 11.81
C ALA A 34 0.58 -12.93 10.44
N GLY A 35 1.67 -12.48 9.84
CA GLY A 35 2.13 -12.97 8.61
C GLY A 35 1.71 -12.16 7.44
N TYR A 36 2.46 -12.34 6.41
CA TYR A 36 2.22 -11.74 5.14
C TYR A 36 1.50 -12.75 4.30
N ILE A 37 0.92 -12.33 3.20
CA ILE A 37 0.55 -13.31 2.22
C ILE A 37 1.89 -13.60 1.57
N GLU A 38 2.46 -14.72 1.96
CA GLU A 38 3.84 -15.04 1.64
C GLU A 38 4.04 -15.24 0.14
N LYS A 39 3.14 -15.96 -0.47
CA LYS A 39 3.16 -16.19 -1.90
C LYS A 39 1.78 -15.94 -2.49
N LEU A 40 1.69 -16.04 -3.79
CA LEU A 40 0.49 -15.68 -4.54
C LEU A 40 -0.67 -16.63 -4.30
N PRO A 41 -1.80 -16.11 -3.79
CA PRO A 41 -2.99 -16.90 -3.55
C PRO A 41 -3.70 -17.32 -4.84
N ASN A 42 -4.64 -18.24 -4.70
CA ASN A 42 -5.47 -18.82 -5.77
C ASN A 42 -5.99 -17.77 -6.77
N GLY A 43 -5.52 -17.89 -8.01
CA GLY A 43 -6.03 -17.07 -9.09
C GLY A 43 -5.37 -15.71 -9.20
N SER A 44 -4.30 -15.50 -8.48
CA SER A 44 -3.63 -14.21 -8.51
C SER A 44 -2.61 -14.09 -9.67
N PRO A 45 -2.57 -12.89 -10.33
CA PRO A 45 -1.56 -12.55 -11.36
C PRO A 45 -0.15 -12.46 -10.75
N THR A 46 0.88 -12.45 -11.60
CA THR A 46 2.29 -12.41 -11.19
C THR A 46 2.65 -11.34 -10.14
N ASP A 47 3.62 -11.71 -9.28
CA ASP A 47 4.14 -10.97 -8.08
C ASP A 47 4.21 -9.47 -8.27
N TRP A 48 4.93 -9.09 -9.28
CA TRP A 48 5.21 -7.71 -9.55
C TRP A 48 4.12 -7.05 -10.38
N LYS A 49 3.37 -7.85 -11.10
CA LYS A 49 2.47 -7.32 -12.08
C LYS A 49 1.11 -6.94 -11.49
N PHE A 50 0.83 -7.37 -10.22
CA PHE A 50 -0.46 -7.08 -9.53
C PHE A 50 -0.90 -5.62 -9.72
N HIS A 51 -0.01 -4.70 -9.47
CA HIS A 51 -0.32 -3.29 -9.69
C HIS A 51 0.65 -2.56 -10.52
N GLU A 52 1.27 -3.23 -11.44
CA GLU A 52 2.12 -2.52 -12.32
C GLU A 52 1.27 -2.13 -13.53
N GLY A 53 0.84 -0.89 -13.53
CA GLY A 53 0.04 -0.30 -14.60
C GLY A 53 -1.43 -0.76 -14.74
N ILE A 54 -1.87 -1.83 -14.05
CA ILE A 54 -3.28 -2.31 -14.24
C ILE A 54 -4.00 -2.60 -12.92
N SER A 55 -5.29 -2.93 -13.04
CA SER A 55 -6.13 -3.32 -11.92
C SER A 55 -6.19 -4.86 -11.82
N LEU A 56 -6.52 -5.37 -10.64
CA LEU A 56 -6.59 -6.80 -10.41
C LEU A 56 -7.95 -7.36 -10.73
N ALA A 57 -8.93 -6.47 -10.90
CA ALA A 57 -10.34 -6.87 -11.12
C ALA A 57 -10.53 -7.80 -12.31
N LYS A 58 -9.63 -7.72 -13.27
CA LYS A 58 -9.70 -8.53 -14.47
C LYS A 58 -8.98 -9.89 -14.33
N ASP A 59 -8.07 -10.03 -13.37
CA ASP A 59 -7.26 -11.26 -13.26
C ASP A 59 -7.51 -12.01 -11.98
N PHE A 60 -7.99 -11.32 -10.98
CA PHE A 60 -8.20 -11.88 -9.68
C PHE A 60 -9.68 -12.24 -9.52
N PRO A 61 -10.00 -13.40 -8.93
CA PRO A 61 -11.39 -13.83 -8.74
C PRO A 61 -12.14 -12.95 -7.72
N VAL A 62 -13.23 -12.38 -8.15
CA VAL A 62 -14.04 -11.53 -7.30
C VAL A 62 -15.09 -12.39 -6.64
N GLY A 63 -15.02 -12.52 -5.33
CA GLY A 63 -15.92 -13.37 -4.59
C GLY A 63 -15.42 -14.78 -4.56
N GLY A 64 -14.14 -14.94 -4.84
CA GLY A 64 -13.54 -16.26 -4.86
C GLY A 64 -13.04 -16.67 -3.51
N GLU A 65 -12.18 -17.65 -3.48
CA GLU A 65 -11.62 -18.13 -2.25
C GLU A 65 -10.13 -18.17 -2.36
N VAL A 66 -9.46 -17.64 -1.36
CA VAL A 66 -8.01 -17.65 -1.30
C VAL A 66 -7.58 -17.99 0.12
N SER A 67 -6.32 -18.23 0.30
CA SER A 67 -5.79 -18.54 1.58
C SER A 67 -4.39 -17.99 1.68
N PHE A 68 -4.02 -17.59 2.87
CA PHE A 68 -2.66 -17.19 3.17
C PHE A 68 -1.76 -18.36 3.01
N SER A 69 -0.97 -18.29 1.98
CA SER A 69 -0.02 -19.29 1.64
C SER A 69 1.03 -19.47 2.73
N LYS A 70 1.14 -20.70 3.19
CA LYS A 70 2.12 -21.06 4.16
C LYS A 70 3.40 -21.38 3.37
N ASN A 71 4.16 -20.35 2.98
CA ASN A 71 5.37 -20.54 2.13
C ASN A 71 6.43 -21.32 2.87
N TYR A 72 6.55 -21.01 4.14
CA TYR A 72 7.50 -21.63 5.03
C TYR A 72 7.21 -21.20 6.48
N PRO A 73 7.12 -19.85 6.79
CA PRO A 73 6.77 -19.42 8.14
C PRO A 73 5.32 -19.72 8.47
N ASP A 74 5.11 -20.54 9.47
CA ASP A 74 3.78 -20.82 9.92
C ASP A 74 3.37 -19.68 10.82
N ASN A 75 2.62 -18.79 10.25
CA ASN A 75 2.23 -17.58 10.93
C ASN A 75 0.82 -17.68 11.46
N ARG A 76 0.40 -16.64 12.10
CA ARG A 76 -0.87 -16.58 12.80
C ARG A 76 -1.98 -16.06 11.88
N ASN A 77 -3.00 -15.49 12.52
CA ASN A 77 -4.20 -14.99 11.89
C ASN A 77 -4.04 -13.55 11.38
N LEU A 78 -5.15 -13.04 10.84
CA LEU A 78 -5.22 -11.73 10.23
C LEU A 78 -5.54 -10.64 11.25
N TYR A 79 -5.05 -9.43 10.96
CA TYR A 79 -5.35 -8.22 11.72
C TYR A 79 -6.14 -7.29 10.80
N ASP A 80 -6.32 -6.00 11.17
CA ASP A 80 -7.12 -5.05 10.35
C ASP A 80 -6.54 -4.89 8.95
N PHE A 81 -5.24 -4.81 8.89
CA PHE A 81 -4.53 -4.78 7.62
C PHE A 81 -3.61 -5.97 7.53
N GLN A 82 -3.42 -6.45 6.32
CA GLN A 82 -2.55 -7.58 6.05
C GLN A 82 -1.63 -7.27 4.87
N PRO A 83 -0.31 -7.42 5.05
CA PRO A 83 0.66 -7.17 4.02
C PRO A 83 0.98 -8.41 3.20
N ASN A 84 1.83 -8.22 2.24
CA ASN A 84 2.33 -9.27 1.38
C ASN A 84 3.54 -8.76 0.67
N ILE A 85 4.20 -9.60 -0.06
CA ILE A 85 5.45 -9.23 -0.72
C ILE A 85 5.15 -8.71 -2.15
N MET A 86 3.92 -8.88 -2.55
CA MET A 86 3.49 -8.54 -3.88
C MET A 86 2.88 -7.12 -3.90
N SER A 87 2.42 -6.69 -5.04
CA SER A 87 1.90 -5.33 -5.18
C SER A 87 0.37 -5.19 -4.96
N ASN A 88 -0.16 -5.92 -3.98
CA ASN A 88 -1.59 -5.84 -3.62
C ASN A 88 -1.69 -5.60 -2.12
N LEU A 89 -2.80 -5.09 -1.64
CA LEU A 89 -2.97 -4.89 -0.20
C LEU A 89 -4.21 -5.62 0.25
N LEU A 90 -4.17 -6.22 1.41
CA LEU A 90 -5.34 -6.85 1.92
C LEU A 90 -5.87 -6.05 3.09
N VAL A 91 -7.06 -5.57 2.94
CA VAL A 91 -7.68 -4.72 3.94
C VAL A 91 -8.97 -5.39 4.40
N SER A 92 -9.29 -5.25 5.67
CA SER A 92 -10.53 -5.75 6.22
C SER A 92 -11.69 -4.85 5.77
N GLY A 93 -12.90 -5.30 5.95
CA GLY A 93 -14.07 -4.53 5.59
C GLY A 93 -14.29 -3.41 6.58
N ARG A 94 -13.70 -3.58 7.75
CA ARG A 94 -13.75 -2.58 8.79
C ARG A 94 -12.88 -1.40 8.34
N ALA A 95 -11.62 -1.72 8.08
CA ALA A 95 -10.63 -0.75 7.66
C ALA A 95 -10.96 -0.18 6.27
N ARG A 96 -11.69 -0.98 5.49
CA ARG A 96 -12.22 -0.59 4.19
C ARG A 96 -13.03 0.67 4.32
N LYS A 97 -13.96 0.66 5.26
CA LYS A 97 -14.87 1.74 5.40
C LYS A 97 -14.18 3.00 5.91
N LEU A 98 -13.05 2.84 6.62
CA LEU A 98 -12.21 4.00 6.98
C LEU A 98 -11.73 4.71 5.71
N ILE A 99 -11.20 3.94 4.78
CA ILE A 99 -10.70 4.46 3.50
C ILE A 99 -11.87 5.04 2.67
N GLU A 100 -13.03 4.39 2.74
CA GLU A 100 -14.24 4.86 2.04
C GLU A 100 -14.74 6.19 2.65
N SER A 101 -14.56 6.35 3.95
CA SER A 101 -14.98 7.55 4.67
C SER A 101 -14.19 8.77 4.22
N LEU A 102 -12.94 8.56 3.88
CA LEU A 102 -12.09 9.64 3.39
C LEU A 102 -12.34 9.92 1.92
N GLY A 103 -13.16 9.07 1.30
CA GLY A 103 -13.52 9.24 -0.09
C GLY A 103 -12.34 9.04 -0.98
N VAL A 104 -11.54 8.03 -0.67
CA VAL A 104 -10.38 7.74 -1.44
C VAL A 104 -10.78 7.14 -2.77
N THR A 105 -10.58 7.92 -3.79
CA THR A 105 -10.83 7.52 -5.13
C THR A 105 -9.65 6.67 -5.58
N ASN A 106 -9.90 5.80 -6.56
CA ASN A 106 -8.93 4.85 -7.13
C ASN A 106 -8.78 3.64 -6.23
N ALA A 107 -9.69 3.48 -5.30
CA ALA A 107 -9.67 2.35 -4.43
C ALA A 107 -10.71 1.33 -4.89
N GLU A 108 -10.24 0.18 -5.31
CA GLU A 108 -11.12 -0.89 -5.73
C GLU A 108 -10.99 -2.04 -4.74
N TRP A 109 -12.10 -2.64 -4.40
CA TRP A 109 -12.14 -3.64 -3.36
C TRP A 109 -12.63 -4.96 -3.93
N LEU A 110 -11.79 -5.95 -3.89
CA LEU A 110 -12.16 -7.27 -4.39
C LEU A 110 -12.31 -8.23 -3.21
N PRO A 111 -13.55 -8.49 -2.76
CA PRO A 111 -13.80 -9.37 -1.61
C PRO A 111 -13.68 -10.84 -1.97
N VAL A 112 -13.19 -11.62 -1.04
CA VAL A 112 -13.02 -13.06 -1.19
C VAL A 112 -13.17 -13.74 0.16
N ALA A 113 -13.33 -15.05 0.18
CA ALA A 113 -13.36 -15.79 1.41
C ALA A 113 -11.93 -16.25 1.67
N ILE A 114 -11.34 -15.77 2.73
CA ILE A 114 -9.93 -16.01 2.97
C ILE A 114 -9.71 -16.89 4.18
N LYS A 115 -8.86 -17.87 3.99
CA LYS A 115 -8.36 -18.69 5.07
C LYS A 115 -7.00 -18.13 5.45
N ASP A 116 -6.65 -18.22 6.69
CA ASP A 116 -5.38 -17.68 7.17
C ASP A 116 -4.25 -18.69 6.92
N HIS A 117 -3.12 -18.54 7.63
CA HIS A 117 -1.98 -19.44 7.46
C HIS A 117 -2.26 -20.78 8.11
N GLN A 118 -3.18 -20.79 9.06
CA GLN A 118 -3.55 -22.00 9.78
C GLN A 118 -4.65 -22.75 9.03
N GLY A 119 -5.32 -22.04 8.14
CA GLY A 119 -6.28 -22.68 7.27
C GLY A 119 -7.71 -22.46 7.68
N LYS A 120 -7.96 -21.57 8.61
CA LYS A 120 -9.31 -21.31 9.04
C LYS A 120 -9.83 -20.03 8.42
N VAL A 121 -11.14 -19.99 8.18
CA VAL A 121 -11.75 -18.83 7.53
C VAL A 121 -11.93 -17.69 8.52
N VAL A 122 -10.94 -16.87 8.65
CA VAL A 122 -11.01 -15.71 9.51
C VAL A 122 -10.91 -14.43 8.69
N GLY A 123 -11.07 -14.58 7.39
CA GLY A 123 -11.05 -13.41 6.54
C GLY A 123 -12.19 -13.32 5.51
N PRO A 124 -13.50 -13.48 5.90
CA PRO A 124 -14.61 -13.33 4.92
C PRO A 124 -15.02 -11.84 4.77
N ASP A 125 -14.45 -11.03 5.63
CA ASP A 125 -14.71 -9.59 5.73
C ASP A 125 -13.71 -8.79 4.88
N TYR A 126 -12.68 -9.47 4.46
CA TYR A 126 -11.55 -8.82 3.84
C TYR A 126 -11.68 -8.73 2.32
N ALA A 127 -11.07 -7.71 1.79
CA ALA A 127 -11.07 -7.44 0.39
C ALA A 127 -9.70 -7.01 -0.04
N PHE A 128 -9.31 -7.41 -1.21
CA PHE A 128 -8.05 -7.00 -1.78
C PHE A 128 -8.19 -5.61 -2.34
N LEU A 129 -7.43 -4.72 -1.78
CA LEU A 129 -7.50 -3.34 -2.08
C LEU A 129 -6.51 -2.98 -3.18
N ASN A 130 -7.06 -2.34 -4.16
CA ASN A 130 -6.40 -1.93 -5.35
C ASN A 130 -6.28 -0.44 -5.36
N LEU A 131 -5.08 0.08 -5.56
CA LEU A 131 -4.93 1.49 -5.82
C LEU A 131 -4.74 1.67 -7.30
N LEU A 132 -5.55 2.49 -7.89
CA LEU A 132 -5.46 2.79 -9.28
C LEU A 132 -4.84 4.14 -9.43
N GLY A 133 -4.54 4.51 -10.66
CA GLY A 133 -3.86 5.73 -10.90
C GLY A 133 -2.36 5.49 -10.87
N ALA A 134 -1.99 4.28 -10.48
CA ALA A 134 -0.62 3.92 -10.40
C ALA A 134 -0.17 3.41 -11.75
N GLU A 135 0.90 3.96 -12.17
CA GLU A 135 1.56 3.70 -13.42
C GLU A 135 3.01 3.92 -13.12
N ASP A 136 3.92 3.56 -14.05
CA ASP A 136 5.40 3.71 -13.86
C ASP A 136 5.71 5.11 -13.31
N ALA A 137 6.12 5.18 -12.04
CA ALA A 137 6.13 6.47 -11.37
C ALA A 137 7.43 6.94 -10.71
N ILE A 138 8.10 6.09 -9.92
CA ILE A 138 9.28 6.58 -9.14
C ILE A 138 10.39 7.09 -10.05
N ASP A 139 10.66 8.36 -9.86
CA ASP A 139 11.67 9.11 -10.57
C ASP A 139 13.06 8.56 -10.20
N MET A 140 13.85 8.24 -11.19
CA MET A 140 15.20 7.69 -10.96
C MET A 140 16.28 8.76 -10.98
N GLU A 141 15.88 9.98 -11.20
CA GLU A 141 16.81 11.08 -11.32
C GLU A 141 17.00 11.74 -9.96
N ARG A 142 15.91 12.07 -9.34
CA ARG A 142 15.88 12.81 -8.10
C ARG A 142 15.85 11.89 -6.90
N SER A 143 15.65 10.62 -7.16
CA SER A 143 15.69 9.62 -6.14
C SER A 143 16.96 8.82 -6.34
N GLU A 144 17.59 8.47 -5.27
CA GLU A 144 18.83 7.78 -5.31
C GLU A 144 18.65 6.47 -4.57
N TYR A 145 18.46 5.42 -5.31
CA TYR A 145 18.20 4.13 -4.74
C TYR A 145 18.82 3.04 -5.59
N GLU A 146 18.91 1.88 -5.02
CA GLU A 146 19.48 0.71 -5.66
C GLU A 146 18.46 -0.39 -5.70
N MET A 147 18.52 -1.18 -6.74
CA MET A 147 17.61 -2.29 -6.88
C MET A 147 18.25 -3.60 -6.48
N ASP A 148 17.39 -4.52 -6.08
CA ASP A 148 17.67 -5.86 -5.55
C ASP A 148 17.82 -5.86 -4.03
N SER A 149 16.67 -5.96 -3.39
CA SER A 149 16.56 -6.08 -1.96
C SER A 149 16.34 -7.55 -1.65
N LEU A 150 15.60 -8.18 -2.52
CA LEU A 150 15.22 -9.57 -2.42
C LEU A 150 15.39 -10.13 -3.80
N GLU A 151 14.75 -9.47 -4.73
CA GLU A 151 14.84 -9.79 -6.11
C GLU A 151 14.95 -8.49 -6.90
N LYS A 152 15.04 -8.62 -8.22
CA LYS A 152 15.34 -7.55 -9.17
C LYS A 152 14.50 -6.27 -8.97
N ASP A 153 13.20 -6.41 -8.85
CA ASP A 153 12.29 -5.25 -8.78
C ASP A 153 12.04 -4.77 -7.35
N GLN A 154 12.81 -5.27 -6.42
CA GLN A 154 12.67 -4.86 -5.05
C GLN A 154 13.79 -3.89 -4.71
N ILE A 155 13.44 -2.66 -4.41
CA ILE A 155 14.42 -1.64 -4.04
C ILE A 155 14.94 -1.94 -2.62
N GLY A 156 16.26 -1.96 -2.44
CA GLY A 156 16.84 -2.28 -1.15
C GLY A 156 17.45 -1.11 -0.47
N ASN A 157 18.41 -0.53 -1.10
CA ASN A 157 19.08 0.64 -0.56
C ASN A 157 18.43 1.89 -1.09
N ILE A 158 17.89 2.70 -0.20
CA ILE A 158 17.28 3.95 -0.59
C ILE A 158 18.03 5.07 0.11
N ASP A 159 18.78 5.85 -0.62
CA ASP A 159 19.49 6.98 -0.01
C ASP A 159 18.62 8.20 -0.04
N ALA A 160 17.83 8.30 -1.09
CA ALA A 160 16.93 9.41 -1.28
C ALA A 160 15.72 8.96 -2.07
N LEU A 161 14.58 9.44 -1.66
CA LEU A 161 13.34 9.10 -2.31
C LEU A 161 12.59 10.38 -2.58
N ALA A 162 12.42 10.68 -3.83
CA ALA A 162 11.65 11.81 -4.27
C ALA A 162 10.30 11.27 -4.70
N LEU A 163 9.27 12.07 -4.51
CA LEU A 163 7.91 11.64 -4.78
C LEU A 163 7.68 11.25 -6.22
N ASP A 164 6.92 10.21 -6.39
CA ASP A 164 6.57 9.63 -7.67
C ASP A 164 5.25 10.18 -8.15
N THR A 165 4.86 11.28 -7.53
CA THR A 165 3.68 12.05 -7.86
C THR A 165 3.83 12.73 -9.23
N SER A 166 5.01 12.59 -9.80
CA SER A 166 5.32 13.01 -11.13
C SER A 166 4.49 12.22 -12.15
N ALA A 167 4.22 10.93 -11.86
CA ALA A 167 3.39 10.16 -12.78
C ALA A 167 2.04 9.82 -12.15
N ILE A 168 2.03 9.62 -10.85
CA ILE A 168 0.78 9.40 -10.16
C ILE A 168 0.31 10.74 -9.68
N ARG A 169 -0.88 11.15 -10.07
CA ARG A 169 -1.37 12.47 -9.72
C ARG A 169 -1.37 12.69 -8.19
N PRO A 170 -0.75 13.80 -7.73
CA PRO A 170 -0.62 14.11 -6.30
C PRO A 170 -1.94 14.31 -5.53
N ASP A 171 -3.08 14.29 -6.22
CA ASP A 171 -4.40 14.43 -5.59
C ASP A 171 -4.86 13.11 -4.99
N ALA A 172 -4.13 12.04 -5.29
CA ALA A 172 -4.43 10.74 -4.76
C ALA A 172 -4.09 10.68 -3.28
N LYS A 173 -5.07 10.28 -2.48
CA LYS A 173 -4.88 10.14 -1.04
C LYS A 173 -3.94 8.98 -0.71
N MET A 174 -4.05 7.93 -1.48
CA MET A 174 -3.32 6.72 -1.24
C MET A 174 -3.03 6.06 -2.57
N PHE A 175 -1.80 5.67 -2.77
CA PHE A 175 -1.37 5.02 -3.99
C PHE A 175 -0.20 4.10 -3.70
N ARG A 176 0.30 3.45 -4.72
CA ARG A 176 1.42 2.57 -4.56
C ARG A 176 2.39 2.81 -5.69
N CYS A 177 3.65 2.80 -5.37
CA CYS A 177 4.67 3.00 -6.34
C CYS A 177 4.84 1.76 -7.20
N THR A 178 5.02 1.95 -8.46
CA THR A 178 5.21 0.89 -9.41
C THR A 178 6.65 0.33 -9.49
N LYS A 179 7.61 1.03 -8.90
CA LYS A 179 9.01 0.58 -8.98
C LYS A 179 9.38 -0.35 -7.83
N GLU A 180 8.47 -0.53 -6.90
CA GLU A 180 8.68 -1.41 -5.76
C GLU A 180 7.30 -1.89 -5.39
N ARG A 181 7.17 -3.10 -4.99
CA ARG A 181 5.87 -3.71 -4.83
C ARG A 181 5.34 -3.49 -3.44
N ARG A 182 6.22 -3.39 -2.48
CA ARG A 182 5.84 -3.27 -1.08
C ARG A 182 5.60 -1.80 -0.73
N LEU A 183 6.24 -0.92 -1.48
CA LEU A 183 6.26 0.51 -1.18
C LEU A 183 4.91 1.17 -1.55
N ILE A 184 4.13 1.43 -0.53
CA ILE A 184 2.85 2.10 -0.67
C ILE A 184 3.02 3.52 -0.15
N LEU A 185 2.40 4.50 -0.76
CA LEU A 185 2.48 5.87 -0.28
C LEU A 185 1.11 6.38 0.10
N ILE A 186 1.02 6.89 1.30
CA ILE A 186 -0.20 7.46 1.79
C ILE A 186 0.05 8.86 2.25
N ARG A 187 -0.99 9.64 2.30
CA ARG A 187 -0.92 10.94 2.88
C ARG A 187 -1.03 10.78 4.39
N GLU A 188 -0.58 11.81 5.09
CA GLU A 188 -0.72 11.91 6.55
C GLU A 188 -2.20 11.73 6.97
N ASP A 189 -3.07 12.28 6.13
CA ASP A 189 -4.52 12.26 6.27
C ASP A 189 -5.05 10.84 6.42
N VAL A 190 -4.50 9.93 5.63
CA VAL A 190 -4.95 8.55 5.59
C VAL A 190 -4.58 7.83 6.89
N HIS A 191 -3.34 8.03 7.37
CA HIS A 191 -2.94 7.37 8.62
C HIS A 191 -3.67 7.96 9.80
N ALA A 192 -4.00 9.25 9.71
CA ALA A 192 -4.69 9.97 10.78
C ALA A 192 -6.06 9.36 11.06
N ALA A 193 -6.66 8.83 10.03
CA ALA A 193 -7.95 8.17 10.12
C ALA A 193 -7.79 6.81 10.77
N PHE A 194 -6.68 6.17 10.49
CA PHE A 194 -6.40 4.87 11.04
C PHE A 194 -6.02 4.96 12.53
N GLU A 195 -5.35 6.06 12.89
CA GLU A 195 -4.93 6.32 14.26
C GLU A 195 -6.15 6.48 15.16
N GLN A 196 -7.10 7.29 14.72
CA GLN A 196 -8.33 7.57 15.48
C GLN A 196 -9.26 6.36 15.51
N ALA A 197 -9.06 5.43 14.59
CA ALA A 197 -9.87 4.22 14.54
C ALA A 197 -9.26 3.11 15.39
N GLY A 198 -7.96 3.22 15.65
CA GLY A 198 -7.27 2.22 16.45
C GLY A 198 -7.18 0.90 15.73
N LEU A 199 -6.80 0.95 14.47
CA LEU A 199 -6.68 -0.25 13.67
C LEU A 199 -5.30 -0.88 13.88
N THR A 200 -5.19 -2.15 13.59
CA THR A 200 -3.96 -2.85 13.80
C THR A 200 -3.22 -3.15 12.49
N GLY A 201 -1.89 -3.01 12.52
CA GLY A 201 -1.08 -3.33 11.38
C GLY A 201 -0.50 -2.11 10.69
N PHE A 202 0.23 -1.26 11.41
CA PHE A 202 0.80 -0.07 10.76
C PHE A 202 2.23 0.17 11.14
N LYS A 203 2.98 0.61 10.17
CA LYS A 203 4.33 1.00 10.32
C LYS A 203 4.53 2.14 9.33
N VAL A 204 4.94 3.28 9.80
CA VAL A 204 5.10 4.43 8.93
C VAL A 204 6.53 4.90 8.86
N TYR A 205 6.95 5.24 7.68
CA TYR A 205 8.27 5.77 7.45
C TYR A 205 8.09 7.02 6.64
N GLU A 206 8.89 8.02 6.88
CA GLU A 206 8.78 9.27 6.16
C GLU A 206 9.29 9.11 4.72
N ALA A 207 8.38 9.22 3.76
CA ALA A 207 8.67 8.97 2.35
C ALA A 207 9.53 10.04 1.72
N GLU A 208 9.24 11.28 2.04
CA GLU A 208 9.96 12.41 1.48
C GLU A 208 11.38 12.45 2.03
N GLY A 209 12.32 11.98 1.23
CA GLY A 209 13.70 11.92 1.64
C GLY A 209 13.98 10.67 2.48
N TRP A 210 13.20 9.62 2.23
CA TRP A 210 13.30 8.32 2.94
C TRP A 210 14.75 7.75 2.84
N ASP A 211 15.50 7.89 3.92
CA ASP A 211 16.90 7.51 3.98
C ASP A 211 17.17 6.20 4.73
N GLY A 212 17.58 5.18 4.00
CA GLY A 212 18.16 3.95 4.55
C GLY A 212 17.27 3.02 5.36
N LEU A 213 16.03 3.32 5.50
CA LEU A 213 15.16 2.47 6.30
C LEU A 213 14.43 1.49 5.39
N GLU A 214 14.44 0.22 5.76
CA GLU A 214 13.65 -0.75 5.02
C GLU A 214 12.29 -0.82 5.64
N LEU A 215 11.28 -0.78 4.82
CA LEU A 215 9.91 -0.82 5.27
C LEU A 215 9.56 -2.14 5.96
N MET A 1 34.16 -10.01 -3.50
CA MET A 1 35.02 -9.85 -2.32
C MET A 1 34.21 -9.87 -1.04
N GLY A 2 33.00 -9.34 -1.08
CA GLY A 2 32.17 -9.28 0.09
C GLY A 2 32.27 -7.94 0.73
N SER A 3 33.34 -7.73 1.50
CA SER A 3 33.64 -6.47 2.22
C SER A 3 32.53 -6.00 3.20
N SER A 4 32.76 -4.90 3.87
CA SER A 4 31.78 -4.34 4.77
C SER A 4 30.77 -3.52 3.96
N HIS A 5 29.68 -4.15 3.58
CA HIS A 5 28.67 -3.50 2.79
C HIS A 5 27.55 -3.02 3.69
N HIS A 6 27.82 -1.94 4.37
CA HIS A 6 26.88 -1.29 5.27
C HIS A 6 27.48 0.08 5.57
N HIS A 7 28.13 0.64 4.55
CA HIS A 7 28.82 1.91 4.66
C HIS A 7 27.81 3.04 4.51
N HIS A 8 27.04 3.22 5.56
CA HIS A 8 25.97 4.21 5.66
C HIS A 8 26.49 5.63 5.52
N HIS A 9 25.59 6.51 5.23
CA HIS A 9 25.89 7.90 5.05
C HIS A 9 25.51 8.64 6.34
N HIS A 10 26.38 9.49 6.81
CA HIS A 10 26.11 10.28 7.99
C HIS A 10 25.38 11.55 7.60
N SER A 11 24.34 11.88 8.38
CA SER A 11 23.45 13.02 8.15
C SER A 11 22.52 12.73 6.96
N SER A 12 21.27 13.15 7.08
CA SER A 12 20.27 12.88 6.06
C SER A 12 20.60 13.60 4.74
N GLY A 13 21.23 14.77 4.84
CA GLY A 13 21.53 15.56 3.66
C GLY A 13 20.29 16.27 3.17
N LEU A 14 19.32 16.39 4.07
CA LEU A 14 18.03 16.93 3.78
C LEU A 14 17.73 18.02 4.78
N VAL A 15 17.36 19.17 4.30
CA VAL A 15 17.11 20.30 5.14
C VAL A 15 15.65 20.70 5.00
N PRO A 16 14.87 20.63 6.08
CA PRO A 16 13.50 21.09 6.06
C PRO A 16 13.45 22.61 5.91
N ARG A 17 13.23 23.04 4.69
CA ARG A 17 13.19 24.43 4.33
C ARG A 17 11.87 25.03 4.78
N GLY A 18 10.81 24.32 4.49
CA GLY A 18 9.51 24.78 4.86
C GLY A 18 8.73 23.67 5.48
N SER A 19 7.86 24.00 6.39
CA SER A 19 7.04 23.02 7.01
C SER A 19 5.81 22.72 6.16
N HIS A 20 5.99 21.84 5.21
CA HIS A 20 4.91 21.38 4.35
C HIS A 20 4.18 20.28 5.12
N MET A 21 2.94 20.55 5.47
CA MET A 21 2.15 19.68 6.36
C MET A 21 1.75 18.37 5.74
N VAL A 22 1.63 18.36 4.46
CA VAL A 22 1.27 17.18 3.74
C VAL A 22 2.49 16.30 3.54
N LYS A 23 2.46 15.15 4.12
CA LYS A 23 3.54 14.24 4.01
C LYS A 23 3.06 12.89 3.58
N TYR A 24 3.91 12.19 2.91
CA TYR A 24 3.59 10.90 2.40
C TYR A 24 4.37 9.86 3.16
N PHE A 25 3.70 8.82 3.53
CA PHE A 25 4.30 7.74 4.26
C PHE A 25 4.28 6.49 3.45
N VAL A 26 5.33 5.73 3.60
CA VAL A 26 5.40 4.41 3.05
C VAL A 26 4.52 3.53 3.93
N PHE A 27 3.52 2.96 3.34
CA PHE A 27 2.58 2.18 4.06
C PHE A 27 3.02 0.74 4.05
N LYS A 28 3.14 0.19 5.21
CA LYS A 28 3.57 -1.14 5.41
C LYS A 28 2.90 -1.61 6.70
N VAL A 29 2.81 -2.89 6.87
CA VAL A 29 2.29 -3.47 8.08
C VAL A 29 3.48 -3.94 8.90
N MET A 30 3.52 -3.55 10.18
CA MET A 30 4.64 -3.92 11.06
C MET A 30 4.61 -5.40 11.38
N ALA A 31 5.77 -5.89 11.83
CA ALA A 31 5.99 -7.27 12.26
C ALA A 31 5.97 -8.24 11.11
N GLU A 32 7.07 -8.92 10.90
CA GLU A 32 7.15 -9.95 9.85
C GLU A 32 6.31 -11.16 10.24
N GLU A 33 6.06 -11.23 11.54
CA GLU A 33 5.27 -12.26 12.17
C GLU A 33 3.78 -12.11 11.81
N ALA A 34 3.40 -10.92 11.29
CA ALA A 34 1.97 -10.57 11.01
C ALA A 34 1.30 -11.55 10.10
N GLY A 35 2.06 -12.15 9.24
CA GLY A 35 1.51 -13.12 8.38
C GLY A 35 1.34 -12.61 7.02
N TYR A 36 2.42 -12.60 6.31
CA TYR A 36 2.42 -12.21 4.94
C TYR A 36 1.70 -13.25 4.14
N ILE A 37 1.11 -12.85 3.05
CA ILE A 37 0.67 -13.81 2.10
C ILE A 37 1.97 -14.27 1.45
N GLU A 38 2.40 -15.44 1.89
CA GLU A 38 3.71 -16.03 1.58
C GLU A 38 3.93 -16.18 0.08
N LYS A 39 2.89 -16.57 -0.58
CA LYS A 39 2.88 -16.78 -1.97
C LYS A 39 1.44 -16.54 -2.40
N LEU A 40 1.27 -16.28 -3.68
CA LEU A 40 -0.01 -15.91 -4.28
C LEU A 40 -1.19 -16.84 -3.95
N PRO A 41 -2.37 -16.24 -3.66
CA PRO A 41 -3.59 -16.97 -3.45
C PRO A 41 -4.24 -17.39 -4.78
N ASN A 42 -5.20 -18.28 -4.69
CA ASN A 42 -5.93 -18.83 -5.84
C ASN A 42 -6.55 -17.75 -6.76
N GLY A 43 -6.08 -17.71 -8.01
CA GLY A 43 -6.68 -16.85 -9.03
C GLY A 43 -6.06 -15.47 -9.12
N SER A 44 -4.96 -15.25 -8.45
CA SER A 44 -4.34 -13.94 -8.45
C SER A 44 -3.38 -13.70 -9.65
N PRO A 45 -3.26 -12.42 -10.13
CA PRO A 45 -2.22 -12.01 -11.12
C PRO A 45 -0.83 -12.03 -10.48
N THR A 46 0.23 -11.97 -11.26
CA THR A 46 1.59 -12.06 -10.74
C THR A 46 1.96 -10.95 -9.73
N ASP A 47 2.95 -11.28 -8.88
CA ASP A 47 3.46 -10.50 -7.72
C ASP A 47 3.56 -9.01 -7.99
N TRP A 48 4.25 -8.68 -9.02
CA TRP A 48 4.55 -7.31 -9.35
C TRP A 48 3.46 -6.67 -10.19
N LYS A 49 2.66 -7.50 -10.83
CA LYS A 49 1.71 -7.03 -11.80
C LYS A 49 0.40 -6.61 -11.15
N PHE A 50 0.21 -6.97 -9.86
CA PHE A 50 -1.03 -6.66 -9.11
C PHE A 50 -1.53 -5.20 -9.25
N HIS A 51 -0.63 -4.26 -9.37
CA HIS A 51 -1.06 -2.87 -9.57
C HIS A 51 -0.36 -2.26 -10.73
N GLU A 52 0.25 -3.06 -11.54
CA GLU A 52 1.08 -2.51 -12.56
C GLU A 52 0.25 -2.35 -13.84
N GLY A 53 -0.15 -1.12 -14.08
CA GLY A 53 -0.89 -0.72 -15.26
C GLY A 53 -2.35 -1.22 -15.37
N ILE A 54 -2.80 -2.14 -14.51
CA ILE A 54 -4.17 -2.66 -14.63
C ILE A 54 -4.82 -2.83 -13.24
N SER A 55 -6.10 -3.15 -13.25
CA SER A 55 -6.85 -3.44 -12.07
C SER A 55 -6.93 -4.96 -11.89
N LEU A 56 -7.16 -5.40 -10.67
CA LEU A 56 -7.23 -6.81 -10.37
C LEU A 56 -8.59 -7.38 -10.68
N ALA A 57 -9.59 -6.50 -10.84
CA ALA A 57 -10.98 -6.91 -11.01
C ALA A 57 -11.21 -7.83 -12.23
N LYS A 58 -10.33 -7.76 -13.21
CA LYS A 58 -10.46 -8.58 -14.40
C LYS A 58 -9.82 -9.96 -14.24
N ASP A 59 -8.88 -10.10 -13.32
CA ASP A 59 -8.16 -11.38 -13.20
C ASP A 59 -8.39 -12.07 -11.88
N PHE A 60 -8.77 -11.34 -10.88
CA PHE A 60 -8.94 -11.90 -9.56
C PHE A 60 -10.41 -12.25 -9.32
N PRO A 61 -10.70 -13.44 -8.76
CA PRO A 61 -12.07 -13.89 -8.50
C PRO A 61 -12.76 -13.05 -7.43
N VAL A 62 -13.89 -12.49 -7.77
CA VAL A 62 -14.64 -11.65 -6.85
C VAL A 62 -15.72 -12.51 -6.22
N GLY A 63 -15.76 -12.54 -4.91
CA GLY A 63 -16.74 -13.34 -4.21
C GLY A 63 -16.35 -14.80 -4.15
N GLY A 64 -15.07 -15.04 -4.29
CA GLY A 64 -14.56 -16.39 -4.26
C GLY A 64 -13.89 -16.72 -2.95
N GLU A 65 -13.01 -17.69 -2.98
CA GLU A 65 -12.30 -18.12 -1.80
C GLU A 65 -10.84 -18.17 -2.12
N VAL A 66 -10.04 -17.58 -1.28
CA VAL A 66 -8.63 -17.61 -1.43
C VAL A 66 -7.99 -18.12 -0.18
N SER A 67 -6.75 -18.46 -0.25
CA SER A 67 -6.04 -18.97 0.87
C SER A 67 -4.60 -18.56 0.73
N PHE A 68 -3.92 -18.37 1.84
CA PHE A 68 -2.49 -18.15 1.82
C PHE A 68 -1.89 -19.49 1.47
N SER A 69 -1.22 -19.57 0.36
CA SER A 69 -0.68 -20.81 -0.11
C SER A 69 0.40 -21.36 0.85
N LYS A 70 0.46 -22.69 0.91
CA LYS A 70 1.31 -23.42 1.85
C LYS A 70 2.81 -23.30 1.53
N ASN A 71 3.32 -22.16 1.87
CA ASN A 71 4.75 -21.87 1.84
C ASN A 71 5.22 -21.85 3.29
N TYR A 72 4.37 -21.33 4.14
CA TYR A 72 4.54 -21.31 5.56
C TYR A 72 3.21 -21.52 6.22
N PRO A 73 3.10 -22.53 7.09
CA PRO A 73 1.93 -22.72 7.94
C PRO A 73 2.17 -22.04 9.29
N ASP A 74 3.17 -21.19 9.30
CA ASP A 74 3.61 -20.46 10.47
C ASP A 74 3.09 -19.01 10.34
N ASN A 75 3.64 -18.08 11.14
CA ASN A 75 3.19 -16.67 11.23
C ASN A 75 1.86 -16.53 11.98
N ARG A 76 1.52 -15.32 12.33
CA ARG A 76 0.34 -15.01 13.11
C ARG A 76 -0.93 -15.01 12.27
N ASN A 77 -2.00 -14.63 12.92
CA ASN A 77 -3.30 -14.46 12.32
C ASN A 77 -3.38 -13.10 11.61
N LEU A 78 -4.56 -12.75 11.16
CA LEU A 78 -4.76 -11.54 10.41
C LEU A 78 -5.10 -10.36 11.34
N TYR A 79 -4.72 -9.20 10.89
CA TYR A 79 -4.96 -7.94 11.57
C TYR A 79 -5.91 -7.13 10.71
N ASP A 80 -5.98 -5.82 10.91
CA ASP A 80 -6.91 -5.00 10.11
C ASP A 80 -6.39 -4.81 8.71
N PHE A 81 -5.10 -4.70 8.60
CA PHE A 81 -4.41 -4.68 7.33
C PHE A 81 -3.48 -5.86 7.29
N GLN A 82 -3.48 -6.58 6.19
CA GLN A 82 -2.67 -7.75 6.08
C GLN A 82 -1.66 -7.59 4.94
N PRO A 83 -0.36 -7.83 5.21
CA PRO A 83 0.70 -7.65 4.24
C PRO A 83 1.02 -8.94 3.46
N ASN A 84 1.99 -8.83 2.55
CA ASN A 84 2.42 -9.94 1.71
C ASN A 84 3.78 -9.65 1.09
N ILE A 85 4.27 -10.60 0.32
CA ILE A 85 5.52 -10.47 -0.40
C ILE A 85 5.16 -10.20 -1.89
N MET A 86 4.07 -9.48 -2.05
CA MET A 86 3.46 -9.17 -3.33
C MET A 86 3.24 -7.66 -3.35
N SER A 87 2.31 -7.17 -4.15
CA SER A 87 2.08 -5.72 -4.17
C SER A 87 0.66 -5.31 -3.75
N ASN A 88 -0.25 -6.26 -3.64
CA ASN A 88 -1.64 -5.95 -3.29
C ASN A 88 -1.82 -5.92 -1.79
N LEU A 89 -2.86 -5.27 -1.33
CA LEU A 89 -3.06 -5.12 0.09
C LEU A 89 -4.39 -5.75 0.48
N LEU A 90 -4.38 -6.50 1.54
CA LEU A 90 -5.58 -7.10 2.04
C LEU A 90 -6.09 -6.27 3.19
N VAL A 91 -7.30 -5.78 3.05
CA VAL A 91 -7.89 -4.86 4.00
C VAL A 91 -9.17 -5.48 4.57
N SER A 92 -9.38 -5.33 5.86
CA SER A 92 -10.61 -5.79 6.49
C SER A 92 -11.77 -4.84 6.12
N GLY A 93 -13.01 -5.28 6.35
CA GLY A 93 -14.17 -4.46 6.00
C GLY A 93 -14.30 -3.27 6.91
N ARG A 94 -13.71 -3.38 8.07
CA ARG A 94 -13.74 -2.32 9.07
C ARG A 94 -12.79 -1.22 8.62
N ALA A 95 -11.59 -1.63 8.24
CA ALA A 95 -10.57 -0.71 7.74
C ALA A 95 -11.01 -0.14 6.39
N ARG A 96 -11.75 -0.96 5.63
CA ARG A 96 -12.36 -0.58 4.36
C ARG A 96 -13.26 0.62 4.55
N LYS A 97 -14.05 0.60 5.62
CA LYS A 97 -15.00 1.64 5.93
C LYS A 97 -14.30 2.98 6.03
N LEU A 98 -13.18 3.00 6.77
CA LEU A 98 -12.33 4.21 6.94
C LEU A 98 -11.92 4.78 5.58
N ILE A 99 -11.31 3.94 4.78
CA ILE A 99 -10.79 4.31 3.46
C ILE A 99 -11.90 4.85 2.54
N GLU A 100 -13.06 4.22 2.59
CA GLU A 100 -14.21 4.64 1.79
C GLU A 100 -14.75 5.99 2.27
N SER A 101 -14.70 6.23 3.58
CA SER A 101 -15.21 7.47 4.18
C SER A 101 -14.35 8.67 3.81
N LEU A 102 -13.08 8.43 3.61
CA LEU A 102 -12.14 9.48 3.20
C LEU A 102 -12.27 9.78 1.72
N GLY A 103 -12.88 8.87 1.00
CA GLY A 103 -13.08 9.05 -0.41
C GLY A 103 -11.82 8.84 -1.17
N VAL A 104 -11.11 7.79 -0.84
CA VAL A 104 -9.90 7.42 -1.54
C VAL A 104 -10.29 6.92 -2.93
N THR A 105 -9.90 7.66 -3.92
CA THR A 105 -10.22 7.34 -5.28
C THR A 105 -9.23 6.30 -5.80
N ASN A 106 -9.67 5.50 -6.76
CA ASN A 106 -8.88 4.44 -7.41
C ASN A 106 -8.70 3.24 -6.52
N ALA A 107 -9.50 3.13 -5.50
CA ALA A 107 -9.42 2.01 -4.63
C ALA A 107 -10.55 1.06 -4.95
N GLU A 108 -10.18 -0.08 -5.46
CA GLU A 108 -11.15 -1.10 -5.78
C GLU A 108 -11.05 -2.19 -4.73
N TRP A 109 -12.17 -2.76 -4.37
CA TRP A 109 -12.26 -3.71 -3.31
C TRP A 109 -12.72 -5.02 -3.87
N LEU A 110 -11.92 -6.04 -3.74
CA LEU A 110 -12.31 -7.35 -4.20
C LEU A 110 -12.52 -8.27 -3.00
N PRO A 111 -13.78 -8.41 -2.54
CA PRO A 111 -14.11 -9.22 -1.38
C PRO A 111 -14.12 -10.72 -1.68
N VAL A 112 -13.50 -11.46 -0.80
CA VAL A 112 -13.39 -12.90 -0.89
C VAL A 112 -13.31 -13.46 0.51
N ALA A 113 -13.36 -14.75 0.63
CA ALA A 113 -13.16 -15.37 1.89
C ALA A 113 -11.70 -15.76 1.96
N ILE A 114 -10.97 -15.16 2.88
CA ILE A 114 -9.57 -15.45 2.99
C ILE A 114 -9.31 -16.48 4.07
N LYS A 115 -8.71 -17.56 3.66
CA LYS A 115 -8.23 -18.58 4.52
C LYS A 115 -6.75 -18.30 4.76
N ASP A 116 -6.34 -18.36 5.98
CA ASP A 116 -4.98 -18.00 6.38
C ASP A 116 -3.97 -19.14 6.04
N HIS A 117 -2.82 -19.10 6.70
CA HIS A 117 -1.75 -20.09 6.54
C HIS A 117 -2.23 -21.48 6.95
N GLN A 118 -3.10 -21.51 7.96
CA GLN A 118 -3.64 -22.75 8.49
C GLN A 118 -4.84 -23.21 7.68
N GLY A 119 -5.41 -22.29 6.94
CA GLY A 119 -6.52 -22.59 6.08
C GLY A 119 -7.85 -22.36 6.74
N LYS A 120 -7.87 -21.51 7.73
CA LYS A 120 -9.09 -21.21 8.44
C LYS A 120 -9.61 -19.85 7.97
N VAL A 121 -10.92 -19.72 7.85
CA VAL A 121 -11.51 -18.50 7.33
C VAL A 121 -11.64 -17.48 8.43
N VAL A 122 -10.59 -16.77 8.66
CA VAL A 122 -10.57 -15.70 9.64
C VAL A 122 -10.66 -14.35 8.95
N GLY A 123 -10.74 -14.38 7.63
CA GLY A 123 -10.87 -13.16 6.89
C GLY A 123 -12.02 -13.18 5.88
N PRO A 124 -13.31 -13.40 6.29
CA PRO A 124 -14.44 -13.37 5.34
C PRO A 124 -14.95 -11.93 5.11
N ASP A 125 -14.46 -11.04 5.95
CA ASP A 125 -14.86 -9.62 5.99
C ASP A 125 -13.85 -8.79 5.20
N TYR A 126 -12.82 -9.45 4.76
CA TYR A 126 -11.70 -8.80 4.15
C TYR A 126 -11.85 -8.74 2.64
N ALA A 127 -11.24 -7.75 2.06
CA ALA A 127 -11.26 -7.51 0.64
C ALA A 127 -9.88 -7.07 0.20
N PHE A 128 -9.51 -7.45 -0.98
CA PHE A 128 -8.25 -7.05 -1.54
C PHE A 128 -8.37 -5.71 -2.19
N LEU A 129 -7.62 -4.77 -1.69
CA LEU A 129 -7.64 -3.43 -2.17
C LEU A 129 -6.59 -3.29 -3.24
N ASN A 130 -7.01 -2.77 -4.35
CA ASN A 130 -6.10 -2.46 -5.40
C ASN A 130 -6.20 -1.02 -5.80
N LEU A 131 -5.08 -0.30 -5.70
CA LEU A 131 -4.97 1.06 -6.17
C LEU A 131 -4.76 1.06 -7.65
N LEU A 132 -5.58 1.83 -8.30
CA LEU A 132 -5.56 2.08 -9.72
C LEU A 132 -4.95 3.44 -9.93
N GLY A 133 -4.76 3.80 -11.17
CA GLY A 133 -4.20 5.10 -11.47
C GLY A 133 -2.71 5.09 -11.34
N ALA A 134 -2.13 3.93 -11.41
CA ALA A 134 -0.73 3.78 -11.33
C ALA A 134 -0.16 3.82 -12.71
N GLU A 135 0.84 4.60 -12.85
CA GLU A 135 1.57 4.79 -14.06
C GLU A 135 2.98 4.97 -13.59
N ASP A 136 3.99 4.74 -14.43
CA ASP A 136 5.39 4.75 -13.95
C ASP A 136 5.75 6.06 -13.33
N ALA A 137 5.85 6.04 -12.04
CA ALA A 137 5.94 7.23 -11.29
C ALA A 137 7.19 7.37 -10.47
N ILE A 138 7.90 6.27 -10.20
CA ILE A 138 9.09 6.36 -9.37
C ILE A 138 10.14 7.18 -10.08
N ASP A 139 10.42 8.30 -9.50
CA ASP A 139 11.39 9.22 -9.99
C ASP A 139 12.77 8.66 -9.72
N MET A 140 13.59 8.59 -10.72
CA MET A 140 14.93 8.07 -10.52
C MET A 140 15.96 9.16 -10.86
N GLU A 141 15.52 10.38 -11.12
CA GLU A 141 16.46 11.44 -11.46
C GLU A 141 16.82 12.24 -10.22
N ARG A 142 15.84 12.40 -9.34
CA ARG A 142 16.00 13.16 -8.11
C ARG A 142 16.37 12.21 -6.98
N SER A 143 15.88 10.98 -7.09
CA SER A 143 16.14 9.95 -6.11
C SER A 143 17.55 9.40 -6.27
N GLU A 144 18.06 8.82 -5.22
CA GLU A 144 19.38 8.25 -5.18
C GLU A 144 19.27 6.91 -4.47
N TYR A 145 19.35 5.83 -5.22
CA TYR A 145 19.22 4.50 -4.64
C TYR A 145 19.82 3.44 -5.54
N GLU A 146 20.01 2.27 -4.97
CA GLU A 146 20.52 1.13 -5.66
C GLU A 146 19.46 0.04 -5.62
N MET A 147 19.24 -0.57 -6.75
CA MET A 147 18.30 -1.65 -6.90
C MET A 147 18.79 -2.94 -6.28
N ASP A 148 17.83 -3.80 -5.93
CA ASP A 148 18.03 -5.18 -5.45
C ASP A 148 17.92 -5.42 -3.95
N SER A 149 16.75 -5.89 -3.53
CA SER A 149 16.56 -6.47 -2.20
C SER A 149 16.60 -7.98 -2.41
N LEU A 150 15.72 -8.43 -3.30
CA LEU A 150 15.58 -9.82 -3.66
C LEU A 150 15.92 -9.95 -5.14
N GLU A 151 15.40 -9.00 -5.92
CA GLU A 151 15.71 -8.87 -7.32
C GLU A 151 15.78 -7.39 -7.64
N LYS A 152 16.02 -7.10 -8.90
CA LYS A 152 16.12 -5.75 -9.47
C LYS A 152 15.00 -4.76 -9.03
N ASP A 153 13.74 -5.17 -9.13
CA ASP A 153 12.59 -4.27 -8.88
C ASP A 153 12.16 -4.28 -7.41
N GLN A 154 13.12 -4.56 -6.60
CA GLN A 154 13.01 -4.50 -5.18
C GLN A 154 14.12 -3.57 -4.75
N ILE A 155 13.79 -2.44 -4.18
CA ILE A 155 14.81 -1.46 -3.85
C ILE A 155 15.44 -1.77 -2.50
N GLY A 156 16.77 -1.90 -2.48
CA GLY A 156 17.46 -2.28 -1.27
C GLY A 156 18.13 -1.12 -0.57
N ASN A 157 19.14 -0.57 -1.20
CA ASN A 157 19.87 0.56 -0.63
C ASN A 157 19.27 1.85 -1.13
N ILE A 158 18.78 2.66 -0.23
CA ILE A 158 18.13 3.89 -0.60
C ILE A 158 18.82 5.02 0.13
N ASP A 159 19.28 6.00 -0.60
CA ASP A 159 19.97 7.14 0.00
C ASP A 159 19.06 8.35 0.04
N ALA A 160 18.23 8.47 -0.96
CA ALA A 160 17.24 9.51 -1.07
C ALA A 160 16.12 9.02 -1.93
N LEU A 161 14.92 9.29 -1.53
CA LEU A 161 13.76 8.85 -2.25
C LEU A 161 12.88 10.06 -2.51
N ALA A 162 12.65 10.35 -3.76
CA ALA A 162 11.80 11.43 -4.16
C ALA A 162 10.43 10.87 -4.49
N LEU A 163 9.42 11.65 -4.22
CA LEU A 163 8.03 11.24 -4.37
C LEU A 163 7.65 10.88 -5.81
N ASP A 164 6.77 9.91 -5.93
CA ASP A 164 6.29 9.39 -7.21
C ASP A 164 5.06 10.17 -7.68
N THR A 165 4.73 11.20 -6.92
CA THR A 165 3.67 12.13 -7.24
C THR A 165 4.06 12.96 -8.50
N SER A 166 5.28 12.74 -8.94
CA SER A 166 5.82 13.25 -10.14
C SER A 166 4.96 12.75 -11.34
N ALA A 167 4.54 11.47 -11.33
CA ALA A 167 3.68 11.00 -12.42
C ALA A 167 2.28 10.69 -11.95
N ILE A 168 2.12 10.21 -10.72
CA ILE A 168 0.79 9.95 -10.17
C ILE A 168 0.22 11.27 -9.69
N ARG A 169 -1.08 11.47 -9.87
CA ARG A 169 -1.75 12.66 -9.40
C ARG A 169 -1.53 12.85 -7.89
N PRO A 170 -0.81 13.93 -7.48
CA PRO A 170 -0.44 14.17 -6.07
C PRO A 170 -1.63 14.35 -5.14
N ASP A 171 -2.78 14.67 -5.72
CA ASP A 171 -4.01 14.93 -4.95
C ASP A 171 -4.62 13.65 -4.39
N ALA A 172 -4.11 12.52 -4.86
CA ALA A 172 -4.57 11.22 -4.43
C ALA A 172 -4.15 10.94 -2.99
N LYS A 173 -4.96 10.20 -2.28
CA LYS A 173 -4.70 9.91 -0.89
C LYS A 173 -3.85 8.67 -0.72
N MET A 174 -4.11 7.69 -1.54
CA MET A 174 -3.43 6.42 -1.43
C MET A 174 -3.14 5.90 -2.83
N PHE A 175 -1.90 5.60 -3.05
CA PHE A 175 -1.39 5.14 -4.34
C PHE A 175 -0.16 4.29 -4.11
N ARG A 176 0.48 3.82 -5.16
CA ARG A 176 1.64 2.97 -4.98
C ARG A 176 2.69 3.24 -6.03
N CYS A 177 3.91 2.99 -5.66
CA CYS A 177 5.03 3.22 -6.53
C CYS A 177 5.20 2.02 -7.46
N THR A 178 5.32 2.28 -8.75
CA THR A 178 5.32 1.27 -9.79
C THR A 178 6.47 0.27 -9.78
N LYS A 179 7.68 0.75 -9.72
CA LYS A 179 8.88 -0.11 -9.82
C LYS A 179 9.35 -0.63 -8.47
N GLU A 180 8.43 -0.66 -7.53
CA GLU A 180 8.68 -1.23 -6.23
C GLU A 180 7.42 -2.00 -5.92
N ARG A 181 7.56 -3.14 -5.36
CA ARG A 181 6.42 -3.95 -5.15
C ARG A 181 5.76 -3.72 -3.81
N ARG A 182 6.53 -3.30 -2.84
CA ARG A 182 6.03 -3.22 -1.49
C ARG A 182 5.84 -1.76 -1.06
N LEU A 183 6.16 -0.85 -1.94
CA LEU A 183 6.13 0.54 -1.58
C LEU A 183 4.77 1.14 -1.99
N ILE A 184 3.93 1.34 -0.99
CA ILE A 184 2.63 1.97 -1.14
C ILE A 184 2.71 3.32 -0.41
N LEU A 185 2.12 4.37 -0.95
CA LEU A 185 2.18 5.67 -0.30
C LEU A 185 0.81 6.17 0.10
N ILE A 186 0.75 6.73 1.29
CA ILE A 186 -0.45 7.33 1.82
C ILE A 186 -0.14 8.73 2.33
N ARG A 187 -1.13 9.59 2.31
CA ARG A 187 -1.02 10.92 2.89
C ARG A 187 -1.23 10.87 4.39
N GLU A 188 -0.82 11.95 5.07
CA GLU A 188 -1.01 12.11 6.51
C GLU A 188 -2.49 11.96 6.89
N ASP A 189 -3.35 12.55 6.07
CA ASP A 189 -4.82 12.51 6.16
C ASP A 189 -5.35 11.07 6.31
N VAL A 190 -4.74 10.17 5.57
CA VAL A 190 -5.16 8.77 5.53
C VAL A 190 -4.87 8.09 6.87
N HIS A 191 -3.66 8.28 7.40
CA HIS A 191 -3.33 7.61 8.65
C HIS A 191 -3.98 8.32 9.82
N ALA A 192 -4.32 9.60 9.66
CA ALA A 192 -5.01 10.38 10.69
C ALA A 192 -6.34 9.74 11.05
N ALA A 193 -7.01 9.22 10.03
CA ALA A 193 -8.25 8.51 10.20
C ALA A 193 -7.98 7.16 10.87
N PHE A 194 -6.85 6.56 10.54
CA PHE A 194 -6.49 5.27 11.11
C PHE A 194 -6.09 5.41 12.60
N GLU A 195 -5.49 6.56 12.96
CA GLU A 195 -5.09 6.86 14.36
C GLU A 195 -6.31 6.76 15.26
N GLN A 196 -7.37 7.43 14.83
CA GLN A 196 -8.62 7.51 15.57
C GLN A 196 -9.49 6.27 15.35
N ALA A 197 -9.08 5.41 14.45
CA ALA A 197 -9.77 4.17 14.22
C ALA A 197 -9.18 3.07 15.09
N GLY A 198 -7.90 3.20 15.43
CA GLY A 198 -7.21 2.24 16.27
C GLY A 198 -7.06 0.92 15.57
N LEU A 199 -6.68 0.96 14.32
CA LEU A 199 -6.56 -0.23 13.53
C LEU A 199 -5.19 -0.85 13.73
N THR A 200 -5.10 -2.12 13.49
CA THR A 200 -3.88 -2.86 13.72
C THR A 200 -3.18 -3.22 12.41
N GLY A 201 -1.87 -3.11 12.42
CA GLY A 201 -1.07 -3.47 11.29
C GLY A 201 -0.53 -2.27 10.55
N PHE A 202 0.20 -1.42 11.25
CA PHE A 202 0.76 -0.23 10.63
C PHE A 202 2.23 -0.12 10.86
N LYS A 203 2.88 0.43 9.90
CA LYS A 203 4.28 0.74 9.94
C LYS A 203 4.44 1.83 8.91
N VAL A 204 4.93 2.96 9.31
CA VAL A 204 5.05 4.09 8.41
C VAL A 204 6.46 4.64 8.38
N TYR A 205 6.90 4.98 7.20
CA TYR A 205 8.22 5.57 6.99
C TYR A 205 8.07 6.83 6.18
N GLU A 206 8.98 7.76 6.37
CA GLU A 206 8.97 9.00 5.59
C GLU A 206 9.25 8.65 4.16
N ALA A 207 8.35 8.99 3.26
CA ALA A 207 8.63 8.78 1.86
C ALA A 207 9.55 9.89 1.38
N GLU A 208 9.48 11.00 2.09
CA GLU A 208 10.24 12.17 1.81
C GLU A 208 11.69 11.95 2.26
N GLY A 209 12.52 11.43 1.37
CA GLY A 209 13.91 11.22 1.69
C GLY A 209 14.14 9.96 2.52
N TRP A 210 13.35 8.94 2.24
CA TRP A 210 13.44 7.63 2.91
C TRP A 210 14.85 7.01 2.73
N ASP A 211 15.67 7.03 3.76
CA ASP A 211 17.04 6.51 3.71
C ASP A 211 17.22 5.15 4.37
N GLY A 212 17.35 4.12 3.57
CA GLY A 212 17.80 2.79 4.00
C GLY A 212 16.90 1.94 4.89
N LEU A 213 16.00 2.58 5.64
CA LEU A 213 15.15 1.89 6.61
C LEU A 213 14.29 0.85 5.92
N GLU A 214 14.51 -0.40 6.25
CA GLU A 214 13.82 -1.49 5.61
C GLU A 214 12.39 -1.53 6.13
N LEU A 215 11.44 -1.50 5.20
CA LEU A 215 10.01 -1.48 5.49
C LEU A 215 9.50 -2.65 6.36
#